data_6RFT
#
_entry.id   6RFT
#
_cell.length_a   111.650
_cell.length_b   76.990
_cell.length_c   152.560
_cell.angle_alpha   90.00
_cell.angle_beta   90.81
_cell.angle_gamma   90.00
#
_symmetry.space_group_name_H-M   'P 1 21 1'
#
loop_
_entity.id
_entity.type
_entity.pdbx_description
1 polymer 'Uncharacterized N-acetyltransferase D2E36_21790'
2 non-polymer 'ACETYL COENZYME *A'
3 water water
#
_entity_poly.entity_id   1
_entity_poly.type   'polypeptide(L)'
_entity_poly.pdbx_seq_one_letter_code
;GSELTLRTIADEDDYESY(MSE)ASAYSVFLRDPQKDEIEVNRKFTELDR(MSE)IGFHDGKKWVATTGAFSRHVVLPGG
AVVPVAAVTAVTVSPTHRRRGLLTT(MSE)(MSE)RHQLADIRSRGESLA(MSE)LFASEALIYGRFGYGVATESAELSG
QVRELAFRPTVDLGDGTLEEVSAETFLASAPAIYDAVIPGLPGQ(MSE)SRTPEWWASWTLDSEELQKESGKVRFVLHYE
SDGTASGFAIYRPKPGWGDAGPNAELHVQEVLGTNPRSYARTWRYLLD(MSE)DLVRKIKYHGASVQEELRYLVANHPSL
ECVVSDAIQVRLVDIPRALAQRRYAADVDVVLEVTDDFLPENSGRYRLRGGLDHASCEITTDDADIALTVRDLGSVY
(MSE)GGVSLQVLASAGLVTELRAGAVQRAATAFGWPVAPSAPDDF
;
_entity_poly.pdbx_strand_id   A,B,C,D,E,F
#
loop_
_chem_comp.id
_chem_comp.type
_chem_comp.name
_chem_comp.formula
ACO non-polymer 'ACETYL COENZYME *A' 'C23 H38 N7 O17 P3 S'
#
# COMPACT_ATOMS: atom_id res chain seq x y z
N SER A 2 41.01 22.70 -17.29
CA SER A 2 39.60 22.68 -17.68
C SER A 2 39.20 24.02 -18.29
N GLU A 3 38.76 23.98 -19.55
CA GLU A 3 38.39 25.18 -20.29
C GLU A 3 37.04 24.95 -20.96
N LEU A 4 36.09 25.85 -20.72
CA LEU A 4 34.74 25.73 -21.25
C LEU A 4 34.52 26.78 -22.34
N THR A 5 33.77 26.39 -23.38
CA THR A 5 33.44 27.28 -24.49
C THR A 5 31.94 27.26 -24.71
N LEU A 6 31.34 28.46 -24.74
CA LEU A 6 29.92 28.60 -25.06
C LEU A 6 29.75 28.73 -26.56
N ARG A 7 28.95 27.86 -27.16
CA ARG A 7 28.73 27.88 -28.60
C ARG A 7 27.39 27.22 -28.90
N THR A 8 26.97 27.33 -30.15
CA THR A 8 25.74 26.72 -30.62
C THR A 8 26.05 25.39 -31.30
N ILE A 9 24.98 24.65 -31.62
CA ILE A 9 25.15 23.39 -32.32
C ILE A 9 25.71 23.66 -33.71
N ALA A 10 26.74 22.90 -34.08
CA ALA A 10 27.45 23.15 -35.34
C ALA A 10 26.85 22.40 -36.51
N ASP A 11 26.43 21.15 -36.32
CA ASP A 11 25.90 20.35 -37.42
C ASP A 11 24.95 19.31 -36.83
N GLU A 12 24.48 18.39 -37.68
CA GLU A 12 23.52 17.39 -37.24
C GLU A 12 24.15 16.37 -36.31
N ASP A 13 25.41 16.02 -36.54
CA ASP A 13 26.10 15.10 -35.63
C ASP A 13 26.34 15.76 -34.27
N ASP A 14 26.64 17.05 -34.26
CA ASP A 14 26.74 17.78 -33.01
C ASP A 14 25.39 17.85 -32.30
N TYR A 15 24.30 17.90 -33.06
CA TYR A 15 22.96 17.94 -32.46
C TYR A 15 22.68 16.67 -31.66
N GLU A 16 23.11 15.52 -32.16
CA GLU A 16 22.89 14.26 -31.43
C GLU A 16 23.67 14.24 -30.12
N SER A 17 24.93 14.66 -30.14
CA SER A 17 25.71 14.73 -28.91
C SER A 17 25.12 15.76 -27.94
N TYR A 18 24.60 16.87 -28.48
CA TYR A 18 23.97 17.88 -27.64
C TYR A 18 22.80 17.30 -26.87
N MSE A 19 21.87 16.64 -27.57
CA MSE A 19 20.69 16.07 -26.94
C MSE A 19 21.04 14.89 -26.04
O MSE A 19 20.34 14.63 -25.06
CB MSE A 19 19.67 15.63 -28.01
CG MSE A 19 19.14 16.78 -28.86
SE MSE A 19 18.11 18.08 -27.82
CE MSE A 19 16.65 16.92 -27.26
N ALA A 20 22.12 14.18 -26.39
CA ALA A 20 22.54 13.05 -25.56
C ALA A 20 22.94 13.51 -24.17
N SER A 21 23.70 14.60 -24.08
CA SER A 21 24.10 15.13 -22.77
C SER A 21 22.89 15.63 -22.00
N ALA A 22 21.92 16.25 -22.70
CA ALA A 22 20.73 16.75 -22.03
C ALA A 22 19.92 15.61 -21.41
N TYR A 23 19.69 14.54 -22.18
CA TYR A 23 19.02 13.36 -21.64
C TYR A 23 19.80 12.76 -20.48
N SER A 24 21.14 12.76 -20.59
CA SER A 24 21.96 12.18 -19.54
C SER A 24 21.79 12.93 -18.23
N VAL A 25 21.73 14.26 -18.28
CA VAL A 25 21.51 15.05 -17.07
C VAL A 25 20.15 14.75 -16.46
N PHE A 26 19.15 14.49 -17.30
CA PHE A 26 17.83 14.09 -16.84
C PHE A 26 17.77 12.61 -16.46
N LEU A 27 18.91 11.92 -16.41
CA LEU A 27 19.00 10.54 -15.95
C LEU A 27 18.16 9.61 -16.82
N ARG A 28 18.13 9.90 -18.13
CA ARG A 28 17.35 9.13 -19.09
C ARG A 28 18.22 8.73 -20.26
N ASP A 29 17.97 7.54 -20.79
CA ASP A 29 18.59 7.14 -22.04
C ASP A 29 18.09 8.04 -23.17
N PRO A 30 18.94 8.35 -24.14
CA PRO A 30 18.49 9.19 -25.27
C PRO A 30 17.39 8.48 -26.05
N GLN A 31 16.24 9.14 -26.15
CA GLN A 31 15.10 8.60 -26.88
C GLN A 31 15.24 9.01 -28.34
N LYS A 32 15.63 8.06 -29.18
CA LYS A 32 15.93 8.37 -30.57
C LYS A 32 14.68 8.76 -31.35
N ASP A 33 13.52 8.19 -30.99
CA ASP A 33 12.28 8.59 -31.66
C ASP A 33 11.92 10.03 -31.34
N GLU A 34 12.08 10.44 -30.07
CA GLU A 34 11.81 11.83 -29.71
C GLU A 34 12.83 12.78 -30.31
N ILE A 35 14.12 12.41 -30.26
CA ILE A 35 15.17 13.29 -30.77
C ILE A 35 15.03 13.48 -32.28
N GLU A 36 14.62 12.43 -32.98
CA GLU A 36 14.51 12.52 -34.44
C GLU A 36 13.35 13.41 -34.86
N VAL A 37 12.21 13.31 -34.19
CA VAL A 37 11.04 14.08 -34.59
C VAL A 37 11.15 15.54 -34.15
N ASN A 38 11.83 15.80 -33.03
CA ASN A 38 11.99 17.18 -32.55
C ASN A 38 13.05 17.95 -33.31
N ARG A 39 13.96 17.25 -34.01
CA ARG A 39 14.95 17.94 -34.84
C ARG A 39 14.27 18.74 -35.95
N LYS A 40 13.13 18.27 -36.45
CA LYS A 40 12.50 18.89 -37.61
C LYS A 40 12.14 20.35 -37.39
N PHE A 41 11.93 20.77 -36.15
CA PHE A 41 11.66 22.18 -35.85
C PHE A 41 12.73 22.82 -34.97
N THR A 42 13.89 22.19 -34.82
CA THR A 42 14.97 22.74 -34.01
C THR A 42 15.86 23.64 -34.87
N GLU A 43 16.06 24.88 -34.39
CA GLU A 43 16.99 25.82 -35.02
C GLU A 43 18.30 25.75 -34.25
N LEU A 44 19.35 25.27 -34.93
CA LEU A 44 20.62 25.01 -34.26
C LEU A 44 21.23 26.27 -33.66
N ASP A 45 21.00 27.42 -34.27
CA ASP A 45 21.59 28.65 -33.75
C ASP A 45 20.92 29.12 -32.45
N ARG A 46 19.77 28.56 -32.09
CA ARG A 46 19.12 28.87 -30.83
C ARG A 46 19.46 27.89 -29.71
N MSE A 47 20.29 26.90 -29.99
CA MSE A 47 20.69 25.91 -29.00
C MSE A 47 22.12 26.13 -28.54
O MSE A 47 23.06 25.73 -29.21
CB MSE A 47 20.53 24.49 -29.55
CG MSE A 47 19.26 24.26 -30.35
SE MSE A 47 17.65 24.25 -29.25
CE MSE A 47 17.97 22.60 -28.26
N ILE A 48 22.29 26.78 -27.39
CA ILE A 48 23.60 27.11 -26.86
C ILE A 48 23.98 26.11 -25.78
N GLY A 49 25.21 26.23 -25.29
CA GLY A 49 25.69 25.35 -24.25
C GLY A 49 27.19 25.49 -24.10
N PHE A 50 27.71 24.81 -23.07
CA PHE A 50 29.13 24.85 -22.75
C PHE A 50 29.77 23.53 -23.17
N HIS A 51 30.98 23.63 -23.74
CA HIS A 51 31.70 22.49 -24.27
C HIS A 51 33.14 22.55 -23.77
N ASP A 52 33.61 21.46 -23.18
CA ASP A 52 34.95 21.39 -22.61
C ASP A 52 35.99 20.87 -23.59
N GLY A 53 35.72 20.93 -24.89
CA GLY A 53 36.60 20.40 -25.90
C GLY A 53 36.34 18.97 -26.30
N LYS A 54 35.62 18.20 -25.47
CA LYS A 54 35.29 16.82 -25.78
C LYS A 54 33.79 16.53 -25.75
N LYS A 55 33.04 17.18 -24.87
CA LYS A 55 31.62 16.89 -24.74
C LYS A 55 30.89 18.13 -24.23
N TRP A 56 29.58 18.14 -24.45
CA TRP A 56 28.75 19.19 -23.88
C TRP A 56 28.59 18.96 -22.39
N VAL A 57 28.88 20.01 -21.59
CA VAL A 57 28.72 19.95 -20.15
C VAL A 57 27.58 20.82 -19.66
N ALA A 58 26.91 21.54 -20.55
CA ALA A 58 25.76 22.36 -20.21
C ALA A 58 24.99 22.66 -21.50
N THR A 59 23.68 22.76 -21.38
CA THR A 59 22.82 22.99 -22.53
C THR A 59 21.72 23.97 -22.17
N THR A 60 21.25 24.70 -23.19
CA THR A 60 20.14 25.63 -23.06
C THR A 60 19.65 26.03 -24.46
N GLY A 61 18.36 25.82 -24.74
CA GLY A 61 17.82 26.07 -26.05
C GLY A 61 16.47 26.76 -25.99
N ALA A 62 15.96 27.08 -27.18
CA ALA A 62 14.66 27.73 -27.28
C ALA A 62 14.08 27.44 -28.67
N PHE A 63 12.80 27.12 -28.71
CA PHE A 63 12.07 26.95 -29.97
C PHE A 63 11.37 28.25 -30.32
N SER A 64 11.43 28.63 -31.59
CA SER A 64 10.68 29.79 -32.09
C SER A 64 9.23 29.35 -32.26
N ARG A 65 8.38 29.77 -31.33
CA ARG A 65 6.97 29.38 -31.34
C ARG A 65 6.12 30.64 -31.28
N HIS A 66 4.80 30.44 -31.28
CA HIS A 66 3.86 31.55 -31.29
C HIS A 66 2.73 31.23 -30.32
N VAL A 67 2.40 32.19 -29.45
CA VAL A 67 1.47 31.96 -28.35
C VAL A 67 0.27 32.89 -28.48
N VAL A 68 -0.90 32.38 -28.11
CA VAL A 68 -2.11 33.19 -28.07
C VAL A 68 -2.14 33.99 -26.77
N LEU A 69 -2.42 35.28 -26.87
CA LEU A 69 -2.53 36.15 -25.72
C LEU A 69 -3.98 36.41 -25.39
N PRO A 70 -4.29 36.89 -24.18
CA PRO A 70 -5.65 37.34 -23.88
C PRO A 70 -6.09 38.40 -24.88
N GLY A 71 -7.14 38.10 -25.63
CA GLY A 71 -7.61 38.94 -26.70
C GLY A 71 -7.48 38.34 -28.08
N GLY A 72 -6.67 37.28 -28.23
CA GLY A 72 -6.55 36.57 -29.49
C GLY A 72 -5.29 36.87 -30.29
N ALA A 73 -4.48 37.83 -29.84
CA ALA A 73 -3.25 38.16 -30.56
C ALA A 73 -2.24 37.03 -30.45
N VAL A 74 -1.59 36.72 -31.57
CA VAL A 74 -0.56 35.69 -31.64
C VAL A 74 0.79 36.38 -31.80
N VAL A 75 1.63 36.27 -30.77
CA VAL A 75 2.91 36.99 -30.73
C VAL A 75 4.06 35.98 -30.66
N PRO A 76 5.25 36.33 -31.14
CA PRO A 76 6.38 35.39 -31.05
C PRO A 76 6.81 35.20 -29.61
N VAL A 77 7.22 33.98 -29.28
CA VAL A 77 7.64 33.63 -27.93
C VAL A 77 8.78 32.63 -28.02
N ALA A 78 9.76 32.78 -27.14
CA ALA A 78 10.86 31.83 -27.03
C ALA A 78 10.43 30.67 -26.14
N ALA A 79 10.24 29.50 -26.75
CA ALA A 79 9.87 28.30 -26.01
C ALA A 79 11.14 27.67 -25.46
N VAL A 80 11.48 28.03 -24.22
CA VAL A 80 12.74 27.61 -23.63
C VAL A 80 12.72 26.11 -23.38
N THR A 81 13.83 25.45 -23.68
CA THR A 81 13.90 23.99 -23.59
C THR A 81 15.34 23.57 -23.39
N ALA A 82 15.51 22.30 -23.00
CA ALA A 82 16.81 21.63 -22.94
C ALA A 82 17.82 22.41 -22.10
N VAL A 83 17.39 22.82 -20.91
CA VAL A 83 18.26 23.50 -19.96
C VAL A 83 18.84 22.46 -19.02
N THR A 84 20.13 22.19 -19.17
CA THR A 84 20.83 21.22 -18.31
C THR A 84 22.22 21.74 -18.02
N VAL A 85 22.74 21.34 -16.86
CA VAL A 85 24.14 21.49 -16.49
C VAL A 85 24.60 20.16 -15.92
N SER A 86 25.68 19.62 -16.47
CA SER A 86 26.17 18.32 -16.01
C SER A 86 26.49 18.38 -14.52
N PRO A 87 26.24 17.31 -13.77
CA PRO A 87 26.45 17.36 -12.32
C PRO A 87 27.90 17.61 -11.91
N THR A 88 28.85 17.37 -12.81
CA THR A 88 30.25 17.68 -12.53
C THR A 88 30.57 19.17 -12.65
N HIS A 89 29.66 19.97 -13.24
CA HIS A 89 29.89 21.39 -13.44
C HIS A 89 28.77 22.24 -12.85
N ARG A 90 28.00 21.71 -11.91
CA ARG A 90 26.87 22.43 -11.35
C ARG A 90 27.31 23.40 -10.26
N ARG A 91 26.42 24.35 -9.96
CA ARG A 91 26.65 25.38 -8.94
C ARG A 91 27.94 26.16 -9.19
N ARG A 92 28.21 26.41 -10.47
CA ARG A 92 29.39 27.18 -10.85
C ARG A 92 29.04 28.38 -11.75
N GLY A 93 27.76 28.71 -11.87
CA GLY A 93 27.35 29.87 -12.65
C GLY A 93 27.12 29.62 -14.12
N LEU A 94 27.14 28.36 -14.57
CA LEU A 94 26.97 28.09 -16.00
C LEU A 94 25.57 28.45 -16.48
N LEU A 95 24.54 28.11 -15.69
CA LEU A 95 23.18 28.45 -16.09
C LEU A 95 22.98 29.96 -16.11
N THR A 96 23.50 30.68 -15.11
CA THR A 96 23.34 32.12 -15.04
C THR A 96 23.88 32.79 -16.30
N THR A 97 25.02 32.30 -16.81
CA THR A 97 25.57 32.87 -18.04
C THR A 97 24.70 32.56 -19.24
N MSE A 98 24.22 31.32 -19.35
CA MSE A 98 23.38 30.92 -20.47
C MSE A 98 22.06 31.68 -20.46
O MSE A 98 21.48 31.93 -21.52
CB MSE A 98 23.11 29.41 -20.44
CG MSE A 98 24.36 28.56 -20.68
SE MSE A 98 23.98 26.66 -20.86
CE MSE A 98 23.28 26.32 -19.07
N MSE A 99 21.58 32.04 -19.28
CA MSE A 99 20.37 32.81 -19.14
C MSE A 99 20.57 34.24 -19.65
O MSE A 99 19.72 34.79 -20.35
CB MSE A 99 19.88 32.84 -17.68
CG MSE A 99 19.34 31.51 -17.16
SE MSE A 99 17.60 31.02 -17.90
CE MSE A 99 18.18 30.02 -19.47
N ARG A 100 21.71 34.85 -19.29
CA ARG A 100 22.03 36.18 -19.80
C ARG A 100 22.18 36.17 -21.31
N HIS A 101 22.82 35.15 -21.86
CA HIS A 101 22.98 35.06 -23.30
C HIS A 101 21.64 34.82 -23.99
N GLN A 102 20.80 33.96 -23.41
CA GLN A 102 19.52 33.65 -24.02
C GLN A 102 18.56 34.83 -23.96
N LEU A 103 18.41 35.45 -22.78
CA LEU A 103 17.48 36.57 -22.66
C LEU A 103 17.88 37.72 -23.58
N ALA A 104 19.17 37.96 -23.75
CA ALA A 104 19.63 38.94 -24.72
C ALA A 104 19.33 38.49 -26.15
N ASP A 105 19.51 37.19 -26.42
CA ASP A 105 19.22 36.66 -27.74
C ASP A 105 17.71 36.68 -28.04
N ILE A 106 16.87 36.47 -27.03
CA ILE A 106 15.43 36.51 -27.22
C ILE A 106 14.98 37.90 -27.64
N ARG A 107 15.55 38.94 -27.02
CA ARG A 107 15.19 40.32 -27.37
C ARG A 107 15.55 40.66 -28.81
N SER A 108 16.68 40.13 -29.29
CA SER A 108 17.12 40.44 -30.65
C SER A 108 16.17 39.91 -31.70
N ARG A 109 15.46 38.83 -31.39
CA ARG A 109 14.55 38.19 -32.34
C ARG A 109 13.17 38.82 -32.33
N GLY A 110 13.00 39.92 -31.60
CA GLY A 110 11.72 40.60 -31.51
C GLY A 110 10.71 39.91 -30.64
N GLU A 111 11.13 38.93 -29.84
CA GLU A 111 10.25 38.24 -28.91
C GLU A 111 10.18 39.03 -27.62
N SER A 112 8.97 39.45 -27.24
CA SER A 112 8.79 40.28 -26.06
C SER A 112 8.80 39.48 -24.77
N LEU A 113 8.66 38.15 -24.85
CA LEU A 113 8.57 37.33 -23.65
C LEU A 113 9.12 35.94 -23.94
N ALA A 114 9.39 35.20 -22.86
CA ALA A 114 9.80 33.81 -22.94
C ALA A 114 8.88 32.96 -22.07
N MSE A 115 8.73 31.70 -22.46
CA MSE A 115 7.86 30.77 -21.73
C MSE A 115 8.56 29.43 -21.48
O MSE A 115 9.49 29.06 -22.20
CB MSE A 115 6.55 30.55 -22.47
CG MSE A 115 5.59 31.73 -22.33
SE MSE A 115 3.96 31.49 -23.35
CE MSE A 115 2.91 32.94 -22.57
N LEU A 116 8.09 28.72 -20.45
CA LEU A 116 8.88 27.65 -19.88
C LEU A 116 8.07 26.74 -18.97
N PHE A 117 8.32 25.43 -19.10
CA PHE A 117 7.91 24.40 -18.15
C PHE A 117 9.13 24.10 -17.29
N ALA A 118 9.06 24.39 -15.99
CA ALA A 118 10.16 24.15 -15.06
C ALA A 118 10.05 22.73 -14.49
N SER A 119 11.16 21.98 -14.56
CA SER A 119 11.23 20.74 -13.80
C SER A 119 11.14 21.04 -12.32
N GLU A 120 11.95 22.00 -11.85
CA GLU A 120 11.84 22.56 -10.52
C GLU A 120 11.57 24.05 -10.64
N ALA A 121 10.39 24.48 -10.16
CA ALA A 121 9.93 25.85 -10.43
C ALA A 121 10.81 26.90 -9.76
N LEU A 122 11.34 26.59 -8.57
CA LEU A 122 12.11 27.57 -7.81
C LEU A 122 13.40 27.98 -8.50
N ILE A 123 13.74 27.34 -9.63
CA ILE A 123 14.99 27.64 -10.31
C ILE A 123 14.98 29.04 -10.91
N TYR A 124 13.93 29.37 -11.66
CA TYR A 124 13.97 30.48 -12.60
C TYR A 124 13.45 31.80 -12.02
N GLY A 125 12.91 31.81 -10.80
CA GLY A 125 12.46 33.05 -10.22
C GLY A 125 13.56 34.11 -10.14
N ARG A 126 14.80 33.69 -9.90
CA ARG A 126 15.91 34.62 -9.83
C ARG A 126 16.22 35.28 -11.17
N PHE A 127 15.83 34.66 -12.28
CA PHE A 127 16.10 35.20 -13.61
C PHE A 127 14.96 36.04 -14.17
N GLY A 128 13.91 36.25 -13.39
CA GLY A 128 12.77 37.04 -13.84
C GLY A 128 11.56 36.23 -14.27
N TYR A 129 11.63 34.91 -14.23
CA TYR A 129 10.48 34.08 -14.57
C TYR A 129 9.46 34.06 -13.45
N GLY A 130 8.19 34.05 -13.82
CA GLY A 130 7.10 33.95 -12.86
C GLY A 130 6.03 32.99 -13.33
N VAL A 131 5.51 32.17 -12.42
CA VAL A 131 4.45 31.23 -12.77
C VAL A 131 3.20 32.01 -13.15
N ALA A 132 2.77 31.86 -14.41
CA ALA A 132 1.62 32.59 -14.92
C ALA A 132 0.46 31.70 -15.31
N THR A 133 0.67 30.41 -15.52
CA THR A 133 -0.37 29.48 -15.94
C THR A 133 -0.31 28.22 -15.10
N GLU A 134 -1.48 27.73 -14.70
CA GLU A 134 -1.60 26.47 -13.99
C GLU A 134 -2.34 25.46 -14.86
N SER A 135 -2.15 24.17 -14.55
CA SER A 135 -2.85 23.09 -15.21
C SER A 135 -3.39 22.13 -14.17
N ALA A 136 -4.45 21.43 -14.52
CA ALA A 136 -5.13 20.53 -13.60
C ALA A 136 -5.14 19.12 -14.18
N GLU A 137 -4.79 18.15 -13.35
CA GLU A 137 -4.93 16.73 -13.70
C GLU A 137 -6.30 16.25 -13.25
N LEU A 138 -7.16 15.93 -14.21
CA LEU A 138 -8.51 15.46 -13.93
C LEU A 138 -8.56 13.94 -14.02
N SER A 139 -9.19 13.31 -13.04
CA SER A 139 -9.28 11.85 -13.01
C SER A 139 -10.49 11.44 -12.19
N GLY A 140 -10.90 10.19 -12.37
CA GLY A 140 -12.02 9.65 -11.63
C GLY A 140 -12.55 8.40 -12.28
N GLN A 141 -13.57 7.83 -11.62
CA GLN A 141 -14.25 6.65 -12.14
C GLN A 141 -15.25 7.06 -13.21
N VAL A 142 -15.14 6.44 -14.39
CA VAL A 142 -15.96 6.85 -15.53
C VAL A 142 -17.45 6.62 -15.26
N ARG A 143 -17.79 5.63 -14.43
CA ARG A 143 -19.18 5.34 -14.14
C ARG A 143 -19.81 6.33 -13.18
N GLU A 144 -19.03 7.26 -12.61
CA GLU A 144 -19.55 8.31 -11.76
C GLU A 144 -19.54 9.67 -12.43
N LEU A 145 -19.20 9.72 -13.72
CA LEU A 145 -19.00 10.99 -14.43
C LEU A 145 -20.12 11.24 -15.44
N ALA A 146 -21.36 11.00 -15.04
CA ALA A 146 -22.49 11.39 -15.88
C ALA A 146 -22.57 12.91 -15.95
N PHE A 147 -23.13 13.40 -17.05
CA PHE A 147 -23.24 14.82 -17.27
C PHE A 147 -24.54 15.37 -16.71
N ARG A 148 -24.59 16.69 -16.56
CA ARG A 148 -25.83 17.33 -16.16
C ARG A 148 -26.91 17.05 -17.21
N PRO A 149 -28.18 16.97 -16.78
CA PRO A 149 -29.23 16.56 -17.72
C PRO A 149 -29.46 17.53 -18.87
N THR A 150 -29.03 18.79 -18.74
CA THR A 150 -29.26 19.78 -19.80
C THR A 150 -28.12 19.85 -20.80
N VAL A 151 -27.14 18.95 -20.72
CA VAL A 151 -26.01 18.95 -21.64
C VAL A 151 -26.43 18.29 -22.94
N ASP A 152 -26.34 19.02 -24.05
CA ASP A 152 -26.73 18.52 -25.35
C ASP A 152 -25.53 17.85 -26.01
N LEU A 153 -25.67 16.57 -26.34
CA LEU A 153 -24.60 15.81 -27.00
C LEU A 153 -24.65 15.92 -28.51
N GLY A 154 -25.74 16.44 -29.08
CA GLY A 154 -25.84 16.57 -30.52
C GLY A 154 -26.07 15.25 -31.24
N ASP A 155 -26.06 15.34 -32.56
CA ASP A 155 -26.29 14.20 -33.45
C ASP A 155 -25.02 13.74 -34.15
N GLY A 156 -23.85 14.08 -33.60
CA GLY A 156 -22.60 13.76 -34.25
C GLY A 156 -22.26 12.28 -34.18
N THR A 157 -21.23 11.92 -34.96
CA THR A 157 -20.72 10.56 -35.02
C THR A 157 -19.22 10.59 -34.77
N LEU A 158 -18.69 9.49 -34.25
CA LEU A 158 -17.28 9.38 -33.89
C LEU A 158 -16.65 8.21 -34.63
N GLU A 159 -15.38 8.37 -35.00
CA GLU A 159 -14.63 7.33 -35.68
C GLU A 159 -13.22 7.29 -35.11
N GLU A 160 -12.72 6.09 -34.83
CA GLU A 160 -11.31 5.91 -34.50
C GLU A 160 -10.51 5.78 -35.79
N VAL A 161 -9.48 6.62 -35.94
CA VAL A 161 -8.80 6.79 -37.20
C VAL A 161 -7.29 6.71 -36.98
N SER A 162 -6.57 6.56 -38.09
CA SER A 162 -5.12 6.50 -38.09
C SER A 162 -4.51 7.89 -37.87
N ALA A 163 -3.22 7.90 -37.53
CA ALA A 163 -2.50 9.16 -37.36
C ALA A 163 -2.56 10.01 -38.61
N GLU A 164 -2.47 9.38 -39.79
CA GLU A 164 -2.49 10.13 -41.04
C GLU A 164 -3.83 10.82 -41.24
N THR A 165 -4.93 10.09 -41.05
CA THR A 165 -6.25 10.70 -41.13
C THR A 165 -6.44 11.77 -40.06
N PHE A 166 -5.94 11.51 -38.84
CA PHE A 166 -6.03 12.49 -37.77
C PHE A 166 -5.30 13.78 -38.12
N LEU A 167 -4.07 13.66 -38.64
CA LEU A 167 -3.27 14.84 -38.95
C LEU A 167 -3.78 15.61 -40.16
N ALA A 168 -4.66 15.02 -40.96
CA ALA A 168 -5.24 15.69 -42.12
C ALA A 168 -6.51 16.46 -41.78
N SER A 169 -7.00 16.38 -40.54
CA SER A 169 -8.24 17.03 -40.16
C SER A 169 -8.20 17.74 -38.82
N ALA A 170 -7.43 17.26 -37.83
CA ALA A 170 -7.37 17.86 -36.51
C ALA A 170 -6.76 19.26 -36.51
N PRO A 171 -5.69 19.54 -37.28
CA PRO A 171 -5.14 20.91 -37.27
C PRO A 171 -6.15 21.98 -37.62
N ALA A 172 -7.07 21.71 -38.56
CA ALA A 172 -8.09 22.69 -38.88
C ALA A 172 -9.01 22.95 -37.69
N ILE A 173 -9.33 21.90 -36.93
CA ILE A 173 -10.15 22.06 -35.72
C ILE A 173 -9.37 22.84 -34.67
N TYR A 174 -8.07 22.52 -34.50
CA TYR A 174 -7.25 23.18 -33.49
C TYR A 174 -7.13 24.67 -33.77
N ASP A 175 -6.86 25.05 -35.02
CA ASP A 175 -6.66 26.46 -35.36
C ASP A 175 -7.91 27.28 -35.11
N ALA A 176 -9.10 26.67 -35.12
CA ALA A 176 -10.34 27.43 -34.98
C ALA A 176 -10.63 27.80 -33.53
N VAL A 177 -10.11 27.04 -32.57
CA VAL A 177 -10.52 27.18 -31.18
C VAL A 177 -9.48 27.95 -30.37
N ILE A 178 -8.21 27.86 -30.76
CA ILE A 178 -7.12 28.44 -29.96
C ILE A 178 -7.10 29.96 -29.93
N PRO A 179 -7.71 30.71 -30.86
CA PRO A 179 -7.77 32.17 -30.66
C PRO A 179 -8.45 32.59 -29.36
N GLY A 180 -9.39 31.80 -28.86
CA GLY A 180 -10.05 32.08 -27.60
C GLY A 180 -9.47 31.37 -26.39
N LEU A 181 -8.34 30.69 -26.52
CA LEU A 181 -7.70 29.97 -25.43
C LEU A 181 -6.30 30.52 -25.23
N PRO A 182 -6.15 31.58 -24.43
CA PRO A 182 -4.81 32.14 -24.19
C PRO A 182 -3.89 31.11 -23.55
N GLY A 183 -2.62 31.14 -23.97
CA GLY A 183 -1.63 30.19 -23.52
C GLY A 183 -1.37 29.08 -24.52
N GLN A 184 -2.34 28.75 -25.36
CA GLN A 184 -2.13 27.75 -26.39
C GLN A 184 -1.23 28.29 -27.49
N MSE A 185 -0.48 27.39 -28.11
CA MSE A 185 0.49 27.78 -29.13
C MSE A 185 0.14 27.20 -30.49
O MSE A 185 -0.48 26.14 -30.60
CB MSE A 185 1.89 27.34 -28.72
CG MSE A 185 2.41 28.01 -27.47
SE MSE A 185 4.20 27.41 -26.98
CE MSE A 185 4.49 28.56 -25.43
N SER A 186 0.53 27.92 -31.55
CA SER A 186 0.32 27.44 -32.91
C SER A 186 1.13 26.17 -33.14
N ARG A 187 0.56 25.26 -33.94
CA ARG A 187 1.16 23.95 -34.21
C ARG A 187 1.38 23.79 -35.69
N THR A 188 2.64 23.80 -36.12
CA THR A 188 3.00 23.49 -37.49
C THR A 188 2.85 21.98 -37.69
N PRO A 189 2.91 21.50 -38.95
CA PRO A 189 2.91 20.04 -39.16
C PRO A 189 3.99 19.31 -38.38
N GLU A 190 5.18 19.90 -38.27
CA GLU A 190 6.26 19.27 -37.51
C GLU A 190 5.90 19.15 -36.03
N TRP A 191 5.23 20.16 -35.48
CA TRP A 191 4.84 20.10 -34.08
C TRP A 191 3.71 19.09 -33.86
N TRP A 192 2.79 18.99 -34.81
CA TRP A 192 1.77 17.94 -34.74
C TRP A 192 2.41 16.56 -34.78
N ALA A 193 3.49 16.40 -35.55
CA ALA A 193 4.17 15.11 -35.62
C ALA A 193 4.78 14.71 -34.28
N SER A 194 5.38 15.67 -33.58
CA SER A 194 5.93 15.38 -32.26
C SER A 194 4.83 15.19 -31.23
N TRP A 195 3.77 15.99 -31.32
CA TRP A 195 2.68 15.92 -30.35
C TRP A 195 1.93 14.59 -30.44
N THR A 196 1.82 14.02 -31.65
CA THR A 196 1.13 12.76 -31.86
C THR A 196 2.07 11.57 -31.96
N LEU A 197 3.36 11.76 -31.66
CA LEU A 197 4.33 10.68 -31.76
C LEU A 197 3.96 9.54 -30.82
N ASP A 198 3.92 8.32 -31.36
CA ASP A 198 3.69 7.12 -30.55
C ASP A 198 5.01 6.67 -29.92
N SER A 199 5.52 7.52 -29.04
CA SER A 199 6.82 7.28 -28.41
C SER A 199 6.79 6.00 -27.59
N GLU A 200 7.93 5.30 -27.57
CA GLU A 200 8.01 4.04 -26.85
C GLU A 200 7.90 4.24 -25.34
N GLU A 201 8.36 5.37 -24.82
CA GLU A 201 8.30 5.60 -23.38
C GLU A 201 6.87 5.72 -22.89
N LEU A 202 6.00 6.39 -23.66
CA LEU A 202 4.61 6.50 -23.26
C LEU A 202 3.84 5.19 -23.47
N GLN A 203 4.30 4.35 -24.41
CA GLN A 203 3.68 3.03 -24.56
C GLN A 203 3.92 2.17 -23.32
N LYS A 204 5.06 2.37 -22.64
CA LYS A 204 5.34 1.62 -21.43
C LYS A 204 4.39 1.98 -20.30
N GLU A 205 4.04 3.27 -20.19
CA GLU A 205 3.15 3.71 -19.11
C GLU A 205 1.71 3.31 -19.35
N SER A 206 1.30 3.16 -20.60
CA SER A 206 -0.08 2.81 -20.92
C SER A 206 -0.16 1.94 -22.17
N GLY A 207 -0.17 2.57 -23.33
CA GLY A 207 -0.27 1.82 -24.57
C GLY A 207 -0.08 2.71 -25.77
N LYS A 208 -0.35 2.14 -26.94
CA LYS A 208 -0.19 2.87 -28.20
C LYS A 208 -1.21 4.00 -28.31
N VAL A 209 -0.78 5.09 -28.96
CA VAL A 209 -1.63 6.25 -29.10
C VAL A 209 -2.81 5.94 -30.02
N ARG A 210 -3.97 6.48 -29.70
CA ARG A 210 -5.15 6.37 -30.54
C ARG A 210 -5.67 7.77 -30.85
N PHE A 211 -6.42 7.87 -31.94
CA PHE A 211 -6.93 9.14 -32.43
C PHE A 211 -8.41 9.02 -32.72
N VAL A 212 -9.18 10.04 -32.32
CA VAL A 212 -10.61 10.07 -32.49
C VAL A 212 -10.99 11.35 -33.20
N LEU A 213 -11.96 11.27 -34.11
CA LEU A 213 -12.48 12.44 -34.80
C LEU A 213 -13.99 12.48 -34.64
N HIS A 214 -14.52 13.66 -34.34
CA HIS A 214 -15.95 13.89 -34.21
C HIS A 214 -16.46 14.59 -35.46
N TYR A 215 -17.46 14.00 -36.10
CA TYR A 215 -18.06 14.55 -37.30
C TYR A 215 -19.47 15.05 -37.01
N GLU A 216 -19.80 16.23 -37.53
CA GLU A 216 -21.15 16.74 -37.46
C GLU A 216 -22.07 15.90 -38.36
N SER A 217 -23.37 16.23 -38.33
CA SER A 217 -24.33 15.48 -39.12
C SER A 217 -24.05 15.58 -40.62
N ASP A 218 -23.42 16.68 -41.05
CA ASP A 218 -23.11 16.88 -42.47
C ASP A 218 -21.74 16.33 -42.86
N GLY A 219 -21.02 15.71 -41.93
CA GLY A 219 -19.71 15.18 -42.23
C GLY A 219 -18.56 16.10 -41.87
N THR A 220 -18.83 17.30 -41.38
CA THR A 220 -17.79 18.24 -41.02
C THR A 220 -17.13 17.81 -39.71
N ALA A 221 -15.82 17.61 -39.75
CA ALA A 221 -15.07 17.28 -38.55
C ALA A 221 -15.08 18.48 -37.60
N SER A 222 -15.57 18.27 -36.39
CA SER A 222 -15.71 19.36 -35.42
C SER A 222 -15.04 19.10 -34.08
N GLY A 223 -14.48 17.92 -33.86
CA GLY A 223 -13.77 17.62 -32.63
C GLY A 223 -12.83 16.47 -32.81
N PHE A 224 -11.91 16.33 -31.85
CA PHE A 224 -10.95 15.25 -31.89
C PHE A 224 -10.52 14.89 -30.47
N ALA A 225 -9.83 13.76 -30.35
CA ALA A 225 -9.34 13.29 -29.07
C ALA A 225 -8.09 12.44 -29.29
N ILE A 226 -7.14 12.56 -28.35
CA ILE A 226 -5.92 11.77 -28.36
C ILE A 226 -5.82 11.10 -26.99
N TYR A 227 -5.76 9.77 -26.99
CA TYR A 227 -5.70 9.03 -25.74
C TYR A 227 -4.92 7.75 -25.93
N ARG A 228 -4.55 7.14 -24.80
CA ARG A 228 -3.83 5.89 -24.73
C ARG A 228 -4.52 4.97 -23.73
N PRO A 229 -4.72 3.70 -24.08
CA PRO A 229 -5.31 2.76 -23.13
C PRO A 229 -4.27 2.09 -22.26
N LYS A 230 -4.68 1.76 -21.04
CA LYS A 230 -3.85 0.99 -20.12
C LYS A 230 -4.70 -0.16 -19.59
N PRO A 231 -4.61 -1.33 -20.21
CA PRO A 231 -5.47 -2.45 -19.80
C PRO A 231 -5.14 -2.94 -18.40
N GLY A 232 -6.14 -3.52 -17.75
CA GLY A 232 -5.99 -4.03 -16.41
C GLY A 232 -7.27 -4.68 -15.89
N TRP A 233 -7.12 -5.70 -15.06
CA TRP A 233 -8.26 -6.43 -14.52
C TRP A 233 -8.16 -6.57 -13.01
N PRO A 238 -12.45 -6.13 -14.79
CA PRO A 238 -12.08 -5.11 -15.78
C PRO A 238 -11.84 -3.75 -15.13
N ASN A 239 -10.59 -3.31 -15.06
CA ASN A 239 -10.23 -2.05 -14.41
C ASN A 239 -9.15 -1.33 -15.22
N ALA A 240 -9.47 -1.06 -16.49
CA ALA A 240 -8.51 -0.40 -17.36
C ALA A 240 -8.56 1.12 -17.16
N GLU A 241 -7.49 1.78 -17.61
CA GLU A 241 -7.38 3.23 -17.53
C GLU A 241 -7.30 3.83 -18.92
N LEU A 242 -7.95 4.97 -19.10
CA LEU A 242 -7.80 5.80 -20.30
C LEU A 242 -6.99 7.02 -19.93
N HIS A 243 -5.81 7.17 -20.56
CA HIS A 243 -4.95 8.32 -20.35
C HIS A 243 -5.20 9.29 -21.50
N VAL A 244 -5.98 10.33 -21.24
CA VAL A 244 -6.35 11.29 -22.27
C VAL A 244 -5.25 12.33 -22.41
N GLN A 245 -4.80 12.54 -23.65
CA GLN A 245 -3.78 13.55 -23.91
C GLN A 245 -4.39 14.90 -24.28
N GLU A 246 -5.48 14.89 -25.05
CA GLU A 246 -6.09 16.13 -25.49
C GLU A 246 -7.48 15.84 -26.04
N VAL A 247 -8.44 16.71 -25.72
CA VAL A 247 -9.79 16.68 -26.28
C VAL A 247 -10.18 18.11 -26.61
N LEU A 248 -10.70 18.32 -27.82
CA LEU A 248 -11.08 19.65 -28.26
C LEU A 248 -12.26 19.57 -29.20
N GLY A 249 -13.05 20.63 -29.23
CA GLY A 249 -14.19 20.72 -30.14
C GLY A 249 -14.49 22.16 -30.47
N THR A 250 -15.12 22.35 -31.64
CA THR A 250 -15.47 23.68 -32.11
C THR A 250 -16.83 24.16 -31.61
N ASN A 251 -17.60 23.30 -30.96
CA ASN A 251 -18.89 23.66 -30.40
C ASN A 251 -19.13 22.79 -29.18
N PRO A 252 -20.02 23.21 -28.27
CA PRO A 252 -20.23 22.42 -27.04
C PRO A 252 -20.69 21.00 -27.29
N ARG A 253 -21.43 20.75 -28.37
CA ARG A 253 -21.93 19.39 -28.63
C ARG A 253 -20.79 18.45 -28.96
N SER A 254 -19.87 18.88 -29.83
CA SER A 254 -18.75 18.02 -30.22
C SER A 254 -17.81 17.79 -29.04
N TYR A 255 -17.61 18.81 -28.20
CA TYR A 255 -16.79 18.64 -27.01
C TYR A 255 -17.40 17.62 -26.06
N ALA A 256 -18.69 17.78 -25.76
CA ALA A 256 -19.36 16.87 -24.83
C ALA A 256 -19.51 15.47 -25.43
N ARG A 257 -19.82 15.40 -26.72
CA ARG A 257 -20.02 14.09 -27.36
C ARG A 257 -18.73 13.28 -27.36
N THR A 258 -17.59 13.94 -27.60
CA THR A 258 -16.32 13.22 -27.62
C THR A 258 -15.94 12.74 -26.23
N TRP A 259 -16.14 13.57 -25.19
CA TRP A 259 -15.90 13.13 -23.84
C TRP A 259 -16.82 11.98 -23.45
N ARG A 260 -18.10 12.09 -23.82
CA ARG A 260 -19.05 11.02 -23.54
C ARG A 260 -18.62 9.71 -24.20
N TYR A 261 -17.97 9.79 -25.36
CA TYR A 261 -17.46 8.58 -26.01
C TYR A 261 -16.37 7.93 -25.17
N LEU A 262 -15.43 8.73 -24.67
CA LEU A 262 -14.36 8.19 -23.83
C LEU A 262 -14.92 7.68 -22.50
N LEU A 263 -15.94 8.36 -21.96
CA LEU A 263 -16.47 7.99 -20.65
C LEU A 263 -17.37 6.76 -20.73
N ASP A 264 -17.98 6.50 -21.88
CA ASP A 264 -18.88 5.36 -22.05
C ASP A 264 -18.18 4.14 -22.61
N MSE A 265 -16.86 4.19 -22.78
CA MSE A 265 -16.13 3.07 -23.35
C MSE A 265 -16.14 1.89 -22.38
O MSE A 265 -15.68 2.00 -21.26
CB MSE A 265 -14.69 3.48 -23.68
CG MSE A 265 -14.10 2.72 -24.87
SE MSE A 265 -12.28 3.23 -25.29
CE MSE A 265 -12.58 5.09 -25.78
N ASP A 266 -16.70 0.77 -22.84
CA ASP A 266 -16.80 -0.41 -22.01
C ASP A 266 -15.40 -0.93 -21.67
N LEU A 267 -15.31 -1.64 -20.55
CA LEU A 267 -14.11 -2.23 -19.95
C LEU A 267 -13.25 -1.16 -19.30
N VAL A 268 -13.63 0.12 -19.38
CA VAL A 268 -12.89 1.20 -18.76
C VAL A 268 -13.50 1.50 -17.40
N ARG A 269 -12.65 1.75 -16.41
CA ARG A 269 -13.11 2.16 -15.08
C ARG A 269 -12.61 3.52 -14.65
N LYS A 270 -11.34 3.83 -14.88
CA LYS A 270 -10.77 5.11 -14.51
C LYS A 270 -10.24 5.83 -15.74
N ILE A 271 -10.31 7.16 -15.70
CA ILE A 271 -9.82 8.01 -16.78
C ILE A 271 -8.91 9.06 -16.16
N LYS A 272 -7.91 9.50 -16.93
CA LYS A 272 -6.96 10.50 -16.46
C LYS A 272 -6.67 11.47 -17.60
N TYR A 273 -6.67 12.76 -17.29
CA TYR A 273 -6.39 13.82 -18.25
C TYR A 273 -5.40 14.80 -17.61
N HIS A 274 -4.12 14.61 -17.88
CA HIS A 274 -3.09 15.51 -17.37
C HIS A 274 -2.91 16.69 -18.31
N GLY A 275 -2.64 17.86 -17.73
CA GLY A 275 -2.46 19.05 -18.52
C GLY A 275 -3.73 19.76 -18.92
N ALA A 276 -4.85 19.43 -18.27
CA ALA A 276 -6.10 20.10 -18.58
C ALA A 276 -6.10 21.51 -17.97
N SER A 277 -7.04 22.32 -18.43
CA SER A 277 -7.20 23.66 -17.88
C SER A 277 -7.82 23.58 -16.48
N VAL A 278 -7.43 24.53 -15.63
CA VAL A 278 -8.03 24.60 -14.29
C VAL A 278 -9.51 24.94 -14.38
N GLN A 279 -9.95 25.49 -15.51
CA GLN A 279 -11.36 25.75 -15.80
C GLN A 279 -11.81 24.93 -17.00
N GLU A 280 -11.37 23.68 -17.08
CA GLU A 280 -11.77 22.79 -18.15
C GLU A 280 -13.28 22.62 -18.17
N GLU A 281 -13.88 22.73 -19.36
CA GLU A 281 -15.33 22.64 -19.48
C GLU A 281 -15.87 21.33 -18.93
N LEU A 282 -15.09 20.25 -19.02
CA LEU A 282 -15.54 18.96 -18.50
C LEU A 282 -15.88 19.04 -17.01
N ARG A 283 -15.16 19.87 -16.25
CA ARG A 283 -15.40 19.96 -14.82
C ARG A 283 -16.82 20.43 -14.51
N TYR A 284 -17.39 21.28 -15.37
CA TYR A 284 -18.73 21.80 -15.17
C TYR A 284 -19.80 21.02 -15.92
N LEU A 285 -19.41 20.13 -16.84
CA LEU A 285 -20.37 19.22 -17.47
C LEU A 285 -20.78 18.12 -16.51
N VAL A 286 -19.87 17.68 -15.65
CA VAL A 286 -20.14 16.55 -14.76
C VAL A 286 -21.22 16.95 -13.76
N ALA A 287 -22.19 16.05 -13.58
CA ALA A 287 -23.30 16.33 -12.66
C ALA A 287 -22.83 16.33 -11.20
N ASN A 288 -21.85 15.51 -10.87
CA ASN A 288 -21.32 15.41 -9.51
C ASN A 288 -19.86 15.86 -9.57
N HIS A 289 -19.64 17.15 -9.35
CA HIS A 289 -18.30 17.74 -9.40
C HIS A 289 -17.24 16.96 -8.61
N PRO A 290 -17.48 16.51 -7.37
CA PRO A 290 -16.40 15.83 -6.64
C PRO A 290 -15.97 14.51 -7.26
N SER A 291 -16.75 13.93 -8.17
CA SER A 291 -16.35 12.69 -8.81
C SER A 291 -15.16 12.88 -9.75
N LEU A 292 -14.87 14.12 -10.13
CA LEU A 292 -13.75 14.44 -11.02
C LEU A 292 -12.68 15.15 -10.18
N GLU A 293 -11.73 14.37 -9.68
CA GLU A 293 -10.65 14.93 -8.87
C GLU A 293 -9.83 15.94 -9.67
N CYS A 294 -9.46 17.03 -9.02
CA CYS A 294 -8.75 18.14 -9.67
C CYS A 294 -7.53 18.50 -8.84
N VAL A 295 -6.34 18.22 -9.37
CA VAL A 295 -5.08 18.56 -8.74
C VAL A 295 -4.40 19.63 -9.59
N VAL A 296 -4.08 20.77 -8.97
CA VAL A 296 -3.56 21.92 -9.67
C VAL A 296 -2.08 22.07 -9.34
N SER A 297 -1.29 22.41 -10.37
CA SER A 297 0.16 22.57 -10.21
C SER A 297 0.66 23.54 -11.28
N ASP A 298 1.97 23.82 -11.23
CA ASP A 298 2.58 24.75 -12.18
C ASP A 298 2.50 24.21 -13.60
N ALA A 299 2.40 25.15 -14.54
CA ALA A 299 2.49 24.83 -15.96
C ALA A 299 3.58 25.65 -16.64
N ILE A 300 3.27 26.91 -16.98
CA ILE A 300 4.15 27.76 -17.77
C ILE A 300 4.63 28.93 -16.90
N GLN A 301 5.93 29.17 -16.93
CA GLN A 301 6.53 30.37 -16.35
C GLN A 301 6.75 31.40 -17.44
N VAL A 302 6.53 32.68 -17.13
CA VAL A 302 6.64 33.76 -18.09
C VAL A 302 7.81 34.66 -17.70
N ARG A 303 8.65 34.99 -18.67
CA ARG A 303 9.74 35.96 -18.50
C ARG A 303 9.53 37.08 -19.52
N LEU A 304 9.11 38.24 -19.04
CA LEU A 304 8.91 39.39 -19.91
C LEU A 304 10.27 39.98 -20.28
N VAL A 305 10.57 39.98 -21.58
CA VAL A 305 11.84 40.49 -22.08
C VAL A 305 11.71 41.92 -22.56
N ASP A 306 10.57 42.27 -23.16
CA ASP A 306 10.28 43.63 -23.61
C ASP A 306 8.97 44.04 -22.92
N ILE A 307 9.10 44.77 -21.80
CA ILE A 307 7.92 45.11 -21.01
C ILE A 307 6.92 45.99 -21.76
N PRO A 308 7.33 47.10 -22.38
CA PRO A 308 6.32 47.93 -23.08
C PRO A 308 5.57 47.20 -24.17
N ARG A 309 6.29 46.41 -24.99
CA ARG A 309 5.62 45.69 -26.08
C ARG A 309 4.73 44.58 -25.56
N ALA A 310 5.23 43.78 -24.60
CA ALA A 310 4.44 42.65 -24.09
C ALA A 310 3.14 43.11 -23.47
N LEU A 311 3.18 44.20 -22.69
CA LEU A 311 1.95 44.71 -22.07
C LEU A 311 1.01 45.31 -23.11
N ALA A 312 1.56 45.81 -24.22
CA ALA A 312 0.74 46.40 -25.28
C ALA A 312 0.22 45.37 -26.27
N GLN A 313 0.82 44.16 -26.31
CA GLN A 313 0.40 43.16 -27.28
C GLN A 313 -0.89 42.46 -26.86
N ARG A 314 -1.15 42.37 -25.57
CA ARG A 314 -2.37 41.73 -25.07
C ARG A 314 -3.48 42.74 -24.84
N ARG A 315 -4.69 42.23 -24.71
CA ARG A 315 -5.86 43.01 -24.35
C ARG A 315 -6.25 42.73 -22.90
N TYR A 316 -7.04 43.63 -22.33
CA TYR A 316 -7.35 43.60 -20.91
C TYR A 316 -8.85 43.51 -20.69
N ALA A 317 -9.24 42.75 -19.67
CA ALA A 317 -10.65 42.47 -19.42
C ALA A 317 -11.45 43.71 -19.07
N ALA A 318 -10.79 44.76 -18.57
CA ALA A 318 -11.48 45.99 -18.22
C ALA A 318 -10.51 47.15 -18.39
N ASP A 319 -11.07 48.37 -18.38
CA ASP A 319 -10.26 49.57 -18.55
C ASP A 319 -9.29 49.71 -17.38
N VAL A 320 -8.09 50.19 -17.69
CA VAL A 320 -7.06 50.38 -16.68
C VAL A 320 -6.16 51.53 -17.11
N ASP A 321 -5.78 52.37 -16.16
CA ASP A 321 -4.80 53.43 -16.37
C ASP A 321 -3.95 53.49 -15.10
N VAL A 322 -2.79 52.84 -15.13
CA VAL A 322 -1.99 52.63 -13.93
C VAL A 322 -0.53 52.86 -14.28
N VAL A 323 0.22 53.32 -13.27
CA VAL A 323 1.66 53.57 -13.40
C VAL A 323 2.38 52.52 -12.57
N LEU A 324 3.24 51.74 -13.21
CA LEU A 324 3.88 50.59 -12.59
C LEU A 324 5.37 50.88 -12.39
N GLU A 325 5.82 50.80 -11.14
CA GLU A 325 7.25 50.87 -10.82
C GLU A 325 7.79 49.45 -10.87
N VAL A 326 8.51 49.13 -11.95
CA VAL A 326 8.97 47.77 -12.22
C VAL A 326 10.45 47.69 -11.90
N THR A 327 10.81 46.70 -11.07
CA THR A 327 12.20 46.43 -10.73
C THR A 327 12.61 45.08 -11.33
N ASP A 328 13.64 45.10 -12.16
CA ASP A 328 14.15 43.90 -12.82
C ASP A 328 15.58 43.68 -12.32
N ASP A 329 15.74 42.82 -11.32
CA ASP A 329 17.05 42.64 -10.70
C ASP A 329 18.03 41.95 -11.65
N PHE A 330 17.57 40.94 -12.38
CA PHE A 330 18.48 40.20 -13.25
C PHE A 330 18.89 41.02 -14.46
N LEU A 331 17.97 41.79 -15.02
CA LEU A 331 18.23 42.68 -16.17
C LEU A 331 17.87 44.10 -15.75
N PRO A 332 18.76 44.79 -15.03
CA PRO A 332 18.41 46.12 -14.51
C PRO A 332 18.10 47.16 -15.59
N GLU A 333 18.48 46.91 -16.84
CA GLU A 333 18.15 47.84 -17.91
C GLU A 333 16.65 47.96 -18.13
N ASN A 334 15.87 46.95 -17.73
CA ASN A 334 14.43 47.00 -17.89
C ASN A 334 13.72 47.70 -16.73
N SER A 335 14.44 47.96 -15.64
CA SER A 335 13.84 48.65 -14.50
C SER A 335 13.45 50.07 -14.87
N GLY A 336 12.28 50.48 -14.43
CA GLY A 336 11.76 51.79 -14.75
C GLY A 336 10.28 51.87 -14.46
N ARG A 337 9.71 53.02 -14.77
CA ARG A 337 8.33 53.32 -14.46
C ARG A 337 7.52 53.36 -15.75
N TYR A 338 6.45 52.57 -15.82
CA TYR A 338 5.64 52.41 -17.02
C TYR A 338 4.19 52.77 -16.73
N ARG A 339 3.59 53.54 -17.61
CA ARG A 339 2.16 53.81 -17.58
C ARG A 339 1.44 52.85 -18.51
N LEU A 340 0.52 52.06 -17.96
CA LEU A 340 -0.23 51.09 -18.73
C LEU A 340 -1.64 51.60 -18.92
N ARG A 341 -2.05 51.74 -20.18
CA ARG A 341 -3.39 52.14 -20.56
C ARG A 341 -3.97 51.05 -21.46
N GLY A 342 -4.91 50.27 -20.93
CA GLY A 342 -5.41 49.12 -21.65
C GLY A 342 -6.90 48.93 -21.43
N GLY A 343 -7.48 48.18 -22.36
CA GLY A 343 -8.89 47.85 -22.30
C GLY A 343 -9.17 46.67 -23.20
N LEU A 344 -10.45 46.52 -23.56
CA LEU A 344 -10.83 45.42 -24.43
C LEU A 344 -10.38 45.62 -25.87
N ASP A 345 -10.22 46.87 -26.30
CA ASP A 345 -9.90 47.15 -27.70
C ASP A 345 -8.70 48.09 -27.85
N HIS A 346 -7.89 48.25 -26.81
CA HIS A 346 -6.72 49.11 -26.89
C HIS A 346 -5.76 48.74 -25.78
N ALA A 347 -4.47 49.01 -26.00
CA ALA A 347 -3.44 48.73 -25.02
C ALA A 347 -2.20 49.53 -25.37
N SER A 348 -1.62 50.19 -24.38
CA SER A 348 -0.40 50.95 -24.57
C SER A 348 0.40 50.96 -23.27
N CYS A 349 1.72 50.96 -23.41
CA CYS A 349 2.63 50.97 -22.28
C CYS A 349 3.83 51.82 -22.65
N GLU A 350 4.13 52.82 -21.83
CA GLU A 350 5.18 53.78 -22.13
C GLU A 350 5.91 54.17 -20.85
N ILE A 351 7.19 54.49 -21.00
CA ILE A 351 7.95 55.06 -19.89
C ILE A 351 7.38 56.43 -19.55
N THR A 352 7.17 56.67 -18.25
CA THR A 352 6.61 57.93 -17.78
C THR A 352 7.36 58.39 -16.53
N THR A 353 7.14 59.65 -16.19
CA THR A 353 7.69 60.23 -14.98
C THR A 353 6.62 60.57 -13.96
N ASP A 354 5.36 60.26 -14.25
CA ASP A 354 4.27 60.47 -13.29
C ASP A 354 4.50 59.62 -12.05
N ASP A 355 3.78 59.96 -10.98
CA ASP A 355 3.88 59.18 -9.75
C ASP A 355 3.39 57.75 -9.98
N ALA A 356 4.10 56.80 -9.39
CA ALA A 356 3.77 55.39 -9.57
C ALA A 356 2.62 54.98 -8.68
N ASP A 357 1.80 54.06 -9.19
CA ASP A 357 0.67 53.53 -8.45
C ASP A 357 0.97 52.18 -7.80
N ILE A 358 1.81 51.37 -8.43
CA ILE A 358 2.09 50.00 -7.99
C ILE A 358 3.59 49.74 -8.15
N ALA A 359 4.18 49.09 -7.15
CA ALA A 359 5.58 48.68 -7.19
C ALA A 359 5.64 47.15 -7.17
N LEU A 360 6.37 46.59 -8.13
CA LEU A 360 6.46 45.13 -8.24
C LEU A 360 7.70 44.76 -9.05
N THR A 361 8.10 43.50 -8.92
CA THR A 361 9.22 42.95 -9.67
C THR A 361 8.75 42.41 -11.01
N VAL A 362 9.71 42.20 -11.91
CA VAL A 362 9.38 41.73 -13.25
C VAL A 362 8.83 40.30 -13.22
N ARG A 363 9.27 39.48 -12.26
CA ARG A 363 8.77 38.11 -12.19
C ARG A 363 7.30 38.09 -11.79
N ASP A 364 6.89 38.98 -10.88
CA ASP A 364 5.48 39.04 -10.50
C ASP A 364 4.63 39.62 -11.62
N LEU A 365 5.19 40.58 -12.38
CA LEU A 365 4.48 41.11 -13.54
C LEU A 365 4.25 40.02 -14.57
N GLY A 366 5.24 39.15 -14.78
CA GLY A 366 5.04 38.01 -15.65
C GLY A 366 4.04 37.01 -15.10
N SER A 367 3.94 36.91 -13.77
CA SER A 367 3.01 35.97 -13.17
C SER A 367 1.57 36.31 -13.48
N VAL A 368 1.23 37.61 -13.45
CA VAL A 368 -0.13 38.05 -13.73
C VAL A 368 -0.36 38.33 -15.21
N TYR A 369 0.64 38.14 -16.05
CA TYR A 369 0.55 38.59 -17.45
C TYR A 369 -0.47 37.79 -18.25
N MSE A 370 -0.70 36.53 -17.89
CA MSE A 370 -1.61 35.69 -18.68
C MSE A 370 -2.98 35.57 -18.04
O MSE A 370 -3.81 34.78 -18.50
CB MSE A 370 -0.99 34.31 -18.88
CG MSE A 370 0.28 34.31 -19.70
SE MSE A 370 0.01 35.12 -21.47
CE MSE A 370 -1.33 33.88 -22.15
N GLY A 371 -3.22 36.35 -16.99
CA GLY A 371 -4.51 36.31 -16.31
C GLY A 371 -4.75 35.06 -15.50
N GLY A 372 -3.68 34.38 -15.06
CA GLY A 372 -3.82 33.17 -14.27
C GLY A 372 -3.52 33.39 -12.80
N VAL A 373 -2.90 34.52 -12.48
CA VAL A 373 -2.56 34.88 -11.10
C VAL A 373 -3.10 36.28 -10.82
N SER A 374 -3.77 36.44 -9.70
CA SER A 374 -4.37 37.72 -9.35
C SER A 374 -3.32 38.66 -8.75
N LEU A 375 -3.24 39.87 -9.30
CA LEU A 375 -2.34 40.88 -8.74
C LEU A 375 -2.79 41.31 -7.34
N GLN A 376 -4.08 41.23 -7.05
CA GLN A 376 -4.58 41.57 -5.73
C GLN A 376 -4.08 40.59 -4.67
N VAL A 377 -4.08 39.30 -4.99
CA VAL A 377 -3.58 38.30 -4.05
C VAL A 377 -2.10 38.51 -3.79
N LEU A 378 -1.33 38.79 -4.86
CA LEU A 378 0.10 39.05 -4.69
C LEU A 378 0.35 40.28 -3.83
N ALA A 379 -0.54 41.28 -3.90
CA ALA A 379 -0.38 42.47 -3.07
C ALA A 379 -0.74 42.18 -1.63
N SER A 380 -1.87 41.49 -1.40
CA SER A 380 -2.25 41.08 -0.06
C SER A 380 -1.23 40.14 0.56
N ALA A 381 -0.48 39.41 -0.27
CA ALA A 381 0.55 38.51 0.20
C ALA A 381 1.85 39.22 0.56
N GLY A 382 1.98 40.50 0.23
CA GLY A 382 3.19 41.26 0.52
C GLY A 382 4.22 41.27 -0.58
N LEU A 383 3.99 40.57 -1.68
CA LEU A 383 4.96 40.54 -2.78
C LEU A 383 4.87 41.79 -3.65
N VAL A 384 3.69 42.40 -3.74
CA VAL A 384 3.47 43.60 -4.54
C VAL A 384 3.00 44.71 -3.61
N THR A 385 3.50 45.92 -3.85
CA THR A 385 3.21 47.06 -2.99
C THR A 385 2.31 48.05 -3.72
N GLU A 386 1.19 48.40 -3.09
CA GLU A 386 0.30 49.42 -3.61
C GLU A 386 0.74 50.78 -3.09
N LEU A 387 0.91 51.73 -4.01
CA LEU A 387 1.34 53.07 -3.65
C LEU A 387 0.18 54.06 -3.60
N ARG A 388 -0.88 53.83 -4.37
CA ARG A 388 -2.05 54.69 -4.37
C ARG A 388 -3.29 53.82 -4.27
N ALA A 389 -4.18 54.17 -3.35
CA ALA A 389 -5.34 53.33 -3.04
C ALA A 389 -6.21 53.10 -4.27
N GLY A 390 -6.74 51.88 -4.38
CA GLY A 390 -7.61 51.51 -5.47
C GLY A 390 -6.93 51.09 -6.74
N ALA A 391 -5.60 51.21 -6.83
CA ALA A 391 -4.91 50.90 -8.08
C ALA A 391 -4.82 49.38 -8.30
N VAL A 392 -4.46 48.63 -7.25
CA VAL A 392 -4.24 47.19 -7.41
C VAL A 392 -5.52 46.48 -7.81
N GLN A 393 -6.65 46.84 -7.19
CA GLN A 393 -7.91 46.18 -7.50
C GLN A 393 -8.27 46.33 -8.98
N ARG A 394 -8.22 47.55 -9.50
CA ARG A 394 -8.59 47.78 -10.89
C ARG A 394 -7.57 47.17 -11.84
N ALA A 395 -6.28 47.24 -11.48
CA ALA A 395 -5.25 46.62 -12.32
C ALA A 395 -5.37 45.10 -12.32
N ALA A 396 -5.69 44.51 -11.16
CA ALA A 396 -5.82 43.05 -11.09
C ALA A 396 -6.95 42.54 -11.98
N THR A 397 -8.08 43.25 -11.99
CA THR A 397 -9.20 42.85 -12.85
C THR A 397 -8.83 42.98 -14.32
N ALA A 398 -8.11 44.04 -14.68
CA ALA A 398 -7.72 44.24 -16.07
C ALA A 398 -6.74 43.17 -16.53
N PHE A 399 -5.76 42.84 -15.70
CA PHE A 399 -4.81 41.78 -16.04
C PHE A 399 -5.45 40.40 -16.10
N GLY A 400 -6.67 40.25 -15.56
CA GLY A 400 -7.38 39.00 -15.67
C GLY A 400 -7.99 38.79 -17.04
N TRP A 401 -8.74 37.70 -17.15
CA TRP A 401 -9.40 37.35 -18.41
C TRP A 401 -10.51 36.36 -18.12
N PRO A 402 -11.66 36.45 -18.80
CA PRO A 402 -12.75 35.51 -18.52
C PRO A 402 -12.39 34.05 -18.79
N VAL A 403 -11.40 33.81 -19.65
CA VAL A 403 -10.91 32.46 -19.92
C VAL A 403 -9.54 32.32 -19.28
N ALA A 404 -9.40 31.34 -18.39
CA ALA A 404 -8.12 31.11 -17.73
C ALA A 404 -7.09 30.62 -18.75
N PRO A 405 -5.83 31.01 -18.57
CA PRO A 405 -4.78 30.50 -19.46
C PRO A 405 -4.59 29.00 -19.29
N SER A 406 -4.22 28.35 -20.39
CA SER A 406 -4.05 26.91 -20.41
C SER A 406 -2.64 26.57 -20.87
N ALA A 407 -2.20 25.37 -20.53
CA ALA A 407 -0.86 24.94 -20.90
C ALA A 407 -0.83 24.49 -22.36
N PRO A 408 0.17 24.88 -23.12
CA PRO A 408 0.30 24.41 -24.51
C PRO A 408 0.86 23.00 -24.52
N ASP A 409 1.08 22.48 -25.74
CA ASP A 409 1.71 21.18 -25.88
C ASP A 409 3.12 21.23 -25.30
N ASP A 410 3.60 20.07 -24.85
CA ASP A 410 4.85 20.01 -24.09
C ASP A 410 6.04 20.42 -24.95
N PHE A 411 7.00 21.10 -24.31
CA PHE A 411 8.28 21.40 -24.94
C PHE A 411 9.36 21.55 -23.86
N LEU B 4 -1.43 -30.45 38.24
CA LEU B 4 -2.60 -30.11 37.44
C LEU B 4 -3.80 -30.97 37.83
N THR B 5 -4.99 -30.37 37.82
CA THR B 5 -6.22 -31.07 38.15
C THR B 5 -7.24 -30.82 37.05
N LEU B 6 -7.81 -31.89 36.50
CA LEU B 6 -8.88 -31.79 35.52
C LEU B 6 -10.21 -31.71 36.27
N ARG B 7 -10.95 -30.62 36.06
CA ARG B 7 -12.21 -30.42 36.77
C ARG B 7 -13.06 -29.44 35.98
N THR B 8 -14.31 -29.32 36.42
CA THR B 8 -15.28 -28.39 35.83
C THR B 8 -15.33 -27.10 36.63
N ILE B 9 -16.06 -26.12 36.09
CA ILE B 9 -16.25 -24.85 36.77
C ILE B 9 -17.08 -25.09 38.04
N ALA B 10 -16.64 -24.52 39.15
CA ALA B 10 -17.28 -24.78 40.44
C ALA B 10 -18.40 -23.80 40.75
N ASP B 11 -18.23 -22.52 40.43
CA ASP B 11 -19.21 -21.51 40.77
C ASP B 11 -19.11 -20.36 39.77
N GLU B 12 -19.86 -19.28 40.04
CA GLU B 12 -19.89 -18.15 39.10
C GLU B 12 -18.57 -17.38 39.13
N ASP B 13 -17.94 -17.28 40.31
CA ASP B 13 -16.64 -16.63 40.39
C ASP B 13 -15.57 -17.47 39.67
N ASP B 14 -15.67 -18.80 39.77
CA ASP B 14 -14.80 -19.66 38.98
C ASP B 14 -15.05 -19.49 37.48
N TYR B 15 -16.30 -19.23 37.10
CA TYR B 15 -16.62 -19.00 35.70
C TYR B 15 -15.90 -17.77 35.16
N GLU B 16 -15.79 -16.72 35.98
CA GLU B 16 -15.09 -15.52 35.56
C GLU B 16 -13.60 -15.80 35.35
N SER B 17 -12.98 -16.51 36.30
CA SER B 17 -11.57 -16.87 36.16
C SER B 17 -11.36 -17.83 34.98
N TYR B 18 -12.29 -18.77 34.78
CA TYR B 18 -12.20 -19.69 33.66
C TYR B 18 -12.19 -18.95 32.33
N MSE B 19 -13.09 -17.99 32.17
CA MSE B 19 -13.23 -17.26 30.91
C MSE B 19 -12.03 -16.34 30.67
O MSE B 19 -11.63 -16.15 29.52
CB MSE B 19 -14.52 -16.44 30.92
CG MSE B 19 -15.31 -16.50 29.63
SE MSE B 19 -15.97 -18.30 29.25
CE MSE B 19 -17.08 -17.89 27.69
N ALA B 20 -11.48 -15.80 31.75
CA ALA B 20 -10.37 -14.86 31.61
C ALA B 20 -9.14 -15.53 31.00
N SER B 21 -8.82 -16.74 31.44
CA SER B 21 -7.66 -17.46 30.90
C SER B 21 -7.87 -17.78 29.42
N ALA B 22 -9.10 -18.11 29.04
CA ALA B 22 -9.38 -18.42 27.64
C ALA B 22 -9.15 -17.20 26.75
N TYR B 23 -9.67 -16.04 27.17
CA TYR B 23 -9.42 -14.80 26.43
C TYR B 23 -7.93 -14.47 26.39
N SER B 24 -7.22 -14.72 27.50
CA SER B 24 -5.80 -14.41 27.57
C SER B 24 -5.00 -15.22 26.56
N VAL B 25 -5.34 -16.52 26.41
CA VAL B 25 -4.65 -17.34 25.43
C VAL B 25 -4.90 -16.84 24.02
N PHE B 26 -6.10 -16.31 23.75
CA PHE B 26 -6.41 -15.67 22.48
C PHE B 26 -5.87 -14.26 22.37
N LEU B 27 -5.02 -13.84 23.32
CA LEU B 27 -4.35 -12.54 23.27
C LEU B 27 -5.35 -11.39 23.28
N ARG B 28 -6.44 -11.56 24.02
CA ARG B 28 -7.49 -10.56 24.10
C ARG B 28 -7.82 -10.27 25.56
N ASP B 29 -8.15 -9.01 25.85
CA ASP B 29 -8.68 -8.66 27.16
C ASP B 29 -10.05 -9.29 27.34
N PRO B 30 -10.40 -9.69 28.56
CA PRO B 30 -11.73 -10.28 28.79
C PRO B 30 -12.83 -9.28 28.49
N GLN B 31 -13.73 -9.67 27.58
CA GLN B 31 -14.86 -8.83 27.19
C GLN B 31 -16.01 -9.09 28.13
N LYS B 32 -16.26 -8.14 29.04
CA LYS B 32 -17.26 -8.35 30.08
C LYS B 32 -18.67 -8.42 29.51
N ASP B 33 -18.95 -7.67 28.44
CA ASP B 33 -20.27 -7.74 27.83
C ASP B 33 -20.53 -9.09 27.20
N GLU B 34 -19.53 -9.67 26.53
CA GLU B 34 -19.70 -10.99 25.94
C GLU B 34 -19.81 -12.06 27.02
N ILE B 35 -18.95 -11.98 28.05
CA ILE B 35 -18.93 -12.99 29.09
C ILE B 35 -20.23 -12.99 29.89
N GLU B 36 -20.79 -11.80 30.13
CA GLU B 36 -21.99 -11.73 30.96
C GLU B 36 -23.20 -12.30 30.22
N VAL B 37 -23.36 -11.98 28.93
CA VAL B 37 -24.54 -12.44 28.22
C VAL B 37 -24.41 -13.91 27.85
N ASN B 38 -23.20 -14.42 27.64
CA ASN B 38 -23.01 -15.83 27.31
C ASN B 38 -23.14 -16.74 28.53
N ARG B 39 -23.02 -16.19 29.74
CA ARG B 39 -23.24 -16.98 30.94
C ARG B 39 -24.65 -17.54 30.99
N LYS B 40 -25.62 -16.81 30.43
CA LYS B 40 -27.02 -17.18 30.55
C LYS B 40 -27.34 -18.55 29.95
N PHE B 41 -26.55 -19.02 29.00
CA PHE B 41 -26.73 -20.36 28.43
C PHE B 41 -25.53 -21.27 28.66
N THR B 42 -24.62 -20.90 29.55
CA THR B 42 -23.46 -21.74 29.84
C THR B 42 -23.79 -22.70 30.98
N GLU B 43 -23.52 -23.99 30.75
CA GLU B 43 -23.67 -25.02 31.77
C GLU B 43 -22.30 -25.29 32.37
N LEU B 44 -22.15 -24.96 33.66
CA LEU B 44 -20.84 -25.05 34.30
C LEU B 44 -20.30 -26.48 34.29
N ASP B 45 -21.19 -27.47 34.37
CA ASP B 45 -20.75 -28.86 34.36
C ASP B 45 -20.28 -29.32 32.99
N ARG B 46 -20.57 -28.57 31.92
CA ARG B 46 -20.07 -28.88 30.59
C ARG B 46 -18.80 -28.12 30.25
N MSE B 47 -18.27 -27.33 31.17
CA MSE B 47 -17.03 -26.60 30.96
C MSE B 47 -15.91 -27.23 31.77
O MSE B 47 -15.87 -27.08 32.99
CB MSE B 47 -17.18 -25.12 31.33
CG MSE B 47 -18.51 -24.50 30.89
SE MSE B 47 -18.66 -24.32 28.96
CE MSE B 47 -17.23 -23.02 28.67
N ILE B 48 -15.01 -27.94 31.11
CA ILE B 48 -13.90 -28.62 31.78
C ILE B 48 -12.62 -27.85 31.51
N GLY B 49 -11.55 -28.28 32.18
CA GLY B 49 -10.26 -27.64 32.02
C GLY B 49 -9.30 -28.08 33.10
N PHE B 50 -8.07 -27.64 32.97
CA PHE B 50 -7.00 -27.97 33.90
C PHE B 50 -6.67 -26.77 34.77
N HIS B 51 -6.44 -27.02 36.07
CA HIS B 51 -6.17 -25.98 37.05
C HIS B 51 -4.97 -26.40 37.88
N ASP B 52 -3.98 -25.51 37.96
CA ASP B 52 -2.73 -25.80 38.67
C ASP B 52 -2.77 -25.35 40.13
N GLY B 53 -3.96 -25.16 40.69
CA GLY B 53 -4.11 -24.68 42.05
C GLY B 53 -4.16 -23.18 42.19
N LYS B 54 -3.73 -22.44 41.18
CA LYS B 54 -3.73 -20.97 41.21
C LYS B 54 -4.51 -20.36 40.07
N LYS B 55 -4.45 -20.95 38.87
CA LYS B 55 -5.11 -20.38 37.70
C LYS B 55 -5.46 -21.49 36.73
N TRP B 56 -6.42 -21.20 35.85
CA TRP B 56 -6.74 -22.14 34.77
C TRP B 56 -5.63 -22.11 33.72
N VAL B 57 -5.12 -23.29 33.38
CA VAL B 57 -4.07 -23.43 32.36
C VAL B 57 -4.58 -24.11 31.10
N ALA B 58 -5.83 -24.55 31.07
CA ALA B 58 -6.42 -25.17 29.89
C ALA B 58 -7.93 -25.13 30.04
N THR B 59 -8.63 -24.98 28.90
CA THR B 59 -10.08 -24.86 28.92
C THR B 59 -10.66 -25.67 27.76
N THR B 60 -11.89 -26.14 27.95
CA THR B 60 -12.66 -26.82 26.91
C THR B 60 -14.12 -26.93 27.35
N GLY B 61 -15.04 -26.42 26.53
CA GLY B 61 -16.44 -26.38 26.89
C GLY B 61 -17.33 -26.77 25.73
N ALA B 62 -18.63 -26.85 26.03
CA ALA B 62 -19.62 -27.18 25.02
C ALA B 62 -20.97 -26.65 25.44
N PHE B 63 -21.70 -26.05 24.50
CA PHE B 63 -23.06 -25.60 24.71
C PHE B 63 -24.04 -26.66 24.22
N SER B 64 -25.09 -26.89 25.00
CA SER B 64 -26.16 -27.80 24.60
C SER B 64 -27.05 -27.06 23.60
N ARG B 65 -26.89 -27.39 22.32
CA ARG B 65 -27.62 -26.74 21.25
C ARG B 65 -28.30 -27.80 20.38
N HIS B 66 -29.02 -27.33 19.37
CA HIS B 66 -29.73 -28.21 18.45
C HIS B 66 -29.56 -27.67 17.03
N VAL B 67 -29.19 -28.55 16.11
CA VAL B 67 -28.85 -28.17 14.74
C VAL B 67 -29.81 -28.84 13.78
N VAL B 68 -30.15 -28.14 12.70
CA VAL B 68 -31.00 -28.69 11.66
C VAL B 68 -30.15 -29.55 10.72
N LEU B 69 -30.63 -30.75 10.44
CA LEU B 69 -29.98 -31.69 9.53
C LEU B 69 -30.67 -31.67 8.17
N PRO B 70 -30.00 -32.18 7.12
CA PRO B 70 -30.69 -32.35 5.84
C PRO B 70 -31.96 -33.19 5.97
N GLY B 71 -33.09 -32.59 5.65
CA GLY B 71 -34.39 -33.20 5.85
C GLY B 71 -35.27 -32.46 6.84
N GLY B 72 -34.70 -31.59 7.66
CA GLY B 72 -35.46 -30.76 8.57
C GLY B 72 -35.43 -31.22 10.02
N ALA B 73 -34.86 -32.38 10.32
CA ALA B 73 -34.81 -32.85 11.69
C ALA B 73 -33.86 -31.99 12.51
N VAL B 74 -34.29 -31.65 13.72
CA VAL B 74 -33.49 -30.85 14.65
C VAL B 74 -33.05 -31.78 15.78
N VAL B 75 -31.75 -32.03 15.85
CA VAL B 75 -31.21 -32.99 16.81
C VAL B 75 -30.26 -32.27 17.76
N PRO B 76 -30.09 -32.77 19.00
CA PRO B 76 -29.15 -32.13 19.91
C PRO B 76 -27.71 -32.29 19.45
N VAL B 77 -26.91 -31.25 19.66
CA VAL B 77 -25.52 -31.22 19.24
C VAL B 77 -24.70 -30.50 20.30
N ALA B 78 -23.49 -30.98 20.53
CA ALA B 78 -22.55 -30.31 21.44
C ALA B 78 -21.82 -29.21 20.68
N ALA B 79 -22.13 -27.96 21.00
CA ALA B 79 -21.46 -26.82 20.38
C ALA B 79 -20.17 -26.55 21.14
N VAL B 80 -19.08 -27.15 20.65
CA VAL B 80 -17.80 -27.07 21.35
C VAL B 80 -17.27 -25.64 21.30
N THR B 81 -16.73 -25.18 22.41
CA THR B 81 -16.31 -23.79 22.54
C THR B 81 -15.22 -23.69 23.60
N ALA B 82 -14.55 -22.52 23.60
CA ALA B 82 -13.61 -22.14 24.66
C ALA B 82 -12.52 -23.19 24.85
N VAL B 83 -11.93 -23.62 23.73
CA VAL B 83 -10.84 -24.58 23.74
C VAL B 83 -9.52 -23.81 23.78
N THR B 84 -8.84 -23.83 24.92
CA THR B 84 -7.56 -23.15 25.04
C THR B 84 -6.62 -24.00 25.87
N VAL B 85 -5.32 -23.86 25.61
CA VAL B 85 -4.27 -24.41 26.46
C VAL B 85 -3.23 -23.31 26.66
N SER B 86 -2.90 -23.03 27.92
CA SER B 86 -1.96 -21.96 28.21
C SER B 86 -0.63 -22.22 27.51
N PRO B 87 0.04 -21.18 27.01
CA PRO B 87 1.30 -21.40 26.27
C PRO B 87 2.41 -21.98 27.13
N THR B 88 2.32 -21.85 28.45
CA THR B 88 3.30 -22.45 29.35
C THR B 88 3.08 -23.95 29.54
N HIS B 89 1.92 -24.47 29.13
CA HIS B 89 1.58 -25.87 29.32
C HIS B 89 1.22 -26.56 28.00
N ARG B 90 1.64 -26.00 26.88
CA ARG B 90 1.29 -26.53 25.57
C ARG B 90 2.20 -27.70 25.19
N ARG B 91 1.73 -28.47 24.20
CA ARG B 91 2.45 -29.64 23.68
C ARG B 91 2.78 -30.64 24.78
N ARG B 92 1.87 -30.81 25.73
CA ARG B 92 2.03 -31.78 26.80
C ARG B 92 0.84 -32.74 26.90
N GLY B 93 -0.05 -32.75 25.92
CA GLY B 93 -1.17 -33.66 25.92
C GLY B 93 -2.41 -33.17 26.64
N LEU B 94 -2.43 -31.91 27.07
CA LEU B 94 -3.58 -31.41 27.82
C LEU B 94 -4.83 -31.35 26.96
N LEU B 95 -4.72 -30.88 25.71
CA LEU B 95 -5.88 -30.85 24.83
C LEU B 95 -6.36 -32.26 24.51
N THR B 96 -5.43 -33.16 24.20
CA THR B 96 -5.80 -34.54 23.87
C THR B 96 -6.57 -35.19 25.01
N THR B 97 -6.17 -34.94 26.25
CA THR B 97 -6.89 -35.49 27.40
C THR B 97 -8.28 -34.87 27.53
N MSE B 98 -8.39 -33.57 27.27
CA MSE B 98 -9.68 -32.90 27.34
C MSE B 98 -10.61 -33.37 26.24
O MSE B 98 -11.83 -33.43 26.41
CB MSE B 98 -9.50 -31.38 27.28
CG MSE B 98 -8.84 -30.78 28.52
SE MSE B 98 -8.87 -28.83 28.53
CE MSE B 98 -7.79 -28.50 26.94
N MSE B 99 -10.04 -33.67 25.08
CA MSE B 99 -10.82 -34.17 23.95
C MSE B 99 -11.41 -35.54 24.24
O MSE B 99 -12.54 -35.83 23.87
CB MSE B 99 -9.96 -34.23 22.68
CG MSE B 99 -9.56 -32.87 22.10
SE MSE B 99 -11.02 -31.89 21.26
CE MSE B 99 -11.69 -30.90 22.80
N ARG B 100 -10.64 -36.38 24.94
CA ARG B 100 -11.14 -37.70 25.30
C ARG B 100 -12.25 -37.60 26.34
N HIS B 101 -12.09 -36.72 27.33
CA HIS B 101 -13.11 -36.55 28.35
C HIS B 101 -14.37 -35.91 27.77
N GLN B 102 -14.20 -34.92 26.89
CA GLN B 102 -15.36 -34.23 26.33
C GLN B 102 -16.16 -35.13 25.40
N LEU B 103 -15.47 -35.79 24.45
CA LEU B 103 -16.17 -36.64 23.50
C LEU B 103 -16.91 -37.78 24.21
N ALA B 104 -16.32 -38.32 25.28
CA ALA B 104 -17.03 -39.32 26.06
C ALA B 104 -18.23 -38.72 26.76
N ASP B 105 -18.12 -37.48 27.25
CA ASP B 105 -19.24 -36.81 27.89
C ASP B 105 -20.33 -36.47 26.89
N ILE B 106 -19.97 -36.16 25.65
CA ILE B 106 -20.96 -35.86 24.63
C ILE B 106 -21.82 -37.07 24.33
N ARG B 107 -21.19 -38.24 24.18
CA ARG B 107 -21.95 -39.47 23.94
C ARG B 107 -22.80 -39.84 25.15
N SER B 108 -22.28 -39.61 26.35
CA SER B 108 -23.03 -39.96 27.55
C SER B 108 -24.31 -39.13 27.65
N ARG B 109 -24.32 -37.94 27.06
CA ARG B 109 -25.48 -37.06 27.06
C ARG B 109 -26.42 -37.35 25.89
N GLY B 110 -26.15 -38.40 25.11
CA GLY B 110 -27.00 -38.76 23.99
C GLY B 110 -26.85 -37.89 22.76
N GLU B 111 -25.81 -37.06 22.69
CA GLU B 111 -25.57 -36.24 21.51
C GLU B 111 -24.77 -37.05 20.50
N SER B 112 -25.33 -37.21 19.29
CA SER B 112 -24.73 -38.04 18.26
C SER B 112 -23.56 -37.36 17.55
N LEU B 113 -23.40 -36.06 17.68
CA LEU B 113 -22.36 -35.35 16.95
C LEU B 113 -21.89 -34.15 17.75
N ALA B 114 -20.72 -33.65 17.38
CA ALA B 114 -20.15 -32.44 17.95
C ALA B 114 -19.79 -31.48 16.83
N MSE B 115 -20.05 -30.19 17.06
CA MSE B 115 -19.74 -29.18 16.07
C MSE B 115 -18.87 -28.07 16.66
O MSE B 115 -19.01 -27.72 17.84
CB MSE B 115 -21.01 -28.60 15.47
CG MSE B 115 -21.62 -29.49 14.41
SE MSE B 115 -23.39 -28.91 13.82
CE MSE B 115 -23.55 -30.03 12.23
N LEU B 116 -17.99 -27.52 15.84
CA LEU B 116 -16.95 -26.63 16.30
C LEU B 116 -16.57 -25.67 15.18
N PHE B 117 -16.31 -24.41 15.54
CA PHE B 117 -15.80 -23.41 14.61
C PHE B 117 -14.28 -23.48 14.60
N ALA B 118 -13.70 -23.66 13.41
CA ALA B 118 -12.27 -23.87 13.33
C ALA B 118 -11.55 -22.53 13.37
N SER B 119 -10.78 -22.32 14.46
CA SER B 119 -9.81 -21.23 14.48
C SER B 119 -8.60 -21.60 13.63
N GLU B 120 -7.99 -22.75 13.91
CA GLU B 120 -7.00 -23.38 13.07
C GLU B 120 -7.51 -24.77 12.74
N ALA B 121 -7.79 -25.02 11.47
CA ALA B 121 -8.52 -26.24 11.09
C ALA B 121 -7.69 -27.50 11.35
N LEU B 122 -6.39 -27.45 11.13
CA LEU B 122 -5.54 -28.63 11.24
C LEU B 122 -5.46 -29.19 12.66
N ILE B 123 -6.02 -28.50 13.65
CA ILE B 123 -5.90 -28.96 15.03
C ILE B 123 -6.69 -30.24 15.25
N TYR B 124 -7.96 -30.24 14.85
CA TYR B 124 -8.92 -31.23 15.31
C TYR B 124 -9.09 -32.42 14.38
N GLY B 125 -8.48 -32.40 13.19
CA GLY B 125 -8.58 -33.54 12.31
C GLY B 125 -8.08 -34.83 12.94
N ARG B 126 -7.04 -34.74 13.77
CA ARG B 126 -6.51 -35.91 14.43
C ARG B 126 -7.47 -36.49 15.47
N PHE B 127 -8.42 -35.70 15.97
CA PHE B 127 -9.38 -36.16 16.95
C PHE B 127 -10.66 -36.68 16.33
N GLY B 128 -10.74 -36.72 15.00
CA GLY B 128 -11.93 -37.18 14.31
C GLY B 128 -12.81 -36.09 13.73
N TYR B 129 -12.45 -34.82 13.93
CA TYR B 129 -13.21 -33.72 13.37
C TYR B 129 -12.94 -33.59 11.88
N GLY B 130 -13.98 -33.27 11.11
CA GLY B 130 -13.84 -33.03 9.70
C GLY B 130 -14.62 -31.82 9.24
N VAL B 131 -14.02 -31.00 8.37
CA VAL B 131 -14.70 -29.82 7.85
C VAL B 131 -15.87 -30.27 6.99
N ALA B 132 -17.09 -29.92 7.41
CA ALA B 132 -18.31 -30.32 6.72
C ALA B 132 -19.10 -29.16 6.14
N THR B 133 -18.87 -27.94 6.60
CA THR B 133 -19.61 -26.77 6.14
C THR B 133 -18.64 -25.64 5.84
N GLU B 134 -18.87 -24.94 4.74
CA GLU B 134 -18.08 -23.76 4.38
C GLU B 134 -18.96 -22.53 4.42
N SER B 135 -18.30 -21.37 4.55
CA SER B 135 -18.96 -20.09 4.52
C SER B 135 -18.22 -19.17 3.57
N ALA B 136 -18.94 -18.20 3.01
CA ALA B 136 -18.40 -17.31 2.00
C ALA B 136 -18.48 -15.87 2.48
N GLU B 137 -17.38 -15.14 2.31
CA GLU B 137 -17.35 -13.69 2.54
C GLU B 137 -17.73 -13.00 1.24
N LEU B 138 -18.91 -12.38 1.22
CA LEU B 138 -19.42 -11.68 0.06
C LEU B 138 -19.20 -10.18 0.23
N SER B 139 -18.67 -9.53 -0.81
CA SER B 139 -18.39 -8.11 -0.75
C SER B 139 -18.35 -7.54 -2.17
N GLY B 140 -18.45 -6.23 -2.25
CA GLY B 140 -18.39 -5.55 -3.53
C GLY B 140 -18.93 -4.14 -3.43
N GLN B 141 -18.86 -3.45 -4.57
CA GLN B 141 -19.39 -2.09 -4.67
C GLN B 141 -20.90 -2.13 -4.86
N VAL B 142 -21.63 -1.42 -4.00
CA VAL B 142 -23.09 -1.49 -3.99
C VAL B 142 -23.66 -0.99 -5.31
N ARG B 143 -22.98 -0.06 -5.97
CA ARG B 143 -23.47 0.49 -7.23
C ARG B 143 -23.28 -0.44 -8.41
N GLU B 144 -22.60 -1.57 -8.21
CA GLU B 144 -22.44 -2.58 -9.25
C GLU B 144 -23.27 -3.83 -8.98
N LEU B 145 -24.11 -3.81 -7.95
CA LEU B 145 -24.84 -4.99 -7.49
C LEU B 145 -26.33 -4.88 -7.79
N ALA B 146 -26.68 -4.42 -8.98
CA ALA B 146 -28.08 -4.41 -9.39
C ALA B 146 -28.57 -5.83 -9.61
N PHE B 147 -29.87 -6.03 -9.44
CA PHE B 147 -30.47 -7.35 -9.56
C PHE B 147 -30.92 -7.61 -11.00
N ARG B 148 -31.16 -8.88 -11.30
CA ARG B 148 -31.72 -9.27 -12.59
C ARG B 148 -33.09 -8.64 -12.78
N PRO B 149 -33.48 -8.34 -14.02
CA PRO B 149 -34.75 -7.62 -14.25
C PRO B 149 -35.99 -8.39 -13.83
N THR B 150 -35.92 -9.71 -13.70
CA THR B 150 -37.07 -10.52 -13.35
C THR B 150 -37.22 -10.72 -11.85
N VAL B 151 -36.40 -10.06 -11.04
CA VAL B 151 -36.46 -10.22 -9.59
C VAL B 151 -37.61 -9.37 -9.05
N ASP B 152 -38.56 -10.02 -8.39
CA ASP B 152 -39.73 -9.34 -7.84
C ASP B 152 -39.42 -8.89 -6.41
N LEU B 153 -39.49 -7.57 -6.18
CA LEU B 153 -39.25 -7.02 -4.85
C LEU B 153 -40.50 -6.95 -3.99
N GLY B 154 -41.67 -7.17 -4.57
CA GLY B 154 -42.89 -7.13 -3.80
C GLY B 154 -43.29 -5.72 -3.40
N ASP B 155 -44.36 -5.66 -2.59
CA ASP B 155 -44.91 -4.41 -2.09
C ASP B 155 -44.61 -4.19 -0.61
N GLY B 156 -43.59 -4.85 -0.08
CA GLY B 156 -43.28 -4.76 1.33
C GLY B 156 -42.69 -3.43 1.74
N THR B 157 -42.62 -3.23 3.06
CA THR B 157 -42.08 -2.02 3.65
C THR B 157 -41.01 -2.40 4.67
N LEU B 158 -40.06 -1.49 4.88
CA LEU B 158 -38.93 -1.71 5.77
C LEU B 158 -38.86 -0.63 6.83
N GLU B 159 -38.42 -1.01 8.03
CA GLU B 159 -38.26 -0.09 9.15
C GLU B 159 -36.98 -0.41 9.90
N GLU B 160 -36.20 0.62 10.22
CA GLU B 160 -35.09 0.46 11.16
C GLU B 160 -35.63 0.60 12.58
N VAL B 161 -35.36 -0.41 13.42
CA VAL B 161 -36.04 -0.54 14.69
C VAL B 161 -35.02 -0.84 15.80
N SER B 162 -35.48 -0.71 17.04
CA SER B 162 -34.65 -0.97 18.21
C SER B 162 -34.44 -2.46 18.43
N ALA B 163 -33.44 -2.77 19.27
CA ALA B 163 -33.13 -4.16 19.59
C ALA B 163 -34.33 -4.88 20.19
N GLU B 164 -35.11 -4.20 21.05
CA GLU B 164 -36.23 -4.85 21.71
C GLU B 164 -37.31 -5.26 20.72
N THR B 165 -37.71 -4.34 19.84
CA THR B 165 -38.70 -4.69 18.82
C THR B 165 -38.17 -5.76 17.87
N PHE B 166 -36.88 -5.70 17.53
CA PHE B 166 -36.29 -6.72 16.66
C PHE B 166 -36.41 -8.11 17.30
N LEU B 167 -36.10 -8.22 18.59
CA LEU B 167 -36.16 -9.51 19.26
C LEU B 167 -37.59 -10.00 19.46
N ALA B 168 -38.59 -9.15 19.28
CA ALA B 168 -39.98 -9.53 19.39
C ALA B 168 -40.57 -10.02 18.07
N SER B 169 -39.80 -9.99 16.99
CA SER B 169 -40.29 -10.39 15.67
C SER B 169 -39.32 -11.26 14.87
N ALA B 170 -38.01 -11.07 15.01
CA ALA B 170 -37.03 -11.83 14.24
C ALA B 170 -37.00 -13.33 14.58
N PRO B 171 -37.10 -13.73 15.85
CA PRO B 171 -37.09 -15.19 16.14
C PRO B 171 -38.17 -15.96 15.41
N ALA B 172 -39.37 -15.39 15.28
CA ALA B 172 -40.43 -16.07 14.54
C ALA B 172 -40.07 -16.23 13.07
N ILE B 173 -39.43 -15.21 12.48
CA ILE B 173 -38.99 -15.30 11.11
C ILE B 173 -37.86 -16.32 10.98
N TYR B 174 -36.92 -16.31 11.94
CA TYR B 174 -35.82 -17.27 11.91
C TYR B 174 -36.32 -18.71 11.99
N ASP B 175 -37.25 -18.97 12.92
CA ASP B 175 -37.76 -20.32 13.10
C ASP B 175 -38.49 -20.85 11.88
N ALA B 176 -39.02 -19.97 11.03
CA ALA B 176 -39.82 -20.39 9.89
C ALA B 176 -38.97 -20.88 8.72
N VAL B 177 -37.74 -20.40 8.60
CA VAL B 177 -36.95 -20.66 7.39
C VAL B 177 -35.89 -21.75 7.63
N ILE B 178 -35.43 -21.88 8.87
CA ILE B 178 -34.31 -22.78 9.17
C ILE B 178 -34.63 -24.27 9.01
N PRO B 179 -35.89 -24.73 9.05
CA PRO B 179 -36.11 -26.15 8.73
C PRO B 179 -35.58 -26.56 7.36
N GLY B 180 -35.55 -25.64 6.40
CA GLY B 180 -35.00 -25.89 5.09
C GLY B 180 -33.56 -25.48 4.90
N LEU B 181 -32.87 -25.06 5.96
CA LEU B 181 -31.49 -24.60 5.90
C LEU B 181 -30.64 -25.47 6.81
N PRO B 182 -30.16 -26.62 6.34
CA PRO B 182 -29.31 -27.47 7.18
C PRO B 182 -28.05 -26.75 7.63
N GLY B 183 -27.65 -27.02 8.86
CA GLY B 183 -26.51 -26.37 9.47
C GLY B 183 -26.88 -25.26 10.44
N GLN B 184 -28.05 -24.64 10.27
CA GLN B 184 -28.51 -23.62 11.20
C GLN B 184 -28.90 -24.27 12.53
N MSE B 185 -28.80 -23.47 13.59
CA MSE B 185 -29.11 -23.98 14.93
C MSE B 185 -30.28 -23.26 15.57
O MSE B 185 -30.66 -22.17 15.13
CB MSE B 185 -27.88 -23.85 15.82
CG MSE B 185 -26.72 -24.77 15.44
SE MSE B 185 -25.22 -24.63 16.66
CE MSE B 185 -24.10 -26.04 15.92
N SER B 186 -30.86 -23.88 16.59
CA SER B 186 -31.95 -23.23 17.32
C SER B 186 -31.41 -22.08 18.14
N ARG B 187 -32.21 -21.02 18.25
CA ARG B 187 -31.82 -19.81 18.97
C ARG B 187 -32.83 -19.54 20.08
N THR B 188 -32.42 -19.77 21.31
CA THR B 188 -33.21 -19.41 22.48
C THR B 188 -33.12 -17.90 22.70
N PRO B 189 -33.95 -17.34 23.58
CA PRO B 189 -33.78 -15.92 23.92
C PRO B 189 -32.38 -15.56 24.39
N GLU B 190 -31.74 -16.45 25.16
CA GLU B 190 -30.38 -16.18 25.62
C GLU B 190 -29.40 -16.14 24.44
N TRP B 191 -29.61 -16.99 23.45
CA TRP B 191 -28.71 -17.01 22.29
C TRP B 191 -28.97 -15.80 21.38
N TRP B 192 -30.23 -15.39 21.24
CA TRP B 192 -30.53 -14.16 20.51
C TRP B 192 -29.89 -12.95 21.18
N ALA B 193 -29.84 -12.95 22.51
CA ALA B 193 -29.22 -11.84 23.23
C ALA B 193 -27.74 -11.74 22.92
N SER B 194 -27.05 -12.88 22.84
CA SER B 194 -25.63 -12.87 22.48
C SER B 194 -25.43 -12.53 21.01
N TRP B 195 -26.31 -13.07 20.14
CA TRP B 195 -26.18 -12.84 18.71
C TRP B 195 -26.41 -11.38 18.33
N THR B 196 -27.31 -10.70 19.04
CA THR B 196 -27.62 -9.30 18.75
C THR B 196 -26.92 -8.33 19.70
N LEU B 197 -25.99 -8.83 20.52
CA LEU B 197 -25.29 -7.96 21.46
C LEU B 197 -24.50 -6.88 20.72
N ASP B 198 -24.69 -5.63 21.15
CA ASP B 198 -23.92 -4.51 20.61
C ASP B 198 -22.57 -4.43 21.32
N SER B 199 -21.77 -5.49 21.09
CA SER B 199 -20.49 -5.63 21.77
C SER B 199 -19.55 -4.48 21.42
N GLU B 200 -18.72 -4.09 22.40
CA GLU B 200 -17.81 -2.98 22.20
C GLU B 200 -16.73 -3.32 21.17
N GLU B 201 -16.33 -4.58 21.09
CA GLU B 201 -15.26 -4.96 20.17
C GLU B 201 -15.70 -4.82 18.72
N LEU B 202 -16.94 -5.17 18.41
CA LEU B 202 -17.43 -4.99 17.04
C LEU B 202 -17.74 -3.53 16.73
N GLN B 203 -18.06 -2.73 17.75
CA GLN B 203 -18.22 -1.29 17.54
C GLN B 203 -16.90 -0.65 17.14
N LYS B 204 -15.78 -1.18 17.61
CA LYS B 204 -14.48 -0.65 17.24
C LYS B 204 -14.19 -0.85 15.76
N GLU B 205 -14.58 -2.01 15.22
CA GLU B 205 -14.29 -2.33 13.83
C GLU B 205 -15.21 -1.60 12.86
N SER B 206 -16.40 -1.21 13.30
CA SER B 206 -17.36 -0.55 12.42
C SER B 206 -18.19 0.48 13.19
N GLY B 207 -19.26 0.01 13.82
CA GLY B 207 -20.12 0.91 14.56
C GLY B 207 -21.15 0.14 15.35
N LYS B 208 -22.11 0.87 15.90
CA LYS B 208 -23.17 0.25 16.67
C LYS B 208 -24.08 -0.60 15.78
N VAL B 209 -24.57 -1.71 16.34
CA VAL B 209 -25.41 -2.61 15.57
C VAL B 209 -26.76 -1.94 15.30
N ARG B 210 -27.30 -2.19 14.10
CA ARG B 210 -28.61 -1.70 13.71
C ARG B 210 -29.49 -2.88 13.30
N PHE B 211 -30.79 -2.66 13.35
CA PHE B 211 -31.76 -3.71 13.07
C PHE B 211 -32.80 -3.21 12.08
N VAL B 212 -33.14 -4.07 11.13
CA VAL B 212 -34.10 -3.77 10.08
C VAL B 212 -35.16 -4.87 10.06
N LEU B 213 -36.41 -4.49 9.86
CA LEU B 213 -37.50 -5.45 9.72
C LEU B 213 -38.26 -5.17 8.43
N HIS B 214 -38.58 -6.24 7.70
CA HIS B 214 -39.36 -6.13 6.48
C HIS B 214 -40.79 -6.60 6.75
N TYR B 215 -41.75 -5.74 6.44
CA TYR B 215 -43.16 -6.02 6.65
C TYR B 215 -43.86 -6.22 5.31
N GLU B 216 -44.74 -7.22 5.24
CA GLU B 216 -45.59 -7.39 4.07
C GLU B 216 -46.59 -6.24 4.00
N SER B 217 -47.38 -6.22 2.93
CA SER B 217 -48.37 -5.16 2.77
C SER B 217 -49.42 -5.18 3.87
N ASP B 218 -49.67 -6.36 4.44
CA ASP B 218 -50.67 -6.52 5.50
C ASP B 218 -50.10 -6.30 6.90
N GLY B 219 -48.82 -5.94 7.01
CA GLY B 219 -48.20 -5.73 8.30
C GLY B 219 -47.44 -6.92 8.84
N THR B 220 -47.44 -8.05 8.15
CA THR B 220 -46.75 -9.25 8.61
C THR B 220 -45.25 -9.09 8.41
N ALA B 221 -44.49 -9.22 9.49
CA ALA B 221 -43.03 -9.19 9.39
C ALA B 221 -42.56 -10.45 8.67
N SER B 222 -41.84 -10.26 7.56
CA SER B 222 -41.42 -11.38 6.74
C SER B 222 -39.91 -11.42 6.51
N GLY B 223 -39.16 -10.43 6.98
CA GLY B 223 -37.72 -10.42 6.82
C GLY B 223 -37.08 -9.52 7.84
N PHE B 224 -35.77 -9.69 8.01
CA PHE B 224 -35.01 -8.87 8.94
C PHE B 224 -33.57 -8.79 8.46
N ALA B 225 -32.81 -7.89 9.09
CA ALA B 225 -31.42 -7.69 8.75
C ALA B 225 -30.67 -7.15 9.95
N ILE B 226 -29.43 -7.59 10.12
CA ILE B 226 -28.55 -7.12 11.19
C ILE B 226 -27.27 -6.65 10.53
N TYR B 227 -26.91 -5.39 10.73
CA TYR B 227 -25.71 -4.84 10.11
C TYR B 227 -25.15 -3.72 10.98
N ARG B 228 -23.90 -3.35 10.67
CA ARG B 228 -23.18 -2.27 11.30
C ARG B 228 -22.57 -1.38 10.23
N PRO B 229 -22.70 -0.05 10.38
CA PRO B 229 -22.07 0.86 9.42
C PRO B 229 -20.65 1.20 9.79
N LYS B 230 -19.84 1.48 8.77
CA LYS B 230 -18.46 1.91 8.95
C LYS B 230 -18.24 3.18 8.12
N PRO B 231 -18.41 4.36 8.73
CA PRO B 231 -18.23 5.60 7.97
C PRO B 231 -16.77 5.81 7.60
N GLY B 232 -16.55 6.31 6.39
CA GLY B 232 -15.21 6.56 5.91
C GLY B 232 -14.58 7.82 6.49
N ASN B 239 -17.69 7.43 1.63
CA ASN B 239 -17.16 6.11 1.32
C ASN B 239 -17.51 5.11 2.42
N ALA B 240 -18.79 5.08 2.78
CA ALA B 240 -19.24 4.26 3.89
C ALA B 240 -19.27 2.77 3.51
N GLU B 241 -19.18 1.93 4.52
CA GLU B 241 -19.11 0.48 4.35
C GLU B 241 -20.10 -0.18 5.28
N LEU B 242 -20.93 -1.07 4.73
CA LEU B 242 -21.94 -1.79 5.50
C LEU B 242 -21.44 -3.20 5.78
N HIS B 243 -21.28 -3.53 7.07
CA HIS B 243 -20.86 -4.86 7.49
C HIS B 243 -22.13 -5.62 7.89
N VAL B 244 -22.59 -6.49 7.00
CA VAL B 244 -23.83 -7.22 7.22
C VAL B 244 -23.55 -8.45 8.08
N GLN B 245 -24.33 -8.61 9.15
CA GLN B 245 -24.19 -9.76 10.03
C GLN B 245 -25.15 -10.89 9.64
N GLU B 246 -26.36 -10.57 9.22
CA GLU B 246 -27.35 -11.59 8.87
C GLU B 246 -28.49 -10.95 8.09
N VAL B 247 -28.95 -11.64 7.06
CA VAL B 247 -30.15 -11.27 6.30
C VAL B 247 -30.95 -12.53 6.05
N LEU B 248 -32.26 -12.48 6.32
CA LEU B 248 -33.12 -13.64 6.14
C LEU B 248 -34.52 -13.17 5.78
N GLY B 249 -35.23 -14.03 5.04
CA GLY B 249 -36.61 -13.75 4.68
C GLY B 249 -37.38 -15.05 4.50
N THR B 250 -38.70 -14.94 4.67
CA THR B 250 -39.59 -16.09 4.53
C THR B 250 -40.09 -16.29 3.12
N ASN B 251 -39.81 -15.36 2.21
CA ASN B 251 -40.21 -15.49 0.81
C ASN B 251 -39.18 -14.73 -0.03
N PRO B 252 -39.09 -15.05 -1.32
CA PRO B 252 -38.07 -14.39 -2.15
C PRO B 252 -38.24 -12.87 -2.24
N ARG B 253 -39.46 -12.35 -2.15
CA ARG B 253 -39.66 -10.91 -2.28
C ARG B 253 -39.07 -10.19 -1.07
N SER B 254 -39.34 -10.68 0.13
CA SER B 254 -38.81 -10.04 1.34
C SER B 254 -37.29 -10.17 1.41
N TYR B 255 -36.74 -11.30 0.96
CA TYR B 255 -35.30 -11.47 0.93
C TYR B 255 -34.65 -10.45 -0.01
N ALA B 256 -35.17 -10.35 -1.23
CA ALA B 256 -34.59 -9.42 -2.20
C ALA B 256 -34.85 -7.97 -1.80
N ARG B 257 -36.03 -7.68 -1.25
CA ARG B 257 -36.35 -6.31 -0.85
C ARG B 257 -35.42 -5.84 0.28
N THR B 258 -35.13 -6.73 1.23
CA THR B 258 -34.23 -6.36 2.32
C THR B 258 -32.81 -6.14 1.83
N TRP B 259 -32.33 -7.02 0.94
CA TRP B 259 -31.01 -6.81 0.36
C TRP B 259 -30.97 -5.53 -0.47
N ARG B 260 -32.01 -5.30 -1.28
CA ARG B 260 -32.08 -4.07 -2.07
C ARG B 260 -32.08 -2.83 -1.17
N TYR B 261 -32.67 -2.93 0.02
CA TYR B 261 -32.64 -1.82 0.95
C TYR B 261 -31.22 -1.53 1.41
N LEU B 262 -30.46 -2.57 1.77
CA LEU B 262 -29.08 -2.37 2.18
C LEU B 262 -28.21 -1.87 1.04
N LEU B 263 -28.50 -2.30 -0.20
CA LEU B 263 -27.67 -1.94 -1.33
C LEU B 263 -27.94 -0.53 -1.83
N ASP B 264 -29.13 0.00 -1.58
CA ASP B 264 -29.51 1.33 -2.05
C ASP B 264 -29.28 2.41 -1.01
N MSE B 265 -28.52 2.14 0.04
CA MSE B 265 -28.23 3.16 1.04
C MSE B 265 -27.35 4.24 0.39
O MSE B 265 -26.48 3.95 -0.42
CB MSE B 265 -27.56 2.56 2.28
CG MSE B 265 -27.99 3.21 3.58
SE MSE B 265 -27.98 2.00 5.10
CE MSE B 265 -29.23 0.65 4.45
N ASP B 266 -27.61 5.48 0.78
CA ASP B 266 -27.22 6.64 -0.03
C ASP B 266 -25.72 6.94 0.06
N LEU B 267 -25.14 6.85 1.25
CA LEU B 267 -23.73 7.17 1.45
C LEU B 267 -22.82 5.96 1.42
N VAL B 268 -23.36 4.77 1.14
CA VAL B 268 -22.58 3.54 1.16
C VAL B 268 -22.00 3.27 -0.23
N ARG B 269 -20.77 2.77 -0.26
CA ARG B 269 -20.09 2.36 -1.48
C ARG B 269 -19.75 0.89 -1.51
N LYS B 270 -19.27 0.32 -0.40
CA LYS B 270 -18.93 -1.09 -0.32
C LYS B 270 -19.76 -1.76 0.76
N ILE B 271 -20.07 -3.04 0.54
CA ILE B 271 -20.81 -3.86 1.49
C ILE B 271 -20.05 -5.15 1.72
N LYS B 272 -20.19 -5.72 2.93
CA LYS B 272 -19.53 -6.97 3.28
C LYS B 272 -20.47 -7.84 4.09
N TYR B 273 -20.51 -9.13 3.76
CA TYR B 273 -21.33 -10.12 4.45
C TYR B 273 -20.45 -11.35 4.68
N HIS B 274 -19.84 -11.44 5.86
CA HIS B 274 -19.02 -12.58 6.23
C HIS B 274 -19.90 -13.68 6.84
N GLY B 275 -19.54 -14.92 6.55
CA GLY B 275 -20.30 -16.05 7.08
C GLY B 275 -21.54 -16.41 6.30
N ALA B 276 -21.68 -15.91 5.08
CA ALA B 276 -22.82 -16.26 4.25
C ALA B 276 -22.66 -17.67 3.70
N SER B 277 -23.75 -18.19 3.15
CA SER B 277 -23.71 -19.50 2.52
C SER B 277 -22.96 -19.41 1.19
N VAL B 278 -22.26 -20.50 0.85
CA VAL B 278 -21.58 -20.57 -0.44
C VAL B 278 -22.58 -20.55 -1.58
N GLN B 279 -23.83 -20.87 -1.31
CA GLN B 279 -24.93 -20.78 -2.27
C GLN B 279 -25.96 -19.76 -1.81
N GLU B 280 -25.49 -18.64 -1.26
CA GLU B 280 -26.39 -17.57 -0.82
C GLU B 280 -27.21 -17.07 -2.00
N GLU B 281 -28.51 -16.90 -1.75
CA GLU B 281 -29.43 -16.47 -2.82
C GLU B 281 -28.98 -15.15 -3.45
N LEU B 282 -28.33 -14.28 -2.67
CA LEU B 282 -27.88 -12.99 -3.19
C LEU B 282 -26.96 -13.16 -4.39
N ARG B 283 -26.15 -14.21 -4.41
CA ARG B 283 -25.21 -14.40 -5.52
C ARG B 283 -25.92 -14.56 -6.84
N TYR B 284 -27.11 -15.16 -6.83
CA TYR B 284 -27.87 -15.38 -8.06
C TYR B 284 -28.91 -14.30 -8.32
N LEU B 285 -29.17 -13.43 -7.33
CA LEU B 285 -30.00 -12.26 -7.58
C LEU B 285 -29.23 -11.19 -8.36
N VAL B 286 -27.92 -11.09 -8.13
CA VAL B 286 -27.12 -10.06 -8.76
C VAL B 286 -27.04 -10.31 -10.26
N ALA B 287 -27.24 -9.25 -11.05
CA ALA B 287 -27.18 -9.39 -12.50
C ALA B 287 -25.77 -9.65 -13.00
N ASN B 288 -24.76 -9.10 -12.33
CA ASN B 288 -23.36 -9.25 -12.71
C ASN B 288 -22.64 -10.02 -11.59
N HIS B 289 -22.59 -11.34 -11.72
CA HIS B 289 -21.95 -12.19 -10.72
C HIS B 289 -20.56 -11.73 -10.27
N PRO B 290 -19.64 -11.35 -11.16
CA PRO B 290 -18.29 -10.98 -10.68
C PRO B 290 -18.27 -9.73 -9.81
N SER B 291 -19.33 -8.92 -9.80
CA SER B 291 -19.35 -7.73 -8.96
C SER B 291 -19.44 -8.08 -7.47
N LEU B 292 -19.82 -9.30 -7.14
CA LEU B 292 -19.94 -9.77 -5.75
C LEU B 292 -18.82 -10.77 -5.50
N GLU B 293 -17.70 -10.29 -4.97
CA GLU B 293 -16.58 -11.17 -4.68
C GLU B 293 -16.97 -12.23 -3.67
N CYS B 294 -16.51 -13.46 -3.90
CA CYS B 294 -16.88 -14.61 -3.08
C CYS B 294 -15.62 -15.34 -2.66
N VAL B 295 -15.29 -15.27 -1.38
CA VAL B 295 -14.13 -15.96 -0.81
C VAL B 295 -14.65 -17.05 0.12
N VAL B 296 -14.22 -18.28 -0.13
CA VAL B 296 -14.72 -19.46 0.58
C VAL B 296 -13.67 -19.93 1.57
N SER B 297 -14.12 -20.33 2.75
CA SER B 297 -13.23 -20.81 3.81
C SER B 297 -14.01 -21.74 4.72
N ASP B 298 -13.29 -22.32 5.69
CA ASP B 298 -13.90 -23.25 6.63
C ASP B 298 -14.96 -22.56 7.49
N ALA B 299 -15.95 -23.34 7.90
CA ALA B 299 -16.96 -22.85 8.84
C ALA B 299 -17.04 -23.77 10.06
N ILE B 300 -17.76 -24.89 9.92
CA ILE B 300 -18.03 -25.80 11.03
C ILE B 300 -17.32 -27.12 10.76
N GLN B 301 -16.62 -27.61 11.77
CA GLN B 301 -16.05 -28.96 11.77
C GLN B 301 -17.00 -29.89 12.51
N VAL B 302 -17.18 -31.10 11.99
CA VAL B 302 -18.12 -32.08 12.53
C VAL B 302 -17.35 -33.26 13.09
N ARG B 303 -17.73 -33.70 14.29
CA ARG B 303 -17.20 -34.91 14.91
C ARG B 303 -18.37 -35.84 15.20
N LEU B 304 -18.49 -36.91 14.41
CA LEU B 304 -19.55 -37.89 14.64
C LEU B 304 -19.21 -38.74 15.85
N VAL B 305 -20.08 -38.67 16.87
CA VAL B 305 -19.86 -39.39 18.11
C VAL B 305 -20.66 -40.69 18.16
N ASP B 306 -21.87 -40.69 17.63
CA ASP B 306 -22.70 -41.88 17.51
C ASP B 306 -23.06 -42.05 16.04
N ILE B 307 -22.28 -42.89 15.35
CA ILE B 307 -22.44 -43.02 13.90
C ILE B 307 -23.80 -43.59 13.49
N PRO B 308 -24.27 -44.71 14.05
CA PRO B 308 -25.56 -45.25 13.58
C PRO B 308 -26.72 -44.28 13.72
N ARG B 309 -26.84 -43.59 14.85
CA ARG B 309 -27.94 -42.65 15.01
C ARG B 309 -27.76 -41.42 14.13
N ALA B 310 -26.54 -40.87 14.06
CA ALA B 310 -26.31 -39.67 13.27
C ALA B 310 -26.63 -39.91 11.80
N LEU B 311 -26.25 -41.07 11.27
CA LEU B 311 -26.55 -41.37 9.87
C LEU B 311 -28.04 -41.59 9.66
N ALA B 312 -28.75 -42.03 10.69
CA ALA B 312 -30.20 -42.25 10.60
C ALA B 312 -31.01 -41.00 10.87
N GLN B 313 -30.43 -39.99 11.51
CA GLN B 313 -31.18 -38.79 11.85
C GLN B 313 -31.39 -37.87 10.65
N ARG B 314 -30.48 -37.89 9.69
CA ARG B 314 -30.62 -37.04 8.51
C ARG B 314 -31.30 -37.81 7.37
N ARG B 315 -31.76 -37.05 6.39
CA ARG B 315 -32.32 -37.61 5.16
C ARG B 315 -31.34 -37.40 4.01
N TYR B 316 -31.54 -38.16 2.94
CA TYR B 316 -30.59 -38.21 1.84
C TYR B 316 -31.28 -37.81 0.53
N ALA B 317 -30.54 -37.09 -0.31
CA ALA B 317 -31.10 -36.54 -1.54
C ALA B 317 -31.57 -37.62 -2.51
N ALA B 318 -31.04 -38.83 -2.40
CA ALA B 318 -31.44 -39.92 -3.28
C ALA B 318 -31.30 -41.23 -2.52
N ASP B 319 -31.91 -42.28 -3.08
CA ASP B 319 -31.86 -43.59 -2.45
C ASP B 319 -30.43 -44.12 -2.40
N VAL B 320 -30.10 -44.80 -1.31
CA VAL B 320 -28.77 -45.34 -1.11
C VAL B 320 -28.86 -46.60 -0.26
N ASP B 321 -28.05 -47.59 -0.60
CA ASP B 321 -27.85 -48.80 0.20
C ASP B 321 -26.36 -49.12 0.11
N VAL B 322 -25.61 -48.71 1.12
CA VAL B 322 -24.15 -48.76 1.08
C VAL B 322 -23.63 -49.26 2.42
N VAL B 323 -22.50 -49.98 2.36
CA VAL B 323 -21.82 -50.50 3.52
C VAL B 323 -20.49 -49.77 3.65
N LEU B 324 -20.27 -49.12 4.78
CA LEU B 324 -19.12 -48.24 4.99
C LEU B 324 -18.15 -48.85 5.98
N GLU B 325 -16.90 -49.03 5.54
CA GLU B 325 -15.81 -49.45 6.42
C GLU B 325 -15.21 -48.19 7.03
N VAL B 326 -15.57 -47.92 8.29
CA VAL B 326 -15.21 -46.67 8.96
C VAL B 326 -14.07 -46.95 9.94
N THR B 327 -13.01 -46.15 9.85
CA THR B 327 -11.88 -46.22 10.77
C THR B 327 -11.86 -44.96 11.62
N ASP B 328 -11.92 -45.13 12.94
CA ASP B 328 -11.90 -44.03 13.90
C ASP B 328 -10.64 -44.17 14.74
N ASP B 329 -9.59 -43.44 14.36
CA ASP B 329 -8.31 -43.61 15.04
C ASP B 329 -8.35 -43.07 16.47
N PHE B 330 -8.95 -41.90 16.67
CA PHE B 330 -8.96 -41.30 18.00
C PHE B 330 -9.89 -42.05 18.95
N LEU B 331 -11.03 -42.51 18.45
CA LEU B 331 -12.00 -43.27 19.25
C LEU B 331 -12.17 -44.63 18.57
N PRO B 332 -11.23 -45.56 18.78
CA PRO B 332 -11.28 -46.85 18.08
C PRO B 332 -12.52 -47.67 18.39
N GLU B 333 -13.24 -47.35 19.47
CA GLU B 333 -14.48 -48.06 19.76
C GLU B 333 -15.52 -47.84 18.68
N ASN B 334 -15.40 -46.77 17.90
CA ASN B 334 -16.31 -46.50 16.79
C ASN B 334 -15.89 -47.18 15.50
N SER B 335 -14.67 -47.72 15.44
CA SER B 335 -14.22 -48.39 14.22
C SER B 335 -15.08 -49.61 13.97
N GLY B 336 -15.50 -49.79 12.72
CA GLY B 336 -16.38 -50.89 12.40
C GLY B 336 -17.05 -50.67 11.06
N ARG B 337 -17.97 -51.58 10.76
CA ARG B 337 -18.67 -51.63 9.48
C ARG B 337 -20.14 -51.26 9.68
N TYR B 338 -20.61 -50.30 8.89
CA TYR B 338 -21.96 -49.76 9.00
C TYR B 338 -22.69 -49.92 7.67
N ARG B 339 -23.90 -50.47 7.71
CA ARG B 339 -24.79 -50.50 6.55
C ARG B 339 -25.79 -49.35 6.65
N LEU B 340 -25.77 -48.47 5.65
CA LEU B 340 -26.65 -47.30 5.59
C LEU B 340 -27.72 -47.54 4.53
N ARG B 341 -28.99 -47.44 4.94
CA ARG B 341 -30.12 -47.51 4.03
C ARG B 341 -30.90 -46.22 4.18
N GLY B 342 -30.83 -45.34 3.19
CA GLY B 342 -31.41 -44.02 3.31
C GLY B 342 -32.01 -43.51 2.03
N GLY B 343 -32.87 -42.51 2.17
CA GLY B 343 -33.52 -41.87 1.06
C GLY B 343 -34.07 -40.52 1.48
N LEU B 344 -35.04 -40.02 0.70
CA LEU B 344 -35.62 -38.72 1.02
C LEU B 344 -36.53 -38.80 2.25
N ASP B 345 -37.11 -39.97 2.53
CA ASP B 345 -38.07 -40.11 3.62
C ASP B 345 -37.75 -41.28 4.55
N HIS B 346 -36.53 -41.80 4.53
CA HIS B 346 -36.17 -42.91 5.39
C HIS B 346 -34.67 -42.98 5.57
N ALA B 347 -34.24 -43.54 6.69
CA ALA B 347 -32.82 -43.70 6.99
C ALA B 347 -32.65 -44.69 8.12
N SER B 348 -31.72 -45.64 7.96
CA SER B 348 -31.40 -46.60 8.99
C SER B 348 -29.92 -46.97 8.88
N CYS B 349 -29.27 -47.17 10.03
CA CYS B 349 -27.85 -47.47 10.05
C CYS B 349 -27.54 -48.41 11.22
N GLU B 350 -26.85 -49.50 10.92
CA GLU B 350 -26.52 -50.52 11.93
C GLU B 350 -25.12 -51.05 11.65
N ILE B 351 -24.43 -51.46 12.72
CA ILE B 351 -23.18 -52.19 12.54
C ILE B 351 -23.50 -53.53 11.87
N THR B 352 -22.73 -53.88 10.84
CA THR B 352 -22.99 -55.08 10.07
C THR B 352 -21.69 -55.80 9.74
N THR B 353 -21.83 -57.05 9.31
CA THR B 353 -20.71 -57.86 8.85
C THR B 353 -20.79 -58.14 7.35
N ASP B 354 -21.77 -57.59 6.65
CA ASP B 354 -21.87 -57.73 5.21
C ASP B 354 -20.63 -57.16 4.54
N ASP B 355 -20.45 -57.49 3.26
CA ASP B 355 -19.28 -56.98 2.54
C ASP B 355 -19.32 -55.46 2.46
N ALA B 356 -18.15 -54.85 2.67
CA ALA B 356 -18.04 -53.39 2.69
C ALA B 356 -17.93 -52.83 1.28
N ASP B 357 -18.52 -51.66 1.06
CA ASP B 357 -18.48 -50.98 -0.23
C ASP B 357 -17.46 -49.86 -0.30
N ILE B 358 -17.24 -49.15 0.81
CA ILE B 358 -16.40 -47.96 0.85
C ILE B 358 -15.58 -47.97 2.12
N ALA B 359 -14.31 -47.58 2.01
CA ALA B 359 -13.41 -47.46 3.15
C ALA B 359 -13.05 -45.99 3.35
N LEU B 360 -13.21 -45.50 4.58
CA LEU B 360 -12.95 -44.10 4.89
C LEU B 360 -12.77 -43.94 6.38
N THR B 361 -12.16 -42.81 6.76
CA THR B 361 -11.97 -42.47 8.15
C THR B 361 -13.18 -41.70 8.69
N VAL B 362 -13.28 -41.63 10.02
CA VAL B 362 -14.41 -40.97 10.65
C VAL B 362 -14.41 -39.47 10.37
N ARG B 363 -13.23 -38.87 10.22
CA ARG B 363 -13.17 -37.44 9.93
C ARG B 363 -13.70 -37.15 8.53
N ASP B 364 -13.40 -38.02 7.57
CA ASP B 364 -13.94 -37.84 6.22
C ASP B 364 -15.43 -38.11 6.19
N LEU B 365 -15.91 -39.07 6.99
CA LEU B 365 -17.34 -39.30 7.09
C LEU B 365 -18.06 -38.08 7.65
N GLY B 366 -17.46 -37.42 8.63
CA GLY B 366 -18.01 -36.17 9.12
C GLY B 366 -17.97 -35.05 8.09
N SER B 367 -16.97 -35.07 7.22
CA SER B 367 -16.85 -34.03 6.20
C SER B 367 -18.02 -34.05 5.23
N VAL B 368 -18.47 -35.25 4.83
CA VAL B 368 -19.58 -35.39 3.90
C VAL B 368 -20.94 -35.45 4.60
N TYR B 369 -20.97 -35.34 5.93
CA TYR B 369 -22.20 -35.59 6.67
C TYR B 369 -23.26 -34.53 6.38
N MSE B 370 -22.87 -33.27 6.32
CA MSE B 370 -23.84 -32.19 6.16
C MSE B 370 -24.08 -31.84 4.69
O MSE B 370 -24.72 -30.85 4.38
CB MSE B 370 -23.38 -30.94 6.91
CG MSE B 370 -23.41 -31.09 8.42
SE MSE B 370 -25.20 -31.50 9.10
CE MSE B 370 -26.15 -29.95 8.39
N GLY B 371 -23.55 -32.68 3.79
CA GLY B 371 -23.76 -32.46 2.37
C GLY B 371 -23.01 -31.28 1.79
N GLY B 372 -21.90 -30.88 2.41
CA GLY B 372 -21.13 -29.75 1.92
C GLY B 372 -19.86 -30.17 1.22
N VAL B 373 -19.47 -31.43 1.37
CA VAL B 373 -18.27 -31.96 0.74
C VAL B 373 -18.65 -33.24 0.00
N SER B 374 -18.21 -33.37 -1.25
CA SER B 374 -18.55 -34.52 -2.07
C SER B 374 -17.66 -35.71 -1.70
N LEU B 375 -18.31 -36.85 -1.42
CA LEU B 375 -17.55 -38.08 -1.14
C LEU B 375 -16.80 -38.56 -2.38
N GLN B 376 -17.29 -38.24 -3.58
CA GLN B 376 -16.61 -38.64 -4.80
C GLN B 376 -15.28 -37.91 -4.94
N VAL B 377 -15.24 -36.61 -4.63
CA VAL B 377 -13.99 -35.86 -4.71
C VAL B 377 -13.00 -36.40 -3.68
N LEU B 378 -13.46 -36.70 -2.46
CA LEU B 378 -12.58 -37.26 -1.45
C LEU B 378 -12.02 -38.61 -1.89
N ALA B 379 -12.80 -39.38 -2.64
CA ALA B 379 -12.30 -40.65 -3.15
C ALA B 379 -11.31 -40.44 -4.29
N SER B 380 -11.63 -39.53 -5.22
CA SER B 380 -10.70 -39.22 -6.31
C SER B 380 -9.41 -38.64 -5.79
N ALA B 381 -9.44 -38.02 -4.60
CA ALA B 381 -8.24 -37.48 -3.98
C ALA B 381 -7.39 -38.53 -3.29
N GLY B 382 -7.90 -39.75 -3.14
CA GLY B 382 -7.18 -40.81 -2.47
C GLY B 382 -7.44 -40.93 -0.99
N LEU B 383 -8.26 -40.04 -0.41
CA LEU B 383 -8.54 -40.11 1.02
C LEU B 383 -9.60 -41.16 1.34
N VAL B 384 -10.49 -41.47 0.40
CA VAL B 384 -11.54 -42.46 0.57
C VAL B 384 -11.36 -43.53 -0.49
N THR B 385 -11.55 -44.79 -0.10
CA THR B 385 -11.30 -45.94 -0.97
C THR B 385 -12.61 -46.61 -1.33
N GLU B 386 -12.85 -46.80 -2.64
CA GLU B 386 -13.99 -47.56 -3.11
C GLU B 386 -13.64 -49.03 -3.19
N LEU B 387 -14.48 -49.87 -2.58
CA LEU B 387 -14.26 -51.31 -2.56
C LEU B 387 -15.10 -52.05 -3.59
N ARG B 388 -16.26 -51.51 -3.96
CA ARG B 388 -17.15 -52.10 -4.95
C ARG B 388 -17.56 -51.02 -5.94
N ALA B 389 -17.41 -51.32 -7.23
CA ALA B 389 -17.61 -50.31 -8.27
C ALA B 389 -19.02 -49.74 -8.23
N GLY B 390 -19.12 -48.43 -8.47
CA GLY B 390 -20.39 -47.74 -8.51
C GLY B 390 -20.93 -47.30 -7.17
N ALA B 391 -20.30 -47.70 -6.06
CA ALA B 391 -20.83 -47.37 -4.74
C ALA B 391 -20.59 -45.91 -4.39
N VAL B 392 -19.39 -45.38 -4.66
CA VAL B 392 -19.05 -44.02 -4.25
C VAL B 392 -19.94 -43.01 -4.97
N GLN B 393 -20.20 -43.20 -6.26
CA GLN B 393 -21.01 -42.25 -7.02
C GLN B 393 -22.40 -42.12 -6.42
N ARG B 394 -23.08 -43.23 -6.19
CA ARG B 394 -24.44 -43.18 -5.65
C ARG B 394 -24.45 -42.70 -4.20
N ALA B 395 -23.45 -43.10 -3.42
CA ALA B 395 -23.36 -42.64 -2.04
C ALA B 395 -23.11 -41.12 -1.98
N ALA B 396 -22.27 -40.61 -2.89
CA ALA B 396 -21.99 -39.18 -2.90
C ALA B 396 -23.23 -38.35 -3.18
N THR B 397 -24.07 -38.79 -4.13
CA THR B 397 -25.30 -38.07 -4.42
C THR B 397 -26.26 -38.11 -3.25
N ALA B 398 -26.38 -39.25 -2.59
CA ALA B 398 -27.28 -39.36 -1.45
C ALA B 398 -26.82 -38.51 -0.28
N PHE B 399 -25.53 -38.51 0.01
CA PHE B 399 -24.99 -37.69 1.09
C PHE B 399 -25.08 -36.20 0.76
N GLY B 400 -25.32 -35.83 -0.49
CA GLY B 400 -25.52 -34.45 -0.85
C GLY B 400 -26.91 -33.96 -0.47
N TRP B 401 -27.18 -32.71 -0.86
CA TRP B 401 -28.47 -32.08 -0.57
C TRP B 401 -28.64 -30.90 -1.50
N PRO B 402 -29.84 -30.64 -2.01
CA PRO B 402 -30.02 -29.49 -2.93
C PRO B 402 -29.70 -28.15 -2.30
N VAL B 403 -29.76 -28.04 -0.98
CA VAL B 403 -29.41 -26.81 -0.26
C VAL B 403 -28.11 -27.06 0.47
N ALA B 404 -27.11 -26.22 0.18
CA ALA B 404 -25.82 -26.35 0.85
C ALA B 404 -25.96 -26.00 2.33
N PRO B 405 -25.19 -26.66 3.20
CA PRO B 405 -25.24 -26.31 4.62
C PRO B 405 -24.67 -24.91 4.86
N SER B 406 -25.20 -24.27 5.90
CA SER B 406 -24.82 -22.90 6.24
C SER B 406 -24.28 -22.84 7.67
N ALA B 407 -23.51 -21.79 7.94
CA ALA B 407 -22.91 -21.62 9.25
C ALA B 407 -23.93 -21.03 10.22
N PRO B 408 -24.02 -21.55 11.43
CA PRO B 408 -24.92 -20.98 12.44
C PRO B 408 -24.30 -19.74 13.07
N ASP B 409 -25.01 -19.17 14.04
CA ASP B 409 -24.46 -18.05 14.79
C ASP B 409 -23.22 -18.48 15.56
N ASP B 410 -22.34 -17.51 15.81
CA ASP B 410 -21.02 -17.79 16.34
C ASP B 410 -21.10 -18.37 17.76
N PHE B 411 -20.19 -19.30 18.06
CA PHE B 411 -20.03 -19.81 19.41
C PHE B 411 -18.58 -20.30 19.60
N SER C 2 -48.36 4.16 8.50
CA SER C 2 -47.26 5.04 8.15
C SER C 2 -47.76 6.41 7.71
N GLU C 3 -48.16 7.23 8.67
CA GLU C 3 -48.63 8.58 8.42
C GLU C 3 -47.54 9.56 8.86
N LEU C 4 -47.10 10.41 7.94
CA LEU C 4 -46.02 11.34 8.18
C LEU C 4 -46.56 12.74 8.43
N THR C 5 -45.90 13.46 9.33
CA THR C 5 -46.28 14.82 9.68
C THR C 5 -45.07 15.73 9.56
N LEU C 6 -45.21 16.82 8.81
CA LEU C 6 -44.17 17.83 8.70
C LEU C 6 -44.34 18.85 9.81
N ARG C 7 -43.29 19.02 10.63
CA ARG C 7 -43.36 19.92 11.76
C ARG C 7 -41.94 20.33 12.15
N THR C 8 -41.85 21.30 13.05
CA THR C 8 -40.58 21.80 13.57
C THR C 8 -40.27 21.14 14.91
N ILE C 9 -39.05 21.38 15.39
CA ILE C 9 -38.65 20.85 16.69
C ILE C 9 -39.49 21.50 17.77
N ALA C 10 -40.02 20.67 18.68
CA ALA C 10 -40.94 21.15 19.70
C ALA C 10 -40.24 21.59 20.98
N ASP C 11 -39.24 20.83 21.43
CA ASP C 11 -38.56 21.13 22.69
C ASP C 11 -37.15 20.57 22.65
N GLU C 12 -36.46 20.62 23.78
CA GLU C 12 -35.08 20.17 23.84
C GLU C 12 -34.97 18.65 23.72
N ASP C 13 -35.93 17.92 24.29
CA ASP C 13 -35.94 16.48 24.14
C ASP C 13 -36.23 16.07 22.70
N ASP C 14 -37.11 16.81 22.02
CA ASP C 14 -37.33 16.59 20.59
C ASP C 14 -36.08 16.95 19.80
N TYR C 15 -35.33 17.95 20.25
CA TYR C 15 -34.10 18.35 19.57
C TYR C 15 -33.07 17.22 19.57
N GLU C 16 -32.97 16.49 20.68
CA GLU C 16 -32.02 15.38 20.75
C GLU C 16 -32.41 14.27 19.78
N SER C 17 -33.69 13.88 19.76
CA SER C 17 -34.14 12.86 18.81
C SER C 17 -34.01 13.34 17.38
N TYR C 18 -34.29 14.64 17.15
CA TYR C 18 -34.14 15.21 15.81
C TYR C 18 -32.71 15.06 15.31
N MSE C 19 -31.74 15.50 16.12
CA MSE C 19 -30.34 15.46 15.73
C MSE C 19 -29.81 14.03 15.64
O MSE C 19 -28.97 13.73 14.80
CB MSE C 19 -29.49 16.27 16.72
CG MSE C 19 -29.80 17.76 16.71
SE MSE C 19 -29.26 18.62 15.04
CE MSE C 19 -27.32 18.37 15.20
N ALA C 20 -30.30 13.17 16.53
CA ALA C 20 -29.86 11.77 16.53
C ALA C 20 -30.20 11.09 15.20
N SER C 21 -31.42 11.32 14.70
CA SER C 21 -31.81 10.71 13.44
C SER C 21 -30.96 11.23 12.29
N ALA C 22 -30.59 12.51 12.32
CA ALA C 22 -29.73 13.06 11.28
C ALA C 22 -28.35 12.39 11.30
N TYR C 23 -27.77 12.26 12.49
CA TYR C 23 -26.50 11.54 12.61
C TYR C 23 -26.63 10.10 12.17
N SER C 24 -27.75 9.45 12.48
CA SER C 24 -27.94 8.06 12.11
C SER C 24 -27.95 7.87 10.60
N VAL C 25 -28.60 8.78 9.86
CA VAL C 25 -28.60 8.69 8.41
C VAL C 25 -27.18 8.88 7.87
N PHE C 26 -26.38 9.71 8.52
CA PHE C 26 -24.98 9.86 8.18
C PHE C 26 -24.11 8.73 8.74
N LEU C 27 -24.74 7.69 9.30
CA LEU C 27 -24.04 6.49 9.77
C LEU C 27 -23.04 6.83 10.87
N ARG C 28 -23.42 7.76 11.73
CA ARG C 28 -22.57 8.22 12.83
C ARG C 28 -23.35 8.18 14.13
N ASP C 29 -22.67 7.83 15.22
CA ASP C 29 -23.27 7.98 16.53
C ASP C 29 -23.42 9.47 16.84
N PRO C 30 -24.47 9.85 17.57
CA PRO C 30 -24.68 11.26 17.91
C PRO C 30 -23.53 11.79 18.76
N GLN C 31 -22.88 12.84 18.27
CA GLN C 31 -21.77 13.47 18.97
C GLN C 31 -22.36 14.49 19.94
N LYS C 32 -22.38 14.15 21.22
CA LYS C 32 -23.06 14.99 22.21
C LYS C 32 -22.35 16.33 22.41
N ASP C 33 -21.01 16.36 22.28
CA ASP C 33 -20.31 17.64 22.43
C ASP C 33 -20.67 18.60 21.31
N GLU C 34 -20.78 18.09 20.07
CA GLU C 34 -21.19 18.93 18.95
C GLU C 34 -22.65 19.35 19.08
N ILE C 35 -23.51 18.42 19.46
CA ILE C 35 -24.94 18.72 19.55
C ILE C 35 -25.21 19.75 20.64
N GLU C 36 -24.45 19.68 21.74
CA GLU C 36 -24.69 20.61 22.85
C GLU C 36 -24.24 22.02 22.50
N VAL C 37 -23.07 22.15 21.86
CA VAL C 37 -22.55 23.48 21.57
C VAL C 37 -23.29 24.14 20.40
N ASN C 38 -23.80 23.35 19.46
CA ASN C 38 -24.53 23.91 18.32
C ASN C 38 -25.95 24.32 18.69
N ARG C 39 -26.48 23.82 19.81
CA ARG C 39 -27.81 24.24 20.26
C ARG C 39 -27.86 25.73 20.53
N LYS C 40 -26.75 26.32 20.99
CA LYS C 40 -26.76 27.72 21.40
C LYS C 40 -27.12 28.69 20.28
N PHE C 41 -26.90 28.30 19.02
CA PHE C 41 -27.31 29.13 17.89
C PHE C 41 -28.34 28.45 17.02
N THR C 42 -28.97 27.38 17.50
CA THR C 42 -30.01 26.68 16.77
C THR C 42 -31.37 27.30 17.08
N GLU C 43 -32.09 27.67 16.03
CA GLU C 43 -33.46 28.17 16.17
C GLU C 43 -34.42 27.03 15.86
N LEU C 44 -35.15 26.58 16.88
CA LEU C 44 -36.00 25.40 16.73
C LEU C 44 -37.06 25.59 15.65
N ASP C 45 -37.56 26.82 15.47
CA ASP C 45 -38.59 27.07 14.47
C ASP C 45 -38.06 27.00 13.05
N ARG C 46 -36.73 27.01 12.87
CA ARG C 46 -36.14 26.85 11.55
C ARG C 46 -35.74 25.40 11.26
N MSE C 47 -35.91 24.51 12.22
CA MSE C 47 -35.59 23.09 12.03
C MSE C 47 -36.84 22.28 11.74
O MSE C 47 -37.56 21.90 12.66
CB MSE C 47 -34.88 22.53 13.25
CG MSE C 47 -33.75 23.39 13.78
SE MSE C 47 -32.29 23.58 12.50
CE MSE C 47 -32.00 25.49 12.67
N ILE C 48 -37.11 22.03 10.47
CA ILE C 48 -38.30 21.30 10.07
C ILE C 48 -37.93 19.85 9.79
N GLY C 49 -38.93 19.02 9.56
CA GLY C 49 -38.70 17.61 9.28
C GLY C 49 -39.98 16.83 9.36
N PHE C 50 -39.87 15.55 9.00
CA PHE C 50 -41.00 14.62 9.00
C PHE C 50 -40.88 13.66 10.18
N HIS C 51 -42.02 13.40 10.82
CA HIS C 51 -42.10 12.54 11.99
C HIS C 51 -43.26 11.58 11.79
N ASP C 52 -43.00 10.28 11.94
CA ASP C 52 -44.00 9.25 11.70
C ASP C 52 -44.79 8.89 12.96
N GLY C 53 -44.80 9.76 13.96
CA GLY C 53 -45.45 9.49 15.22
C GLY C 53 -44.57 8.82 16.25
N LYS C 54 -43.46 8.23 15.83
CA LYS C 54 -42.52 7.55 16.71
C LYS C 54 -41.11 8.11 16.64
N LYS C 55 -40.66 8.51 15.45
CA LYS C 55 -39.31 9.02 15.27
C LYS C 55 -39.28 9.96 14.08
N TRP C 56 -38.24 10.80 14.05
CA TRP C 56 -38.00 11.64 12.88
C TRP C 56 -37.47 10.80 11.73
N VAL C 57 -38.12 10.91 10.57
CA VAL C 57 -37.70 10.18 9.37
C VAL C 57 -37.12 11.11 8.31
N ALA C 58 -37.11 12.41 8.54
CA ALA C 58 -36.53 13.37 7.61
C ALA C 58 -36.27 14.67 8.35
N THR C 59 -35.20 15.36 7.96
CA THR C 59 -34.80 16.60 8.62
C THR C 59 -34.31 17.61 7.58
N THR C 60 -34.45 18.88 7.93
CA THR C 60 -33.94 20.00 7.13
C THR C 60 -33.98 21.28 7.95
N GLY C 61 -32.82 21.94 8.10
CA GLY C 61 -32.74 23.12 8.94
C GLY C 61 -31.91 24.21 8.27
N ALA C 62 -31.86 25.37 8.94
CA ALA C 62 -31.09 26.50 8.45
C ALA C 62 -30.74 27.41 9.63
N PHE C 63 -29.49 27.85 9.66
CA PHE C 63 -29.03 28.82 10.66
C PHE C 63 -29.11 30.23 10.10
N SER C 64 -29.57 31.17 10.92
CA SER C 64 -29.61 32.58 10.55
C SER C 64 -28.19 33.15 10.69
N ARG C 65 -27.53 33.34 9.56
CA ARG C 65 -26.16 33.85 9.53
C ARG C 65 -26.08 35.04 8.59
N HIS C 66 -24.87 35.58 8.46
CA HIS C 66 -24.60 36.72 7.58
C HIS C 66 -23.30 36.46 6.85
N VAL C 67 -23.31 36.66 5.53
CA VAL C 67 -22.19 36.30 4.68
C VAL C 67 -21.65 37.55 4.00
N VAL C 68 -20.34 37.58 3.80
CA VAL C 68 -19.69 38.68 3.09
C VAL C 68 -19.84 38.47 1.59
N LEU C 69 -20.26 39.51 0.89
CA LEU C 69 -20.41 39.50 -0.55
C LEU C 69 -19.24 40.21 -1.21
N PRO C 70 -19.02 39.99 -2.50
CA PRO C 70 -18.03 40.81 -3.22
C PRO C 70 -18.34 42.28 -3.11
N GLY C 71 -17.40 43.03 -2.52
CA GLY C 71 -17.58 44.43 -2.21
C GLY C 71 -17.58 44.75 -0.74
N GLY C 72 -17.74 43.75 0.12
CA GLY C 72 -17.66 43.93 1.55
C GLY C 72 -18.99 43.98 2.28
N ALA C 73 -20.11 43.98 1.57
CA ALA C 73 -21.40 44.01 2.24
C ALA C 73 -21.67 42.67 2.92
N VAL C 74 -22.17 42.74 4.14
CA VAL C 74 -22.52 41.57 4.93
C VAL C 74 -24.04 41.50 5.00
N VAL C 75 -24.62 40.49 4.36
CA VAL C 75 -26.07 40.38 4.23
C VAL C 75 -26.56 39.12 4.91
N PRO C 76 -27.81 39.06 5.39
CA PRO C 76 -28.31 37.82 6.00
C PRO C 76 -28.46 36.72 4.96
N VAL C 77 -28.16 35.49 5.39
CA VAL C 77 -28.20 34.32 4.52
C VAL C 77 -28.69 33.13 5.33
N ALA C 78 -29.48 32.27 4.68
CA ALA C 78 -29.93 31.02 5.30
C ALA C 78 -28.84 29.97 5.13
N ALA C 79 -28.18 29.60 6.23
CA ALA C 79 -27.16 28.56 6.22
C ALA C 79 -27.84 27.21 6.38
N VAL C 80 -28.15 26.57 5.26
CA VAL C 80 -28.91 25.31 5.28
C VAL C 80 -28.07 24.20 5.88
N THR C 81 -28.70 23.36 6.70
CA THR C 81 -27.99 22.32 7.43
C THR C 81 -28.94 21.17 7.74
N ALA C 82 -28.34 20.05 8.16
CA ALA C 82 -29.08 18.90 8.68
C ALA C 82 -30.15 18.41 7.72
N VAL C 83 -29.77 18.24 6.46
CA VAL C 83 -30.66 17.73 5.44
C VAL C 83 -30.49 16.21 5.37
N THR C 84 -31.48 15.47 5.84
CA THR C 84 -31.45 14.01 5.83
C THR C 84 -32.83 13.46 5.51
N VAL C 85 -32.84 12.29 4.90
CA VAL C 85 -34.02 11.46 4.73
C VAL C 85 -33.65 10.04 5.10
N SER C 86 -34.41 9.44 6.03
CA SER C 86 -34.10 8.09 6.47
C SER C 86 -34.17 7.12 5.28
N PRO C 87 -33.29 6.12 5.24
CA PRO C 87 -33.26 5.22 4.07
C PRO C 87 -34.52 4.41 3.90
N THR C 88 -35.31 4.24 4.95
CA THR C 88 -36.59 3.54 4.84
C THR C 88 -37.67 4.40 4.21
N HIS C 89 -37.45 5.70 4.09
CA HIS C 89 -38.43 6.60 3.49
C HIS C 89 -37.86 7.41 2.33
N ARG C 90 -36.78 6.97 1.71
CA ARG C 90 -36.17 7.75 0.63
C ARG C 90 -36.92 7.56 -0.69
N ARG C 91 -36.66 8.48 -1.61
CA ARG C 91 -37.22 8.48 -2.96
C ARG C 91 -38.75 8.50 -2.97
N ARG C 92 -39.33 9.24 -2.00
CA ARG C 92 -40.77 9.45 -1.92
C ARG C 92 -41.12 10.93 -1.91
N GLY C 93 -40.18 11.81 -2.22
CA GLY C 93 -40.45 13.23 -2.30
C GLY C 93 -40.34 14.00 -1.01
N LEU C 94 -39.83 13.39 0.06
CA LEU C 94 -39.77 14.08 1.34
C LEU C 94 -38.79 15.26 1.28
N LEU C 95 -37.64 15.07 0.62
CA LEU C 95 -36.71 16.18 0.47
C LEU C 95 -37.32 17.28 -0.38
N THR C 96 -37.96 16.91 -1.49
CA THR C 96 -38.56 17.92 -2.37
C THR C 96 -39.59 18.76 -1.63
N THR C 97 -40.38 18.14 -0.75
CA THR C 97 -41.36 18.89 0.02
C THR C 97 -40.68 19.83 1.02
N MSE C 98 -39.64 19.34 1.70
CA MSE C 98 -38.92 20.14 2.67
C MSE C 98 -38.22 21.33 2.01
O MSE C 98 -38.05 22.39 2.63
CB MSE C 98 -37.90 19.29 3.44
CG MSE C 98 -38.54 18.29 4.40
SE MSE C 98 -37.24 17.39 5.55
CE MSE C 98 -36.26 16.39 4.18
N MSE C 99 -37.82 21.15 0.76
CA MSE C 99 -37.18 22.23 0.01
C MSE C 99 -38.17 23.35 -0.29
O MSE C 99 -37.83 24.53 -0.17
CB MSE C 99 -36.57 21.70 -1.29
CG MSE C 99 -35.40 20.74 -1.11
SE MSE C 99 -33.75 21.56 -0.45
CE MSE C 99 -34.05 21.40 1.47
N ARG C 100 -39.39 22.98 -0.70
CA ARG C 100 -40.42 23.98 -0.96
C ARG C 100 -40.78 24.74 0.30
N HIS C 101 -40.90 24.02 1.43
CA HIS C 101 -41.24 24.68 2.69
C HIS C 101 -40.10 25.57 3.16
N GLN C 102 -38.86 25.12 3.03
CA GLN C 102 -37.73 25.90 3.50
C GLN C 102 -37.52 27.15 2.64
N LEU C 103 -37.48 26.97 1.31
CA LEU C 103 -37.27 28.11 0.42
C LEU C 103 -38.39 29.14 0.56
N ALA C 104 -39.62 28.68 0.78
CA ALA C 104 -40.71 29.61 1.06
C ALA C 104 -40.49 30.32 2.39
N ASP C 105 -40.00 29.59 3.40
CA ASP C 105 -39.69 30.20 4.69
C ASP C 105 -38.52 31.17 4.56
N ILE C 106 -37.54 30.84 3.71
CA ILE C 106 -36.42 31.76 3.48
C ILE C 106 -36.91 33.05 2.85
N ARG C 107 -37.83 32.94 1.89
CA ARG C 107 -38.38 34.15 1.26
C ARG C 107 -39.17 34.98 2.27
N SER C 108 -39.91 34.31 3.16
CA SER C 108 -40.73 35.02 4.15
C SER C 108 -39.87 35.78 5.15
N ARG C 109 -38.66 35.31 5.41
CA ARG C 109 -37.77 35.95 6.38
C ARG C 109 -36.92 37.06 5.75
N GLY C 110 -37.13 37.37 4.48
CA GLY C 110 -36.35 38.43 3.84
C GLY C 110 -34.93 38.07 3.50
N GLU C 111 -34.57 36.79 3.53
CA GLU C 111 -33.23 36.36 3.16
C GLU C 111 -33.16 36.18 1.64
N SER C 112 -32.24 36.90 1.00
CA SER C 112 -32.18 36.90 -0.46
C SER C 112 -31.49 35.66 -1.03
N LEU C 113 -30.76 34.90 -0.21
CA LEU C 113 -30.03 33.76 -0.74
C LEU C 113 -29.89 32.70 0.35
N ALA C 114 -29.57 31.48 -0.08
CA ALA C 114 -29.27 30.38 0.82
C ALA C 114 -27.93 29.77 0.42
N MSE C 115 -27.18 29.33 1.42
CA MSE C 115 -25.89 28.69 1.18
C MSE C 115 -25.83 27.34 1.89
O MSE C 115 -26.53 27.13 2.88
CB MSE C 115 -24.74 29.59 1.63
CG MSE C 115 -24.48 30.74 0.67
SE MSE C 115 -23.14 31.99 1.31
CE MSE C 115 -22.79 32.94 -0.36
N LEU C 116 -24.98 26.44 1.38
CA LEU C 116 -25.05 25.05 1.82
C LEU C 116 -23.75 24.34 1.45
N PHE C 117 -23.30 23.47 2.34
CA PHE C 117 -22.16 22.59 2.07
C PHE C 117 -22.70 21.28 1.49
N ALA C 118 -22.30 20.98 0.26
CA ALA C 118 -22.85 19.82 -0.43
C ALA C 118 -22.08 18.56 -0.04
N SER C 119 -22.78 17.61 0.57
CA SER C 119 -22.21 16.27 0.74
C SER C 119 -22.13 15.55 -0.60
N GLU C 120 -23.26 15.51 -1.32
CA GLU C 120 -23.31 15.06 -2.71
C GLU C 120 -23.86 16.21 -3.54
N ALA C 121 -23.01 16.73 -4.45
CA ALA C 121 -23.33 17.98 -5.13
C ALA C 121 -24.53 17.84 -6.06
N LEU C 122 -24.68 16.68 -6.71
CA LEU C 122 -25.74 16.50 -7.71
C LEU C 122 -27.14 16.53 -7.10
N ILE C 123 -27.26 16.57 -5.77
CA ILE C 123 -28.57 16.52 -5.15
C ILE C 123 -29.35 17.80 -5.40
N TYR C 124 -28.73 18.96 -5.11
CA TYR C 124 -29.49 20.20 -4.94
C TYR C 124 -29.57 21.04 -6.20
N GLY C 125 -28.88 20.65 -7.28
CA GLY C 125 -28.99 21.40 -8.53
C GLY C 125 -30.41 21.50 -9.04
N ARG C 126 -31.22 20.47 -8.82
CA ARG C 126 -32.61 20.47 -9.26
C ARG C 126 -33.45 21.51 -8.53
N PHE C 127 -33.04 21.93 -7.34
CA PHE C 127 -33.79 22.90 -6.54
C PHE C 127 -33.33 24.34 -6.77
N GLY C 128 -32.38 24.55 -7.68
CA GLY C 128 -31.84 25.87 -7.94
C GLY C 128 -30.49 26.15 -7.33
N TYR C 129 -29.92 25.20 -6.60
CA TYR C 129 -28.60 25.39 -6.02
C TYR C 129 -27.52 25.23 -7.08
N GLY C 130 -26.48 26.04 -6.99
CA GLY C 130 -25.33 25.92 -7.87
C GLY C 130 -24.02 26.09 -7.13
N VAL C 131 -23.03 25.25 -7.43
CA VAL C 131 -21.74 25.36 -6.78
C VAL C 131 -21.09 26.69 -7.18
N ALA C 132 -20.88 27.56 -6.20
CA ALA C 132 -20.33 28.89 -6.45
C ALA C 132 -18.97 29.13 -5.83
N THR C 133 -18.56 28.34 -4.85
CA THR C 133 -17.29 28.53 -4.18
C THR C 133 -16.59 27.19 -4.06
N GLU C 134 -15.28 27.19 -4.32
CA GLU C 134 -14.44 26.02 -4.15
C GLU C 134 -13.44 26.24 -3.04
N SER C 135 -12.91 25.15 -2.51
CA SER C 135 -11.86 25.18 -1.50
C SER C 135 -10.75 24.23 -1.93
N ALA C 136 -9.55 24.50 -1.46
CA ALA C 136 -8.36 23.74 -1.84
C ALA C 136 -7.74 23.12 -0.60
N GLU C 137 -7.40 21.84 -0.69
CA GLU C 137 -6.64 21.16 0.34
C GLU C 137 -5.16 21.31 0.03
N LEU C 138 -4.45 22.07 0.86
CA LEU C 138 -3.02 22.32 0.68
C LEU C 138 -2.23 21.39 1.60
N SER C 139 -1.21 20.75 1.04
CA SER C 139 -0.41 19.81 1.81
C SER C 139 0.97 19.70 1.18
N GLY C 140 1.91 19.18 1.95
CA GLY C 140 3.26 18.97 1.47
C GLY C 140 4.22 18.78 2.63
N GLN C 141 5.47 18.54 2.25
CA GLN C 141 6.55 18.38 3.23
C GLN C 141 7.00 19.74 3.72
N VAL C 142 7.02 19.93 5.04
CA VAL C 142 7.31 21.24 5.62
C VAL C 142 8.72 21.70 5.26
N ARG C 143 9.65 20.75 5.08
CA ARG C 143 11.02 21.11 4.73
C ARG C 143 11.19 21.53 3.28
N GLU C 144 10.13 21.43 2.47
CA GLU C 144 10.16 21.88 1.09
C GLU C 144 9.36 23.16 0.88
N LEU C 145 8.86 23.77 1.95
CA LEU C 145 7.94 24.91 1.85
C LEU C 145 8.59 26.21 2.32
N ALA C 146 9.84 26.44 1.93
CA ALA C 146 10.47 27.72 2.21
C ALA C 146 9.81 28.82 1.39
N PHE C 147 9.87 30.04 1.92
CA PHE C 147 9.24 31.19 1.28
C PHE C 147 10.21 31.86 0.30
N ARG C 148 9.65 32.69 -0.57
CA ARG C 148 10.47 33.50 -1.45
C ARG C 148 11.35 34.43 -0.62
N PRO C 149 12.54 34.77 -1.11
CA PRO C 149 13.47 35.58 -0.29
C PRO C 149 12.95 36.97 0.01
N THR C 150 11.98 37.49 -0.75
CA THR C 150 11.45 38.82 -0.54
C THR C 150 10.27 38.85 0.42
N VAL C 151 9.94 37.73 1.04
CA VAL C 151 8.82 37.67 1.97
C VAL C 151 9.25 38.24 3.31
N ASP C 152 8.58 39.31 3.75
CA ASP C 152 8.90 39.97 5.01
C ASP C 152 8.09 39.34 6.13
N LEU C 153 8.79 38.78 7.12
CA LEU C 153 8.14 38.15 8.27
C LEU C 153 7.86 39.13 9.40
N GLY C 154 8.43 40.32 9.36
CA GLY C 154 8.21 41.29 10.41
C GLY C 154 8.93 40.94 11.70
N ASP C 155 8.67 41.74 12.73
CA ASP C 155 9.27 41.57 14.03
C ASP C 155 8.28 41.06 15.07
N GLY C 156 7.18 40.45 14.63
CA GLY C 156 6.17 40.00 15.54
C GLY C 156 6.59 38.77 16.33
N THR C 157 5.79 38.47 17.35
CA THR C 157 6.02 37.31 18.21
C THR C 157 4.76 36.47 18.29
N LEU C 158 4.94 35.19 18.59
CA LEU C 158 3.86 34.22 18.62
C LEU C 158 3.79 33.57 19.99
N GLU C 159 2.56 33.25 20.41
CA GLU C 159 2.31 32.58 21.68
C GLU C 159 1.25 31.51 21.50
N GLU C 160 1.50 30.33 22.06
CA GLU C 160 0.46 29.31 22.18
C GLU C 160 -0.36 29.59 23.42
N VAL C 161 -1.68 29.69 23.25
CA VAL C 161 -2.57 30.18 24.29
C VAL C 161 -3.74 29.22 24.44
N SER C 162 -4.48 29.40 25.53
CA SER C 162 -5.66 28.61 25.77
C SER C 162 -6.80 29.06 24.88
N ALA C 163 -7.84 28.22 24.78
CA ALA C 163 -9.00 28.59 23.98
C ALA C 163 -9.61 29.90 24.47
N GLU C 164 -9.63 30.12 25.78
CA GLU C 164 -10.22 31.33 26.34
C GLU C 164 -9.44 32.57 25.94
N THR C 165 -8.11 32.53 26.08
CA THR C 165 -7.28 33.64 25.63
C THR C 165 -7.40 33.84 24.12
N PHE C 166 -7.47 32.75 23.37
CA PHE C 166 -7.67 32.83 21.92
C PHE C 166 -8.98 33.53 21.59
N LEU C 167 -10.06 33.17 22.28
CA LEU C 167 -11.37 33.73 22.00
C LEU C 167 -11.51 35.18 22.45
N ALA C 168 -10.58 35.70 23.25
CA ALA C 168 -10.62 37.09 23.68
C ALA C 168 -9.89 38.03 22.72
N SER C 169 -9.28 37.49 21.67
CA SER C 169 -8.52 38.31 20.72
C SER C 169 -8.74 37.96 19.26
N ALA C 170 -8.97 36.70 18.91
CA ALA C 170 -9.16 36.27 17.53
C ALA C 170 -10.42 36.83 16.88
N PRO C 171 -11.57 36.91 17.58
CA PRO C 171 -12.76 37.48 16.93
C PRO C 171 -12.56 38.89 16.39
N ALA C 172 -11.81 39.73 17.10
CA ALA C 172 -11.53 41.08 16.60
C ALA C 172 -10.68 41.02 15.33
N ILE C 173 -9.74 40.09 15.28
CA ILE C 173 -8.92 39.92 14.07
C ILE C 173 -9.77 39.40 12.92
N TYR C 174 -10.66 38.43 13.21
CA TYR C 174 -11.52 37.88 12.16
C TYR C 174 -12.44 38.94 11.57
N ASP C 175 -13.08 39.74 12.44
CA ASP C 175 -14.04 40.74 11.96
C ASP C 175 -13.39 41.79 11.07
N ALA C 176 -12.08 42.03 11.24
CA ALA C 176 -11.41 43.10 10.51
C ALA C 176 -11.06 42.71 9.08
N VAL C 177 -10.88 41.42 8.81
CA VAL C 177 -10.32 40.99 7.53
C VAL C 177 -11.40 40.47 6.58
N ILE C 178 -12.49 39.94 7.12
CA ILE C 178 -13.49 39.26 6.30
C ILE C 178 -14.26 40.18 5.35
N PRO C 179 -14.33 41.51 5.54
CA PRO C 179 -14.93 42.34 4.48
C PRO C 179 -14.25 42.18 3.14
N GLY C 180 -12.96 41.85 3.10
CA GLY C 180 -12.25 41.60 1.86
C GLY C 180 -12.15 40.16 1.44
N LEU C 181 -12.83 39.24 2.15
CA LEU C 181 -12.80 37.82 1.84
C LEU C 181 -14.23 37.36 1.60
N PRO C 182 -14.75 37.50 0.38
CA PRO C 182 -16.14 37.08 0.11
C PRO C 182 -16.33 35.60 0.39
N GLY C 183 -17.50 35.27 0.93
CA GLY C 183 -17.83 33.93 1.34
C GLY C 183 -17.69 33.68 2.83
N GLN C 184 -16.87 34.47 3.51
CA GLN C 184 -16.74 34.34 4.96
C GLN C 184 -17.99 34.82 5.65
N MSE C 185 -18.35 34.13 6.74
CA MSE C 185 -19.55 34.47 7.49
C MSE C 185 -19.22 35.07 8.85
O MSE C 185 -18.20 34.72 9.45
CB MSE C 185 -20.44 33.24 7.67
CG MSE C 185 -21.08 32.74 6.38
SE MSE C 185 -22.09 31.09 6.62
CE MSE C 185 -22.98 31.01 4.88
N SER C 186 -20.07 35.98 9.31
CA SER C 186 -19.89 36.56 10.64
C SER C 186 -19.96 35.47 11.71
N ARG C 187 -19.16 35.64 12.75
CA ARG C 187 -19.03 34.65 13.82
C ARG C 187 -19.41 35.28 15.16
N THR C 188 -20.55 34.89 15.69
CA THR C 188 -20.95 35.27 17.04
C THR C 188 -20.14 34.46 18.04
N PRO C 189 -20.19 34.82 19.33
CA PRO C 189 -19.55 33.97 20.35
C PRO C 189 -20.02 32.52 20.32
N GLU C 190 -21.31 32.29 20.06
CA GLU C 190 -21.82 30.92 20.00
C GLU C 190 -21.20 30.15 18.83
N TRP C 191 -20.99 30.83 17.70
CA TRP C 191 -20.39 30.15 16.55
C TRP C 191 -18.90 29.90 16.77
N TRP C 192 -18.22 30.83 17.43
CA TRP C 192 -16.82 30.60 17.79
C TRP C 192 -16.67 29.39 18.71
N ALA C 193 -17.64 29.18 19.60
CA ALA C 193 -17.55 28.05 20.52
C ALA C 193 -17.59 26.72 19.76
N SER C 194 -18.45 26.62 18.74
CA SER C 194 -18.51 25.40 17.95
C SER C 194 -17.29 25.28 17.04
N TRP C 195 -16.84 26.41 16.48
CA TRP C 195 -15.71 26.39 15.56
C TRP C 195 -14.41 25.99 16.26
N THR C 196 -14.26 26.36 17.53
CA THR C 196 -13.06 26.02 18.30
C THR C 196 -13.29 24.84 19.23
N LEU C 197 -14.42 24.15 19.11
CA LEU C 197 -14.69 23.00 19.96
C LEU C 197 -13.64 21.91 19.73
N ASP C 198 -13.07 21.41 20.83
CA ASP C 198 -12.14 20.30 20.79
C ASP C 198 -12.93 19.00 20.72
N SER C 199 -13.64 18.83 19.61
CA SER C 199 -14.53 17.69 19.44
C SER C 199 -13.76 16.38 19.51
N GLU C 200 -14.41 15.36 20.08
CA GLU C 200 -13.76 14.06 20.25
C GLU C 200 -13.53 13.37 18.90
N GLU C 201 -14.40 13.62 17.92
CA GLU C 201 -14.25 12.95 16.63
C GLU C 201 -12.97 13.38 15.92
N LEU C 202 -12.64 14.67 15.99
CA LEU C 202 -11.41 15.16 15.39
C LEU C 202 -10.17 14.83 16.22
N GLN C 203 -10.33 14.61 17.53
CA GLN C 203 -9.20 14.20 18.35
C GLN C 203 -8.67 12.82 17.96
N LYS C 204 -9.56 11.91 17.53
CA LYS C 204 -9.10 10.60 17.10
C LYS C 204 -8.29 10.68 15.81
N GLU C 205 -8.69 11.55 14.89
CA GLU C 205 -7.98 11.66 13.62
C GLU C 205 -6.64 12.36 13.76
N SER C 206 -6.47 13.20 14.78
CA SER C 206 -5.23 13.93 14.96
C SER C 206 -4.90 14.13 16.43
N GLY C 207 -5.41 15.18 17.04
CA GLY C 207 -5.12 15.44 18.43
C GLY C 207 -5.93 16.61 18.95
N LYS C 208 -5.57 17.05 20.15
CA LYS C 208 -6.26 18.17 20.77
C LYS C 208 -5.97 19.46 20.02
N VAL C 209 -6.97 20.35 19.99
CA VAL C 209 -6.84 21.60 19.27
C VAL C 209 -5.83 22.51 19.97
N ARG C 210 -5.05 23.24 19.19
CA ARG C 210 -4.12 24.23 19.71
C ARG C 210 -4.42 25.58 19.08
N PHE C 211 -4.02 26.63 19.77
CA PHE C 211 -4.31 28.00 19.35
C PHE C 211 -3.04 28.85 19.41
N VAL C 212 -2.85 29.68 18.39
CA VAL C 212 -1.68 30.53 18.27
C VAL C 212 -2.15 31.96 18.04
N LEU C 213 -1.44 32.92 18.65
CA LEU C 213 -1.69 34.34 18.45
C LEU C 213 -0.40 35.03 18.04
N HIS C 214 -0.50 35.91 17.04
CA HIS C 214 0.63 36.70 16.59
C HIS C 214 0.48 38.12 17.11
N TYR C 215 1.50 38.61 17.82
CA TYR C 215 1.50 39.95 18.38
C TYR C 215 2.49 40.81 17.63
N GLU C 216 2.08 42.04 17.32
CA GLU C 216 3.00 43.01 16.75
C GLU C 216 4.03 43.45 17.78
N SER C 217 4.98 44.28 17.34
CA SER C 217 6.03 44.76 18.24
C SER C 217 5.45 45.57 19.40
N ASP C 218 4.29 46.20 19.19
CA ASP C 218 3.66 47.01 20.23
C ASP C 218 2.71 46.20 21.11
N GLY C 219 2.62 44.89 20.90
CA GLY C 219 1.74 44.03 21.67
C GLY C 219 0.37 43.81 21.07
N THR C 220 0.06 44.44 19.95
CA THR C 220 -1.25 44.27 19.32
C THR C 220 -1.31 42.92 18.61
N ALA C 221 -2.30 42.11 18.98
CA ALA C 221 -2.53 40.83 18.32
C ALA C 221 -3.00 41.07 16.89
N SER C 222 -2.28 40.51 15.92
CA SER C 222 -2.57 40.74 14.51
C SER C 222 -2.82 39.47 13.71
N GLY C 223 -2.68 38.30 14.31
CA GLY C 223 -2.94 37.06 13.61
C GLY C 223 -3.23 35.92 14.56
N PHE C 224 -3.79 34.84 14.01
CA PHE C 224 -4.09 33.66 14.81
C PHE C 224 -4.05 32.42 13.93
N ALA C 225 -4.06 31.26 14.58
CA ALA C 225 -4.02 29.98 13.89
C ALA C 225 -4.69 28.91 14.74
N ILE C 226 -5.38 27.98 14.08
CA ILE C 226 -6.01 26.84 14.73
C ILE C 226 -5.52 25.58 14.03
N TYR C 227 -4.90 24.67 14.78
CA TYR C 227 -4.36 23.46 14.18
C TYR C 227 -4.39 22.32 15.19
N ARG C 228 -4.19 21.10 14.69
CA ARG C 228 -4.14 19.90 15.50
C ARG C 228 -2.92 19.08 15.10
N PRO C 229 -2.16 18.55 16.06
CA PRO C 229 -1.02 17.69 15.71
C PRO C 229 -1.43 16.23 15.61
N LYS C 230 -0.72 15.51 14.75
CA LYS C 230 -0.90 14.07 14.57
C LYS C 230 0.48 13.40 14.63
N PRO C 231 0.90 12.91 15.80
CA PRO C 231 2.22 12.29 15.98
C PRO C 231 2.38 10.99 15.22
N ASN C 239 7.77 11.84 11.60
CA ASN C 239 6.92 12.10 10.45
C ASN C 239 5.50 12.45 10.88
N ALA C 240 5.40 13.34 11.86
CA ALA C 240 4.12 13.80 12.37
C ALA C 240 3.47 14.78 11.41
N GLU C 241 2.15 14.83 11.43
CA GLU C 241 1.36 15.71 10.59
C GLU C 241 0.78 16.85 11.41
N LEU C 242 0.59 18.00 10.76
CA LEU C 242 -0.15 19.12 11.32
C LEU C 242 -1.38 19.36 10.46
N HIS C 243 -2.55 19.22 11.07
CA HIS C 243 -3.82 19.47 10.39
C HIS C 243 -4.26 20.89 10.76
N VAL C 244 -4.05 21.82 9.84
CA VAL C 244 -4.35 23.23 10.07
C VAL C 244 -5.83 23.48 9.80
N GLN C 245 -6.50 24.11 10.76
CA GLN C 245 -7.91 24.43 10.59
C GLN C 245 -8.13 25.82 10.01
N GLU C 246 -7.35 26.81 10.43
CA GLU C 246 -7.54 28.18 9.96
C GLU C 246 -6.31 29.01 10.35
N VAL C 247 -5.88 29.87 9.44
CA VAL C 247 -4.81 30.84 9.69
C VAL C 247 -5.23 32.18 9.10
N LEU C 248 -5.09 33.25 9.89
CA LEU C 248 -5.49 34.57 9.43
C LEU C 248 -4.58 35.63 10.05
N GLY C 249 -4.44 36.74 9.34
CA GLY C 249 -3.68 37.87 9.83
C GLY C 249 -4.21 39.15 9.21
N THR C 250 -3.97 40.25 9.92
CA THR C 250 -4.45 41.56 9.47
C THR C 250 -3.45 42.27 8.55
N ASN C 251 -2.27 41.72 8.36
CA ASN C 251 -1.27 42.29 7.46
C ASN C 251 -0.43 41.17 6.90
N PRO C 252 0.24 41.38 5.77
CA PRO C 252 1.02 40.28 5.16
C PRO C 252 2.13 39.76 6.05
N ARG C 253 2.72 40.60 6.89
CA ARG C 253 3.83 40.16 7.74
C ARG C 253 3.35 39.17 8.80
N SER C 254 2.23 39.47 9.46
CA SER C 254 1.70 38.55 10.47
C SER C 254 1.22 37.26 9.85
N TYR C 255 0.63 37.33 8.65
CA TYR C 255 0.18 36.14 7.95
C TYR C 255 1.35 35.20 7.66
N ALA C 256 2.42 35.74 7.07
CA ALA C 256 3.57 34.91 6.72
C ALA C 256 4.29 34.39 7.96
N ARG C 257 4.38 35.22 9.01
CA ARG C 257 5.06 34.80 10.22
C ARG C 257 4.34 33.62 10.88
N THR C 258 3.01 33.65 10.89
CA THR C 258 2.26 32.55 11.49
C THR C 258 2.43 31.27 10.68
N TRP C 259 2.37 31.36 9.36
CA TRP C 259 2.62 30.19 8.52
C TRP C 259 4.05 29.69 8.71
N ARG C 260 5.02 30.61 8.76
CA ARG C 260 6.40 30.23 9.01
C ARG C 260 6.54 29.52 10.35
N TYR C 261 5.74 29.90 11.34
CA TYR C 261 5.77 29.22 12.63
C TYR C 261 5.30 27.78 12.49
N LEU C 262 4.19 27.56 11.78
CA LEU C 262 3.70 26.20 11.59
C LEU C 262 4.64 25.37 10.74
N LEU C 263 5.29 25.99 9.74
CA LEU C 263 6.12 25.24 8.82
C LEU C 263 7.49 24.89 9.41
N ASP C 264 7.98 25.69 10.36
CA ASP C 264 9.27 25.45 10.98
C ASP C 264 9.17 24.65 12.28
N MSE C 265 7.97 24.29 12.70
CA MSE C 265 7.77 23.54 13.94
C MSE C 265 8.50 22.20 13.88
O MSE C 265 8.46 21.51 12.87
CB MSE C 265 6.28 23.31 14.19
CG MSE C 265 5.97 22.66 15.53
SE MSE C 265 4.07 22.57 15.89
CE MSE C 265 3.66 24.47 15.76
N ASP C 266 9.15 21.85 14.98
CA ASP C 266 9.99 20.67 14.99
C ASP C 266 9.15 19.40 15.09
N LEU C 267 9.76 18.28 14.67
CA LEU C 267 9.19 16.94 14.64
C LEU C 267 8.10 16.81 13.59
N VAL C 268 7.76 17.87 12.86
CA VAL C 268 6.75 17.84 11.83
C VAL C 268 7.41 17.54 10.49
N ARG C 269 6.78 16.70 9.69
CA ARG C 269 7.26 16.43 8.34
C ARG C 269 6.24 16.81 7.27
N LYS C 270 4.97 16.53 7.50
CA LYS C 270 3.91 16.88 6.56
C LYS C 270 2.92 17.81 7.24
N ILE C 271 2.32 18.71 6.45
CA ILE C 271 1.31 19.64 6.93
C ILE C 271 0.12 19.55 5.99
N LYS C 272 -1.08 19.78 6.53
CA LYS C 272 -2.31 19.71 5.74
C LYS C 272 -3.23 20.84 6.15
N TYR C 273 -3.81 21.51 5.16
CA TYR C 273 -4.74 22.62 5.39
C TYR C 273 -5.95 22.39 4.49
N HIS C 274 -7.00 21.77 5.03
CA HIS C 274 -8.22 21.53 4.30
C HIS C 274 -9.12 22.75 4.38
N GLY C 275 -9.83 23.04 3.28
CA GLY C 275 -10.72 24.17 3.24
C GLY C 275 -10.05 25.50 2.95
N ALA C 276 -8.82 25.49 2.45
CA ALA C 276 -8.15 26.73 2.11
C ALA C 276 -8.71 27.31 0.82
N SER C 277 -8.39 28.57 0.56
CA SER C 277 -8.81 29.21 -0.68
C SER C 277 -8.03 28.68 -1.86
N VAL C 278 -8.69 28.64 -3.02
CA VAL C 278 -8.01 28.22 -4.24
C VAL C 278 -6.93 29.23 -4.64
N GLN C 279 -7.00 30.46 -4.14
CA GLN C 279 -5.97 31.47 -4.31
C GLN C 279 -5.39 31.87 -2.97
N GLU C 280 -5.17 30.89 -2.09
CA GLU C 280 -4.59 31.15 -0.79
C GLU C 280 -3.23 31.81 -0.94
N GLU C 281 -2.99 32.88 -0.16
CA GLU C 281 -1.74 33.62 -0.27
C GLU C 281 -0.53 32.73 -0.01
N LEU C 282 -0.69 31.70 0.83
CA LEU C 282 0.41 30.77 1.10
C LEU C 282 0.95 30.14 -0.17
N ARG C 283 0.09 29.89 -1.15
CA ARG C 283 0.50 29.23 -2.39
C ARG C 283 1.55 30.06 -3.13
N TYR C 284 1.46 31.38 -3.06
CA TYR C 284 2.38 32.25 -3.76
C TYR C 284 3.55 32.72 -2.89
N LEU C 285 3.49 32.50 -1.58
CA LEU C 285 4.64 32.77 -0.73
C LEU C 285 5.73 31.71 -0.91
N VAL C 286 5.33 30.47 -1.20
CA VAL C 286 6.27 29.37 -1.28
C VAL C 286 7.23 29.57 -2.45
N ALA C 287 8.52 29.34 -2.21
CA ALA C 287 9.52 29.52 -3.26
C ALA C 287 9.40 28.46 -4.35
N ASN C 288 8.98 27.25 -3.99
CA ASN C 288 8.81 26.15 -4.94
C ASN C 288 7.31 25.82 -4.99
N HIS C 289 6.61 26.46 -5.91
CA HIS C 289 5.17 26.30 -6.08
C HIS C 289 4.70 24.85 -6.09
N PRO C 290 5.33 23.91 -6.81
CA PRO C 290 4.83 22.52 -6.81
C PRO C 290 4.96 21.82 -5.46
N SER C 291 5.76 22.35 -4.53
CA SER C 291 5.93 21.70 -3.23
C SER C 291 4.67 21.75 -2.39
N LEU C 292 3.70 22.60 -2.74
CA LEU C 292 2.45 22.72 -1.99
C LEU C 292 1.35 22.11 -2.87
N GLU C 293 1.07 20.82 -2.63
CA GLU C 293 0.04 20.13 -3.40
C GLU C 293 -1.32 20.79 -3.16
N CYS C 294 -2.09 20.92 -4.24
CA CYS C 294 -3.36 21.64 -4.21
C CYS C 294 -4.44 20.78 -4.86
N VAL C 295 -5.38 20.29 -4.06
CA VAL C 295 -6.52 19.53 -4.55
C VAL C 295 -7.77 20.36 -4.34
N VAL C 296 -8.50 20.62 -5.43
CA VAL C 296 -9.65 21.52 -5.43
C VAL C 296 -10.92 20.70 -5.53
N SER C 297 -11.95 21.11 -4.78
CA SER C 297 -13.24 20.43 -4.80
C SER C 297 -14.33 21.41 -4.42
N ASP C 298 -15.57 20.94 -4.46
CA ASP C 298 -16.71 21.80 -4.15
C ASP C 298 -16.67 22.27 -2.70
N ALA C 299 -17.20 23.47 -2.47
CA ALA C 299 -17.35 24.01 -1.12
C ALA C 299 -18.80 24.40 -0.84
N ILE C 300 -19.20 25.59 -1.31
CA ILE C 300 -20.51 26.16 -0.99
C ILE C 300 -21.35 26.21 -2.26
N GLN C 301 -22.60 25.74 -2.16
CA GLN C 301 -23.60 25.93 -3.19
C GLN C 301 -24.50 27.10 -2.81
N VAL C 302 -24.88 27.88 -3.82
CA VAL C 302 -25.68 29.09 -3.62
C VAL C 302 -27.05 28.89 -4.26
N ARG C 303 -28.10 29.25 -3.53
CA ARG C 303 -29.47 29.26 -4.04
C ARG C 303 -30.01 30.68 -3.90
N LEU C 304 -30.12 31.38 -5.03
CA LEU C 304 -30.64 32.74 -5.05
C LEU C 304 -32.16 32.71 -4.87
N VAL C 305 -32.63 33.34 -3.79
CA VAL C 305 -34.05 33.40 -3.49
C VAL C 305 -34.66 34.72 -3.97
N ASP C 306 -33.92 35.81 -3.84
CA ASP C 306 -34.32 37.13 -4.32
C ASP C 306 -33.24 37.61 -5.28
N ILE C 307 -33.45 37.38 -6.58
CA ILE C 307 -32.42 37.71 -7.57
C ILE C 307 -32.14 39.21 -7.64
N PRO C 308 -33.13 40.09 -7.78
CA PRO C 308 -32.80 41.53 -7.86
C PRO C 308 -32.05 42.03 -6.65
N ARG C 309 -32.47 41.61 -5.45
CA ARG C 309 -31.82 42.09 -4.23
C ARG C 309 -30.40 41.53 -4.10
N ALA C 310 -30.24 40.23 -4.33
CA ALA C 310 -28.93 39.60 -4.18
C ALA C 310 -27.91 40.17 -5.16
N LEU C 311 -28.32 40.37 -6.42
CA LEU C 311 -27.38 40.89 -7.41
C LEU C 311 -27.04 42.35 -7.17
N ALA C 312 -27.92 43.11 -6.52
CA ALA C 312 -27.66 44.51 -6.23
C ALA C 312 -26.86 44.71 -4.94
N GLN C 313 -26.84 43.72 -4.05
CA GLN C 313 -26.13 43.87 -2.78
C GLN C 313 -24.63 43.69 -2.94
N ARG C 314 -24.18 42.94 -3.93
CA ARG C 314 -22.75 42.74 -4.15
C ARG C 314 -22.23 43.78 -5.14
N ARG C 315 -20.91 43.93 -5.16
CA ARG C 315 -20.24 44.81 -6.11
C ARG C 315 -19.53 43.97 -7.15
N TYR C 316 -19.18 44.62 -8.26
CA TYR C 316 -18.65 43.94 -9.44
C TYR C 316 -17.28 44.49 -9.79
N ALA C 317 -16.39 43.61 -10.23
CA ALA C 317 -15.00 43.98 -10.47
C ALA C 317 -14.86 45.04 -11.57
N ALA C 318 -15.83 45.14 -12.47
CA ALA C 318 -15.78 46.14 -13.52
C ALA C 318 -17.21 46.53 -13.89
N ASP C 319 -17.33 47.63 -14.64
CA ASP C 319 -18.64 48.11 -15.05
C ASP C 319 -19.31 47.09 -15.97
N VAL C 320 -20.63 46.96 -15.84
CA VAL C 320 -21.39 46.00 -16.63
C VAL C 320 -22.79 46.54 -16.82
N ASP C 321 -23.34 46.31 -18.03
CA ASP C 321 -24.73 46.62 -18.34
C ASP C 321 -25.24 45.46 -19.19
N VAL C 322 -25.93 44.51 -18.55
CA VAL C 322 -26.30 43.25 -19.20
C VAL C 322 -27.73 42.90 -18.81
N VAL C 323 -28.43 42.24 -19.73
CA VAL C 323 -29.80 41.79 -19.51
C VAL C 323 -29.79 40.26 -19.49
N LEU C 324 -30.25 39.68 -18.38
CA LEU C 324 -30.16 38.25 -18.15
C LEU C 324 -31.56 37.64 -18.16
N GLU C 325 -31.78 36.66 -19.03
CA GLU C 325 -33.01 35.86 -19.05
C GLU C 325 -32.81 34.69 -18.10
N VAL C 326 -33.41 34.76 -16.92
CA VAL C 326 -33.20 33.78 -15.85
C VAL C 326 -34.38 32.82 -15.81
N THR C 327 -34.08 31.53 -15.80
CA THR C 327 -35.08 30.47 -15.69
C THR C 327 -34.91 29.79 -14.33
N ASP C 328 -35.98 29.78 -13.53
CA ASP C 328 -35.99 29.16 -12.21
C ASP C 328 -37.01 28.01 -12.27
N ASP C 329 -36.52 26.79 -12.50
CA ASP C 329 -37.41 25.66 -12.72
C ASP C 329 -38.15 25.27 -11.44
N PHE C 330 -37.45 25.23 -10.31
CA PHE C 330 -38.08 24.79 -9.07
C PHE C 330 -39.02 25.84 -8.53
N LEU C 331 -38.66 27.11 -8.66
CA LEU C 331 -39.49 28.24 -8.20
C LEU C 331 -39.78 29.12 -9.41
N PRO C 332 -40.78 28.76 -10.22
CA PRO C 332 -41.04 29.51 -11.47
C PRO C 332 -41.42 30.96 -11.26
N GLU C 333 -41.80 31.37 -10.05
CA GLU C 333 -42.13 32.77 -9.81
C GLU C 333 -40.92 33.69 -10.00
N ASN C 334 -39.70 33.16 -9.88
CA ASN C 334 -38.50 33.95 -10.06
C ASN C 334 -38.04 34.05 -11.50
N SER C 335 -38.63 33.27 -12.40
CA SER C 335 -38.25 33.33 -13.80
C SER C 335 -38.62 34.69 -14.39
N GLY C 336 -37.70 35.25 -15.16
CA GLY C 336 -37.92 36.57 -15.73
C GLY C 336 -36.63 37.15 -16.24
N ARG C 337 -36.74 38.39 -16.72
CA ARG C 337 -35.65 39.10 -17.38
C ARG C 337 -35.18 40.24 -16.48
N TYR C 338 -33.89 40.26 -16.18
CA TYR C 338 -33.31 41.23 -15.26
C TYR C 338 -32.20 42.02 -15.93
N ARG C 339 -32.23 43.34 -15.78
CA ARG C 339 -31.14 44.21 -16.22
C ARG C 339 -30.23 44.50 -15.04
N LEU C 340 -28.96 44.16 -15.17
CA LEU C 340 -27.97 44.36 -14.12
C LEU C 340 -27.06 45.53 -14.51
N ARG C 341 -27.00 46.53 -13.65
CA ARG C 341 -26.10 47.69 -13.80
C ARG C 341 -25.21 47.73 -12.57
N GLY C 342 -23.94 47.36 -12.73
CA GLY C 342 -23.06 47.24 -11.59
C GLY C 342 -21.64 47.69 -11.91
N GLY C 343 -20.90 47.96 -10.85
CA GLY C 343 -19.52 48.34 -10.94
C GLY C 343 -18.85 48.15 -9.61
N LEU C 344 -17.71 48.83 -9.43
CA LEU C 344 -17.00 48.73 -8.15
C LEU C 344 -17.70 49.51 -7.05
N ASP C 345 -18.47 50.54 -7.41
CA ASP C 345 -19.07 51.43 -6.41
C ASP C 345 -20.57 51.60 -6.64
N HIS C 346 -21.21 50.73 -7.41
CA HIS C 346 -22.63 50.81 -7.63
C HIS C 346 -23.14 49.46 -8.13
N ALA C 347 -24.41 49.18 -7.85
CA ALA C 347 -25.03 47.94 -8.29
C ALA C 347 -26.54 48.07 -8.21
N SER C 348 -27.22 47.68 -9.28
CA SER C 348 -28.68 47.66 -9.30
C SER C 348 -29.14 46.54 -10.23
N CYS C 349 -30.25 45.92 -9.87
CA CYS C 349 -30.80 44.81 -10.64
C CYS C 349 -32.32 44.93 -10.59
N GLU C 350 -32.95 44.98 -11.76
CA GLU C 350 -34.38 45.22 -11.84
C GLU C 350 -34.97 44.45 -13.02
N ILE C 351 -36.26 44.12 -12.91
CA ILE C 351 -36.97 43.54 -14.03
C ILE C 351 -37.03 44.56 -15.16
N THR C 352 -36.75 44.11 -16.38
CA THR C 352 -36.70 44.97 -17.54
C THR C 352 -37.41 44.30 -18.70
N THR C 353 -37.74 45.09 -19.71
CA THR C 353 -38.35 44.59 -20.93
C THR C 353 -37.44 44.69 -22.15
N ASP C 354 -36.21 45.21 -21.97
CA ASP C 354 -35.25 45.25 -23.06
C ASP C 354 -34.91 43.85 -23.54
N ASP C 355 -34.32 43.78 -24.73
CA ASP C 355 -33.91 42.49 -25.28
C ASP C 355 -32.84 41.85 -24.39
N ALA C 356 -32.94 40.54 -24.21
CA ALA C 356 -32.03 39.84 -23.32
C ALA C 356 -30.70 39.56 -24.03
N ASP C 357 -29.62 39.63 -23.25
CA ASP C 357 -28.28 39.37 -23.77
C ASP C 357 -27.78 37.96 -23.48
N ILE C 358 -28.20 37.38 -22.36
CA ILE C 358 -27.71 36.08 -21.90
C ILE C 358 -28.88 35.29 -21.34
N ALA C 359 -28.92 34.00 -21.66
CA ALA C 359 -29.93 33.09 -21.14
C ALA C 359 -29.26 32.06 -20.23
N LEU C 360 -29.80 31.89 -19.03
CA LEU C 360 -29.20 30.99 -18.06
C LEU C 360 -30.24 30.61 -17.02
N THR C 361 -29.98 29.51 -16.32
CA THR C 361 -30.83 29.04 -15.23
C THR C 361 -30.42 29.69 -13.92
N VAL C 362 -31.31 29.60 -12.93
CA VAL C 362 -31.03 30.22 -11.64
C VAL C 362 -29.88 29.53 -10.94
N ARG C 363 -29.70 28.22 -11.16
CA ARG C 363 -28.60 27.51 -10.53
C ARG C 363 -27.25 27.96 -11.10
N ASP C 364 -27.18 28.19 -12.41
CA ASP C 364 -25.94 28.68 -13.02
C ASP C 364 -25.66 30.12 -12.62
N LEU C 365 -26.71 30.94 -12.49
CA LEU C 365 -26.52 32.30 -12.01
C LEU C 365 -25.97 32.31 -10.60
N GLY C 366 -26.44 31.41 -9.74
CA GLY C 366 -25.88 31.28 -8.42
C GLY C 366 -24.45 30.82 -8.42
N SER C 367 -24.06 30.01 -9.41
CA SER C 367 -22.69 29.51 -9.48
C SER C 367 -21.69 30.65 -9.69
N VAL C 368 -22.05 31.62 -10.52
CA VAL C 368 -21.16 32.75 -10.81
C VAL C 368 -21.36 33.90 -9.84
N TYR C 369 -22.26 33.77 -8.87
CA TYR C 369 -22.65 34.91 -8.03
C TYR C 369 -21.51 35.36 -7.12
N MSE C 370 -20.60 34.47 -6.76
CA MSE C 370 -19.55 34.80 -5.80
C MSE C 370 -18.21 35.03 -6.48
O MSE C 370 -17.20 35.29 -5.81
CB MSE C 370 -19.42 33.72 -4.74
CG MSE C 370 -20.68 33.52 -3.90
SE MSE C 370 -21.12 35.10 -2.84
CE MSE C 370 -19.53 35.17 -1.72
N GLY C 371 -18.19 34.92 -7.81
CA GLY C 371 -16.95 35.09 -8.55
C GLY C 371 -16.02 33.91 -8.49
N GLY C 372 -16.52 32.71 -8.24
CA GLY C 372 -15.69 31.53 -8.16
C GLY C 372 -15.80 30.65 -9.41
N VAL C 373 -16.82 30.91 -10.21
CA VAL C 373 -17.06 30.19 -11.46
C VAL C 373 -17.23 31.22 -12.57
N SER C 374 -16.54 31.00 -13.68
CA SER C 374 -16.57 31.94 -14.80
C SER C 374 -17.83 31.75 -15.62
N LEU C 375 -18.55 32.85 -15.88
CA LEU C 375 -19.72 32.79 -16.74
C LEU C 375 -19.33 32.46 -18.18
N GLN C 376 -18.11 32.81 -18.59
CA GLN C 376 -17.65 32.47 -19.93
C GLN C 376 -17.47 30.97 -20.10
N VAL C 377 -16.90 30.31 -19.08
CA VAL C 377 -16.71 28.87 -19.16
C VAL C 377 -18.05 28.15 -19.23
N LEU C 378 -19.02 28.59 -18.42
CA LEU C 378 -20.35 28.00 -18.46
C LEU C 378 -21.01 28.19 -19.83
N ALA C 379 -20.73 29.31 -20.49
CA ALA C 379 -21.28 29.55 -21.82
C ALA C 379 -20.56 28.70 -22.86
N SER C 380 -19.23 28.66 -22.80
CA SER C 380 -18.47 27.84 -23.74
C SER C 380 -18.78 26.36 -23.57
N ALA C 381 -19.22 25.96 -22.38
CA ALA C 381 -19.59 24.57 -22.13
C ALA C 381 -20.99 24.22 -22.64
N GLY C 382 -21.77 25.20 -23.07
CA GLY C 382 -23.12 24.95 -23.54
C GLY C 382 -24.20 25.06 -22.48
N LEU C 383 -23.84 25.30 -21.23
CA LEU C 383 -24.85 25.41 -20.17
C LEU C 383 -25.51 26.79 -20.17
N VAL C 384 -24.81 27.82 -20.62
CA VAL C 384 -25.33 29.18 -20.68
C VAL C 384 -25.29 29.64 -22.14
N THR C 385 -26.34 30.34 -22.55
CA THR C 385 -26.51 30.76 -23.94
C THR C 385 -26.32 32.26 -24.07
N GLU C 386 -25.43 32.67 -24.98
CA GLU C 386 -25.25 34.07 -25.31
C GLU C 386 -26.22 34.48 -26.40
N LEU C 387 -26.95 35.57 -26.16
CA LEU C 387 -27.93 36.06 -27.11
C LEU C 387 -27.42 37.23 -27.94
N ARG C 388 -26.50 38.04 -27.40
CA ARG C 388 -25.91 39.16 -28.12
C ARG C 388 -24.40 39.12 -27.94
N ALA C 389 -23.68 39.25 -29.06
CA ALA C 389 -22.22 39.10 -29.04
C ALA C 389 -21.58 40.09 -28.09
N GLY C 390 -20.53 39.63 -27.39
CA GLY C 390 -19.78 40.46 -26.48
C GLY C 390 -20.37 40.60 -25.10
N ALA C 391 -21.58 40.11 -24.85
CA ALA C 391 -22.21 40.30 -23.55
C ALA C 391 -21.60 39.41 -22.49
N VAL C 392 -21.36 38.13 -22.83
CA VAL C 392 -20.84 37.18 -21.85
C VAL C 392 -19.45 37.61 -21.38
N GLN C 393 -18.62 38.10 -22.31
CA GLN C 393 -17.26 38.50 -21.97
C GLN C 393 -17.25 39.56 -20.86
N ARG C 394 -18.02 40.63 -21.05
CA ARG C 394 -18.04 41.70 -20.05
C ARG C 394 -18.74 41.26 -18.77
N ALA C 395 -19.82 40.48 -18.90
CA ALA C 395 -20.52 40.00 -17.71
C ALA C 395 -19.63 39.06 -16.89
N ALA C 396 -18.86 38.20 -17.56
CA ALA C 396 -17.97 37.29 -16.83
C ALA C 396 -16.93 38.05 -16.02
N THR C 397 -16.37 39.10 -16.60
CA THR C 397 -15.38 39.90 -15.88
C THR C 397 -16.01 40.61 -14.70
N ALA C 398 -17.22 41.15 -14.87
CA ALA C 398 -17.88 41.87 -13.79
C ALA C 398 -18.28 40.91 -12.66
N PHE C 399 -18.82 39.74 -13.00
CA PHE C 399 -19.17 38.76 -11.98
C PHE C 399 -17.96 38.19 -11.27
N GLY C 400 -16.76 38.38 -11.81
CA GLY C 400 -15.55 37.98 -11.13
C GLY C 400 -15.18 38.93 -10.00
N TRP C 401 -14.03 38.66 -9.39
CA TRP C 401 -13.57 39.49 -8.28
C TRP C 401 -12.08 39.24 -8.10
N PRO C 402 -11.29 40.28 -7.79
CA PRO C 402 -9.84 40.07 -7.63
C PRO C 402 -9.48 39.10 -6.51
N VAL C 403 -10.34 38.92 -5.52
CA VAL C 403 -10.13 37.96 -4.44
C VAL C 403 -11.11 36.81 -4.65
N ALA C 404 -10.57 35.60 -4.76
CA ALA C 404 -11.42 34.44 -4.94
C ALA C 404 -12.27 34.19 -3.70
N PRO C 405 -13.50 33.73 -3.85
CA PRO C 405 -14.31 33.40 -2.68
C PRO C 405 -13.75 32.21 -1.93
N SER C 406 -13.94 32.23 -0.62
CA SER C 406 -13.42 31.20 0.27
C SER C 406 -14.56 30.56 1.05
N ALA C 407 -14.31 29.36 1.54
CA ALA C 407 -15.33 28.63 2.28
C ALA C 407 -15.40 29.12 3.72
N PRO C 408 -16.60 29.32 4.25
CA PRO C 408 -16.74 29.74 5.66
C PRO C 408 -16.57 28.53 6.58
N ASP C 409 -16.73 28.79 7.88
CA ASP C 409 -16.69 27.72 8.86
C ASP C 409 -17.83 26.74 8.61
N ASP C 410 -17.61 25.49 9.02
CA ASP C 410 -18.53 24.40 8.68
C ASP C 410 -19.90 24.63 9.32
N PHE C 411 -20.94 24.25 8.59
CA PHE C 411 -22.30 24.24 9.12
C PHE C 411 -23.14 23.19 8.39
N GLU D 3 -22.19 2.83 -43.95
CA GLU D 3 -22.97 1.62 -44.17
C GLU D 3 -22.19 0.38 -43.70
N LEU D 4 -22.90 -0.53 -43.04
CA LEU D 4 -22.30 -1.72 -42.45
C LEU D 4 -22.73 -2.97 -43.21
N THR D 5 -21.81 -3.92 -43.33
CA THR D 5 -22.08 -5.19 -43.99
C THR D 5 -21.66 -6.33 -43.06
N LEU D 6 -22.58 -7.25 -42.82
CA LEU D 6 -22.28 -8.44 -42.03
C LEU D 6 -21.75 -9.53 -42.96
N ARG D 7 -20.55 -10.03 -42.67
CA ARG D 7 -19.92 -11.03 -43.51
C ARG D 7 -18.91 -11.81 -42.67
N THR D 8 -18.40 -12.88 -43.26
CA THR D 8 -17.38 -13.71 -42.64
C THR D 8 -16.00 -13.31 -43.17
N ILE D 9 -14.97 -13.88 -42.54
CA ILE D 9 -13.60 -13.62 -42.98
C ILE D 9 -13.41 -14.18 -44.37
N ALA D 10 -12.83 -13.38 -45.27
CA ALA D 10 -12.69 -13.75 -46.67
C ALA D 10 -11.39 -14.48 -46.96
N ASP D 11 -10.28 -14.06 -46.36
CA ASP D 11 -8.98 -14.66 -46.61
C ASP D 11 -8.10 -14.45 -45.39
N GLU D 12 -6.82 -14.81 -45.52
CA GLU D 12 -5.91 -14.72 -44.38
C GLU D 12 -5.57 -13.28 -44.04
N ASP D 13 -5.49 -12.40 -45.05
CA ASP D 13 -5.26 -10.99 -44.77
C ASP D 13 -6.43 -10.36 -44.05
N ASP D 14 -7.66 -10.77 -44.41
CA ASP D 14 -8.83 -10.34 -43.67
C ASP D 14 -8.83 -10.88 -42.24
N TYR D 15 -8.28 -12.09 -42.05
CA TYR D 15 -8.19 -12.67 -40.71
C TYR D 15 -7.32 -11.83 -39.80
N GLU D 16 -6.21 -11.31 -40.32
CA GLU D 16 -5.33 -10.48 -39.50
C GLU D 16 -6.03 -9.18 -39.10
N SER D 17 -6.70 -8.53 -40.06
CA SER D 17 -7.47 -7.34 -39.74
C SER D 17 -8.64 -7.64 -38.81
N TYR D 18 -9.28 -8.79 -39.01
CA TYR D 18 -10.39 -9.19 -38.13
C TYR D 18 -9.92 -9.29 -36.68
N MSE D 19 -8.77 -9.92 -36.46
CA MSE D 19 -8.21 -10.08 -35.12
C MSE D 19 -7.72 -8.75 -34.57
O MSE D 19 -7.68 -8.55 -33.36
CB MSE D 19 -7.08 -11.11 -35.13
CG MSE D 19 -7.55 -12.53 -35.37
SE MSE D 19 -8.70 -13.15 -33.92
CE MSE D 19 -9.92 -14.26 -34.96
N ALA D 20 -7.32 -7.84 -35.47
CA ALA D 20 -6.80 -6.55 -35.03
C ALA D 20 -7.89 -5.71 -34.37
N SER D 21 -9.07 -5.66 -34.97
CA SER D 21 -10.16 -4.88 -34.39
C SER D 21 -10.61 -5.48 -33.06
N ALA D 22 -10.62 -6.82 -32.96
CA ALA D 22 -11.02 -7.46 -31.71
C ALA D 22 -10.07 -7.11 -30.57
N TYR D 23 -8.76 -7.22 -30.83
CA TYR D 23 -7.78 -6.82 -29.81
C TYR D 23 -7.90 -5.35 -29.45
N SER D 24 -8.20 -4.50 -30.44
CA SER D 24 -8.29 -3.07 -30.17
C SER D 24 -9.42 -2.73 -29.20
N VAL D 25 -10.57 -3.40 -29.34
CA VAL D 25 -11.68 -3.17 -28.43
C VAL D 25 -11.32 -3.57 -27.01
N PHE D 26 -10.51 -4.64 -26.85
CA PHE D 26 -10.01 -5.04 -25.55
C PHE D 26 -8.85 -4.20 -25.05
N LEU D 27 -8.54 -3.09 -25.73
CA LEU D 27 -7.51 -2.16 -25.29
C LEU D 27 -6.14 -2.83 -25.24
N ARG D 28 -5.89 -3.74 -26.18
CA ARG D 28 -4.66 -4.52 -26.23
C ARG D 28 -4.04 -4.44 -27.61
N ASP D 29 -2.71 -4.41 -27.66
CA ASP D 29 -2.01 -4.58 -28.92
C ASP D 29 -2.20 -6.00 -29.44
N PRO D 30 -2.27 -6.18 -30.76
CA PRO D 30 -2.43 -7.53 -31.32
C PRO D 30 -1.23 -8.41 -30.99
N GLN D 31 -1.51 -9.53 -30.34
CA GLN D 31 -0.48 -10.50 -29.99
C GLN D 31 -0.26 -11.43 -31.17
N LYS D 32 0.85 -11.23 -31.89
CA LYS D 32 1.07 -11.95 -33.15
C LYS D 32 1.32 -13.43 -32.93
N ASP D 33 1.96 -13.81 -31.83
CA ASP D 33 2.17 -15.23 -31.55
C ASP D 33 0.85 -15.94 -31.26
N GLU D 34 -0.04 -15.28 -30.51
CA GLU D 34 -1.35 -15.87 -30.23
C GLU D 34 -2.19 -15.97 -31.48
N ILE D 35 -2.20 -14.91 -32.30
CA ILE D 35 -3.02 -14.91 -33.51
C ILE D 35 -2.55 -15.96 -34.50
N GLU D 36 -1.22 -16.16 -34.59
CA GLU D 36 -0.69 -17.11 -35.56
C GLU D 36 -0.97 -18.55 -35.15
N VAL D 37 -0.82 -18.87 -33.86
CA VAL D 37 -1.01 -20.25 -33.42
C VAL D 37 -2.49 -20.61 -33.35
N ASN D 38 -3.37 -19.63 -33.08
CA ASN D 38 -4.79 -19.90 -33.03
C ASN D 38 -5.42 -20.02 -34.42
N ARG D 39 -4.73 -19.55 -35.45
CA ARG D 39 -5.23 -19.71 -36.82
C ARG D 39 -5.38 -21.18 -37.19
N LYS D 40 -4.50 -22.04 -36.66
CA LYS D 40 -4.47 -23.44 -37.06
C LYS D 40 -5.76 -24.19 -36.74
N PHE D 41 -6.55 -23.73 -35.77
CA PHE D 41 -7.85 -24.34 -35.49
C PHE D 41 -9.00 -23.37 -35.71
N THR D 42 -8.75 -22.24 -36.37
CA THR D 42 -9.79 -21.27 -36.66
C THR D 42 -10.44 -21.59 -38.00
N GLU D 43 -11.76 -21.68 -38.00
CA GLU D 43 -12.54 -21.84 -39.23
C GLU D 43 -13.06 -20.47 -39.64
N LEU D 44 -12.56 -19.96 -40.77
CA LEU D 44 -12.88 -18.60 -41.19
C LEU D 44 -14.37 -18.41 -41.42
N ASP D 45 -15.07 -19.46 -41.87
CA ASP D 45 -16.49 -19.33 -42.15
C ASP D 45 -17.34 -19.20 -40.89
N ARG D 46 -16.79 -19.49 -39.72
CA ARG D 46 -17.51 -19.31 -38.46
C ARG D 46 -17.21 -17.97 -37.79
N MSE D 47 -16.38 -17.13 -38.40
CA MSE D 47 -16.05 -15.82 -37.84
C MSE D 47 -16.83 -14.73 -38.56
O MSE D 47 -16.39 -14.23 -39.60
CB MSE D 47 -14.55 -15.56 -37.94
CG MSE D 47 -13.68 -16.73 -37.53
SE MSE D 47 -13.92 -17.26 -35.67
CE MSE D 47 -13.34 -15.61 -34.80
N ILE D 48 -17.98 -14.35 -38.00
CA ILE D 48 -18.81 -13.32 -38.62
C ILE D 48 -18.48 -11.97 -38.00
N GLY D 49 -19.06 -10.91 -38.56
CA GLY D 49 -18.83 -9.58 -38.06
C GLY D 49 -19.33 -8.55 -39.03
N PHE D 50 -19.25 -7.29 -38.60
CA PHE D 50 -19.69 -6.15 -39.40
C PHE D 50 -18.49 -5.38 -39.92
N HIS D 51 -18.57 -4.94 -41.18
CA HIS D 51 -17.51 -4.23 -41.86
C HIS D 51 -18.08 -2.98 -42.52
N ASP D 52 -17.49 -1.82 -42.24
CA ASP D 52 -17.98 -0.55 -42.77
C ASP D 52 -17.30 -0.15 -44.08
N GLY D 53 -16.70 -1.11 -44.79
CA GLY D 53 -15.98 -0.82 -46.00
C GLY D 53 -14.51 -0.53 -45.81
N LYS D 54 -14.08 -0.18 -44.60
CA LYS D 54 -12.69 0.10 -44.31
C LYS D 54 -12.11 -0.76 -43.20
N LYS D 55 -12.90 -1.08 -42.18
CA LYS D 55 -12.41 -1.87 -41.06
C LYS D 55 -13.57 -2.62 -40.43
N TRP D 56 -13.22 -3.66 -39.67
CA TRP D 56 -14.22 -4.38 -38.90
C TRP D 56 -14.67 -3.54 -37.71
N VAL D 57 -15.99 -3.37 -37.58
CA VAL D 57 -16.56 -2.62 -36.46
C VAL D 57 -17.28 -3.53 -35.47
N ALA D 58 -17.35 -4.83 -35.75
CA ALA D 58 -17.96 -5.80 -34.85
C ALA D 58 -17.48 -7.18 -35.25
N THR D 59 -17.29 -8.05 -34.26
CA THR D 59 -16.80 -9.40 -34.49
C THR D 59 -17.54 -10.38 -33.59
N THR D 60 -17.64 -11.62 -34.06
CA THR D 60 -18.22 -12.73 -33.30
C THR D 60 -17.88 -14.05 -33.98
N GLY D 61 -17.25 -14.97 -33.25
CA GLY D 61 -16.81 -16.22 -33.82
C GLY D 61 -17.12 -17.40 -32.91
N ALA D 62 -16.81 -18.59 -33.39
CA ALA D 62 -17.01 -19.81 -32.63
C ALA D 62 -16.07 -20.89 -33.14
N PHE D 63 -15.46 -21.61 -32.20
CA PHE D 63 -14.61 -22.76 -32.53
C PHE D 63 -15.42 -24.04 -32.43
N SER D 64 -15.23 -24.93 -33.38
CA SER D 64 -15.85 -26.25 -33.35
C SER D 64 -15.07 -27.12 -32.37
N ARG D 65 -15.63 -27.32 -31.18
CA ARG D 65 -14.97 -28.10 -30.14
C ARG D 65 -15.93 -29.17 -29.63
N HIS D 66 -15.45 -29.96 -28.66
CA HIS D 66 -16.24 -31.04 -28.07
C HIS D 66 -16.02 -31.01 -26.57
N VAL D 67 -17.12 -31.07 -25.82
CA VAL D 67 -17.08 -30.91 -24.37
C VAL D 67 -17.60 -32.17 -23.69
N VAL D 68 -17.02 -32.49 -22.55
CA VAL D 68 -17.47 -33.60 -21.74
C VAL D 68 -18.68 -33.17 -20.92
N LEU D 69 -19.74 -33.97 -20.96
CA LEU D 69 -20.95 -33.73 -20.20
C LEU D 69 -20.99 -34.61 -18.96
N PRO D 70 -21.85 -34.28 -17.98
CA PRO D 70 -22.07 -35.19 -16.85
C PRO D 70 -22.49 -36.58 -17.33
N GLY D 71 -21.67 -37.58 -17.02
CA GLY D 71 -21.85 -38.93 -17.50
C GLY D 71 -20.75 -39.41 -18.42
N GLY D 72 -19.94 -38.50 -18.95
CA GLY D 72 -18.80 -38.87 -19.76
C GLY D 72 -18.97 -38.70 -21.25
N ALA D 73 -20.17 -38.36 -21.71
CA ALA D 73 -20.39 -38.18 -23.15
C ALA D 73 -19.68 -36.93 -23.64
N VAL D 74 -19.03 -37.04 -24.79
CA VAL D 74 -18.33 -35.93 -25.44
C VAL D 74 -19.14 -35.53 -26.66
N VAL D 75 -19.73 -34.34 -26.62
CA VAL D 75 -20.63 -33.88 -27.66
C VAL D 75 -20.06 -32.62 -28.31
N PRO D 76 -20.38 -32.34 -29.57
CA PRO D 76 -19.88 -31.10 -30.18
C PRO D 76 -20.52 -29.88 -29.54
N VAL D 77 -19.72 -28.82 -29.41
CA VAL D 77 -20.15 -27.60 -28.78
C VAL D 77 -19.54 -26.42 -29.52
N ALA D 78 -20.30 -25.33 -29.64
CA ALA D 78 -19.79 -24.10 -30.23
C ALA D 78 -19.06 -23.30 -29.17
N ALA D 79 -17.74 -23.22 -29.30
CA ALA D 79 -16.91 -22.45 -28.38
C ALA D 79 -16.90 -21.01 -28.87
N VAL D 80 -17.82 -20.20 -28.35
CA VAL D 80 -17.99 -18.83 -28.82
C VAL D 80 -16.79 -18.00 -28.39
N THR D 81 -16.33 -17.13 -29.29
CA THR D 81 -15.11 -16.36 -29.05
C THR D 81 -15.17 -15.06 -29.85
N ALA D 82 -14.26 -14.15 -29.49
CA ALA D 82 -14.01 -12.92 -30.25
C ALA D 82 -15.28 -12.10 -30.47
N VAL D 83 -16.03 -11.91 -29.40
CA VAL D 83 -17.25 -11.10 -29.44
C VAL D 83 -16.89 -9.67 -29.05
N THR D 84 -16.88 -8.77 -30.04
CA THR D 84 -16.57 -7.37 -29.81
C THR D 84 -17.45 -6.50 -30.71
N VAL D 85 -17.73 -5.30 -30.22
CA VAL D 85 -18.31 -4.22 -31.02
C VAL D 85 -17.54 -2.95 -30.70
N SER D 86 -17.01 -2.29 -31.72
CA SER D 86 -16.22 -1.10 -31.51
C SER D 86 -17.06 -0.03 -30.81
N PRO D 87 -16.46 0.74 -29.89
CA PRO D 87 -17.25 1.73 -29.14
C PRO D 87 -17.87 2.82 -30.01
N THR D 88 -17.36 3.03 -31.23
CA THR D 88 -17.97 4.00 -32.13
C THR D 88 -19.28 3.48 -32.73
N HIS D 89 -19.54 2.18 -32.61
CA HIS D 89 -20.74 1.56 -33.16
C HIS D 89 -21.51 0.79 -32.09
N ARG D 90 -21.28 1.11 -30.82
CA ARG D 90 -21.91 0.40 -29.72
C ARG D 90 -23.34 0.89 -29.48
N ARG D 91 -24.12 0.06 -28.80
CA ARG D 91 -25.51 0.36 -28.45
C ARG D 91 -26.33 0.71 -29.68
N ARG D 92 -26.05 0.03 -30.79
CA ARG D 92 -26.80 0.20 -32.02
C ARG D 92 -27.37 -1.11 -32.55
N GLY D 93 -27.35 -2.17 -31.75
CA GLY D 93 -27.93 -3.44 -32.13
C GLY D 93 -27.02 -4.39 -32.88
N LEU D 94 -25.73 -4.09 -32.99
CA LEU D 94 -24.82 -4.95 -33.75
C LEU D 94 -24.65 -6.30 -33.06
N LEU D 95 -24.49 -6.30 -31.73
CA LEU D 95 -24.33 -7.56 -31.01
C LEU D 95 -25.59 -8.41 -31.10
N THR D 96 -26.76 -7.79 -30.91
CA THR D 96 -28.02 -8.53 -30.95
C THR D 96 -28.21 -9.22 -32.30
N THR D 97 -27.85 -8.54 -33.39
CA THR D 97 -27.98 -9.14 -34.71
C THR D 97 -27.01 -10.30 -34.90
N MSE D 98 -25.75 -10.13 -34.48
CA MSE D 98 -24.75 -11.17 -34.60
C MSE D 98 -25.11 -12.39 -33.75
O MSE D 98 -24.78 -13.52 -34.11
CB MSE D 98 -23.36 -10.64 -34.22
CG MSE D 98 -22.78 -9.63 -35.19
SE MSE D 98 -20.91 -9.21 -34.83
CE MSE D 98 -21.12 -8.51 -33.02
N MSE D 99 -25.76 -12.15 -32.62
CA MSE D 99 -26.21 -13.23 -31.74
C MSE D 99 -27.26 -14.08 -32.45
O MSE D 99 -27.22 -15.31 -32.38
CB MSE D 99 -26.78 -12.68 -30.44
CG MSE D 99 -25.74 -12.11 -29.47
SE MSE D 99 -24.52 -13.44 -28.71
CE MSE D 99 -23.06 -13.29 -29.99
N ARG D 100 -28.20 -13.42 -33.14
CA ARG D 100 -29.23 -14.15 -33.87
C ARG D 100 -28.62 -14.97 -35.01
N HIS D 101 -27.66 -14.40 -35.73
CA HIS D 101 -27.03 -15.12 -36.84
C HIS D 101 -26.20 -16.28 -36.33
N GLN D 102 -25.46 -16.08 -35.24
CA GLN D 102 -24.60 -17.15 -34.73
C GLN D 102 -25.41 -18.29 -34.15
N LEU D 103 -26.39 -17.99 -33.28
CA LEU D 103 -27.19 -19.04 -32.67
C LEU D 103 -27.94 -19.85 -33.72
N ALA D 104 -28.40 -19.19 -34.78
CA ALA D 104 -29.03 -19.92 -35.88
C ALA D 104 -28.00 -20.78 -36.61
N ASP D 105 -26.78 -20.28 -36.79
CA ASP D 105 -25.74 -21.06 -37.44
C ASP D 105 -25.29 -22.23 -36.56
N ILE D 106 -25.28 -22.04 -35.24
CA ILE D 106 -24.92 -23.13 -34.33
C ILE D 106 -25.94 -24.26 -34.43
N ARG D 107 -27.23 -23.90 -34.50
CA ARG D 107 -28.27 -24.92 -34.62
C ARG D 107 -28.16 -25.68 -35.94
N SER D 108 -27.80 -24.97 -37.01
CA SER D 108 -27.70 -25.60 -38.33
C SER D 108 -26.55 -26.62 -38.37
N ARG D 109 -25.52 -26.43 -37.55
CA ARG D 109 -24.37 -27.32 -37.53
C ARG D 109 -24.58 -28.53 -36.62
N GLY D 110 -25.78 -28.70 -36.07
CA GLY D 110 -26.06 -29.83 -35.21
C GLY D 110 -25.49 -29.73 -33.82
N GLU D 111 -25.01 -28.56 -33.40
CA GLU D 111 -24.51 -28.35 -32.05
C GLU D 111 -25.68 -28.00 -31.15
N SER D 112 -25.89 -28.80 -30.11
CA SER D 112 -27.05 -28.63 -29.23
C SER D 112 -26.87 -27.51 -28.23
N LEU D 113 -25.65 -27.04 -28.00
CA LEU D 113 -25.41 -26.02 -26.99
C LEU D 113 -24.21 -25.19 -27.39
N ALA D 114 -24.09 -24.02 -26.74
CA ALA D 114 -22.96 -23.14 -26.92
C ALA D 114 -22.36 -22.80 -25.56
N MSE D 115 -21.04 -22.61 -25.54
CA MSE D 115 -20.34 -22.24 -24.32
C MSE D 115 -19.48 -21.01 -24.56
O MSE D 115 -19.07 -20.75 -25.69
CB MSE D 115 -19.50 -23.41 -23.80
CG MSE D 115 -20.34 -24.52 -23.19
SE MSE D 115 -19.31 -26.09 -22.71
CE MSE D 115 -20.68 -27.05 -21.71
N LEU D 116 -19.21 -20.25 -23.50
CA LEU D 116 -18.62 -18.93 -23.65
C LEU D 116 -18.01 -18.48 -22.34
N PHE D 117 -16.85 -17.83 -22.42
CA PHE D 117 -16.23 -17.18 -21.28
C PHE D 117 -16.71 -15.73 -21.23
N ALA D 118 -17.42 -15.38 -20.16
CA ALA D 118 -18.01 -14.05 -20.05
C ALA D 118 -16.99 -13.08 -19.47
N SER D 119 -16.63 -12.05 -20.23
CA SER D 119 -15.87 -10.94 -19.66
C SER D 119 -16.73 -10.14 -18.70
N GLU D 120 -17.92 -9.76 -19.13
CA GLU D 120 -18.96 -9.19 -18.27
C GLU D 120 -20.18 -10.10 -18.37
N ALA D 121 -20.53 -10.73 -17.24
CA ALA D 121 -21.52 -11.80 -17.27
C ALA D 121 -22.91 -11.29 -17.64
N LEU D 122 -23.26 -10.08 -17.20
CA LEU D 122 -24.59 -9.55 -17.42
C LEU D 122 -24.90 -9.29 -18.89
N ILE D 123 -23.93 -9.43 -19.78
CA ILE D 123 -24.15 -9.14 -21.20
C ILE D 123 -25.09 -10.17 -21.81
N TYR D 124 -24.80 -11.46 -21.63
CA TYR D 124 -25.37 -12.51 -22.46
C TYR D 124 -26.62 -13.14 -21.87
N GLY D 125 -27.01 -12.78 -20.65
CA GLY D 125 -28.23 -13.32 -20.09
C GLY D 125 -29.45 -13.03 -20.92
N ARG D 126 -29.48 -11.87 -21.59
CA ARG D 126 -30.59 -11.50 -22.45
C ARG D 126 -30.68 -12.38 -23.69
N PHE D 127 -29.57 -13.02 -24.09
CA PHE D 127 -29.55 -13.87 -25.27
C PHE D 127 -29.81 -15.34 -24.96
N GLY D 128 -30.09 -15.68 -23.71
CA GLY D 128 -30.33 -17.05 -23.30
C GLY D 128 -29.17 -17.72 -22.61
N TYR D 129 -28.04 -17.03 -22.46
CA TYR D 129 -26.88 -17.60 -21.76
C TYR D 129 -27.10 -17.59 -20.26
N GLY D 130 -26.63 -18.64 -19.60
CA GLY D 130 -26.68 -18.72 -18.15
C GLY D 130 -25.38 -19.25 -17.56
N VAL D 131 -24.93 -18.65 -16.46
CA VAL D 131 -23.71 -19.10 -15.82
C VAL D 131 -23.91 -20.50 -15.27
N ALA D 132 -23.17 -21.46 -15.80
CA ALA D 132 -23.30 -22.86 -15.41
C ALA D 132 -22.07 -23.43 -14.73
N THR D 133 -20.90 -22.82 -14.90
CA THR D 133 -19.66 -23.34 -14.34
C THR D 133 -18.90 -22.20 -13.68
N GLU D 134 -18.36 -22.47 -12.49
CA GLU D 134 -17.52 -21.53 -11.78
C GLU D 134 -16.11 -22.10 -11.65
N SER D 135 -15.14 -21.22 -11.43
CA SER D 135 -13.76 -21.59 -11.20
C SER D 135 -13.23 -20.86 -9.97
N ALA D 136 -12.23 -21.46 -9.33
CA ALA D 136 -11.67 -20.93 -8.10
C ALA D 136 -10.19 -20.66 -8.28
N GLU D 137 -9.74 -19.48 -7.84
CA GLU D 137 -8.32 -19.15 -7.78
C GLU D 137 -7.77 -19.58 -6.43
N LEU D 138 -6.89 -20.57 -6.43
CA LEU D 138 -6.28 -21.09 -5.22
C LEU D 138 -4.90 -20.47 -5.05
N SER D 139 -4.61 -19.99 -3.84
CA SER D 139 -3.33 -19.34 -3.58
C SER D 139 -3.02 -19.45 -2.09
N GLY D 140 -1.75 -19.23 -1.76
CA GLY D 140 -1.32 -19.25 -0.38
C GLY D 140 0.19 -19.40 -0.30
N GLN D 141 0.67 -19.40 0.94
CA GLN D 141 2.09 -19.61 1.21
C GLN D 141 2.40 -21.10 1.13
N VAL D 142 3.39 -21.45 0.30
CA VAL D 142 3.69 -22.86 0.05
C VAL D 142 4.12 -23.58 1.32
N ARG D 143 4.75 -22.87 2.25
CA ARG D 143 5.22 -23.49 3.48
C ARG D 143 4.10 -23.73 4.48
N GLU D 144 2.87 -23.30 4.19
CA GLU D 144 1.71 -23.57 5.02
C GLU D 144 0.79 -24.61 4.38
N LEU D 145 1.20 -25.21 3.27
CA LEU D 145 0.36 -26.09 2.47
C LEU D 145 0.81 -27.55 2.57
N ALA D 146 1.13 -27.99 3.78
CA ALA D 146 1.42 -29.40 3.99
C ALA D 146 0.14 -30.23 3.82
N PHE D 147 0.32 -31.47 3.44
CA PHE D 147 -0.82 -32.35 3.20
C PHE D 147 -1.23 -33.07 4.47
N ARG D 148 -2.44 -33.64 4.44
CA ARG D 148 -2.88 -34.47 5.54
C ARG D 148 -1.95 -35.68 5.66
N PRO D 149 -1.79 -36.22 6.88
CA PRO D 149 -0.80 -37.30 7.07
C PRO D 149 -1.12 -38.56 6.29
N THR D 150 -2.37 -38.76 5.87
CA THR D 150 -2.78 -39.96 5.16
C THR D 150 -2.67 -39.82 3.64
N VAL D 151 -2.07 -38.74 3.14
CA VAL D 151 -1.95 -38.52 1.71
C VAL D 151 -0.80 -39.37 1.16
N ASP D 152 -1.12 -40.25 0.22
CA ASP D 152 -0.14 -41.14 -0.38
C ASP D 152 0.50 -40.45 -1.59
N LEU D 153 1.82 -40.27 -1.54
CA LEU D 153 2.55 -39.65 -2.63
C LEU D 153 3.03 -40.65 -3.67
N GLY D 154 2.98 -41.95 -3.38
CA GLY D 154 3.42 -42.95 -4.33
C GLY D 154 4.94 -42.98 -4.46
N ASP D 155 5.41 -43.81 -5.39
CA ASP D 155 6.84 -43.95 -5.65
C ASP D 155 7.24 -43.33 -6.99
N GLY D 156 6.43 -42.43 -7.52
CA GLY D 156 6.69 -41.86 -8.82
C GLY D 156 7.87 -40.89 -8.80
N THR D 157 8.31 -40.53 -10.01
CA THR D 157 9.41 -39.60 -10.20
C THR D 157 8.97 -38.48 -11.13
N LEU D 158 9.61 -37.33 -11.00
CA LEU D 158 9.26 -36.14 -11.76
C LEU D 158 10.45 -35.64 -12.56
N GLU D 159 10.15 -35.11 -13.75
CA GLU D 159 11.15 -34.53 -14.63
C GLU D 159 10.64 -33.24 -15.23
N GLU D 160 11.48 -32.21 -15.24
CA GLU D 160 11.18 -31.01 -16.00
C GLU D 160 11.63 -31.23 -17.44
N VAL D 161 10.71 -31.02 -18.38
CA VAL D 161 10.92 -31.44 -19.76
C VAL D 161 10.58 -30.28 -20.70
N SER D 162 11.01 -30.44 -21.94
CA SER D 162 10.74 -29.46 -22.99
C SER D 162 9.30 -29.56 -23.46
N ALA D 163 8.86 -28.52 -24.18
CA ALA D 163 7.50 -28.53 -24.72
C ALA D 163 7.27 -29.75 -25.62
N GLU D 164 8.29 -30.15 -26.39
CA GLU D 164 8.13 -31.28 -27.29
C GLU D 164 7.94 -32.58 -26.50
N THR D 165 8.79 -32.82 -25.50
CA THR D 165 8.63 -34.01 -24.66
C THR D 165 7.31 -33.96 -23.91
N PHE D 166 6.90 -32.78 -23.44
CA PHE D 166 5.63 -32.64 -22.75
C PHE D 166 4.46 -33.02 -23.66
N LEU D 167 4.47 -32.55 -24.90
CA LEU D 167 3.37 -32.82 -25.83
C LEU D 167 3.36 -34.25 -26.33
N ALA D 168 4.41 -35.03 -26.09
CA ALA D 168 4.45 -36.42 -26.50
C ALA D 168 3.86 -37.35 -25.44
N SER D 169 3.47 -36.84 -24.28
CA SER D 169 2.93 -37.67 -23.21
C SER D 169 1.71 -37.08 -22.51
N ALA D 170 1.60 -35.75 -22.39
CA ALA D 170 0.48 -35.13 -21.70
C ALA D 170 -0.86 -35.32 -22.41
N PRO D 171 -0.95 -35.24 -23.75
CA PRO D 171 -2.25 -35.48 -24.39
C PRO D 171 -2.87 -36.83 -24.06
N ALA D 172 -2.04 -37.88 -23.98
CA ALA D 172 -2.57 -39.19 -23.59
C ALA D 172 -3.08 -39.18 -22.15
N ILE D 173 -2.39 -38.46 -21.27
CA ILE D 173 -2.84 -38.31 -19.89
C ILE D 173 -4.14 -37.51 -19.84
N TYR D 174 -4.22 -36.43 -20.62
CA TYR D 174 -5.41 -35.59 -20.63
C TYR D 174 -6.65 -36.37 -21.07
N ASP D 175 -6.52 -37.14 -22.16
CA ASP D 175 -7.68 -37.85 -22.70
C ASP D 175 -8.23 -38.89 -21.71
N ALA D 176 -7.40 -39.38 -20.80
CA ALA D 176 -7.82 -40.46 -19.91
C ALA D 176 -8.65 -39.97 -18.74
N VAL D 177 -8.50 -38.72 -18.31
CA VAL D 177 -9.10 -38.26 -17.07
C VAL D 177 -10.35 -37.42 -17.33
N ILE D 178 -10.39 -36.72 -18.46
CA ILE D 178 -11.47 -35.77 -18.73
C ILE D 178 -12.84 -36.42 -18.92
N PRO D 179 -12.98 -37.70 -19.28
CA PRO D 179 -14.33 -38.29 -19.28
C PRO D 179 -15.04 -38.19 -17.94
N GLY D 180 -14.31 -38.19 -16.83
CA GLY D 180 -14.88 -38.02 -15.52
C GLY D 180 -14.87 -36.60 -15.00
N LEU D 181 -14.49 -35.63 -15.83
CA LEU D 181 -14.42 -34.22 -15.45
C LEU D 181 -15.33 -33.45 -16.40
N PRO D 182 -16.63 -33.36 -16.10
CA PRO D 182 -17.54 -32.64 -17.00
C PRO D 182 -17.15 -31.17 -17.15
N GLY D 183 -17.33 -30.65 -18.35
CA GLY D 183 -16.96 -29.29 -18.68
C GLY D 183 -15.65 -29.16 -19.43
N GLN D 184 -14.76 -30.14 -19.29
CA GLN D 184 -13.50 -30.11 -20.02
C GLN D 184 -13.74 -30.36 -21.51
N MSE D 185 -12.87 -29.80 -22.34
CA MSE D 185 -13.00 -29.94 -23.78
C MSE D 185 -11.84 -30.71 -24.39
O MSE D 185 -10.74 -30.74 -23.83
CB MSE D 185 -13.08 -28.55 -24.44
CG MSE D 185 -14.41 -27.84 -24.20
SE MSE D 185 -14.41 -26.03 -24.93
CE MSE D 185 -16.28 -25.60 -24.65
N SER D 186 -12.10 -31.36 -25.52
CA SER D 186 -11.06 -32.11 -26.22
C SER D 186 -9.97 -31.16 -26.71
N ARG D 187 -8.73 -31.65 -26.70
CA ARG D 187 -7.57 -30.86 -27.09
C ARG D 187 -6.88 -31.56 -28.25
N THR D 188 -7.01 -30.99 -29.43
CA THR D 188 -6.30 -31.46 -30.61
C THR D 188 -4.83 -31.03 -30.52
N PRO D 189 -3.97 -31.56 -31.39
CA PRO D 189 -2.59 -31.06 -31.43
C PRO D 189 -2.51 -29.56 -31.63
N GLU D 190 -3.38 -28.99 -32.45
CA GLU D 190 -3.38 -27.54 -32.66
C GLU D 190 -3.78 -26.81 -31.38
N TRP D 191 -4.72 -27.36 -30.62
CA TRP D 191 -5.14 -26.73 -29.37
C TRP D 191 -4.07 -26.88 -28.29
N TRP D 192 -3.36 -28.03 -28.27
CA TRP D 192 -2.24 -28.17 -27.36
C TRP D 192 -1.16 -27.13 -27.65
N ALA D 193 -0.95 -26.80 -28.93
CA ALA D 193 0.06 -25.80 -29.29
C ALA D 193 -0.30 -24.43 -28.72
N SER D 194 -1.58 -24.05 -28.81
CA SER D 194 -2.01 -22.77 -28.26
C SER D 194 -2.02 -22.79 -26.74
N TRP D 195 -2.44 -23.91 -26.15
CA TRP D 195 -2.52 -23.99 -24.69
C TRP D 195 -1.14 -23.93 -24.04
N THR D 196 -0.12 -24.47 -24.70
CA THR D 196 1.25 -24.47 -24.18
C THR D 196 2.11 -23.38 -24.78
N LEU D 197 1.51 -22.45 -25.53
CA LEU D 197 2.29 -21.38 -26.16
C LEU D 197 2.99 -20.52 -25.12
N ASP D 198 4.29 -20.30 -25.32
CA ASP D 198 5.06 -19.40 -24.47
C ASP D 198 4.85 -17.95 -24.92
N SER D 199 3.61 -17.50 -24.77
CA SER D 199 3.23 -16.17 -25.23
C SER D 199 4.03 -15.10 -24.50
N GLU D 200 4.35 -14.03 -25.22
CA GLU D 200 5.13 -12.95 -24.64
C GLU D 200 4.36 -12.22 -23.55
N GLU D 201 3.03 -12.16 -23.67
CA GLU D 201 2.23 -11.44 -22.69
C GLU D 201 2.28 -12.12 -21.34
N LEU D 202 2.25 -13.46 -21.31
CA LEU D 202 2.34 -14.17 -20.04
C LEU D 202 3.76 -14.18 -19.47
N GLN D 203 4.77 -14.04 -20.34
CA GLN D 203 6.14 -13.89 -19.84
C GLN D 203 6.30 -12.58 -19.09
N LYS D 204 5.56 -11.54 -19.48
CA LYS D 204 5.64 -10.26 -18.79
C LYS D 204 5.07 -10.38 -17.38
N GLU D 205 3.98 -11.13 -17.20
CA GLU D 205 3.38 -11.26 -15.88
C GLU D 205 4.16 -12.20 -14.98
N SER D 206 4.91 -13.14 -15.56
CA SER D 206 5.65 -14.12 -14.76
C SER D 206 6.98 -14.50 -15.43
N GLY D 207 6.95 -15.49 -16.31
CA GLY D 207 8.16 -15.94 -16.95
C GLY D 207 7.87 -16.95 -18.03
N LYS D 208 8.93 -17.57 -18.52
CA LYS D 208 8.80 -18.58 -19.55
C LYS D 208 8.09 -19.83 -19.02
N VAL D 209 7.33 -20.47 -19.90
CA VAL D 209 6.57 -21.64 -19.51
C VAL D 209 7.51 -22.80 -19.23
N ARG D 210 7.18 -23.60 -18.21
CA ARG D 210 7.90 -24.81 -17.89
C ARG D 210 6.93 -25.98 -17.87
N PHE D 211 7.46 -27.18 -18.08
CA PHE D 211 6.65 -28.38 -18.18
C PHE D 211 7.23 -29.47 -17.29
N VAL D 212 6.36 -30.18 -16.59
CA VAL D 212 6.75 -31.24 -15.68
C VAL D 212 5.96 -32.49 -16.04
N LEU D 213 6.62 -33.64 -15.96
CA LEU D 213 5.97 -34.93 -16.19
C LEU D 213 6.22 -35.84 -14.99
N HIS D 214 5.17 -36.53 -14.56
CA HIS D 214 5.25 -37.51 -13.48
C HIS D 214 5.22 -38.90 -14.07
N TYR D 215 6.23 -39.71 -13.75
CA TYR D 215 6.34 -41.07 -14.26
C TYR D 215 6.12 -42.06 -13.13
N GLU D 216 5.37 -43.12 -13.42
CA GLU D 216 5.19 -44.21 -12.46
C GLU D 216 6.50 -44.95 -12.27
N SER D 217 6.47 -45.93 -11.36
CA SER D 217 7.68 -46.70 -11.06
C SER D 217 8.17 -47.49 -12.27
N ASP D 218 7.27 -47.85 -13.19
CA ASP D 218 7.64 -48.60 -14.37
C ASP D 218 8.02 -47.70 -15.55
N GLY D 219 8.03 -46.38 -15.35
CA GLY D 219 8.34 -45.44 -16.41
C GLY D 219 7.14 -44.86 -17.13
N THR D 220 5.92 -45.29 -16.78
CA THR D 220 4.72 -44.80 -17.43
C THR D 220 4.41 -43.38 -16.95
N ALA D 221 4.31 -42.44 -17.88
CA ALA D 221 3.92 -41.09 -17.55
C ALA D 221 2.45 -41.06 -17.10
N SER D 222 2.21 -40.58 -15.89
CA SER D 222 0.87 -40.59 -15.31
C SER D 222 0.39 -39.22 -14.86
N GLY D 223 1.21 -38.19 -14.95
CA GLY D 223 0.79 -36.85 -14.58
C GLY D 223 1.65 -35.80 -15.24
N PHE D 224 1.15 -34.57 -15.23
CA PHE D 224 1.89 -33.45 -15.82
C PHE D 224 1.51 -32.17 -15.12
N ALA D 225 2.29 -31.11 -15.40
CA ALA D 225 2.06 -29.80 -14.81
C ALA D 225 2.61 -28.74 -15.74
N ILE D 226 1.90 -27.61 -15.81
CA ILE D 226 2.32 -26.45 -16.58
C ILE D 226 2.33 -25.25 -15.63
N TYR D 227 3.48 -24.60 -15.50
CA TYR D 227 3.60 -23.47 -14.60
C TYR D 227 4.64 -22.49 -15.13
N ARG D 228 4.62 -21.29 -14.55
CA ARG D 228 5.56 -20.24 -14.88
C ARG D 228 6.11 -19.64 -13.58
N PRO D 229 7.41 -19.40 -13.51
CA PRO D 229 8.00 -18.79 -12.32
C PRO D 229 7.98 -17.27 -12.40
N LYS D 230 7.87 -16.65 -11.23
CA LYS D 230 7.95 -15.20 -11.08
C LYS D 230 8.91 -14.92 -9.94
N PRO D 231 10.19 -14.67 -10.26
CA PRO D 231 11.19 -14.46 -9.21
C PRO D 231 10.93 -13.17 -8.45
N GLY D 232 11.62 -13.04 -7.32
CA GLY D 232 11.48 -11.89 -6.45
C GLY D 232 11.81 -10.57 -7.11
N ASN D 239 10.91 -13.83 -2.39
CA ASN D 239 9.46 -13.93 -2.45
C ASN D 239 9.00 -14.24 -3.87
N ALA D 240 9.41 -15.39 -4.38
CA ALA D 240 9.07 -15.82 -5.74
C ALA D 240 7.71 -16.51 -5.75
N GLU D 241 6.94 -16.24 -6.80
CA GLU D 241 5.63 -16.84 -6.99
C GLU D 241 5.70 -17.91 -8.09
N LEU D 242 4.86 -18.93 -7.95
CA LEU D 242 4.65 -19.93 -8.98
C LEU D 242 3.23 -19.76 -9.51
N HIS D 243 3.12 -19.46 -10.80
CA HIS D 243 1.82 -19.31 -11.46
C HIS D 243 1.52 -20.63 -12.16
N VAL D 244 0.69 -21.46 -11.53
CA VAL D 244 0.37 -22.78 -12.06
C VAL D 244 -0.75 -22.65 -13.08
N GLN D 245 -0.53 -23.21 -14.27
CA GLN D 245 -1.55 -23.19 -15.31
C GLN D 245 -2.42 -24.42 -15.29
N GLU D 246 -1.84 -25.60 -15.03
CA GLU D 246 -2.60 -26.83 -15.04
C GLU D 246 -1.78 -27.93 -14.38
N VAL D 247 -2.46 -28.75 -13.58
CA VAL D 247 -1.87 -29.95 -12.98
C VAL D 247 -2.88 -31.08 -13.10
N LEU D 248 -2.44 -32.25 -13.57
CA LEU D 248 -3.34 -33.37 -13.76
C LEU D 248 -2.58 -34.68 -13.53
N GLY D 249 -3.33 -35.70 -13.12
CA GLY D 249 -2.78 -37.03 -12.94
C GLY D 249 -3.85 -38.07 -13.14
N THR D 250 -3.43 -39.27 -13.52
CA THR D 250 -4.35 -40.38 -13.76
C THR D 250 -4.66 -41.18 -12.50
N ASN D 251 -3.99 -40.89 -11.39
CA ASN D 251 -4.25 -41.58 -10.13
C ASN D 251 -3.97 -40.59 -9.00
N PRO D 252 -4.53 -40.84 -7.81
CA PRO D 252 -4.32 -39.88 -6.71
C PRO D 252 -2.88 -39.69 -6.32
N ARG D 253 -2.03 -40.72 -6.47
CA ARG D 253 -0.63 -40.59 -6.08
C ARG D 253 0.10 -39.61 -7.00
N SER D 254 -0.10 -39.74 -8.31
CA SER D 254 0.56 -38.87 -9.26
C SER D 254 0.08 -37.43 -9.13
N TYR D 255 -1.23 -37.25 -8.88
CA TYR D 255 -1.76 -35.91 -8.69
C TYR D 255 -1.13 -35.22 -7.48
N ALA D 256 -1.12 -35.92 -6.34
CA ALA D 256 -0.58 -35.33 -5.11
C ALA D 256 0.93 -35.15 -5.20
N ARG D 257 1.63 -36.11 -5.82
CA ARG D 257 3.08 -36.01 -5.93
C ARG D 257 3.49 -34.82 -6.80
N THR D 258 2.74 -34.56 -7.87
CA THR D 258 3.08 -33.43 -8.73
C THR D 258 2.86 -32.11 -8.01
N TRP D 259 1.75 -31.99 -7.28
CA TRP D 259 1.52 -30.79 -6.47
C TRP D 259 2.58 -30.63 -5.40
N ARG D 260 2.93 -31.74 -4.72
CA ARG D 260 3.98 -31.69 -3.71
C ARG D 260 5.31 -31.21 -4.30
N TYR D 261 5.57 -31.54 -5.56
CA TYR D 261 6.78 -31.06 -6.21
C TYR D 261 6.76 -29.54 -6.36
N LEU D 262 5.62 -28.99 -6.82
CA LEU D 262 5.51 -27.54 -6.96
C LEU D 262 5.55 -26.84 -5.61
N LEU D 263 4.98 -27.46 -4.57
CA LEU D 263 4.87 -26.79 -3.27
C LEU D 263 6.17 -26.81 -2.49
N ASP D 264 7.04 -27.79 -2.72
CA ASP D 264 8.30 -27.89 -2.00
C ASP D 264 9.46 -27.27 -2.76
N MSE D 265 9.18 -26.54 -3.83
CA MSE D 265 10.25 -25.99 -4.66
C MSE D 265 11.04 -24.94 -3.90
O MSE D 265 10.48 -24.05 -3.26
CB MSE D 265 9.67 -25.39 -5.94
CG MSE D 265 10.73 -25.11 -7.00
SE MSE D 265 9.97 -24.83 -8.76
CE MSE D 265 8.97 -26.51 -8.90
N ASP D 266 12.37 -25.06 -3.97
CA ASP D 266 13.27 -24.09 -3.37
C ASP D 266 12.97 -22.68 -3.86
N LEU D 267 13.21 -21.71 -2.97
CA LEU D 267 13.08 -20.29 -3.20
C LEU D 267 11.65 -19.82 -3.43
N VAL D 268 10.67 -20.71 -3.40
CA VAL D 268 9.28 -20.33 -3.64
C VAL D 268 8.63 -19.99 -2.30
N ARG D 269 7.82 -18.94 -2.30
CA ARG D 269 7.06 -18.56 -1.11
C ARG D 269 5.55 -18.58 -1.33
N LYS D 270 5.07 -18.09 -2.47
CA LYS D 270 3.65 -18.08 -2.77
C LYS D 270 3.39 -18.85 -4.05
N ILE D 271 2.23 -19.49 -4.11
CA ILE D 271 1.79 -20.23 -5.28
C ILE D 271 0.38 -19.76 -5.64
N LYS D 272 0.06 -19.78 -6.93
CA LYS D 272 -1.25 -19.35 -7.40
C LYS D 272 -1.70 -20.28 -8.50
N TYR D 273 -2.97 -20.69 -8.45
CA TYR D 273 -3.58 -21.58 -9.43
C TYR D 273 -4.93 -20.96 -9.80
N HIS D 274 -4.95 -20.17 -10.87
CA HIS D 274 -6.18 -19.58 -11.36
C HIS D 274 -6.89 -20.54 -12.30
N GLY D 275 -8.22 -20.54 -12.25
CA GLY D 275 -8.99 -21.44 -13.09
C GLY D 275 -9.13 -22.84 -12.59
N ALA D 276 -8.83 -23.08 -11.31
CA ALA D 276 -8.98 -24.40 -10.73
C ALA D 276 -10.47 -24.69 -10.47
N SER D 277 -10.76 -25.96 -10.21
CA SER D 277 -12.12 -26.35 -9.86
C SER D 277 -12.46 -25.88 -8.45
N VAL D 278 -13.73 -25.53 -8.25
CA VAL D 278 -14.19 -25.17 -6.91
C VAL D 278 -14.10 -26.34 -5.95
N GLN D 279 -14.05 -27.56 -6.48
CA GLN D 279 -13.84 -28.78 -5.69
C GLN D 279 -12.53 -29.44 -6.09
N GLU D 280 -11.50 -28.63 -6.32
CA GLU D 280 -10.19 -29.15 -6.66
C GLU D 280 -9.67 -30.07 -5.57
N GLU D 281 -9.14 -31.24 -5.97
CA GLU D 281 -8.67 -32.21 -5.00
C GLU D 281 -7.60 -31.64 -4.08
N LEU D 282 -6.79 -30.70 -4.58
CA LEU D 282 -5.75 -30.08 -3.77
C LEU D 282 -6.32 -29.43 -2.52
N ARG D 283 -7.53 -28.87 -2.61
CA ARG D 283 -8.13 -28.16 -1.48
C ARG D 283 -8.33 -29.08 -0.28
N TYR D 284 -8.61 -30.36 -0.52
CA TYR D 284 -8.85 -31.32 0.54
C TYR D 284 -7.60 -32.11 0.91
N LEU D 285 -6.53 -32.04 0.11
CA LEU D 285 -5.26 -32.64 0.48
C LEU D 285 -4.56 -31.83 1.57
N VAL D 286 -4.74 -30.51 1.57
CA VAL D 286 -4.03 -29.64 2.50
C VAL D 286 -4.47 -29.92 3.93
N ALA D 287 -3.51 -30.02 4.84
CA ALA D 287 -3.81 -30.30 6.23
C ALA D 287 -4.51 -29.13 6.91
N ASN D 288 -4.18 -27.90 6.53
CA ASN D 288 -4.79 -26.70 7.10
C ASN D 288 -5.56 -26.02 5.99
N HIS D 289 -6.84 -26.36 5.89
CA HIS D 289 -7.74 -25.85 4.85
C HIS D 289 -7.67 -24.33 4.64
N PRO D 290 -7.68 -23.48 5.68
CA PRO D 290 -7.66 -22.03 5.42
C PRO D 290 -6.36 -21.51 4.80
N SER D 291 -5.28 -22.29 4.81
CA SER D 291 -4.02 -21.81 4.25
C SER D 291 -4.07 -21.66 2.74
N LEU D 292 -5.05 -22.25 2.07
CA LEU D 292 -5.19 -22.16 0.62
C LEU D 292 -6.43 -21.30 0.34
N GLU D 293 -6.20 -20.01 0.13
CA GLU D 293 -7.29 -19.07 -0.13
C GLU D 293 -8.02 -19.46 -1.41
N CYS D 294 -9.36 -19.36 -1.36
CA CYS D 294 -10.22 -19.80 -2.46
C CYS D 294 -11.20 -18.69 -2.81
N VAL D 295 -11.03 -18.08 -3.97
CA VAL D 295 -11.92 -17.05 -4.49
C VAL D 295 -12.65 -17.63 -5.70
N VAL D 296 -13.98 -17.59 -5.65
CA VAL D 296 -14.82 -18.22 -6.66
C VAL D 296 -15.45 -17.14 -7.54
N SER D 297 -15.50 -17.41 -8.85
CA SER D 297 -16.08 -16.47 -9.80
C SER D 297 -16.60 -17.25 -11.00
N ASP D 298 -17.23 -16.53 -11.94
CA ASP D 298 -17.80 -17.14 -13.12
C ASP D 298 -16.73 -17.78 -14.00
N ALA D 299 -17.13 -18.84 -14.70
CA ALA D 299 -16.27 -19.48 -15.68
C ALA D 299 -16.96 -19.56 -17.04
N ILE D 300 -17.83 -20.55 -17.21
CA ILE D 300 -18.45 -20.84 -18.50
C ILE D 300 -19.94 -20.52 -18.43
N GLN D 301 -20.43 -19.80 -19.43
CA GLN D 301 -21.87 -19.59 -19.63
C GLN D 301 -22.35 -20.60 -20.67
N VAL D 302 -23.55 -21.15 -20.45
CA VAL D 302 -24.11 -22.17 -21.33
C VAL D 302 -25.35 -21.60 -22.00
N ARG D 303 -25.45 -21.79 -23.33
CA ARG D 303 -26.63 -21.42 -24.09
C ARG D 303 -27.16 -22.67 -24.77
N LEU D 304 -28.28 -23.20 -24.27
CA LEU D 304 -28.89 -24.38 -24.87
C LEU D 304 -29.59 -23.98 -26.17
N VAL D 305 -29.15 -24.56 -27.28
CA VAL D 305 -29.71 -24.27 -28.59
C VAL D 305 -30.73 -25.31 -29.01
N ASP D 306 -30.51 -26.57 -28.65
CA ASP D 306 -31.45 -27.65 -28.90
C ASP D 306 -31.74 -28.28 -27.53
N ILE D 307 -32.86 -27.87 -26.93
CA ILE D 307 -33.15 -28.30 -25.56
C ILE D 307 -33.36 -29.80 -25.45
N PRO D 308 -34.22 -30.45 -26.26
CA PRO D 308 -34.41 -31.90 -26.09
C PRO D 308 -33.13 -32.71 -26.24
N ARG D 309 -32.30 -32.39 -27.25
CA ARG D 309 -31.09 -33.16 -27.47
C ARG D 309 -30.09 -32.94 -26.34
N ALA D 310 -29.89 -31.69 -25.93
CA ALA D 310 -28.94 -31.40 -24.86
C ALA D 310 -29.35 -32.10 -23.56
N LEU D 311 -30.65 -32.10 -23.26
CA LEU D 311 -31.13 -32.75 -22.05
C LEU D 311 -30.98 -34.27 -22.10
N ALA D 312 -31.01 -34.84 -23.31
CA ALA D 312 -30.85 -36.29 -23.47
C ALA D 312 -29.40 -36.72 -23.56
N GLN D 313 -28.48 -35.80 -23.87
CA GLN D 313 -27.08 -36.19 -24.05
C GLN D 313 -26.37 -36.40 -22.72
N ARG D 314 -26.78 -35.73 -21.66
CA ARG D 314 -26.15 -35.89 -20.35
C ARG D 314 -26.90 -36.92 -19.52
N ARG D 315 -26.22 -37.38 -18.47
CA ARG D 315 -26.82 -38.26 -17.48
C ARG D 315 -27.04 -37.49 -16.18
N TYR D 316 -27.88 -38.05 -15.31
CA TYR D 316 -28.33 -37.37 -14.11
C TYR D 316 -27.96 -38.18 -12.88
N ALA D 317 -27.57 -37.48 -11.81
CA ALA D 317 -27.07 -38.14 -10.61
C ALA D 317 -28.12 -39.04 -9.96
N ALA D 318 -29.39 -38.80 -10.22
CA ALA D 318 -30.46 -39.62 -9.67
C ALA D 318 -31.62 -39.61 -10.65
N ASP D 319 -32.55 -40.54 -10.44
CA ASP D 319 -33.71 -40.65 -11.32
C ASP D 319 -34.58 -39.40 -11.22
N VAL D 320 -35.15 -39.00 -12.35
CA VAL D 320 -35.99 -37.82 -12.42
C VAL D 320 -37.04 -38.02 -13.50
N ASP D 321 -38.26 -37.57 -13.21
CA ASP D 321 -39.35 -37.54 -14.19
C ASP D 321 -40.10 -36.23 -13.94
N VAL D 322 -39.80 -35.22 -14.75
CA VAL D 322 -40.27 -33.86 -14.50
C VAL D 322 -40.73 -33.25 -15.82
N VAL D 323 -41.72 -32.37 -15.73
CA VAL D 323 -42.25 -31.64 -16.88
C VAL D 323 -41.85 -30.19 -16.71
N LEU D 324 -41.13 -29.65 -17.69
CA LEU D 324 -40.55 -28.32 -17.61
C LEU D 324 -41.24 -27.38 -18.59
N GLU D 325 -41.82 -26.30 -18.07
CA GLU D 325 -42.36 -25.23 -18.90
C GLU D 325 -41.23 -24.25 -19.17
N VAL D 326 -40.68 -24.31 -20.38
CA VAL D 326 -39.48 -23.54 -20.74
C VAL D 326 -39.89 -22.34 -21.58
N THR D 327 -39.44 -21.15 -21.16
CA THR D 327 -39.66 -19.91 -21.90
C THR D 327 -38.32 -19.39 -22.41
N ASP D 328 -38.22 -19.23 -23.73
CA ASP D 328 -37.01 -18.72 -24.39
C ASP D 328 -37.39 -17.42 -25.06
N ASP D 329 -37.12 -16.29 -24.40
CA ASP D 329 -37.57 -15.00 -24.91
C ASP D 329 -36.82 -14.60 -26.19
N PHE D 330 -35.49 -14.82 -26.22
CA PHE D 330 -34.71 -14.40 -27.37
C PHE D 330 -34.97 -15.28 -28.58
N LEU D 331 -35.13 -16.59 -28.36
CA LEU D 331 -35.43 -17.55 -29.42
C LEU D 331 -36.75 -18.24 -29.10
N PRO D 332 -37.88 -17.59 -29.40
CA PRO D 332 -39.19 -18.15 -29.00
C PRO D 332 -39.51 -19.49 -29.64
N GLU D 333 -38.81 -19.89 -30.72
CA GLU D 333 -39.07 -21.19 -31.32
C GLU D 333 -38.73 -22.34 -30.38
N ASN D 334 -37.86 -22.12 -29.40
CA ASN D 334 -37.51 -23.15 -28.43
C ASN D 334 -38.47 -23.21 -27.25
N SER D 335 -39.33 -22.21 -27.10
CA SER D 335 -40.28 -22.18 -26.00
C SER D 335 -41.27 -23.33 -26.10
N GLY D 336 -41.54 -23.96 -24.97
CA GLY D 336 -42.46 -25.08 -24.93
C GLY D 336 -42.31 -25.85 -23.64
N ARG D 337 -43.07 -26.94 -23.56
CA ARG D 337 -43.14 -27.77 -22.37
C ARG D 337 -42.48 -29.12 -22.65
N TYR D 338 -41.51 -29.49 -21.82
CA TYR D 338 -40.72 -30.70 -22.04
C TYR D 338 -40.83 -31.61 -20.83
N ARG D 339 -41.08 -32.89 -21.08
CA ARG D 339 -41.02 -33.92 -20.04
C ARG D 339 -39.65 -34.58 -20.09
N LEU D 340 -38.91 -34.47 -18.99
CA LEU D 340 -37.57 -35.04 -18.90
C LEU D 340 -37.60 -36.27 -18.01
N ARG D 341 -37.19 -37.41 -18.55
CA ARG D 341 -37.05 -38.64 -17.78
C ARG D 341 -35.62 -39.10 -17.90
N GLY D 342 -34.84 -38.97 -16.83
CA GLY D 342 -33.42 -39.22 -16.88
C GLY D 342 -32.93 -39.87 -15.59
N GLY D 343 -31.75 -40.45 -15.69
CA GLY D 343 -31.12 -41.09 -14.55
C GLY D 343 -29.65 -41.25 -14.80
N LEU D 344 -29.04 -42.18 -14.05
CA LEU D 344 -27.61 -42.43 -14.20
C LEU D 344 -27.30 -43.15 -15.50
N ASP D 345 -28.26 -43.90 -16.05
CA ASP D 345 -28.01 -44.70 -17.24
C ASP D 345 -29.06 -44.50 -18.33
N HIS D 346 -29.84 -43.42 -18.26
CA HIS D 346 -30.86 -43.17 -19.28
C HIS D 346 -31.26 -41.71 -19.26
N ALA D 347 -31.74 -41.23 -20.41
CA ALA D 347 -32.23 -39.85 -20.54
C ALA D 347 -33.06 -39.75 -21.80
N SER D 348 -34.24 -39.13 -21.69
CA SER D 348 -35.11 -38.89 -22.84
C SER D 348 -35.91 -37.62 -22.58
N CYS D 349 -36.16 -36.86 -23.64
CA CYS D 349 -36.89 -35.61 -23.51
C CYS D 349 -37.72 -35.33 -24.76
N GLU D 350 -39.01 -35.06 -24.56
CA GLU D 350 -39.96 -34.76 -25.63
C GLU D 350 -40.98 -33.74 -25.16
N ILE D 351 -41.50 -32.98 -26.12
CA ILE D 351 -42.60 -32.06 -25.85
C ILE D 351 -43.84 -32.86 -25.43
N THR D 352 -44.49 -32.39 -24.37
CA THR D 352 -45.67 -33.06 -23.83
C THR D 352 -46.73 -32.02 -23.51
N THR D 353 -47.96 -32.51 -23.29
CA THR D 353 -49.06 -31.66 -22.89
C THR D 353 -49.52 -31.89 -21.46
N ASP D 354 -48.85 -32.78 -20.72
CA ASP D 354 -49.17 -32.98 -19.32
C ASP D 354 -48.91 -31.70 -18.54
N ASP D 355 -49.46 -31.64 -17.32
CA ASP D 355 -49.26 -30.47 -16.48
C ASP D 355 -47.78 -30.29 -16.15
N ALA D 356 -47.33 -29.04 -16.18
CA ALA D 356 -45.93 -28.73 -15.95
C ALA D 356 -45.62 -28.74 -14.46
N ASP D 357 -44.41 -29.15 -14.13
CA ASP D 357 -43.97 -29.20 -12.74
C ASP D 357 -43.13 -27.99 -12.34
N ILE D 358 -42.35 -27.43 -13.27
CA ILE D 358 -41.43 -26.33 -12.98
C ILE D 358 -41.47 -25.36 -14.15
N ALA D 359 -41.48 -24.06 -13.84
CA ALA D 359 -41.43 -23.01 -14.83
C ALA D 359 -40.13 -22.24 -14.68
N LEU D 360 -39.41 -22.06 -15.78
CA LEU D 360 -38.11 -21.39 -15.74
C LEU D 360 -37.76 -20.90 -17.14
N THR D 361 -36.81 -19.98 -17.20
CA THR D 361 -36.31 -19.45 -18.45
C THR D 361 -35.18 -20.32 -18.99
N VAL D 362 -34.88 -20.15 -20.28
CA VAL D 362 -33.85 -20.97 -20.91
C VAL D 362 -32.47 -20.67 -20.33
N ARG D 363 -32.23 -19.44 -19.88
CA ARG D 363 -30.93 -19.12 -19.30
C ARG D 363 -30.73 -19.82 -17.97
N ASP D 364 -31.79 -19.93 -17.17
CA ASP D 364 -31.68 -20.65 -15.90
C ASP D 364 -31.54 -22.15 -16.12
N LEU D 365 -32.20 -22.67 -17.15
CA LEU D 365 -32.02 -24.09 -17.50
C LEU D 365 -30.59 -24.36 -17.91
N GLY D 366 -29.98 -23.44 -18.66
CA GLY D 366 -28.57 -23.57 -18.99
C GLY D 366 -27.67 -23.44 -17.79
N SER D 367 -28.08 -22.67 -16.79
CA SER D 367 -27.27 -22.49 -15.58
C SER D 367 -27.12 -23.79 -14.82
N VAL D 368 -28.21 -24.57 -14.74
CA VAL D 368 -28.18 -25.85 -14.02
C VAL D 368 -27.79 -27.01 -14.92
N TYR D 369 -27.50 -26.76 -16.20
CA TYR D 369 -27.30 -27.85 -17.14
C TYR D 369 -26.03 -28.64 -16.86
N MSE D 370 -25.02 -28.01 -16.25
CA MSE D 370 -23.74 -28.66 -16.02
C MSE D 370 -23.55 -29.09 -14.57
O MSE D 370 -22.48 -29.55 -14.19
CB MSE D 370 -22.60 -27.74 -16.45
CG MSE D 370 -22.54 -27.48 -17.95
SE MSE D 370 -22.27 -29.11 -18.98
CE MSE D 370 -20.56 -29.67 -18.22
N GLY D 371 -24.59 -28.93 -13.76
CA GLY D 371 -24.51 -29.32 -12.37
C GLY D 371 -23.66 -28.43 -11.50
N GLY D 372 -23.49 -27.16 -11.87
CA GLY D 372 -22.70 -26.24 -11.10
C GLY D 372 -23.54 -25.26 -10.32
N VAL D 373 -24.83 -25.17 -10.66
CA VAL D 373 -25.77 -24.29 -10.00
C VAL D 373 -26.98 -25.11 -9.59
N SER D 374 -27.41 -24.94 -8.34
CA SER D 374 -28.53 -25.70 -7.81
C SER D 374 -29.85 -25.12 -8.29
N LEU D 375 -30.70 -25.98 -8.86
CA LEU D 375 -32.04 -25.54 -9.25
C LEU D 375 -32.88 -25.17 -8.02
N GLN D 376 -32.58 -25.77 -6.88
CA GLN D 376 -33.31 -25.45 -5.66
C GLN D 376 -33.05 -24.01 -5.22
N VAL D 377 -31.81 -23.55 -5.32
CA VAL D 377 -31.48 -22.17 -4.96
C VAL D 377 -32.18 -21.20 -5.89
N LEU D 378 -32.19 -21.51 -7.20
CA LEU D 378 -32.87 -20.65 -8.16
C LEU D 378 -34.36 -20.56 -7.87
N ALA D 379 -34.97 -21.63 -7.36
CA ALA D 379 -36.38 -21.59 -7.00
C ALA D 379 -36.60 -20.79 -5.73
N SER D 380 -35.78 -21.03 -4.70
CA SER D 380 -35.90 -20.28 -3.46
C SER D 380 -35.61 -18.80 -3.67
N ALA D 381 -34.83 -18.45 -4.68
CA ALA D 381 -34.52 -17.05 -4.97
C ALA D 381 -35.62 -16.34 -5.75
N GLY D 382 -36.62 -17.06 -6.25
CA GLY D 382 -37.68 -16.47 -7.03
C GLY D 382 -37.43 -16.42 -8.53
N LEU D 383 -36.27 -16.88 -8.99
CA LEU D 383 -35.98 -16.88 -10.42
C LEU D 383 -36.64 -18.05 -11.13
N VAL D 384 -36.84 -19.16 -10.43
CA VAL D 384 -37.48 -20.34 -10.96
C VAL D 384 -38.72 -20.64 -10.13
N THR D 385 -39.80 -21.02 -10.77
CA THR D 385 -41.09 -21.22 -10.12
C THR D 385 -41.43 -22.70 -10.07
N GLU D 386 -41.74 -23.20 -8.87
CA GLU D 386 -42.22 -24.57 -8.71
C GLU D 386 -43.73 -24.58 -8.87
N LEU D 387 -44.23 -25.45 -9.73
CA LEU D 387 -45.66 -25.55 -9.99
C LEU D 387 -46.32 -26.69 -9.23
N ARG D 388 -45.58 -27.76 -8.93
CA ARG D 388 -46.08 -28.89 -8.17
C ARG D 388 -45.06 -29.23 -7.10
N ALA D 389 -45.53 -29.34 -5.86
CA ALA D 389 -44.64 -29.48 -4.72
C ALA D 389 -43.75 -30.71 -4.84
N GLY D 390 -42.49 -30.54 -4.39
CA GLY D 390 -41.52 -31.62 -4.39
C GLY D 390 -40.79 -31.83 -5.69
N ALA D 391 -41.17 -31.14 -6.77
CA ALA D 391 -40.54 -31.37 -8.07
C ALA D 391 -39.14 -30.75 -8.12
N VAL D 392 -38.99 -29.52 -7.62
CA VAL D 392 -37.71 -28.83 -7.70
C VAL D 392 -36.63 -29.58 -6.92
N GLN D 393 -36.98 -30.10 -5.75
CA GLN D 393 -36.01 -30.83 -4.93
C GLN D 393 -35.43 -32.02 -5.68
N ARG D 394 -36.29 -32.84 -6.28
CA ARG D 394 -35.80 -34.03 -6.99
C ARG D 394 -35.07 -33.63 -8.27
N ALA D 395 -35.54 -32.61 -8.96
CA ALA D 395 -34.87 -32.14 -10.17
C ALA D 395 -33.50 -31.55 -9.85
N ALA D 396 -33.39 -30.82 -8.73
CA ALA D 396 -32.12 -30.23 -8.34
C ALA D 396 -31.07 -31.29 -8.08
N THR D 397 -31.47 -32.38 -7.40
CA THR D 397 -30.53 -33.47 -7.14
C THR D 397 -30.12 -34.17 -8.44
N ALA D 398 -31.08 -34.38 -9.34
CA ALA D 398 -30.77 -35.06 -10.60
C ALA D 398 -29.86 -34.23 -11.49
N PHE D 399 -30.16 -32.92 -11.60
CA PHE D 399 -29.32 -32.04 -12.40
C PHE D 399 -27.93 -31.84 -11.81
N GLY D 400 -27.72 -32.22 -10.56
CA GLY D 400 -26.40 -32.18 -9.96
C GLY D 400 -25.52 -33.32 -10.44
N TRP D 401 -24.32 -33.38 -9.86
CA TRP D 401 -23.35 -34.41 -10.22
C TRP D 401 -22.34 -34.53 -9.10
N PRO D 402 -21.88 -35.74 -8.76
CA PRO D 402 -20.89 -35.86 -7.68
C PRO D 402 -19.59 -35.14 -7.96
N VAL D 403 -19.24 -34.91 -9.22
CA VAL D 403 -18.06 -34.16 -9.60
C VAL D 403 -18.52 -32.81 -10.14
N ALA D 404 -18.05 -31.73 -9.53
CA ALA D 404 -18.42 -30.41 -9.99
C ALA D 404 -17.80 -30.13 -11.36
N PRO D 405 -18.49 -29.41 -12.23
CA PRO D 405 -17.89 -29.04 -13.52
C PRO D 405 -16.73 -28.09 -13.34
N SER D 406 -15.76 -28.19 -14.26
CA SER D 406 -14.57 -27.39 -14.21
C SER D 406 -14.42 -26.60 -15.51
N ALA D 407 -13.63 -25.54 -15.44
CA ALA D 407 -13.45 -24.68 -16.60
C ALA D 407 -12.45 -25.30 -17.57
N PRO D 408 -12.74 -25.28 -18.87
CA PRO D 408 -11.81 -25.81 -19.86
C PRO D 408 -10.69 -24.80 -20.13
N ASP D 409 -9.82 -25.16 -21.06
CA ASP D 409 -8.77 -24.24 -21.49
C ASP D 409 -9.40 -23.01 -22.15
N ASP D 410 -8.68 -21.89 -22.08
CA ASP D 410 -9.22 -20.61 -22.50
C ASP D 410 -9.53 -20.60 -23.99
N PHE D 411 -10.61 -19.92 -24.36
CA PHE D 411 -10.93 -19.65 -25.76
C PHE D 411 -11.75 -18.38 -25.88
N SER E 2 7.36 39.47 27.25
CA SER E 2 7.78 38.10 27.47
C SER E 2 9.16 38.03 28.11
N GLU E 3 9.20 38.05 29.44
CA GLU E 3 10.43 37.97 30.19
C GLU E 3 10.63 36.52 30.66
N LEU E 4 11.77 35.95 30.31
CA LEU E 4 12.06 34.54 30.60
C LEU E 4 12.93 34.41 31.84
N THR E 5 12.65 33.37 32.63
CA THR E 5 13.41 33.08 33.83
C THR E 5 13.83 31.61 33.82
N LEU E 6 15.13 31.37 34.02
CA LEU E 6 15.65 30.01 34.15
C LEU E 6 15.53 29.59 35.61
N ARG E 7 14.82 28.49 35.86
CA ARG E 7 14.60 28.04 37.22
C ARG E 7 14.27 26.54 37.20
N THR E 8 14.22 25.96 38.39
CA THR E 8 13.86 24.55 38.57
C THR E 8 12.39 24.43 38.95
N ILE E 9 11.92 23.17 38.95
CA ILE E 9 10.55 22.88 39.31
C ILE E 9 10.31 23.20 40.79
N ALA E 10 9.23 23.90 41.08
CA ALA E 10 8.93 24.34 42.44
C ALA E 10 8.07 23.34 43.20
N ASP E 11 7.07 22.75 42.55
CA ASP E 11 6.16 21.81 43.22
C ASP E 11 5.57 20.88 42.16
N GLU E 12 4.64 20.02 42.58
CA GLU E 12 4.04 19.07 41.64
C GLU E 12 3.11 19.74 40.66
N ASP E 13 2.41 20.79 41.08
CA ASP E 13 1.58 21.53 40.14
C ASP E 13 2.44 22.19 39.07
N ASP E 14 3.59 22.72 39.49
CA ASP E 14 4.57 23.20 38.52
C ASP E 14 5.18 22.04 37.74
N TYR E 15 5.38 20.89 38.40
CA TYR E 15 5.96 19.73 37.72
C TYR E 15 5.05 19.20 36.63
N GLU E 16 3.74 19.14 36.88
CA GLU E 16 2.82 18.67 35.86
C GLU E 16 2.76 19.64 34.68
N SER E 17 2.70 20.94 34.97
CA SER E 17 2.75 21.93 33.89
C SER E 17 4.09 21.85 33.16
N TYR E 18 5.17 21.57 33.90
CA TYR E 18 6.48 21.39 33.28
C TYR E 18 6.46 20.24 32.29
N MSE E 19 5.79 19.14 32.64
CA MSE E 19 5.68 17.99 31.76
C MSE E 19 4.73 18.26 30.61
O MSE E 19 4.93 17.78 29.49
CB MSE E 19 5.22 16.76 32.55
CG MSE E 19 6.20 16.29 33.59
SE MSE E 19 7.90 15.78 32.81
CE MSE E 19 7.28 14.35 31.63
N ALA E 20 3.67 19.03 30.88
CA ALA E 20 2.68 19.33 29.86
C ALA E 20 3.32 20.04 28.67
N SER E 21 4.19 21.01 28.93
CA SER E 21 4.86 21.70 27.83
C SER E 21 5.80 20.77 27.08
N ALA E 22 6.47 19.87 27.80
CA ALA E 22 7.36 18.92 27.13
C ALA E 22 6.59 17.99 26.21
N TYR E 23 5.48 17.42 26.70
CA TYR E 23 4.63 16.60 25.85
C TYR E 23 4.06 17.42 24.69
N SER E 24 3.71 18.68 24.95
CA SER E 24 3.15 19.51 23.90
C SER E 24 4.17 19.76 22.78
N VAL E 25 5.42 20.00 23.13
CA VAL E 25 6.45 20.19 22.13
C VAL E 25 6.66 18.91 21.33
N PHE E 26 6.54 17.76 21.99
CA PHE E 26 6.60 16.47 21.29
C PHE E 26 5.29 16.10 20.62
N LEU E 27 4.33 17.03 20.54
CA LEU E 27 3.07 16.84 19.82
C LEU E 27 2.27 15.68 20.40
N ARG E 28 2.33 15.52 21.72
CA ARG E 28 1.63 14.44 22.40
C ARG E 28 0.82 15.01 23.55
N ASP E 29 -0.36 14.42 23.77
CA ASP E 29 -1.12 14.74 24.97
C ASP E 29 -0.38 14.22 26.21
N PRO E 30 -0.44 14.93 27.33
CA PRO E 30 0.23 14.45 28.54
C PRO E 30 -0.34 13.12 29.01
N GLN E 31 0.52 12.12 29.13
CA GLN E 31 0.12 10.81 29.62
C GLN E 31 0.21 10.82 31.14
N LYS E 32 -0.95 10.87 31.79
CA LYS E 32 -0.99 11.04 33.24
C LYS E 32 -0.40 9.83 33.97
N ASP E 33 -0.58 8.64 33.42
CA ASP E 33 0.00 7.44 34.03
C ASP E 33 1.52 7.47 33.98
N GLU E 34 2.09 7.90 32.85
CA GLU E 34 3.54 8.00 32.73
C GLU E 34 4.11 9.09 33.62
N ILE E 35 3.48 10.27 33.63
CA ILE E 35 3.99 11.39 34.39
C ILE E 35 3.95 11.11 35.89
N GLU E 36 2.90 10.44 36.35
CA GLU E 36 2.74 10.19 37.78
C GLU E 36 3.75 9.18 38.29
N VAL E 37 3.97 8.10 37.54
CA VAL E 37 4.87 7.05 38.02
C VAL E 37 6.33 7.48 37.89
N ASN E 38 6.66 8.32 36.90
CA ASN E 38 8.02 8.79 36.73
C ASN E 38 8.40 9.87 37.73
N ARG E 39 7.42 10.52 38.37
CA ARG E 39 7.72 11.49 39.41
C ARG E 39 8.46 10.85 40.59
N LYS E 40 8.20 9.57 40.86
CA LYS E 40 8.75 8.95 42.06
C LYS E 40 10.28 8.95 42.08
N PHE E 41 10.92 9.06 40.92
CA PHE E 41 12.38 9.17 40.86
C PHE E 41 12.85 10.49 40.27
N THR E 42 11.97 11.48 40.16
CA THR E 42 12.33 12.78 39.61
C THR E 42 12.84 13.70 40.72
N GLU E 43 14.02 14.28 40.51
CA GLU E 43 14.59 15.28 41.41
C GLU E 43 14.25 16.66 40.86
N LEU E 44 13.41 17.40 41.59
CA LEU E 44 12.92 18.67 41.09
C LEU E 44 14.05 19.68 40.88
N ASP E 45 15.09 19.63 41.71
CA ASP E 45 16.19 20.57 41.57
C ASP E 45 17.08 20.28 40.37
N ARG E 46 16.96 19.11 39.75
CA ARG E 46 17.68 18.77 38.54
C ARG E 46 16.89 19.04 37.27
N MSE E 47 15.61 19.43 37.40
CA MSE E 47 14.79 19.73 36.24
C MSE E 47 14.73 21.25 36.01
O MSE E 47 13.93 21.94 36.62
CB MSE E 47 13.37 19.19 36.44
CG MSE E 47 13.32 17.73 36.88
SE MSE E 47 13.58 16.44 35.45
CE MSE E 47 11.90 16.68 34.49
N ILE E 48 15.57 21.75 35.12
CA ILE E 48 15.66 23.17 34.84
C ILE E 48 14.81 23.50 33.63
N GLY E 49 14.67 24.80 33.36
CA GLY E 49 13.89 25.24 32.21
C GLY E 49 13.62 26.72 32.30
N PHE E 50 13.01 27.24 31.23
CA PHE E 50 12.67 28.65 31.13
C PHE E 50 11.17 28.83 31.30
N HIS E 51 10.79 29.87 32.04
CA HIS E 51 9.40 30.17 32.35
C HIS E 51 9.15 31.65 32.11
N ASP E 52 8.11 31.96 31.32
CA ASP E 52 7.81 33.34 30.96
C ASP E 52 6.82 34.01 31.91
N GLY E 53 6.68 33.48 33.13
CA GLY E 53 5.73 33.99 34.08
C GLY E 53 4.36 33.34 34.03
N LYS E 54 4.03 32.66 32.93
CA LYS E 54 2.75 32.00 32.77
C LYS E 54 2.89 30.51 32.49
N LYS E 55 3.90 30.10 31.72
CA LYS E 55 4.06 28.70 31.36
C LYS E 55 5.52 28.43 31.08
N TRP E 56 5.88 27.14 31.13
CA TRP E 56 7.23 26.73 30.74
C TRP E 56 7.39 26.81 29.23
N VAL E 57 8.44 27.49 28.77
CA VAL E 57 8.75 27.62 27.36
C VAL E 57 9.99 26.84 26.96
N ALA E 58 10.66 26.20 27.91
CA ALA E 58 11.83 25.38 27.64
C ALA E 58 12.05 24.48 28.84
N THR E 59 12.54 23.26 28.58
CA THR E 59 12.75 22.27 29.63
C THR E 59 14.04 21.51 29.37
N THR E 60 14.64 21.02 30.47
CA THR E 60 15.83 20.18 30.43
C THR E 60 16.06 19.55 31.80
N GLY E 61 16.14 18.21 31.86
CA GLY E 61 16.30 17.52 33.12
C GLY E 61 17.31 16.40 33.02
N ALA E 62 17.57 15.78 34.17
CA ALA E 62 18.52 14.67 34.24
C ALA E 62 18.20 13.82 35.46
N PHE E 63 18.21 12.50 35.28
CA PHE E 63 18.03 11.55 36.37
C PHE E 63 19.39 11.09 36.89
N SER E 64 19.51 11.00 38.20
CA SER E 64 20.72 10.44 38.82
C SER E 64 20.66 8.93 38.71
N ARG E 65 21.40 8.38 37.76
CA ARG E 65 21.41 6.94 37.50
C ARG E 65 22.85 6.44 37.50
N HIS E 66 23.00 5.14 37.28
CA HIS E 66 24.31 4.49 37.25
C HIS E 66 24.35 3.50 36.09
N VAL E 67 25.41 3.56 35.30
CA VAL E 67 25.53 2.79 34.07
C VAL E 67 26.74 1.86 34.19
N VAL E 68 26.62 0.67 33.60
CA VAL E 68 27.72 -0.28 33.54
C VAL E 68 28.67 0.11 32.42
N LEU E 69 29.96 0.16 32.72
CA LEU E 69 31.01 0.47 31.77
C LEU E 69 31.72 -0.80 31.32
N PRO E 70 32.46 -0.73 30.19
CA PRO E 70 33.32 -1.87 29.83
C PRO E 70 34.30 -2.22 30.94
N GLY E 71 34.20 -3.45 31.44
CA GLY E 71 34.97 -3.89 32.59
C GLY E 71 34.13 -4.22 33.81
N GLY E 72 32.87 -3.78 33.86
CA GLY E 72 31.97 -4.12 34.93
C GLY E 72 31.74 -3.04 35.96
N ALA E 73 32.47 -1.92 35.86
CA ALA E 73 32.28 -0.84 36.82
C ALA E 73 30.94 -0.15 36.62
N VAL E 74 30.27 0.15 37.73
CA VAL E 74 29.00 0.86 37.74
C VAL E 74 29.27 2.26 38.27
N VAL E 75 29.13 3.26 37.41
CA VAL E 75 29.49 4.63 37.75
C VAL E 75 28.26 5.53 37.66
N PRO E 76 28.20 6.62 38.41
CA PRO E 76 27.05 7.53 38.28
C PRO E 76 27.04 8.24 36.94
N VAL E 77 25.85 8.44 36.40
CA VAL E 77 25.67 9.06 35.10
C VAL E 77 24.44 9.94 35.14
N ALA E 78 24.50 11.09 34.48
CA ALA E 78 23.35 11.98 34.34
C ALA E 78 22.49 11.50 33.18
N ALA E 79 21.32 10.96 33.49
CA ALA E 79 20.38 10.49 32.46
C ALA E 79 19.57 11.69 31.98
N VAL E 80 20.06 12.34 30.93
CA VAL E 80 19.43 13.56 30.44
C VAL E 80 18.08 13.23 29.82
N THR E 81 17.07 14.05 30.10
CA THR E 81 15.72 13.79 29.65
C THR E 81 14.96 15.10 29.56
N ALA E 82 13.80 15.04 28.88
CA ALA E 82 12.85 16.14 28.83
C ALA E 82 13.50 17.43 28.34
N VAL E 83 14.26 17.31 27.25
CA VAL E 83 14.91 18.46 26.63
C VAL E 83 13.98 18.99 25.53
N THR E 84 13.37 20.15 25.79
CA THR E 84 12.47 20.77 24.84
C THR E 84 12.63 22.29 24.86
N VAL E 85 12.33 22.91 23.72
CA VAL E 85 12.17 24.35 23.61
C VAL E 85 10.89 24.58 22.82
N SER E 86 9.97 25.36 23.37
CA SER E 86 8.71 25.59 22.70
C SER E 86 8.95 26.25 21.34
N PRO E 87 8.18 25.90 20.31
CA PRO E 87 8.43 26.46 18.98
C PRO E 87 8.25 27.96 18.90
N THR E 88 7.54 28.57 19.85
CA THR E 88 7.40 30.02 19.88
C THR E 88 8.65 30.73 20.38
N HIS E 89 9.59 30.00 20.98
CA HIS E 89 10.81 30.59 21.53
C HIS E 89 12.07 29.94 20.98
N ARG E 90 11.98 29.27 19.83
CA ARG E 90 13.11 28.58 19.24
C ARG E 90 14.02 29.57 18.51
N ARG E 91 15.26 29.12 18.24
CA ARG E 91 16.27 29.96 17.60
C ARG E 91 16.51 31.25 18.37
N ARG E 92 16.46 31.16 19.70
CA ARG E 92 16.77 32.32 20.54
C ARG E 92 17.82 32.01 21.61
N GLY E 93 18.48 30.86 21.53
CA GLY E 93 19.56 30.53 22.43
C GLY E 93 19.17 29.86 23.73
N LEU E 94 17.90 29.47 23.89
CA LEU E 94 17.46 28.88 25.15
C LEU E 94 18.12 27.52 25.40
N LEU E 95 18.18 26.67 24.36
CA LEU E 95 18.80 25.36 24.54
C LEU E 95 20.28 25.48 24.87
N THR E 96 21.00 26.36 24.17
CA THR E 96 22.42 26.54 24.43
C THR E 96 22.66 26.94 25.88
N THR E 97 21.78 27.79 26.44
CA THR E 97 21.92 28.18 27.83
C THR E 97 21.67 27.01 28.77
N MSE E 98 20.57 26.29 28.56
CA MSE E 98 20.23 25.15 29.41
C MSE E 98 21.29 24.07 29.36
O MSE E 98 21.53 23.38 30.35
CB MSE E 98 18.88 24.57 29.00
CG MSE E 98 17.70 25.50 29.24
SE MSE E 98 15.98 24.62 28.96
CE MSE E 98 16.21 24.10 27.09
N MSE E 99 21.93 23.91 28.20
CA MSE E 99 23.02 22.95 28.05
C MSE E 99 24.24 23.38 28.86
O MSE E 99 24.93 22.56 29.44
CB MSE E 99 23.40 22.78 26.59
CG MSE E 99 22.36 22.03 25.74
SE MSE E 99 22.15 20.14 26.19
CE MSE E 99 20.70 20.29 27.49
N ARG E 100 24.49 24.70 28.91
CA ARG E 100 25.62 25.20 29.68
C ARG E 100 25.39 25.04 31.17
N HIS E 101 24.19 25.32 31.64
CA HIS E 101 23.89 25.18 33.06
C HIS E 101 23.87 23.71 33.49
N GLN E 102 23.30 22.84 32.65
CA GLN E 102 23.19 21.43 33.01
C GLN E 102 24.56 20.76 33.04
N LEU E 103 25.35 20.94 31.98
CA LEU E 103 26.67 20.30 31.92
C LEU E 103 27.55 20.77 33.06
N ALA E 104 27.45 22.04 33.43
CA ALA E 104 28.18 22.53 34.61
C ALA E 104 27.63 21.90 35.89
N ASP E 105 26.31 21.74 35.97
CA ASP E 105 25.71 21.11 37.15
C ASP E 105 26.07 19.63 37.24
N ILE E 106 26.18 18.95 36.09
CA ILE E 106 26.57 17.55 36.10
C ILE E 106 27.98 17.39 36.65
N ARG E 107 28.88 18.29 36.26
CA ARG E 107 30.25 18.27 36.76
C ARG E 107 30.29 18.51 38.26
N SER E 108 29.44 19.43 38.75
CA SER E 108 29.43 19.76 40.17
C SER E 108 28.96 18.58 41.02
N ARG E 109 28.12 17.71 40.46
CA ARG E 109 27.60 16.55 41.19
C ARG E 109 28.53 15.35 41.13
N GLY E 110 29.72 15.50 40.55
CA GLY E 110 30.67 14.41 40.47
C GLY E 110 30.37 13.35 39.43
N GLU E 111 29.44 13.61 38.51
CA GLU E 111 29.15 12.68 37.42
C GLU E 111 30.12 12.94 36.28
N SER E 112 30.86 11.90 35.89
CA SER E 112 31.90 12.06 34.88
C SER E 112 31.34 12.11 33.46
N LEU E 113 30.09 11.71 33.26
CA LEU E 113 29.52 11.68 31.92
C LEU E 113 28.02 11.88 31.99
N ALA E 114 27.44 12.23 30.85
CA ALA E 114 26.01 12.36 30.68
C ALA E 114 25.57 11.52 29.48
N MSE E 115 24.49 10.77 29.65
CA MSE E 115 23.98 9.94 28.57
C MSE E 115 22.56 10.38 28.18
O MSE E 115 21.84 10.96 28.98
CB MSE E 115 24.00 8.47 28.95
CG MSE E 115 25.40 7.87 28.94
SE MSE E 115 25.45 6.02 29.53
CE MSE E 115 27.23 5.54 28.90
N LEU E 116 22.16 10.07 26.95
CA LEU E 116 20.95 10.66 26.40
C LEU E 116 20.44 9.80 25.25
N PHE E 117 19.11 9.63 25.19
CA PHE E 117 18.47 9.02 24.04
C PHE E 117 18.12 10.14 23.07
N ALA E 118 18.76 10.14 21.91
CA ALA E 118 18.56 11.23 20.96
C ALA E 118 17.34 10.94 20.09
N SER E 119 16.33 11.80 20.20
CA SER E 119 15.24 11.79 19.23
C SER E 119 15.74 12.32 17.90
N GLU E 120 16.47 13.43 17.92
CA GLU E 120 17.13 13.99 16.76
C GLU E 120 18.62 14.01 17.05
N ALA E 121 19.39 13.19 16.31
CA ALA E 121 20.78 12.99 16.64
C ALA E 121 21.61 14.25 16.39
N LEU E 122 21.30 14.97 15.32
CA LEU E 122 22.09 16.13 14.91
C LEU E 122 22.02 17.30 15.88
N ILE E 123 21.17 17.24 16.90
CA ILE E 123 21.03 18.37 17.83
C ILE E 123 22.27 18.51 18.68
N TYR E 124 22.71 17.43 19.30
CA TYR E 124 23.61 17.50 20.44
C TYR E 124 25.09 17.36 20.08
N GLY E 125 25.41 17.08 18.82
CA GLY E 125 26.80 17.01 18.42
C GLY E 125 27.55 18.30 18.68
N ARG E 126 26.86 19.44 18.52
CA ARG E 126 27.48 20.74 18.77
C ARG E 126 27.76 20.97 20.25
N PHE E 127 27.07 20.27 21.14
CA PHE E 127 27.27 20.42 22.58
C PHE E 127 28.27 19.43 23.15
N GLY E 128 28.88 18.59 22.31
CA GLY E 128 29.84 17.60 22.76
C GLY E 128 29.31 16.19 22.85
N TYR E 129 28.03 15.96 22.57
CA TYR E 129 27.48 14.61 22.59
C TYR E 129 27.91 13.84 21.35
N GLY E 130 28.16 12.54 21.54
CA GLY E 130 28.49 11.67 20.44
C GLY E 130 27.78 10.34 20.54
N VAL E 131 27.27 9.83 19.43
CA VAL E 131 26.57 8.55 19.43
C VAL E 131 27.58 7.45 19.76
N ALA E 132 27.36 6.77 20.89
CA ALA E 132 28.27 5.74 21.36
C ALA E 132 27.66 4.34 21.37
N THR E 133 26.34 4.22 21.34
CA THR E 133 25.66 2.94 21.39
C THR E 133 24.59 2.90 20.32
N GLU E 134 24.49 1.77 19.64
CA GLU E 134 23.44 1.54 18.67
C GLU E 134 22.52 0.43 19.15
N SER E 135 21.31 0.41 18.63
CA SER E 135 20.34 -0.64 18.93
C SER E 135 19.74 -1.14 17.63
N ALA E 136 19.27 -2.39 17.65
CA ALA E 136 18.74 -3.05 16.48
C ALA E 136 17.30 -3.46 16.73
N GLU E 137 16.43 -3.19 15.76
CA GLU E 137 15.06 -3.70 15.78
C GLU E 137 15.06 -5.04 15.05
N LEU E 138 14.84 -6.11 15.79
CA LEU E 138 14.83 -7.46 15.24
C LEU E 138 13.39 -7.90 15.02
N SER E 139 13.11 -8.46 13.85
CA SER E 139 11.76 -8.86 13.51
C SER E 139 11.82 -9.95 12.45
N GLY E 140 10.71 -10.65 12.30
CA GLY E 140 10.61 -11.70 11.31
C GLY E 140 9.44 -12.61 11.61
N GLN E 141 9.24 -13.58 10.71
CA GLN E 141 8.20 -14.58 10.87
C GLN E 141 8.66 -15.64 11.85
N VAL E 142 7.86 -15.89 12.89
CA VAL E 142 8.26 -16.80 13.96
C VAL E 142 8.48 -18.22 13.45
N ARG E 143 7.76 -18.61 12.40
CA ARG E 143 7.89 -19.95 11.84
C ARG E 143 9.16 -20.13 11.02
N GLU E 144 9.93 -19.07 10.80
CA GLU E 144 11.21 -19.15 10.11
C GLU E 144 12.39 -18.97 11.05
N LEU E 145 12.15 -18.90 12.36
CA LEU E 145 13.17 -18.56 13.34
C LEU E 145 13.56 -19.77 14.20
N ALA E 146 13.73 -20.93 13.58
CA ALA E 146 14.26 -22.08 14.30
C ALA E 146 15.72 -21.86 14.68
N PHE E 147 16.13 -22.53 15.75
CA PHE E 147 17.48 -22.37 16.26
C PHE E 147 18.44 -23.37 15.61
N ARG E 148 19.73 -23.10 15.75
CA ARG E 148 20.75 -24.03 15.31
C ARG E 148 20.62 -25.35 16.08
N PRO E 149 20.98 -26.47 15.46
CA PRO E 149 20.76 -27.77 16.11
C PRO E 149 21.54 -27.98 17.40
N THR E 150 22.62 -27.24 17.62
CA THR E 150 23.45 -27.39 18.80
C THR E 150 23.01 -26.51 19.96
N VAL E 151 21.88 -25.83 19.85
CA VAL E 151 21.41 -24.93 20.90
C VAL E 151 20.77 -25.74 22.01
N ASP E 152 21.31 -25.63 23.22
CA ASP E 152 20.81 -26.35 24.37
C ASP E 152 19.72 -25.51 25.05
N LEU E 153 18.51 -26.06 25.11
CA LEU E 153 17.39 -25.37 25.74
C LEU E 153 17.26 -25.69 27.23
N GLY E 154 17.97 -26.69 27.73
CA GLY E 154 17.89 -27.04 29.14
C GLY E 154 16.58 -27.71 29.50
N ASP E 155 16.41 -27.96 30.79
CA ASP E 155 15.22 -28.61 31.33
C ASP E 155 14.33 -27.66 32.11
N GLY E 156 14.49 -26.35 31.91
CA GLY E 156 13.73 -25.39 32.67
C GLY E 156 12.27 -25.32 32.26
N THR E 157 11.50 -24.63 33.08
CA THR E 157 10.08 -24.43 32.86
C THR E 157 9.77 -22.94 32.95
N LEU E 158 8.69 -22.54 32.27
CA LEU E 158 8.30 -21.14 32.17
C LEU E 158 6.89 -20.95 32.69
N GLU E 159 6.66 -19.78 33.30
CA GLU E 159 5.35 -19.39 33.80
C GLU E 159 5.14 -17.94 33.44
N GLU E 160 3.98 -17.61 32.87
CA GLU E 160 3.60 -16.22 32.72
C GLU E 160 2.92 -15.78 34.01
N VAL E 161 3.45 -14.70 34.59
CA VAL E 161 3.10 -14.31 35.95
C VAL E 161 2.81 -12.81 35.97
N SER E 162 2.24 -12.35 37.08
CA SER E 162 1.93 -10.93 37.20
C SER E 162 3.21 -10.11 37.37
N ALA E 163 3.08 -8.81 37.14
CA ALA E 163 4.22 -7.90 37.26
C ALA E 163 4.85 -7.97 38.64
N GLU E 164 4.03 -8.13 39.68
CA GLU E 164 4.54 -8.11 41.04
C GLU E 164 5.42 -9.31 41.33
N THR E 165 4.95 -10.52 40.98
CA THR E 165 5.80 -11.68 41.10
C THR E 165 7.03 -11.54 40.21
N PHE E 166 6.84 -10.95 39.03
CA PHE E 166 7.96 -10.62 38.16
C PHE E 166 8.95 -9.72 38.89
N LEU E 167 8.44 -8.68 39.56
CA LEU E 167 9.31 -7.75 40.27
C LEU E 167 9.91 -8.35 41.54
N ALA E 168 9.42 -9.51 41.99
CA ALA E 168 9.98 -10.18 43.15
C ALA E 168 11.11 -11.13 42.79
N SER E 169 11.40 -11.32 41.50
CA SER E 169 12.44 -12.22 41.05
C SER E 169 13.31 -11.68 39.92
N ALA E 170 12.76 -10.89 39.00
CA ALA E 170 13.52 -10.36 37.87
C ALA E 170 14.61 -9.38 38.26
N PRO E 171 14.38 -8.46 39.23
CA PRO E 171 15.48 -7.55 39.61
C PRO E 171 16.74 -8.27 40.05
N ALA E 172 16.61 -9.40 40.77
CA ALA E 172 17.79 -10.17 41.14
C ALA E 172 18.47 -10.74 39.91
N ILE E 173 17.69 -11.18 38.93
CA ILE E 173 18.27 -11.69 37.68
C ILE E 173 18.93 -10.56 36.90
N TYR E 174 18.28 -9.40 36.85
CA TYR E 174 18.85 -8.25 36.13
C TYR E 174 20.18 -7.84 36.70
N ASP E 175 20.27 -7.71 38.03
CA ASP E 175 21.51 -7.25 38.66
C ASP E 175 22.67 -8.23 38.44
N ALA E 176 22.37 -9.51 38.19
CA ALA E 176 23.44 -10.50 38.09
C ALA E 176 24.12 -10.50 36.72
N VAL E 177 23.43 -10.08 35.66
CA VAL E 177 23.94 -10.24 34.31
C VAL E 177 24.48 -8.92 33.75
N ILE E 178 23.93 -7.80 34.20
CA ILE E 178 24.27 -6.49 33.63
C ILE E 178 25.72 -6.05 33.90
N PRO E 179 26.44 -6.56 34.91
CA PRO E 179 27.86 -6.21 34.99
C PRO E 179 28.65 -6.54 33.74
N GLY E 180 28.24 -7.56 32.99
CA GLY E 180 28.89 -7.92 31.74
C GLY E 180 28.25 -7.33 30.50
N LEU E 181 27.27 -6.44 30.64
CA LEU E 181 26.57 -5.81 29.52
C LEU E 181 26.76 -4.30 29.63
N PRO E 182 27.84 -3.75 29.10
CA PRO E 182 28.07 -2.31 29.19
C PRO E 182 26.93 -1.52 28.53
N GLY E 183 26.59 -0.40 29.15
CA GLY E 183 25.49 0.43 28.70
C GLY E 183 24.21 0.26 29.50
N GLN E 184 24.02 -0.89 30.13
CA GLN E 184 22.84 -1.11 30.96
C GLN E 184 22.94 -0.28 32.24
N MSE E 185 21.78 0.15 32.72
CA MSE E 185 21.71 0.99 33.91
C MSE E 185 21.06 0.26 35.08
O MSE E 185 20.20 -0.61 34.89
CB MSE E 185 20.96 2.28 33.62
CG MSE E 185 21.68 3.22 32.67
SE MSE E 185 20.67 4.86 32.35
CE MSE E 185 21.96 5.78 31.21
N SER E 186 21.48 0.61 36.29
CA SER E 186 20.85 0.05 37.49
C SER E 186 19.38 0.45 37.55
N ARG E 187 18.55 -0.45 38.05
CA ARG E 187 17.11 -0.24 38.10
C ARG E 187 16.65 -0.34 39.56
N THR E 188 16.29 0.80 40.14
CA THR E 188 15.67 0.85 41.45
C THR E 188 14.22 0.40 41.35
N PRO E 189 13.55 0.17 42.48
CA PRO E 189 12.10 -0.13 42.42
C PRO E 189 11.31 0.92 41.66
N GLU E 190 11.66 2.21 41.81
CA GLU E 190 10.95 3.24 41.08
C GLU E 190 11.17 3.12 39.57
N TRP E 191 12.39 2.77 39.17
CA TRP E 191 12.66 2.60 37.74
C TRP E 191 12.04 1.31 37.21
N TRP E 192 12.04 0.25 38.02
CA TRP E 192 11.34 -0.97 37.63
C TRP E 192 9.84 -0.69 37.47
N ALA E 193 9.29 0.19 38.32
CA ALA E 193 7.87 0.52 38.22
C ALA E 193 7.56 1.22 36.90
N SER E 194 8.44 2.12 36.47
CA SER E 194 8.24 2.80 35.19
C SER E 194 8.52 1.86 34.03
N TRP E 195 9.56 1.03 34.14
CA TRP E 195 9.93 0.13 33.05
C TRP E 195 8.86 -0.93 32.81
N THR E 196 8.18 -1.37 33.87
CA THR E 196 7.13 -2.37 33.76
C THR E 196 5.74 -1.74 33.75
N LEU E 197 5.65 -0.41 33.65
CA LEU E 197 4.37 0.27 33.64
C LEU E 197 3.52 -0.18 32.47
N ASP E 198 2.27 -0.56 32.77
CA ASP E 198 1.29 -0.89 31.73
C ASP E 198 0.64 0.39 31.20
N SER E 199 1.48 1.23 30.59
CA SER E 199 1.02 2.53 30.11
C SER E 199 -0.04 2.36 29.03
N GLU E 200 -1.01 3.29 29.02
CA GLU E 200 -2.10 3.21 28.06
C GLU E 200 -1.61 3.43 26.64
N GLU E 201 -0.56 4.25 26.45
CA GLU E 201 -0.09 4.54 25.10
C GLU E 201 0.47 3.29 24.43
N LEU E 202 1.19 2.46 25.18
CA LEU E 202 1.71 1.22 24.60
C LEU E 202 0.61 0.19 24.41
N GLN E 203 -0.46 0.27 25.21
CA GLN E 203 -1.62 -0.58 24.98
C GLN E 203 -2.30 -0.25 23.67
N LYS E 204 -2.24 1.01 23.25
CA LYS E 204 -2.85 1.42 21.98
C LYS E 204 -2.15 0.77 20.80
N GLU E 205 -0.83 0.68 20.84
CA GLU E 205 -0.08 0.12 19.72
C GLU E 205 -0.15 -1.41 19.68
N SER E 206 -0.37 -2.05 20.82
CA SER E 206 -0.40 -3.51 20.86
C SER E 206 -1.41 -4.01 21.88
N GLY E 207 -1.00 -4.13 23.14
CA GLY E 207 -1.90 -4.63 24.16
C GLY E 207 -1.30 -4.50 25.53
N LYS E 208 -1.97 -5.12 26.50
CA LYS E 208 -1.51 -5.07 27.88
C LYS E 208 -0.21 -5.87 28.05
N VAL E 209 0.64 -5.39 28.95
CA VAL E 209 1.94 -6.02 29.17
C VAL E 209 1.77 -7.37 29.84
N ARG E 210 2.61 -8.32 29.45
CA ARG E 210 2.68 -9.63 30.07
C ARG E 210 4.10 -9.87 30.55
N PHE E 211 4.23 -10.76 31.54
CA PHE E 211 5.52 -11.04 32.17
C PHE E 211 5.72 -12.54 32.25
N VAL E 212 6.94 -12.97 31.96
CA VAL E 212 7.31 -14.38 31.93
C VAL E 212 8.52 -14.59 32.83
N LEU E 213 8.55 -15.72 33.54
CA LEU E 213 9.69 -16.08 34.37
C LEU E 213 10.15 -17.48 33.99
N HIS E 214 11.47 -17.65 33.88
CA HIS E 214 12.08 -18.94 33.59
C HIS E 214 12.66 -19.51 34.87
N TYR E 215 12.25 -20.72 35.22
CA TYR E 215 12.72 -21.40 36.42
C TYR E 215 13.60 -22.59 36.04
N GLU E 216 14.71 -22.75 36.75
CA GLU E 216 15.54 -23.93 36.58
C GLU E 216 14.80 -25.16 37.13
N SER E 217 15.44 -26.33 36.99
CA SER E 217 14.81 -27.56 37.42
C SER E 217 14.55 -27.57 38.93
N ASP E 218 15.35 -26.84 39.70
CA ASP E 218 15.18 -26.79 41.15
C ASP E 218 14.25 -25.68 41.61
N GLY E 219 13.65 -24.93 40.68
CA GLY E 219 12.78 -23.83 41.03
C GLY E 219 13.43 -22.47 41.04
N THR E 220 14.73 -22.38 40.79
CA THR E 220 15.42 -21.11 40.79
C THR E 220 15.07 -20.31 39.53
N ALA E 221 14.55 -19.10 39.72
CA ALA E 221 14.27 -18.22 38.59
C ALA E 221 15.58 -17.76 37.96
N SER E 222 15.73 -18.03 36.66
CA SER E 222 16.97 -17.73 35.96
C SER E 222 16.78 -16.87 34.72
N GLY E 223 15.56 -16.55 34.34
CA GLY E 223 15.32 -15.69 33.19
C GLY E 223 13.96 -15.06 33.25
N PHE E 224 13.77 -14.03 32.43
CA PHE E 224 12.50 -13.32 32.38
C PHE E 224 12.31 -12.71 30.99
N ALA E 225 11.08 -12.27 30.74
CA ALA E 225 10.73 -11.64 29.47
C ALA E 225 9.56 -10.69 29.68
N ILE E 226 9.58 -9.57 28.96
CA ILE E 226 8.50 -8.59 28.98
C ILE E 226 8.04 -8.38 27.54
N TYR E 227 6.76 -8.61 27.29
CA TYR E 227 6.23 -8.46 25.94
C TYR E 227 4.77 -8.05 25.99
N ARG E 228 4.27 -7.61 24.83
CA ARG E 228 2.88 -7.21 24.66
C ARG E 228 2.32 -7.88 23.42
N PRO E 229 1.12 -8.45 23.48
CA PRO E 229 0.51 -9.04 22.29
C PRO E 229 -0.31 -8.04 21.49
N LYS E 230 -0.36 -8.28 20.18
CA LYS E 230 -1.19 -7.50 19.26
C LYS E 230 -1.98 -8.48 18.41
N PRO E 231 -3.21 -8.79 18.80
CA PRO E 231 -3.99 -9.77 18.04
C PRO E 231 -4.38 -9.25 16.67
N GLY E 232 -4.55 -10.19 15.75
CA GLY E 232 -4.93 -9.85 14.38
C GLY E 232 -5.24 -11.10 13.59
N TRP E 233 -6.02 -10.89 12.53
CA TRP E 233 -6.42 -12.00 11.66
C TRP E 233 -6.33 -11.61 10.18
N PRO E 238 -5.14 -16.35 11.67
CA PRO E 238 -4.26 -16.03 12.80
C PRO E 238 -3.06 -15.20 12.38
N ASN E 239 -3.05 -13.91 12.73
CA ASN E 239 -2.01 -12.99 12.29
C ASN E 239 -1.68 -12.02 13.42
N ALA E 240 -1.32 -12.57 14.58
CA ALA E 240 -1.02 -11.76 15.75
C ALA E 240 0.48 -11.49 15.84
N GLU E 241 0.82 -10.36 16.44
CA GLU E 241 2.20 -9.95 16.64
C GLU E 241 2.58 -10.02 18.11
N LEU E 242 3.88 -10.08 18.36
CA LEU E 242 4.44 -10.01 19.70
C LEU E 242 5.50 -8.91 19.72
N HIS E 243 5.27 -7.89 20.54
CA HIS E 243 6.21 -6.79 20.72
C HIS E 243 7.02 -7.07 21.98
N VAL E 244 8.23 -7.56 21.80
CA VAL E 244 9.08 -7.95 22.92
C VAL E 244 9.78 -6.71 23.46
N GLN E 245 9.67 -6.50 24.78
CA GLN E 245 10.31 -5.37 25.43
C GLN E 245 11.70 -5.70 25.97
N GLU E 246 11.88 -6.90 26.53
CA GLU E 246 13.16 -7.28 27.12
C GLU E 246 13.19 -8.79 27.35
N VAL E 247 14.34 -9.40 27.10
CA VAL E 247 14.60 -10.80 27.41
C VAL E 247 16.00 -10.90 28.01
N LEU E 248 16.10 -11.61 29.14
CA LEU E 248 17.38 -11.76 29.82
C LEU E 248 17.43 -13.10 30.53
N GLY E 249 18.64 -13.63 30.67
CA GLY E 249 18.85 -14.87 31.39
C GLY E 249 20.24 -14.92 31.99
N THR E 250 20.38 -15.73 33.04
CA THR E 250 21.65 -15.88 33.74
C THR E 250 22.54 -16.96 33.13
N ASN E 251 22.03 -17.73 32.18
CA ASN E 251 22.81 -18.75 31.51
C ASN E 251 22.27 -18.90 30.09
N PRO E 252 23.07 -19.45 29.17
CA PRO E 252 22.60 -19.55 27.77
C PRO E 252 21.34 -20.38 27.60
N ARG E 253 21.13 -21.39 28.45
CA ARG E 253 19.97 -22.26 28.30
C ARG E 253 18.67 -21.50 28.61
N SER E 254 18.67 -20.72 29.70
CA SER E 254 17.46 -19.98 30.07
C SER E 254 17.15 -18.89 29.05
N TYR E 255 18.19 -18.25 28.50
CA TYR E 255 17.98 -17.24 27.47
C TYR E 255 17.34 -17.86 26.23
N ALA E 256 17.90 -18.97 25.74
CA ALA E 256 17.37 -19.62 24.55
C ALA E 256 16.01 -20.24 24.81
N ARG E 257 15.80 -20.79 26.01
CA ARG E 257 14.53 -21.41 26.35
C ARG E 257 13.40 -20.39 26.35
N THR E 258 13.67 -19.19 26.89
CA THR E 258 12.64 -18.16 26.93
C THR E 258 12.29 -17.64 25.54
N TRP E 259 13.30 -17.43 24.69
CA TRP E 259 13.03 -17.01 23.32
C TRP E 259 12.23 -18.05 22.56
N ARG E 260 12.58 -19.33 22.72
CA ARG E 260 11.81 -20.38 22.08
C ARG E 260 10.36 -20.38 22.54
N TYR E 261 10.12 -20.00 23.81
CA TYR E 261 8.76 -19.90 24.31
C TYR E 261 7.99 -18.81 23.57
N LEU E 262 8.60 -17.65 23.38
CA LEU E 262 7.94 -16.56 22.66
C LEU E 262 7.70 -16.92 21.20
N LEU E 263 8.62 -17.67 20.60
CA LEU E 263 8.53 -17.98 19.17
C LEU E 263 7.52 -19.07 18.86
N ASP E 264 7.24 -19.96 19.82
CA ASP E 264 6.33 -21.07 19.60
C ASP E 264 4.89 -20.77 20.04
N MSE E 265 4.55 -19.50 20.22
CA MSE E 265 3.17 -19.17 20.55
C MSE E 265 2.30 -19.42 19.31
O MSE E 265 2.67 -19.07 18.19
CB MSE E 265 3.04 -17.74 21.06
CG MSE E 265 2.09 -17.60 22.24
SE MSE E 265 2.45 -16.04 23.36
CE MSE E 265 4.28 -16.47 23.88
N ASP E 266 1.13 -20.02 19.54
CA ASP E 266 0.40 -20.70 18.49
C ASP E 266 -0.30 -19.74 17.52
N LEU E 267 -0.82 -18.63 18.02
CA LEU E 267 -1.54 -17.66 17.20
C LEU E 267 -0.63 -16.56 16.67
N VAL E 268 0.66 -16.60 16.99
CA VAL E 268 1.60 -15.57 16.58
C VAL E 268 2.24 -15.93 15.25
N ARG E 269 2.42 -14.92 14.40
CA ARG E 269 3.11 -15.06 13.11
C ARG E 269 4.36 -14.20 13.02
N LYS E 270 4.31 -12.96 13.50
CA LYS E 270 5.45 -12.06 13.48
C LYS E 270 5.81 -11.66 14.90
N ILE E 271 7.10 -11.45 15.13
CA ILE E 271 7.60 -11.01 16.43
C ILE E 271 8.51 -9.80 16.19
N LYS E 272 8.55 -8.90 17.18
CA LYS E 272 9.37 -7.70 17.09
C LYS E 272 10.01 -7.42 18.44
N TYR E 273 11.30 -7.08 18.41
CA TYR E 273 12.09 -6.75 19.60
C TYR E 273 12.84 -5.47 19.30
N HIS E 274 12.27 -4.34 19.71
CA HIS E 274 12.90 -3.04 19.51
C HIS E 274 13.85 -2.73 20.67
N GLY E 275 14.97 -2.09 20.34
CA GLY E 275 15.95 -1.75 21.35
C GLY E 275 16.90 -2.86 21.72
N ALA E 276 16.98 -3.92 20.93
CA ALA E 276 17.91 -5.00 21.20
C ALA E 276 19.33 -4.58 20.86
N SER E 277 20.29 -5.37 21.34
CA SER E 277 21.69 -5.13 21.04
C SER E 277 21.99 -5.51 19.59
N VAL E 278 22.93 -4.78 18.98
CA VAL E 278 23.36 -5.11 17.63
C VAL E 278 24.05 -6.47 17.59
N GLN E 279 24.52 -6.96 18.73
CA GLN E 279 25.06 -8.31 18.86
C GLN E 279 24.21 -9.14 19.81
N GLU E 280 22.88 -8.98 19.72
CA GLU E 280 21.97 -9.77 20.53
C GLU E 280 22.18 -11.27 20.25
N GLU E 281 22.25 -12.07 21.31
CA GLU E 281 22.50 -13.50 21.17
C GLU E 281 21.47 -14.17 20.27
N LEU E 282 20.23 -13.67 20.25
CA LEU E 282 19.19 -14.27 19.43
C LEU E 282 19.60 -14.33 17.96
N ARG E 283 20.34 -13.32 17.48
CA ARG E 283 20.72 -13.28 16.07
C ARG E 283 21.58 -14.48 15.69
N TYR E 284 22.39 -14.98 16.63
CA TYR E 284 23.28 -16.10 16.36
C TYR E 284 22.68 -17.44 16.76
N LEU E 285 21.58 -17.44 17.53
CA LEU E 285 20.86 -18.68 17.79
C LEU E 285 20.05 -19.12 16.58
N VAL E 286 19.55 -18.17 15.80
CA VAL E 286 18.68 -18.48 14.67
C VAL E 286 19.46 -19.25 13.62
N ALA E 287 18.87 -20.33 13.10
CA ALA E 287 19.54 -21.13 12.09
C ALA E 287 19.67 -20.41 10.76
N ASN E 288 18.69 -19.59 10.41
CA ASN E 288 18.70 -18.83 9.15
C ASN E 288 18.73 -17.34 9.50
N HIS E 289 19.94 -16.78 9.58
CA HIS E 289 20.14 -15.38 9.93
C HIS E 289 19.25 -14.41 9.14
N PRO E 290 19.09 -14.52 7.82
CA PRO E 290 18.27 -13.52 7.11
C PRO E 290 16.80 -13.53 7.50
N SER E 291 16.32 -14.58 8.16
CA SER E 291 14.92 -14.62 8.58
C SER E 291 14.64 -13.63 9.70
N LEU E 292 15.69 -13.14 10.38
CA LEU E 292 15.57 -12.18 11.47
C LEU E 292 16.12 -10.85 10.96
N GLU E 293 15.23 -10.00 10.45
CA GLU E 293 15.63 -8.69 9.94
C GLU E 293 16.27 -7.87 11.05
N CYS E 294 17.35 -7.16 10.71
CA CYS E 294 18.12 -6.39 11.67
C CYS E 294 18.30 -4.99 11.12
N VAL E 295 17.63 -4.02 11.73
CA VAL E 295 17.75 -2.61 11.36
C VAL E 295 18.43 -1.90 12.52
N VAL E 296 19.56 -1.25 12.23
CA VAL E 296 20.41 -0.63 13.25
C VAL E 296 20.24 0.88 13.18
N SER E 297 20.20 1.51 14.36
CA SER E 297 20.03 2.96 14.44
C SER E 297 20.65 3.44 15.74
N ASP E 298 20.63 4.77 15.94
CA ASP E 298 21.22 5.36 17.12
C ASP E 298 20.47 4.92 18.38
N ALA E 299 21.22 4.83 19.48
CA ALA E 299 20.63 4.56 20.78
C ALA E 299 21.01 5.64 21.79
N ILE E 300 22.21 5.55 22.36
CA ILE E 300 22.66 6.42 23.44
C ILE E 300 23.79 7.31 22.92
N GLN E 301 23.67 8.61 23.17
CA GLN E 301 24.76 9.55 22.97
C GLN E 301 25.46 9.82 24.29
N VAL E 302 26.79 9.94 24.24
CA VAL E 302 27.63 10.13 25.43
C VAL E 302 28.24 11.51 25.36
N ARG E 303 28.18 12.24 26.49
CA ARG E 303 28.85 13.52 26.65
C ARG E 303 29.80 13.38 27.83
N LEU E 304 31.10 13.30 27.54
CA LEU E 304 32.10 13.18 28.59
C LEU E 304 32.26 14.52 29.29
N VAL E 305 31.96 14.55 30.58
CA VAL E 305 32.06 15.77 31.38
C VAL E 305 33.38 15.84 32.14
N ASP E 306 33.86 14.70 32.63
CA ASP E 306 35.17 14.60 33.28
C ASP E 306 35.94 13.53 32.51
N ILE E 307 36.74 13.97 31.55
CA ILE E 307 37.43 13.01 30.68
C ILE E 307 38.44 12.15 31.44
N PRO E 308 39.34 12.70 32.27
CA PRO E 308 40.32 11.83 32.95
C PRO E 308 39.67 10.75 33.81
N ARG E 309 38.62 11.10 34.58
CA ARG E 309 37.98 10.10 35.43
C ARG E 309 37.21 9.09 34.58
N ALA E 310 36.46 9.56 33.59
CA ALA E 310 35.65 8.65 32.77
C ALA E 310 36.52 7.64 32.04
N LEU E 311 37.66 8.07 31.51
CA LEU E 311 38.54 7.14 30.80
C LEU E 311 39.20 6.14 31.74
N ALA E 312 39.37 6.51 33.01
CA ALA E 312 39.98 5.62 33.99
C ALA E 312 38.99 4.67 34.64
N GLN E 313 37.69 4.96 34.57
CA GLN E 313 36.69 4.12 35.23
C GLN E 313 36.40 2.85 34.44
N ARG E 314 36.58 2.88 33.12
CA ARG E 314 36.32 1.71 32.29
C ARG E 314 37.60 0.91 32.07
N ARG E 315 37.44 -0.32 31.62
CA ARG E 315 38.55 -1.18 31.25
C ARG E 315 38.62 -1.30 29.74
N TYR E 316 39.78 -1.75 29.25
CA TYR E 316 40.07 -1.74 27.82
C TYR E 316 40.41 -3.15 27.36
N ALA E 317 39.95 -3.50 26.15
CA ALA E 317 40.10 -4.85 25.63
C ALA E 317 41.56 -5.25 25.44
N ALA E 318 42.47 -4.29 25.28
CA ALA E 318 43.87 -4.61 25.11
C ALA E 318 44.71 -3.46 25.68
N ASP E 319 46.00 -3.73 25.85
CA ASP E 319 46.90 -2.72 26.40
C ASP E 319 46.99 -1.53 25.46
N VAL E 320 47.09 -0.34 26.05
CA VAL E 320 47.17 0.90 25.26
C VAL E 320 47.96 1.93 26.06
N ASP E 321 48.78 2.69 25.35
CA ASP E 321 49.49 3.85 25.91
C ASP E 321 49.46 4.92 24.83
N VAL E 322 48.51 5.85 24.94
CA VAL E 322 48.23 6.80 23.87
C VAL E 322 47.98 8.18 24.47
N VAL E 323 48.35 9.21 23.72
CA VAL E 323 48.13 10.60 24.09
C VAL E 323 47.10 11.17 23.13
N LEU E 324 46.00 11.68 23.68
CA LEU E 324 44.85 12.12 22.89
C LEU E 324 44.74 13.65 22.97
N GLU E 325 44.80 14.29 21.81
CA GLU E 325 44.55 15.73 21.71
C GLU E 325 43.04 15.94 21.53
N VAL E 326 42.37 16.36 22.59
CA VAL E 326 40.92 16.49 22.61
C VAL E 326 40.56 17.95 22.45
N THR E 327 39.68 18.25 21.50
CA THR E 327 39.17 19.59 21.29
C THR E 327 37.69 19.60 21.68
N ASP E 328 37.35 20.43 22.66
CA ASP E 328 35.98 20.57 23.14
C ASP E 328 35.56 22.01 22.87
N ASP E 329 34.88 22.23 21.74
CA ASP E 329 34.54 23.60 21.35
C ASP E 329 33.48 24.19 22.27
N PHE E 330 32.47 23.41 22.63
CA PHE E 330 31.39 23.94 23.46
C PHE E 330 31.84 24.15 24.90
N LEU E 331 32.68 23.25 25.42
CA LEU E 331 33.23 23.37 26.77
C LEU E 331 34.75 23.40 26.64
N PRO E 332 35.33 24.55 26.28
CA PRO E 332 36.79 24.60 26.04
C PRO E 332 37.64 24.30 27.26
N GLU E 333 37.07 24.30 28.46
CA GLU E 333 37.84 23.96 29.65
C GLU E 333 38.34 22.52 29.60
N ASN E 334 37.67 21.66 28.84
CA ASN E 334 38.09 20.27 28.69
C ASN E 334 39.11 20.06 27.57
N SER E 335 39.34 21.08 26.73
CA SER E 335 40.31 20.92 25.66
C SER E 335 41.71 20.75 26.23
N GLY E 336 42.43 19.78 25.68
CA GLY E 336 43.76 19.47 26.18
C GLY E 336 44.20 18.10 25.71
N ARG E 337 45.36 17.70 26.22
CA ARG E 337 46.00 16.45 25.85
C ARG E 337 45.94 15.48 27.01
N TYR E 338 45.45 14.27 26.74
CA TYR E 338 45.24 13.25 27.76
C TYR E 338 46.09 12.05 27.43
N ARG E 339 46.83 11.54 28.42
CA ARG E 339 47.58 10.30 28.30
C ARG E 339 46.74 9.17 28.86
N LEU E 340 46.38 8.22 28.01
CA LEU E 340 45.58 7.07 28.43
C LEU E 340 46.45 5.82 28.44
N ARG E 341 46.56 5.20 29.61
CA ARG E 341 47.26 3.93 29.80
C ARG E 341 46.28 2.96 30.43
N GLY E 342 45.80 1.99 29.65
CA GLY E 342 44.73 1.12 30.09
C GLY E 342 44.92 -0.30 29.59
N GLY E 343 44.19 -1.20 30.25
CA GLY E 343 44.22 -2.60 29.90
C GLY E 343 42.99 -3.29 30.44
N LEU E 344 43.09 -4.62 30.57
CA LEU E 344 41.97 -5.38 31.07
C LEU E 344 41.76 -5.20 32.57
N ASP E 345 42.82 -4.87 33.31
CA ASP E 345 42.75 -4.78 34.76
C ASP E 345 43.35 -3.48 35.29
N HIS E 346 43.52 -2.47 34.46
CA HIS E 346 44.08 -1.21 34.91
C HIS E 346 43.68 -0.10 33.94
N ALA E 347 43.64 1.12 34.46
CA ALA E 347 43.30 2.29 33.64
C ALA E 347 43.75 3.53 34.39
N SER E 348 44.41 4.44 33.67
CA SER E 348 44.85 5.71 34.22
C SER E 348 44.82 6.76 33.12
N CYS E 349 44.47 7.98 33.50
CA CYS E 349 44.34 9.07 32.53
C CYS E 349 44.76 10.37 33.19
N GLU E 350 45.60 11.15 32.51
CA GLU E 350 46.09 12.40 33.07
C GLU E 350 46.13 13.44 31.98
N ILE E 351 45.87 14.70 32.36
CA ILE E 351 46.13 15.79 31.43
C ILE E 351 47.63 15.88 31.26
N THR E 352 48.10 15.97 30.02
CA THR E 352 49.53 15.98 29.76
C THR E 352 49.86 17.00 28.69
N THR E 353 51.15 17.33 28.59
CA THR E 353 51.67 18.20 27.54
C THR E 353 52.57 17.44 26.58
N ASP E 354 52.72 16.12 26.76
CA ASP E 354 53.50 15.31 25.84
C ASP E 354 52.92 15.38 24.44
N ASP E 355 53.72 14.94 23.46
CA ASP E 355 53.28 14.96 22.08
C ASP E 355 52.05 14.07 21.91
N ALA E 356 51.08 14.56 21.14
CA ALA E 356 49.83 13.86 20.95
C ALA E 356 49.97 12.77 19.89
N ASP E 357 49.24 11.67 20.10
CA ASP E 357 49.21 10.56 19.16
C ASP E 357 47.99 10.60 18.26
N ILE E 358 46.87 11.10 18.76
CA ILE E 358 45.60 11.12 18.05
C ILE E 358 44.92 12.45 18.30
N ALA E 359 44.32 13.03 17.26
CA ALA E 359 43.58 14.28 17.37
C ALA E 359 42.11 14.02 17.05
N LEU E 360 41.23 14.43 17.96
CA LEU E 360 39.80 14.22 17.79
C LEU E 360 39.05 15.16 18.71
N THR E 361 37.77 15.35 18.41
CA THR E 361 36.90 16.18 19.23
C THR E 361 36.28 15.35 20.35
N VAL E 362 35.72 16.05 21.34
CA VAL E 362 35.16 15.37 22.50
C VAL E 362 33.94 14.54 22.11
N ARG E 363 33.19 14.96 21.07
CA ARG E 363 32.04 14.20 20.63
C ARG E 363 32.46 12.86 20.02
N ASP E 364 33.56 12.86 19.26
CA ASP E 364 34.07 11.60 18.71
C ASP E 364 34.65 10.72 19.79
N LEU E 365 35.31 11.33 20.80
CA LEU E 365 35.81 10.55 21.92
C LEU E 365 34.66 9.91 22.69
N GLY E 366 33.56 10.63 22.86
CA GLY E 366 32.38 10.04 23.46
C GLY E 366 31.77 8.95 22.61
N SER E 367 31.91 9.05 21.28
CA SER E 367 31.36 8.03 20.39
C SER E 367 32.04 6.68 20.58
N VAL E 368 33.36 6.69 20.79
CA VAL E 368 34.12 5.45 20.97
C VAL E 368 34.21 5.02 22.41
N TYR E 369 33.58 5.74 23.35
CA TYR E 369 33.80 5.48 24.77
C TYR E 369 33.21 4.14 25.19
N MSE E 370 32.06 3.76 24.63
CA MSE E 370 31.39 2.54 25.05
C MSE E 370 31.77 1.34 24.18
O MSE E 370 31.22 0.25 24.36
CB MSE E 370 29.87 2.73 25.02
CG MSE E 370 29.37 3.74 26.03
SE MSE E 370 29.96 3.33 27.85
CE MSE E 370 29.06 1.61 28.08
N GLY E 371 32.71 1.54 23.27
CA GLY E 371 33.14 0.45 22.40
C GLY E 371 32.14 0.06 21.34
N GLY E 372 31.27 0.98 20.94
CA GLY E 372 30.28 0.69 19.93
C GLY E 372 30.62 1.28 18.57
N VAL E 373 31.60 2.18 18.54
CA VAL E 373 32.06 2.82 17.32
C VAL E 373 33.57 2.67 17.25
N SER E 374 34.08 2.27 16.09
CA SER E 374 35.51 2.03 15.92
C SER E 374 36.24 3.35 15.73
N LEU E 375 37.29 3.57 16.53
CA LEU E 375 38.11 4.76 16.37
C LEU E 375 38.87 4.74 15.04
N GLN E 376 39.17 3.54 14.53
CA GLN E 376 39.86 3.43 13.24
C GLN E 376 38.97 3.93 12.09
N VAL E 377 37.68 3.59 12.12
CA VAL E 377 36.77 4.04 11.08
C VAL E 377 36.61 5.55 11.12
N LEU E 378 36.50 6.12 12.32
CA LEU E 378 36.41 7.58 12.44
C LEU E 378 37.66 8.26 11.90
N ALA E 379 38.82 7.61 12.04
CA ALA E 379 40.04 8.18 11.48
C ALA E 379 40.08 8.02 9.96
N SER E 380 39.71 6.83 9.46
CA SER E 380 39.64 6.62 8.02
C SER E 380 38.62 7.52 7.36
N ALA E 381 37.60 7.95 8.10
CA ALA E 381 36.58 8.84 7.55
C ALA E 381 37.02 10.30 7.52
N GLY E 382 38.16 10.63 8.13
CA GLY E 382 38.62 12.00 8.19
C GLY E 382 38.18 12.78 9.40
N LEU E 383 37.36 12.19 10.27
CA LEU E 383 36.92 12.89 11.47
C LEU E 383 37.98 12.87 12.56
N VAL E 384 38.84 11.86 12.56
CA VAL E 384 39.92 11.72 13.53
C VAL E 384 41.24 11.69 12.78
N THR E 385 42.25 12.37 13.32
CA THR E 385 43.55 12.50 12.68
C THR E 385 44.60 11.73 13.47
N GLU E 386 45.32 10.85 12.79
CA GLU E 386 46.43 10.13 13.41
C GLU E 386 47.70 10.96 13.30
N LEU E 387 48.36 11.18 14.43
CA LEU E 387 49.59 11.97 14.47
C LEU E 387 50.86 11.13 14.51
N ARG E 388 50.78 9.91 15.05
CA ARG E 388 51.91 9.00 15.11
C ARG E 388 51.46 7.64 14.60
N ALA E 389 52.21 7.07 13.66
CA ALA E 389 51.80 5.84 13.00
C ALA E 389 51.60 4.71 14.00
N GLY E 390 50.56 3.90 13.76
CA GLY E 390 50.27 2.76 14.60
C GLY E 390 49.47 3.07 15.85
N ALA E 391 49.24 4.34 16.17
CA ALA E 391 48.57 4.68 17.43
C ALA E 391 47.07 4.41 17.34
N VAL E 392 46.44 4.80 16.23
CA VAL E 392 44.99 4.66 16.11
C VAL E 392 44.58 3.19 16.16
N GLN E 393 45.34 2.32 15.49
CA GLN E 393 45.02 0.90 15.47
C GLN E 393 44.98 0.32 16.87
N ARG E 394 46.01 0.57 17.67
CA ARG E 394 46.06 0.03 19.02
C ARG E 394 45.03 0.68 19.92
N ALA E 395 44.80 1.98 19.76
CA ALA E 395 43.77 2.65 20.55
C ALA E 395 42.37 2.15 20.18
N ALA E 396 42.13 1.90 18.89
CA ALA E 396 40.83 1.42 18.46
C ALA E 396 40.50 0.06 19.07
N THR E 397 41.49 -0.84 19.11
CA THR E 397 41.28 -2.15 19.70
C THR E 397 41.01 -2.05 21.20
N ALA E 398 41.76 -1.17 21.88
CA ALA E 398 41.58 -1.02 23.32
C ALA E 398 40.22 -0.42 23.66
N PHE E 399 39.79 0.59 22.91
CA PHE E 399 38.49 1.18 23.13
C PHE E 399 37.34 0.23 22.78
N GLY E 400 37.62 -0.84 22.05
CA GLY E 400 36.60 -1.85 21.77
C GLY E 400 36.36 -2.73 22.98
N TRP E 401 35.48 -3.72 22.76
CA TRP E 401 35.14 -4.64 23.83
C TRP E 401 34.51 -5.88 23.21
N PRO E 402 34.79 -7.08 23.73
CA PRO E 402 34.20 -8.29 23.12
C PRO E 402 32.69 -8.32 23.15
N VAL E 403 32.05 -7.61 24.08
CA VAL E 403 30.59 -7.52 24.15
C VAL E 403 30.20 -6.11 23.75
N ALA E 404 29.36 -6.00 22.72
CA ALA E 404 28.90 -4.70 22.25
C ALA E 404 28.02 -4.04 23.30
N PRO E 405 28.08 -2.72 23.43
CA PRO E 405 27.19 -2.02 24.36
C PRO E 405 25.74 -2.11 23.91
N SER E 406 24.84 -2.10 24.90
CA SER E 406 23.42 -2.21 24.66
C SER E 406 22.69 -1.01 25.25
N ALA E 407 21.49 -0.77 24.75
CA ALA E 407 20.68 0.37 25.20
C ALA E 407 19.98 0.02 26.52
N PRO E 408 19.97 0.94 27.48
CA PRO E 408 19.26 0.72 28.73
C PRO E 408 17.76 0.95 28.55
N ASP E 409 17.03 0.84 29.67
CA ASP E 409 15.61 1.15 29.65
C ASP E 409 15.37 2.61 29.28
N ASP E 410 14.19 2.87 28.72
CA ASP E 410 13.89 4.19 28.17
C ASP E 410 13.84 5.24 29.26
N PHE E 411 14.33 6.43 28.95
CA PHE E 411 14.19 7.60 29.81
C PHE E 411 14.23 8.89 28.99
N GLU F 3 20.50 -42.57 -14.10
CA GLU F 3 21.95 -42.68 -13.97
C GLU F 3 22.59 -41.30 -14.00
N LEU F 4 23.22 -40.93 -12.88
CA LEU F 4 23.85 -39.62 -12.75
C LEU F 4 25.37 -39.77 -12.81
N THR F 5 26.03 -38.74 -13.35
CA THR F 5 27.47 -38.73 -13.52
C THR F 5 28.03 -37.42 -12.99
N LEU F 6 29.05 -37.51 -12.14
CA LEU F 6 29.78 -36.33 -11.69
C LEU F 6 30.94 -36.07 -12.65
N ARG F 7 31.00 -34.86 -13.18
CA ARG F 7 32.01 -34.50 -14.16
C ARG F 7 32.12 -32.99 -14.22
N THR F 8 33.06 -32.50 -15.02
CA THR F 8 33.27 -31.09 -15.24
C THR F 8 32.64 -30.66 -16.56
N ILE F 9 32.78 -29.38 -16.88
CA ILE F 9 32.25 -28.85 -18.13
C ILE F 9 33.13 -29.30 -19.28
N ALA F 10 32.52 -29.89 -20.31
CA ALA F 10 33.28 -30.40 -21.43
C ALA F 10 33.55 -29.33 -22.48
N ASP F 11 32.63 -28.37 -22.64
CA ASP F 11 32.78 -27.33 -23.64
C ASP F 11 31.85 -26.16 -23.29
N GLU F 12 32.08 -25.03 -23.97
CA GLU F 12 31.24 -23.86 -23.75
C GLU F 12 29.79 -24.13 -24.10
N ASP F 13 29.55 -24.95 -25.13
CA ASP F 13 28.19 -25.42 -25.39
C ASP F 13 27.65 -26.20 -24.20
N ASP F 14 28.50 -27.03 -23.59
CA ASP F 14 28.13 -27.68 -22.34
C ASP F 14 28.15 -26.68 -21.18
N TYR F 15 28.95 -25.62 -21.30
CA TYR F 15 28.98 -24.59 -20.26
C TYR F 15 27.72 -23.72 -20.31
N GLU F 16 27.25 -23.41 -21.51
CA GLU F 16 26.01 -22.64 -21.63
C GLU F 16 24.81 -23.46 -21.13
N SER F 17 24.84 -24.77 -21.35
CA SER F 17 23.83 -25.64 -20.74
C SER F 17 24.06 -25.79 -19.25
N TYR F 18 25.33 -25.78 -18.82
CA TYR F 18 25.65 -25.81 -17.39
C TYR F 18 25.08 -24.59 -16.69
N MSE F 19 25.21 -23.41 -17.29
CA MSE F 19 24.72 -22.17 -16.70
C MSE F 19 23.21 -22.03 -16.83
O MSE F 19 22.57 -21.45 -15.95
CB MSE F 19 25.42 -20.97 -17.34
CG MSE F 19 26.88 -20.84 -16.95
SE MSE F 19 27.07 -20.65 -15.02
CE MSE F 19 28.97 -21.07 -14.86
N ALA F 20 22.65 -22.56 -17.91
CA ALA F 20 21.21 -22.51 -18.09
C ALA F 20 20.48 -23.28 -17.01
N SER F 21 21.03 -24.43 -16.60
CA SER F 21 20.41 -25.21 -15.54
C SER F 21 20.52 -24.52 -14.19
N ALA F 22 21.65 -23.84 -13.94
CA ALA F 22 21.83 -23.13 -12.68
C ALA F 22 20.87 -21.95 -12.58
N TYR F 23 20.78 -21.15 -13.65
CA TYR F 23 19.79 -20.06 -13.67
C TYR F 23 18.37 -20.60 -13.55
N SER F 24 18.10 -21.78 -14.12
CA SER F 24 16.76 -22.35 -14.04
C SER F 24 16.37 -22.70 -12.61
N VAL F 25 17.33 -23.12 -11.79
CA VAL F 25 17.03 -23.41 -10.39
C VAL F 25 16.68 -22.12 -9.65
N PHE F 26 17.29 -21.00 -10.03
CA PHE F 26 16.98 -19.71 -9.43
C PHE F 26 15.78 -19.04 -10.08
N LEU F 27 15.01 -19.76 -10.90
CA LEU F 27 13.80 -19.24 -11.54
C LEU F 27 14.11 -18.01 -12.40
N ARG F 28 15.19 -18.08 -13.16
CA ARG F 28 15.64 -16.96 -13.97
C ARG F 28 16.00 -17.43 -15.37
N ASP F 29 15.63 -16.63 -16.37
CA ASP F 29 16.11 -16.87 -17.71
C ASP F 29 17.61 -16.56 -17.78
N PRO F 30 18.40 -17.41 -18.44
CA PRO F 30 19.85 -17.19 -18.48
C PRO F 30 20.20 -15.87 -19.16
N GLN F 31 20.80 -14.96 -18.39
CA GLN F 31 21.28 -13.70 -18.92
C GLN F 31 22.53 -13.97 -19.75
N LYS F 32 22.39 -13.90 -21.09
CA LYS F 32 23.49 -14.28 -21.97
C LYS F 32 24.66 -13.32 -21.87
N ASP F 33 24.41 -12.05 -21.56
CA ASP F 33 25.50 -11.10 -21.44
C ASP F 33 26.32 -11.36 -20.18
N GLU F 34 25.65 -11.70 -19.07
CA GLU F 34 26.37 -12.01 -17.84
C GLU F 34 27.15 -13.32 -17.97
N ILE F 35 26.54 -14.33 -18.62
CA ILE F 35 27.22 -15.61 -18.79
C ILE F 35 28.43 -15.46 -19.70
N GLU F 36 28.31 -14.64 -20.74
CA GLU F 36 29.41 -14.47 -21.70
C GLU F 36 30.62 -13.80 -21.06
N VAL F 37 30.39 -12.78 -20.23
CA VAL F 37 31.51 -12.04 -19.66
C VAL F 37 32.17 -12.83 -18.53
N ASN F 38 31.41 -13.63 -17.77
CA ASN F 38 32.00 -14.43 -16.71
C ASN F 38 32.75 -15.64 -17.25
N ARG F 39 32.52 -16.01 -18.51
CA ARG F 39 33.26 -17.11 -19.11
C ARG F 39 34.75 -16.82 -19.19
N LYS F 40 35.12 -15.54 -19.26
CA LYS F 40 36.52 -15.17 -19.46
C LYS F 40 37.41 -15.55 -18.28
N PHE F 41 36.84 -15.77 -17.09
CA PHE F 41 37.61 -16.22 -15.95
C PHE F 41 37.09 -17.53 -15.38
N THR F 42 36.28 -18.26 -16.14
CA THR F 42 35.71 -19.52 -15.68
C THR F 42 36.67 -20.67 -16.02
N GLU F 43 37.16 -21.36 -14.99
CA GLU F 43 38.00 -22.53 -15.18
C GLU F 43 37.09 -23.76 -15.24
N LEU F 44 36.99 -24.36 -16.42
CA LEU F 44 36.04 -25.45 -16.62
C LEU F 44 36.36 -26.68 -15.77
N ASP F 45 37.61 -26.84 -15.34
CA ASP F 45 37.95 -27.95 -14.46
C ASP F 45 37.45 -27.74 -13.03
N ARG F 46 37.02 -26.53 -12.68
CA ARG F 46 36.52 -26.23 -11.34
C ARG F 46 35.01 -26.21 -11.26
N MSE F 47 34.30 -26.22 -12.39
CA MSE F 47 32.85 -26.25 -12.38
C MSE F 47 32.34 -27.69 -12.51
O MSE F 47 32.33 -28.26 -13.60
CB MSE F 47 32.29 -25.40 -13.54
CG MSE F 47 33.04 -24.09 -13.75
SE MSE F 47 32.89 -22.83 -12.27
CE MSE F 47 30.96 -22.58 -12.27
N ILE F 48 31.92 -28.26 -11.40
CA ILE F 48 31.49 -29.65 -11.35
C ILE F 48 29.96 -29.70 -11.21
N GLY F 49 29.42 -30.91 -11.29
CA GLY F 49 28.00 -31.11 -11.17
C GLY F 49 27.61 -32.48 -11.67
N PHE F 50 26.31 -32.78 -11.51
CA PHE F 50 25.76 -34.06 -11.90
C PHE F 50 24.99 -33.94 -13.22
N HIS F 51 25.12 -34.95 -14.07
CA HIS F 51 24.52 -34.97 -15.38
C HIS F 51 23.88 -36.35 -15.61
N ASP F 52 22.63 -36.35 -16.06
CA ASP F 52 21.89 -37.59 -16.28
C ASP F 52 21.91 -38.02 -17.75
N GLY F 53 22.96 -37.66 -18.49
CA GLY F 53 23.05 -37.97 -19.89
C GLY F 53 22.16 -37.14 -20.80
N LYS F 54 21.19 -36.41 -20.24
CA LYS F 54 20.29 -35.58 -21.03
C LYS F 54 20.34 -34.11 -20.66
N LYS F 55 20.83 -33.76 -19.48
CA LYS F 55 20.94 -32.38 -19.02
C LYS F 55 21.69 -32.37 -17.70
N TRP F 56 22.01 -31.16 -17.23
CA TRP F 56 22.56 -30.99 -15.89
C TRP F 56 21.45 -30.95 -14.87
N VAL F 57 21.68 -31.56 -13.71
CA VAL F 57 20.66 -31.63 -12.66
C VAL F 57 21.22 -31.06 -11.35
N ALA F 58 22.52 -30.79 -11.33
CA ALA F 58 23.15 -30.21 -10.15
C ALA F 58 24.45 -29.54 -10.59
N THR F 59 24.80 -28.45 -9.90
CA THR F 59 25.99 -27.69 -10.22
C THR F 59 26.67 -27.20 -8.95
N THR F 60 27.98 -26.96 -9.07
CA THR F 60 28.79 -26.36 -8.00
C THR F 60 30.14 -25.94 -8.58
N GLY F 61 30.47 -24.65 -8.47
CA GLY F 61 31.68 -24.12 -9.06
C GLY F 61 32.54 -23.40 -8.04
N ALA F 62 33.71 -22.98 -8.52
CA ALA F 62 34.67 -22.25 -7.69
C ALA F 62 35.58 -21.44 -8.58
N PHE F 63 35.74 -20.16 -8.27
CA PHE F 63 36.67 -19.29 -8.97
C PHE F 63 37.97 -19.18 -8.17
N SER F 64 39.09 -19.15 -8.88
CA SER F 64 40.39 -18.95 -8.25
C SER F 64 40.58 -17.45 -8.03
N ARG F 65 40.38 -17.01 -6.79
CA ARG F 65 40.47 -15.59 -6.44
C ARG F 65 41.43 -15.42 -5.27
N HIS F 66 41.67 -14.17 -4.90
CA HIS F 66 42.57 -13.82 -3.80
C HIS F 66 41.88 -12.77 -2.94
N VAL F 67 41.88 -13.00 -1.62
CA VAL F 67 41.13 -12.17 -0.69
C VAL F 67 42.10 -11.54 0.31
N VAL F 68 41.78 -10.32 0.73
CA VAL F 68 42.55 -9.61 1.74
C VAL F 68 42.17 -10.13 3.12
N LEU F 69 43.17 -10.39 3.95
CA LEU F 69 42.98 -10.84 5.32
C LEU F 69 43.28 -9.71 6.30
N PRO F 70 42.84 -9.85 7.55
CA PRO F 70 43.25 -8.87 8.57
C PRO F 70 44.77 -8.83 8.71
N GLY F 71 45.34 -7.69 8.37
CA GLY F 71 46.78 -7.50 8.36
C GLY F 71 47.35 -7.13 7.00
N GLY F 72 46.59 -7.32 5.93
CA GLY F 72 47.02 -6.95 4.59
C GLY F 72 47.42 -8.10 3.70
N ALA F 73 47.43 -9.33 4.20
CA ALA F 73 47.84 -10.47 3.39
C ALA F 73 46.77 -10.81 2.36
N VAL F 74 47.21 -11.10 1.15
CA VAL F 74 46.32 -11.47 0.04
C VAL F 74 46.58 -12.93 -0.27
N VAL F 75 45.75 -13.81 0.30
CA VAL F 75 45.95 -15.25 0.19
C VAL F 75 45.01 -15.83 -0.87
N PRO F 76 45.33 -16.98 -1.47
CA PRO F 76 44.41 -17.58 -2.43
C PRO F 76 43.17 -18.14 -1.75
N VAL F 77 42.03 -17.96 -2.39
CA VAL F 77 40.74 -18.36 -1.83
C VAL F 77 39.87 -18.95 -2.94
N ALA F 78 39.07 -19.95 -2.58
CA ALA F 78 38.09 -20.52 -3.49
C ALA F 78 36.81 -19.69 -3.42
N ALA F 79 36.39 -19.15 -4.56
CA ALA F 79 35.17 -18.35 -4.66
C ALA F 79 34.06 -19.28 -5.15
N VAL F 80 33.39 -19.94 -4.19
CA VAL F 80 32.37 -20.92 -4.53
C VAL F 80 31.18 -20.22 -5.18
N THR F 81 30.69 -20.79 -6.28
CA THR F 81 29.62 -20.17 -7.04
C THR F 81 28.77 -21.25 -7.69
N ALA F 82 27.59 -20.85 -8.16
CA ALA F 82 26.72 -21.69 -8.98
C ALA F 82 26.43 -23.03 -8.33
N VAL F 83 26.04 -22.98 -7.05
CA VAL F 83 25.69 -24.18 -6.30
C VAL F 83 24.18 -24.37 -6.42
N THR F 84 23.77 -25.34 -7.23
CA THR F 84 22.35 -25.61 -7.45
C THR F 84 22.10 -27.11 -7.49
N VAL F 85 20.87 -27.49 -7.18
CA VAL F 85 20.35 -28.83 -7.40
C VAL F 85 18.95 -28.70 -7.95
N SER F 86 18.69 -29.32 -9.10
CA SER F 86 17.38 -29.22 -9.72
C SER F 86 16.32 -29.77 -8.76
N PRO F 87 15.12 -29.17 -8.74
CA PRO F 87 14.10 -29.61 -7.78
C PRO F 87 13.63 -31.05 -7.98
N THR F 88 13.88 -31.64 -9.15
CA THR F 88 13.55 -33.04 -9.39
C THR F 88 14.60 -34.00 -8.83
N HIS F 89 15.72 -33.49 -8.31
CA HIS F 89 16.77 -34.32 -7.75
C HIS F 89 17.22 -33.82 -6.38
N ARG F 90 16.38 -33.04 -5.70
CA ARG F 90 16.75 -32.49 -4.41
C ARG F 90 16.50 -33.51 -3.29
N ARG F 91 17.12 -33.25 -2.14
CA ARG F 91 17.00 -34.10 -0.96
C ARG F 91 17.35 -35.55 -1.28
N ARG F 92 18.41 -35.72 -2.08
CA ARG F 92 18.90 -37.04 -2.46
C ARG F 92 20.39 -37.21 -2.27
N GLY F 93 21.09 -36.21 -1.73
CA GLY F 93 22.50 -36.29 -1.46
C GLY F 93 23.41 -35.71 -2.52
N LEU F 94 22.86 -35.09 -3.56
CA LEU F 94 23.70 -34.56 -4.64
C LEU F 94 24.56 -33.40 -4.15
N LEU F 95 24.01 -32.53 -3.30
CA LEU F 95 24.79 -31.42 -2.78
C LEU F 95 25.89 -31.91 -1.84
N THR F 96 25.59 -32.93 -1.04
CA THR F 96 26.58 -33.44 -0.09
C THR F 96 27.80 -33.99 -0.82
N THR F 97 27.60 -34.65 -1.95
CA THR F 97 28.71 -35.22 -2.70
C THR F 97 29.57 -34.12 -3.31
N MSE F 98 28.94 -33.11 -3.93
CA MSE F 98 29.67 -32.04 -4.58
C MSE F 98 30.51 -31.23 -3.60
O MSE F 98 31.60 -30.77 -3.92
CB MSE F 98 28.71 -31.12 -5.34
CG MSE F 98 27.97 -31.81 -6.47
SE MSE F 98 26.83 -30.62 -7.50
CE MSE F 98 25.67 -29.98 -6.07
N MSE F 99 29.98 -31.04 -2.38
CA MSE F 99 30.71 -30.33 -1.34
C MSE F 99 31.96 -31.10 -0.94
O MSE F 99 33.03 -30.52 -0.77
CB MSE F 99 29.81 -30.10 -0.12
CG MSE F 99 28.67 -29.12 -0.33
SE MSE F 99 29.21 -27.25 -0.47
CE MSE F 99 29.45 -27.13 -2.40
N ARG F 100 31.82 -32.42 -0.78
CA ARG F 100 32.97 -33.25 -0.42
C ARG F 100 34.02 -33.26 -1.52
N HIS F 101 33.58 -33.29 -2.78
CA HIS F 101 34.53 -33.26 -3.89
C HIS F 101 35.19 -31.89 -4.03
N GLN F 102 34.41 -30.82 -3.85
CA GLN F 102 34.95 -29.47 -4.02
C GLN F 102 35.92 -29.13 -2.89
N LEU F 103 35.55 -29.43 -1.64
CA LEU F 103 36.41 -29.11 -0.52
C LEU F 103 37.73 -29.86 -0.58
N ALA F 104 37.73 -31.06 -1.16
CA ALA F 104 39.00 -31.77 -1.39
C ALA F 104 39.79 -31.12 -2.52
N ASP F 105 39.09 -30.67 -3.57
CA ASP F 105 39.75 -29.99 -4.67
C ASP F 105 40.32 -28.64 -4.21
N ILE F 106 39.61 -27.95 -3.32
CA ILE F 106 40.10 -26.68 -2.80
C ILE F 106 41.41 -26.86 -2.06
N ARG F 107 41.51 -27.93 -1.26
CA ARG F 107 42.76 -28.21 -0.56
C ARG F 107 43.88 -28.57 -1.51
N SER F 108 43.55 -29.11 -2.69
CA SER F 108 44.56 -29.48 -3.66
C SER F 108 45.33 -28.26 -4.16
N ARG F 109 44.61 -27.21 -4.55
CA ARG F 109 45.19 -26.04 -5.19
C ARG F 109 45.88 -25.10 -4.22
N GLY F 110 45.97 -25.46 -2.93
CA GLY F 110 46.64 -24.64 -1.95
C GLY F 110 45.78 -23.59 -1.28
N GLU F 111 44.52 -23.44 -1.71
CA GLU F 111 43.62 -22.47 -1.09
C GLU F 111 43.31 -22.90 0.34
N SER F 112 43.66 -22.05 1.30
CA SER F 112 43.50 -22.38 2.71
C SER F 112 42.08 -22.22 3.21
N LEU F 113 41.17 -21.68 2.41
CA LEU F 113 39.79 -21.50 2.83
C LEU F 113 38.92 -21.28 1.60
N ALA F 114 37.61 -21.33 1.82
CA ALA F 114 36.62 -21.10 0.78
C ALA F 114 35.63 -20.04 1.25
N MSE F 115 35.12 -19.27 0.30
CA MSE F 115 34.13 -18.23 0.59
C MSE F 115 33.02 -18.26 -0.46
O MSE F 115 33.25 -18.62 -1.61
CB MSE F 115 34.79 -16.85 0.62
CG MSE F 115 35.83 -16.67 1.71
SE MSE F 115 36.68 -14.91 1.65
CE MSE F 115 37.89 -15.09 3.16
N LEU F 116 31.81 -17.89 -0.04
CA LEU F 116 30.68 -17.83 -0.97
C LEU F 116 29.59 -16.97 -0.36
N PHE F 117 28.74 -16.44 -1.22
CA PHE F 117 27.57 -15.69 -0.77
C PHE F 117 26.45 -16.66 -0.39
N ALA F 118 25.80 -16.37 0.73
CA ALA F 118 24.98 -17.38 1.41
C ALA F 118 23.73 -17.72 0.62
N SER F 119 23.00 -16.71 0.15
CA SER F 119 21.67 -16.85 -0.46
C SER F 119 20.67 -17.36 0.58
N GLU F 120 20.89 -18.55 1.11
CA GLU F 120 20.19 -19.03 2.30
C GLU F 120 21.22 -19.60 3.26
N ALA F 121 21.36 -18.98 4.43
CA ALA F 121 22.49 -19.25 5.30
C ALA F 121 22.42 -20.63 5.94
N LEU F 122 21.22 -21.10 6.28
CA LEU F 122 21.07 -22.36 6.99
C LEU F 122 21.47 -23.58 6.17
N ILE F 123 21.95 -23.40 4.94
CA ILE F 123 22.25 -24.54 4.07
C ILE F 123 23.64 -25.08 4.37
N TYR F 124 24.65 -24.20 4.38
CA TYR F 124 26.05 -24.62 4.38
C TYR F 124 26.64 -24.77 5.77
N GLY F 125 25.86 -24.51 6.83
CA GLY F 125 26.39 -24.66 8.17
C GLY F 125 26.79 -26.09 8.51
N ARG F 126 26.14 -27.06 7.89
CA ARG F 126 26.45 -28.46 8.17
C ARG F 126 27.77 -28.89 7.53
N PHE F 127 28.18 -28.23 6.46
CA PHE F 127 29.41 -28.57 5.77
C PHE F 127 30.63 -27.87 6.36
N GLY F 128 30.46 -27.06 7.39
CA GLY F 128 31.54 -26.34 8.02
C GLY F 128 31.60 -24.86 7.71
N TYR F 129 30.66 -24.35 6.92
CA TYR F 129 30.64 -22.92 6.59
C TYR F 129 30.08 -22.11 7.76
N GLY F 130 30.67 -20.96 8.00
CA GLY F 130 30.20 -20.05 9.03
C GLY F 130 30.11 -18.62 8.54
N VAL F 131 29.03 -17.92 8.90
CA VAL F 131 28.85 -16.54 8.46
C VAL F 131 29.91 -15.67 9.15
N ALA F 132 30.81 -15.10 8.35
CA ALA F 132 31.89 -14.29 8.88
C ALA F 132 31.85 -12.84 8.43
N THR F 133 31.00 -12.48 7.48
CA THR F 133 30.93 -11.12 6.97
C THR F 133 29.47 -10.72 6.80
N GLU F 134 29.13 -9.54 7.30
CA GLU F 134 27.82 -8.95 7.10
C GLU F 134 27.95 -7.71 6.24
N SER F 135 26.88 -7.38 5.51
CA SER F 135 26.82 -6.16 4.73
C SER F 135 25.55 -5.40 5.08
N ALA F 136 25.59 -4.10 4.86
CA ALA F 136 24.48 -3.22 5.21
C ALA F 136 23.94 -2.54 3.96
N GLU F 137 22.62 -2.46 3.86
CA GLU F 137 21.95 -1.73 2.79
C GLU F 137 21.61 -0.33 3.32
N LEU F 138 22.32 0.67 2.81
CA LEU F 138 22.15 2.06 3.26
C LEU F 138 21.27 2.80 2.26
N SER F 139 20.24 3.47 2.75
CA SER F 139 19.31 4.20 1.90
C SER F 139 18.75 5.38 2.69
N GLY F 140 17.98 6.20 2.01
CA GLY F 140 17.36 7.35 2.63
C GLY F 140 17.27 8.52 1.66
N GLN F 141 16.72 9.62 2.18
CA GLN F 141 16.54 10.82 1.38
C GLN F 141 17.84 11.61 1.33
N VAL F 142 18.32 11.91 0.12
CA VAL F 142 19.56 12.65 -0.02
C VAL F 142 19.42 14.08 0.52
N ARG F 143 18.19 14.58 0.63
CA ARG F 143 17.97 15.91 1.18
C ARG F 143 18.21 15.95 2.68
N GLU F 144 18.20 14.80 3.34
CA GLU F 144 18.44 14.71 4.78
C GLU F 144 19.86 14.26 5.12
N LEU F 145 20.71 14.02 4.13
CA LEU F 145 22.02 13.42 4.34
C LEU F 145 23.15 14.45 4.29
N ALA F 146 22.96 15.60 4.92
CA ALA F 146 24.05 16.57 5.03
C ALA F 146 25.14 16.02 5.96
N PHE F 147 26.38 16.37 5.65
CA PHE F 147 27.51 15.87 6.43
C PHE F 147 27.69 16.70 7.70
N ARG F 148 28.53 16.18 8.60
CA ARG F 148 28.93 16.94 9.76
C ARG F 148 29.71 18.19 9.32
N PRO F 149 29.62 19.29 10.07
CA PRO F 149 30.25 20.54 9.60
C PRO F 149 31.76 20.50 9.52
N THR F 150 32.41 19.46 10.05
CA THR F 150 33.87 19.36 10.05
C THR F 150 34.40 18.39 9.00
N VAL F 151 33.57 18.01 8.03
CA VAL F 151 34.00 17.08 6.99
C VAL F 151 34.73 17.86 5.90
N ASP F 152 35.97 17.48 5.63
CA ASP F 152 36.82 18.16 4.65
C ASP F 152 36.62 17.51 3.28
N LEU F 153 36.11 18.29 2.33
CA LEU F 153 35.88 17.79 0.97
C LEU F 153 37.10 17.96 0.06
N GLY F 154 38.05 18.81 0.43
CA GLY F 154 39.26 18.96 -0.35
C GLY F 154 39.04 19.77 -1.62
N ASP F 155 40.13 19.88 -2.39
CA ASP F 155 40.15 20.63 -3.63
C ASP F 155 39.79 19.79 -4.85
N GLY F 156 39.39 18.55 -4.65
CA GLY F 156 39.29 17.62 -5.76
C GLY F 156 38.21 18.00 -6.76
N THR F 157 38.33 17.40 -7.94
CA THR F 157 37.37 17.58 -9.02
C THR F 157 36.86 16.20 -9.46
N LEU F 158 35.67 16.19 -10.05
CA LEU F 158 35.00 14.97 -10.44
C LEU F 158 34.59 15.04 -11.91
N GLU F 159 34.45 13.88 -12.53
CA GLU F 159 34.11 13.82 -13.94
C GLU F 159 33.34 12.54 -14.24
N GLU F 160 32.18 12.68 -14.88
CA GLU F 160 31.48 11.54 -15.45
C GLU F 160 32.26 11.06 -16.68
N VAL F 161 32.69 9.80 -16.64
CA VAL F 161 33.59 9.29 -17.67
C VAL F 161 33.19 7.87 -18.04
N SER F 162 33.69 7.42 -19.18
CA SER F 162 33.39 6.10 -19.70
C SER F 162 34.10 5.02 -18.87
N ALA F 163 33.67 3.78 -19.08
CA ALA F 163 34.17 2.66 -18.27
C ALA F 163 35.66 2.43 -18.45
N GLU F 164 36.24 2.86 -19.58
CA GLU F 164 37.61 2.53 -19.90
C GLU F 164 38.58 3.49 -19.23
N THR F 165 38.32 4.80 -19.35
CA THR F 165 39.02 5.75 -18.50
C THR F 165 38.81 5.43 -17.02
N PHE F 166 37.63 4.92 -16.68
CA PHE F 166 37.42 4.37 -15.35
C PHE F 166 38.34 3.19 -15.09
N LEU F 167 38.35 2.20 -16.00
CA LEU F 167 39.21 1.04 -15.85
C LEU F 167 40.69 1.38 -16.02
N ALA F 168 41.02 2.58 -16.50
CA ALA F 168 42.41 3.01 -16.60
C ALA F 168 42.93 3.61 -15.30
N SER F 169 42.06 3.86 -14.32
CA SER F 169 42.49 4.48 -13.06
C SER F 169 41.94 3.73 -11.86
N ALA F 170 40.71 3.21 -11.96
CA ALA F 170 40.08 2.55 -10.83
C ALA F 170 40.85 1.35 -10.31
N PRO F 171 41.39 0.45 -11.14
CA PRO F 171 42.22 -0.64 -10.60
C PRO F 171 43.40 -0.16 -9.78
N ALA F 172 43.98 0.98 -10.14
CA ALA F 172 45.07 1.53 -9.33
C ALA F 172 44.56 2.05 -7.99
N ILE F 173 43.38 2.66 -7.99
CA ILE F 173 42.77 3.13 -6.74
C ILE F 173 42.33 1.95 -5.89
N TYR F 174 41.81 0.90 -6.54
CA TYR F 174 41.30 -0.25 -5.81
C TYR F 174 42.41 -1.01 -5.11
N ASP F 175 43.49 -1.33 -5.84
CA ASP F 175 44.58 -2.12 -5.29
C ASP F 175 45.31 -1.39 -4.17
N ALA F 176 45.16 -0.08 -4.06
CA ALA F 176 45.88 0.67 -3.04
C ALA F 176 45.15 0.66 -1.70
N VAL F 177 43.82 0.56 -1.71
CA VAL F 177 43.05 0.68 -0.49
C VAL F 177 42.58 -0.67 0.08
N ILE F 178 42.50 -1.71 -0.75
CA ILE F 178 41.98 -3.00 -0.29
C ILE F 178 42.91 -3.73 0.68
N PRO F 179 44.24 -3.52 0.69
CA PRO F 179 45.04 -4.18 1.74
C PRO F 179 44.59 -3.82 3.15
N GLY F 180 44.02 -2.63 3.34
CA GLY F 180 43.46 -2.24 4.62
C GLY F 180 41.99 -2.55 4.80
N LEU F 181 41.37 -3.22 3.82
CA LEU F 181 39.96 -3.59 3.87
C LEU F 181 39.86 -5.11 3.81
N PRO F 182 39.92 -5.79 4.95
CA PRO F 182 39.78 -7.26 4.94
C PRO F 182 38.43 -7.69 4.41
N GLY F 183 38.43 -8.73 3.57
CA GLY F 183 37.24 -9.23 2.93
C GLY F 183 37.17 -8.91 1.44
N GLN F 184 37.78 -7.81 1.02
CA GLN F 184 37.81 -7.46 -0.38
C GLN F 184 38.72 -8.38 -1.15
N MSE F 185 38.38 -8.61 -2.42
CA MSE F 185 39.16 -9.51 -3.26
C MSE F 185 39.81 -8.77 -4.43
O MSE F 185 39.27 -7.78 -4.93
CB MSE F 185 38.27 -10.63 -3.79
CG MSE F 185 37.77 -11.59 -2.72
SE MSE F 185 36.59 -12.96 -3.44
CE MSE F 185 36.24 -13.95 -1.80
N SER F 186 40.98 -9.25 -4.84
CA SER F 186 41.67 -8.66 -5.97
C SER F 186 40.85 -8.84 -7.25
N ARG F 187 40.99 -7.87 -8.16
CA ARG F 187 40.21 -7.84 -9.39
C ARG F 187 41.16 -7.81 -10.59
N THR F 188 41.18 -8.90 -11.35
CA THR F 188 41.91 -8.95 -12.60
C THR F 188 41.14 -8.18 -13.66
N PRO F 189 41.76 -7.92 -14.82
CA PRO F 189 41.01 -7.27 -15.91
C PRO F 189 39.72 -7.99 -16.28
N GLU F 190 39.69 -9.32 -16.24
CA GLU F 190 38.48 -10.05 -16.57
C GLU F 190 37.42 -9.94 -15.48
N TRP F 191 37.82 -9.64 -14.24
CA TRP F 191 36.84 -9.47 -13.18
C TRP F 191 36.27 -8.05 -13.18
N TRP F 192 37.10 -7.05 -13.47
CA TRP F 192 36.59 -5.69 -13.64
C TRP F 192 35.57 -5.61 -14.76
N ALA F 193 35.74 -6.41 -15.82
CA ALA F 193 34.79 -6.39 -16.92
C ALA F 193 33.41 -6.88 -16.50
N SER F 194 33.37 -7.92 -15.64
CA SER F 194 32.10 -8.40 -15.15
C SER F 194 31.53 -7.48 -14.08
N TRP F 195 32.40 -6.90 -13.24
CA TRP F 195 31.93 -6.02 -12.17
C TRP F 195 31.41 -4.70 -12.73
N THR F 196 31.97 -4.22 -13.84
CA THR F 196 31.50 -3.02 -14.50
C THR F 196 30.56 -3.32 -15.65
N LEU F 197 30.08 -4.56 -15.77
CA LEU F 197 29.21 -4.94 -16.88
C LEU F 197 27.90 -4.18 -16.81
N ASP F 198 27.47 -3.67 -17.97
CA ASP F 198 26.19 -2.96 -18.08
C ASP F 198 25.10 -3.97 -18.44
N SER F 199 24.84 -4.87 -17.48
CA SER F 199 23.91 -5.96 -17.71
C SER F 199 22.50 -5.43 -17.95
N GLU F 200 21.77 -6.10 -18.83
CA GLU F 200 20.40 -5.68 -19.11
C GLU F 200 19.49 -5.88 -17.91
N GLU F 201 19.79 -6.83 -17.04
CA GLU F 201 18.92 -7.11 -15.90
C GLU F 201 18.94 -5.96 -14.90
N LEU F 202 20.13 -5.41 -14.61
CA LEU F 202 20.21 -4.27 -13.70
C LEU F 202 19.65 -3.01 -14.35
N GLN F 203 19.68 -2.92 -15.67
CA GLN F 203 19.02 -1.80 -16.35
C GLN F 203 17.52 -1.84 -16.17
N LYS F 204 16.95 -3.04 -16.08
CA LYS F 204 15.52 -3.17 -15.81
C LYS F 204 15.17 -2.63 -14.42
N GLU F 205 16.08 -2.75 -13.47
CA GLU F 205 15.83 -2.32 -12.10
C GLU F 205 16.12 -0.83 -11.88
N SER F 206 16.95 -0.22 -12.71
CA SER F 206 17.23 1.21 -12.60
C SER F 206 17.55 1.81 -13.96
N GLY F 207 18.77 1.59 -14.44
CA GLY F 207 19.16 2.12 -15.73
C GLY F 207 20.56 1.69 -16.09
N LYS F 208 21.11 2.30 -17.13
CA LYS F 208 22.46 1.99 -17.56
C LYS F 208 23.48 2.44 -16.53
N VAL F 209 24.62 1.77 -16.52
CA VAL F 209 25.67 2.05 -15.55
C VAL F 209 26.40 3.33 -15.94
N ARG F 210 26.86 4.06 -14.92
CA ARG F 210 27.69 5.24 -15.11
C ARG F 210 28.87 5.16 -14.16
N PHE F 211 29.93 5.87 -14.50
CA PHE F 211 31.19 5.82 -13.77
C PHE F 211 31.70 7.23 -13.51
N VAL F 212 32.17 7.47 -12.30
CA VAL F 212 32.72 8.75 -11.89
C VAL F 212 34.15 8.54 -11.43
N LEU F 213 35.02 9.50 -11.73
CA LEU F 213 36.40 9.51 -11.25
C LEU F 213 36.65 10.79 -10.47
N HIS F 214 37.38 10.67 -9.37
CA HIS F 214 37.77 11.81 -8.55
C HIS F 214 39.24 12.10 -8.78
N TYR F 215 39.54 13.35 -9.15
CA TYR F 215 40.91 13.79 -9.38
C TYR F 215 41.31 14.77 -8.29
N GLU F 216 42.54 14.65 -7.80
CA GLU F 216 43.06 15.63 -6.87
C GLU F 216 43.38 16.94 -7.60
N SER F 217 43.92 17.91 -6.87
CA SER F 217 44.22 19.21 -7.47
C SER F 217 45.33 19.11 -8.51
N ASP F 218 46.28 18.19 -8.31
CA ASP F 218 47.38 18.03 -9.26
C ASP F 218 47.03 17.12 -10.44
N GLY F 219 45.79 16.65 -10.53
CA GLY F 219 45.36 15.80 -11.62
C GLY F 219 45.43 14.31 -11.36
N THR F 220 45.83 13.89 -10.16
CA THR F 220 45.96 12.49 -9.83
C THR F 220 44.59 11.90 -9.49
N ALA F 221 44.28 10.75 -10.07
CA ALA F 221 43.05 10.04 -9.73
C ALA F 221 43.14 9.50 -8.31
N SER F 222 42.13 9.77 -7.50
CA SER F 222 42.13 9.36 -6.10
C SER F 222 40.82 8.77 -5.62
N GLY F 223 39.80 8.69 -6.47
CA GLY F 223 38.53 8.10 -6.08
C GLY F 223 37.70 7.76 -7.30
N PHE F 224 36.77 6.84 -7.10
CA PHE F 224 35.87 6.44 -8.18
C PHE F 224 34.51 6.12 -7.60
N ALA F 225 33.54 5.90 -8.49
CA ALA F 225 32.18 5.56 -8.10
C ALA F 225 31.50 4.81 -9.23
N ILE F 226 30.70 3.82 -8.87
CA ILE F 226 29.86 3.08 -9.81
C ILE F 226 28.42 3.20 -9.32
N TYR F 227 27.55 3.72 -10.17
CA TYR F 227 26.15 3.90 -9.78
C TYR F 227 25.27 3.82 -11.01
N ARG F 228 23.97 3.62 -10.76
CA ARG F 228 22.96 3.56 -11.81
C ARG F 228 21.80 4.47 -11.42
N PRO F 229 21.38 5.38 -12.30
CA PRO F 229 20.25 6.25 -11.98
C PRO F 229 18.92 5.63 -12.35
N LYS F 230 17.93 5.84 -11.49
CA LYS F 230 16.55 5.43 -11.76
C LYS F 230 15.68 6.67 -11.80
N PRO F 231 15.32 7.16 -12.98
CA PRO F 231 14.49 8.37 -13.04
C PRO F 231 13.11 8.13 -12.48
N GLY F 232 12.54 9.17 -11.87
CA GLY F 232 11.24 9.06 -11.26
C GLY F 232 10.61 10.42 -11.05
N TRP F 233 9.29 10.44 -11.02
CA TRP F 233 8.54 11.67 -10.79
C TRP F 233 7.31 11.39 -9.93
N PRO F 238 9.39 15.17 -8.73
CA PRO F 238 10.65 14.55 -9.13
C PRO F 238 11.34 13.82 -7.99
N ASN F 239 11.38 12.49 -8.05
CA ASN F 239 12.04 11.66 -7.03
C ASN F 239 12.79 10.53 -7.73
N ALA F 240 13.91 10.87 -8.37
CA ALA F 240 14.76 9.87 -8.98
C ALA F 240 15.63 9.19 -7.92
N GLU F 241 16.06 7.97 -8.22
CA GLU F 241 16.83 7.16 -7.30
C GLU F 241 18.22 6.89 -7.87
N LEU F 242 19.23 6.92 -7.00
CA LEU F 242 20.59 6.55 -7.33
C LEU F 242 20.91 5.24 -6.64
N HIS F 243 21.04 4.18 -7.43
CA HIS F 243 21.46 2.87 -6.91
C HIS F 243 22.97 2.79 -7.00
N VAL F 244 23.63 2.96 -5.86
CA VAL F 244 25.09 3.00 -5.82
C VAL F 244 25.63 1.58 -5.76
N GLN F 245 26.66 1.31 -6.56
CA GLN F 245 27.30 0.00 -6.58
C GLN F 245 28.61 -0.04 -5.80
N GLU F 246 29.41 1.03 -5.87
CA GLU F 246 30.70 1.05 -5.18
C GLU F 246 31.23 2.48 -5.15
N VAL F 247 31.77 2.87 -4.00
CA VAL F 247 32.48 4.14 -3.84
C VAL F 247 33.75 3.87 -3.04
N LEU F 248 34.89 4.32 -3.56
CA LEU F 248 36.17 4.14 -2.89
C LEU F 248 37.04 5.36 -3.11
N GLY F 249 37.93 5.61 -2.14
CA GLY F 249 38.85 6.73 -2.23
C GLY F 249 40.13 6.42 -1.49
N THR F 250 41.24 6.94 -2.02
CA THR F 250 42.54 6.76 -1.40
C THR F 250 42.76 7.69 -0.21
N ASN F 251 41.93 8.71 -0.05
CA ASN F 251 42.02 9.65 1.06
C ASN F 251 40.61 9.99 1.51
N PRO F 252 40.45 10.46 2.75
CA PRO F 252 39.10 10.78 3.25
C PRO F 252 38.41 11.88 2.46
N ARG F 253 39.17 12.80 1.87
CA ARG F 253 38.55 13.90 1.13
C ARG F 253 37.95 13.42 -0.18
N SER F 254 38.68 12.58 -0.91
CA SER F 254 38.15 12.04 -2.16
C SER F 254 36.91 11.18 -1.90
N TYR F 255 36.90 10.45 -0.79
CA TYR F 255 35.74 9.65 -0.42
C TYR F 255 34.53 10.55 -0.15
N ALA F 256 34.70 11.54 0.74
CA ALA F 256 33.60 12.43 1.07
C ALA F 256 33.17 13.27 -0.12
N ARG F 257 34.12 13.67 -0.98
CA ARG F 257 33.77 14.46 -2.16
C ARG F 257 32.95 13.67 -3.15
N THR F 258 33.32 12.39 -3.37
CA THR F 258 32.56 11.56 -4.29
C THR F 258 31.15 11.31 -3.79
N TRP F 259 31.00 11.07 -2.48
CA TRP F 259 29.67 10.86 -1.91
C TRP F 259 28.83 12.14 -2.00
N ARG F 260 29.41 13.28 -1.62
CA ARG F 260 28.69 14.54 -1.71
C ARG F 260 28.30 14.85 -3.15
N TYR F 261 29.08 14.37 -4.12
CA TYR F 261 28.70 14.51 -5.51
C TYR F 261 27.42 13.75 -5.81
N LEU F 262 27.34 12.49 -5.37
CA LEU F 262 26.13 11.70 -5.60
C LEU F 262 24.97 12.25 -4.80
N LEU F 263 25.21 12.74 -3.58
CA LEU F 263 24.13 13.23 -2.74
C LEU F 263 23.56 14.55 -3.25
N ASP F 264 24.37 15.34 -3.97
CA ASP F 264 23.92 16.63 -4.46
C ASP F 264 23.42 16.57 -5.90
N MSE F 265 23.23 15.38 -6.45
CA MSE F 265 22.78 15.26 -7.83
C MSE F 265 21.35 15.77 -7.97
O MSE F 265 20.44 15.33 -7.26
CB MSE F 265 22.87 13.80 -8.30
CG MSE F 265 22.59 13.62 -9.78
SE MSE F 265 23.45 12.03 -10.51
CE MSE F 265 25.29 12.44 -10.04
N ASP F 266 21.16 16.70 -8.90
CA ASP F 266 19.84 17.28 -9.14
C ASP F 266 18.88 16.22 -9.63
N LEU F 267 17.61 16.38 -9.26
CA LEU F 267 16.46 15.52 -9.56
C LEU F 267 16.45 14.25 -8.70
N VAL F 268 17.48 13.99 -7.91
CA VAL F 268 17.56 12.79 -7.07
C VAL F 268 16.94 13.09 -5.72
N ARG F 269 16.23 12.11 -5.16
CA ARG F 269 15.62 12.26 -3.85
C ARG F 269 15.97 11.09 -2.93
N LYS F 270 16.11 9.90 -3.49
CA LYS F 270 16.43 8.70 -2.72
C LYS F 270 17.70 8.07 -3.27
N ILE F 271 18.53 7.55 -2.36
CA ILE F 271 19.77 6.87 -2.71
C ILE F 271 19.77 5.50 -2.07
N LYS F 272 20.47 4.56 -2.70
CA LYS F 272 20.57 3.19 -2.20
C LYS F 272 21.97 2.66 -2.43
N TYR F 273 22.58 2.13 -1.37
CA TYR F 273 23.91 1.52 -1.44
C TYR F 273 23.82 0.14 -0.82
N HIS F 274 23.65 -0.89 -1.64
CA HIS F 274 23.59 -2.26 -1.16
C HIS F 274 24.97 -2.89 -1.18
N GLY F 275 25.20 -3.81 -0.25
CA GLY F 275 26.49 -4.46 -0.13
C GLY F 275 27.54 -3.64 0.59
N ALA F 276 27.16 -2.54 1.24
CA ALA F 276 28.12 -1.71 1.95
C ALA F 276 28.59 -2.39 3.23
N SER F 277 29.70 -1.90 3.75
CA SER F 277 30.19 -2.39 5.04
C SER F 277 29.26 -1.97 6.16
N VAL F 278 29.19 -2.79 7.21
CA VAL F 278 28.39 -2.44 8.37
C VAL F 278 28.98 -1.25 9.11
N GLN F 279 30.24 -0.92 8.85
CA GLN F 279 30.87 0.27 9.42
C GLN F 279 31.39 1.15 8.29
N GLU F 280 30.55 1.40 7.29
CA GLU F 280 30.93 2.25 6.17
C GLU F 280 31.22 3.67 6.66
N GLU F 281 32.23 4.30 6.06
CA GLU F 281 32.61 5.65 6.48
C GLU F 281 31.48 6.64 6.27
N LEU F 282 30.58 6.37 5.32
CA LEU F 282 29.48 7.30 5.05
C LEU F 282 28.55 7.42 6.24
N ARG F 283 28.32 6.31 6.96
CA ARG F 283 27.37 6.31 8.07
C ARG F 283 27.75 7.32 9.14
N TYR F 284 29.05 7.54 9.34
CA TYR F 284 29.51 8.46 10.38
C TYR F 284 29.77 9.86 9.87
N LEU F 285 29.69 10.08 8.55
CA LEU F 285 29.82 11.43 8.00
C LEU F 285 28.51 12.18 8.06
N VAL F 286 27.37 11.48 7.97
CA VAL F 286 26.07 12.12 7.98
C VAL F 286 25.83 12.78 9.33
N ALA F 287 25.40 14.03 9.31
CA ALA F 287 25.16 14.77 10.56
C ALA F 287 24.03 14.14 11.35
N ASN F 288 23.04 13.57 10.67
CA ASN F 288 21.89 12.94 11.32
C ASN F 288 21.90 11.46 10.95
N HIS F 289 22.44 10.63 11.86
CA HIS F 289 22.52 9.19 11.62
C HIS F 289 21.20 8.53 11.25
N PRO F 290 20.07 8.80 11.92
CA PRO F 290 18.83 8.11 11.56
C PRO F 290 18.35 8.38 10.13
N SER F 291 18.85 9.43 9.48
CA SER F 291 18.44 9.71 8.11
C SER F 291 18.95 8.67 7.12
N LEU F 292 19.97 7.90 7.49
CA LEU F 292 20.55 6.87 6.63
C LEU F 292 20.20 5.52 7.24
N GLU F 293 19.12 4.92 6.75
CA GLU F 293 18.66 3.63 7.27
C GLU F 293 19.70 2.55 7.00
N CYS F 294 19.88 1.66 7.97
CA CYS F 294 20.91 0.62 7.91
C CYS F 294 20.28 -0.73 8.21
N VAL F 295 20.20 -1.59 7.20
CA VAL F 295 19.66 -2.94 7.33
C VAL F 295 20.81 -3.92 7.13
N VAL F 296 21.14 -4.67 8.19
CA VAL F 296 22.28 -5.58 8.18
C VAL F 296 21.80 -6.99 7.90
N SER F 297 22.57 -7.73 7.11
CA SER F 297 22.25 -9.10 6.76
C SER F 297 23.54 -9.85 6.44
N ASP F 298 23.40 -11.14 6.14
CA ASP F 298 24.56 -11.97 5.84
C ASP F 298 25.21 -11.54 4.52
N ALA F 299 26.46 -11.94 4.34
CA ALA F 299 27.19 -11.65 3.12
C ALA F 299 28.05 -12.84 2.68
N ILE F 300 29.09 -13.15 3.45
CA ILE F 300 30.09 -14.14 3.07
C ILE F 300 30.17 -15.21 4.15
N GLN F 301 30.17 -16.48 3.73
CA GLN F 301 30.41 -17.61 4.63
C GLN F 301 31.80 -18.16 4.37
N VAL F 302 32.46 -18.63 5.43
CA VAL F 302 33.85 -19.07 5.38
C VAL F 302 33.92 -20.54 5.76
N ARG F 303 34.66 -21.32 4.98
CA ARG F 303 34.94 -22.72 5.27
C ARG F 303 36.45 -22.90 5.31
N LEU F 304 37.01 -23.00 6.52
CA LEU F 304 38.44 -23.18 6.66
C LEU F 304 38.83 -24.58 6.20
N VAL F 305 39.67 -24.65 5.16
CA VAL F 305 40.10 -25.94 4.62
C VAL F 305 41.43 -26.36 5.22
N ASP F 306 42.35 -25.42 5.41
CA ASP F 306 43.64 -25.66 6.07
C ASP F 306 43.62 -24.81 7.34
N ILE F 307 43.12 -25.40 8.43
CA ILE F 307 42.92 -24.64 9.67
C ILE F 307 44.23 -24.08 10.22
N PRO F 308 45.32 -24.86 10.36
CA PRO F 308 46.55 -24.27 10.90
C PRO F 308 47.16 -23.20 10.01
N ARG F 309 47.07 -23.34 8.68
CA ARG F 309 47.60 -22.30 7.81
C ARG F 309 46.70 -21.07 7.78
N ALA F 310 45.38 -21.29 7.87
CA ALA F 310 44.46 -20.15 7.85
C ALA F 310 44.64 -19.26 9.06
N LEU F 311 44.79 -19.84 10.25
CA LEU F 311 44.99 -19.03 11.44
C LEU F 311 46.35 -18.36 11.45
N ALA F 312 47.33 -18.93 10.75
CA ALA F 312 48.67 -18.35 10.68
C ALA F 312 48.82 -17.36 9.53
N GLN F 313 47.84 -17.28 8.62
CA GLN F 313 47.92 -16.36 7.49
C GLN F 313 47.43 -14.97 7.82
N ARG F 314 46.55 -14.82 8.81
CA ARG F 314 46.02 -13.52 9.17
C ARG F 314 46.82 -12.94 10.35
N ARG F 315 46.42 -11.74 10.77
CA ARG F 315 46.99 -11.08 11.92
C ARG F 315 45.88 -10.77 12.93
N TYR F 316 46.28 -10.47 14.16
CA TYR F 316 45.34 -10.37 15.27
C TYR F 316 45.51 -9.02 15.96
N ALA F 317 44.37 -8.44 16.36
CA ALA F 317 44.37 -7.08 16.91
C ALA F 317 45.16 -6.97 18.20
N ALA F 318 45.35 -8.07 18.93
CA ALA F 318 46.15 -8.05 20.15
C ALA F 318 46.78 -9.43 20.32
N ASP F 319 47.73 -9.50 21.24
CA ASP F 319 48.43 -10.76 21.50
C ASP F 319 47.48 -11.79 22.07
N VAL F 320 47.68 -13.05 21.67
CA VAL F 320 46.82 -14.14 22.11
C VAL F 320 47.65 -15.42 22.17
N ASP F 321 47.42 -16.22 23.22
CA ASP F 321 48.03 -17.53 23.38
C ASP F 321 46.93 -18.46 23.88
N VAL F 322 46.20 -19.06 22.95
CA VAL F 322 45.02 -19.86 23.26
C VAL F 322 45.13 -21.21 22.55
N VAL F 323 44.59 -22.24 23.20
CA VAL F 323 44.54 -23.58 22.66
C VAL F 323 43.08 -23.89 22.31
N LEU F 324 42.83 -24.23 21.05
CA LEU F 324 41.49 -24.44 20.54
C LEU F 324 41.28 -25.91 20.21
N GLU F 325 40.17 -26.48 20.69
CA GLU F 325 39.78 -27.85 20.39
C GLU F 325 38.74 -27.78 19.26
N VAL F 326 39.22 -27.89 18.03
CA VAL F 326 38.38 -27.72 16.84
C VAL F 326 37.69 -29.03 16.51
N THR F 327 36.41 -28.93 16.15
CA THR F 327 35.61 -30.09 15.77
C THR F 327 35.08 -29.88 14.36
N ASP F 328 35.63 -30.63 13.40
CA ASP F 328 35.19 -30.58 12.01
C ASP F 328 34.33 -31.82 11.78
N ASP F 329 33.02 -31.68 11.98
CA ASP F 329 32.11 -32.81 11.82
C ASP F 329 32.05 -33.30 10.38
N PHE F 330 32.19 -32.39 9.41
CA PHE F 330 32.11 -32.78 8.01
C PHE F 330 33.38 -33.48 7.55
N LEU F 331 34.54 -32.98 7.96
CA LEU F 331 35.84 -33.56 7.62
C LEU F 331 36.56 -33.91 8.91
N PRO F 332 36.34 -35.12 9.44
CA PRO F 332 36.91 -35.47 10.75
C PRO F 332 38.43 -35.52 10.78
N GLU F 333 39.10 -35.51 9.63
CA GLU F 333 40.56 -35.50 9.65
C GLU F 333 41.12 -34.13 10.01
N ASN F 334 40.32 -33.07 9.91
CA ASN F 334 40.76 -31.73 10.27
C ASN F 334 40.63 -31.44 11.75
N SER F 335 39.95 -32.30 12.51
CA SER F 335 39.79 -32.08 13.94
C SER F 335 41.13 -32.21 14.66
N GLY F 336 41.30 -31.40 15.70
CA GLY F 336 42.54 -31.42 16.45
C GLY F 336 42.54 -30.36 17.52
N ARG F 337 43.70 -30.17 18.13
CA ARG F 337 43.90 -29.22 19.22
C ARG F 337 45.15 -28.40 18.92
N TYR F 338 44.95 -27.12 18.61
CA TYR F 338 46.02 -26.26 18.14
C TYR F 338 46.33 -25.16 19.15
N ARG F 339 47.60 -24.79 19.23
CA ARG F 339 48.05 -23.66 20.04
C ARG F 339 48.24 -22.46 19.12
N LEU F 340 47.40 -21.44 19.31
CA LEU F 340 47.43 -20.23 18.48
C LEU F 340 48.21 -19.16 19.23
N ARG F 341 49.35 -18.76 18.66
CA ARG F 341 50.21 -17.71 19.20
C ARG F 341 50.24 -16.59 18.17
N GLY F 342 49.35 -15.61 18.31
CA GLY F 342 49.21 -14.57 17.33
C GLY F 342 49.20 -13.19 17.96
N GLY F 343 49.55 -12.20 17.13
CA GLY F 343 49.55 -10.82 17.53
C GLY F 343 49.34 -9.90 16.34
N LEU F 344 49.78 -8.64 16.46
CA LEU F 344 49.66 -7.71 15.35
C LEU F 344 50.63 -8.03 14.22
N ASP F 345 51.76 -8.69 14.54
CA ASP F 345 52.81 -8.92 13.55
C ASP F 345 53.28 -10.37 13.51
N HIS F 346 52.59 -11.30 14.18
CA HIS F 346 53.00 -12.69 14.19
C HIS F 346 51.76 -13.57 14.31
N ALA F 347 51.92 -14.82 13.84
CA ALA F 347 50.83 -15.79 13.90
C ALA F 347 51.41 -17.18 13.70
N SER F 348 51.17 -18.08 14.66
CA SER F 348 51.61 -19.46 14.55
C SER F 348 50.51 -20.36 15.09
N CYS F 349 50.29 -21.49 14.42
CA CYS F 349 49.22 -22.41 14.77
C CYS F 349 49.72 -23.84 14.55
N GLU F 350 49.92 -24.57 15.64
CA GLU F 350 50.43 -25.94 15.57
C GLU F 350 49.65 -26.82 16.53
N ILE F 351 49.57 -28.11 16.19
CA ILE F 351 48.92 -29.09 17.08
C ILE F 351 49.67 -29.14 18.40
N THR F 352 48.91 -29.13 19.50
CA THR F 352 49.47 -29.16 20.84
C THR F 352 48.77 -30.21 21.69
N THR F 353 49.51 -30.78 22.62
CA THR F 353 48.96 -31.75 23.57
C THR F 353 48.62 -31.12 24.92
N ASP F 354 48.82 -29.81 25.06
CA ASP F 354 48.49 -29.13 26.31
C ASP F 354 46.98 -29.04 26.47
N ASP F 355 46.56 -28.66 27.68
CA ASP F 355 45.13 -28.53 27.97
C ASP F 355 44.50 -27.48 27.07
N ALA F 356 43.24 -27.72 26.70
CA ALA F 356 42.53 -26.84 25.79
C ALA F 356 41.88 -25.69 26.55
N ASP F 357 41.87 -24.52 25.93
CA ASP F 357 41.22 -23.34 26.49
C ASP F 357 39.79 -23.18 25.98
N ILE F 358 39.56 -23.45 24.70
CA ILE F 358 38.26 -23.25 24.06
C ILE F 358 37.97 -24.45 23.17
N ALA F 359 36.69 -24.79 23.06
CA ALA F 359 36.23 -25.85 22.17
C ALA F 359 35.08 -25.31 21.33
N LEU F 360 35.13 -25.55 20.02
CA LEU F 360 34.11 -25.04 19.12
C LEU F 360 34.22 -25.78 17.79
N THR F 361 33.14 -25.70 17.00
CA THR F 361 33.12 -26.32 15.69
C THR F 361 33.95 -25.52 14.70
N VAL F 362 34.15 -26.09 13.52
CA VAL F 362 34.92 -25.40 12.49
C VAL F 362 34.09 -24.28 11.85
N ARG F 363 32.75 -24.41 11.85
CA ARG F 363 31.91 -23.34 11.33
C ARG F 363 31.93 -22.13 12.25
N ASP F 364 32.04 -22.35 13.56
CA ASP F 364 32.17 -21.23 14.50
C ASP F 364 33.55 -20.59 14.41
N LEU F 365 34.59 -21.40 14.17
CA LEU F 365 35.92 -20.83 13.95
C LEU F 365 35.97 -20.03 12.66
N GLY F 366 35.21 -20.46 11.65
CA GLY F 366 35.13 -19.69 10.41
C GLY F 366 34.28 -18.45 10.53
N SER F 367 33.27 -18.47 11.41
CA SER F 367 32.42 -17.30 11.60
C SER F 367 33.21 -16.15 12.20
N VAL F 368 34.17 -16.44 13.07
CA VAL F 368 34.96 -15.42 13.75
C VAL F 368 36.29 -15.17 13.04
N TYR F 369 36.50 -15.78 11.87
CA TYR F 369 37.81 -15.72 11.23
C TYR F 369 38.11 -14.34 10.67
N MSE F 370 37.12 -13.68 10.09
CA MSE F 370 37.34 -12.39 9.44
C MSE F 370 37.13 -11.20 10.38
O MSE F 370 37.22 -10.05 9.97
CB MSE F 370 36.43 -12.25 8.22
CG MSE F 370 36.70 -13.29 7.13
SE MSE F 370 38.52 -13.16 6.44
CE MSE F 370 38.44 -11.37 5.67
N GLY F 371 36.84 -11.50 11.65
CA GLY F 371 36.60 -10.45 12.62
C GLY F 371 35.25 -9.77 12.51
N GLY F 372 34.28 -10.43 11.89
CA GLY F 372 32.95 -9.86 11.76
C GLY F 372 31.99 -10.33 12.83
N VAL F 373 32.29 -11.48 13.43
CA VAL F 373 31.47 -12.06 14.49
C VAL F 373 32.33 -12.21 15.73
N SER F 374 31.83 -11.76 16.87
CA SER F 374 32.58 -11.83 18.12
C SER F 374 32.59 -13.26 18.65
N LEU F 375 33.78 -13.74 19.02
CA LEU F 375 33.89 -15.06 19.62
C LEU F 375 33.28 -15.10 21.01
N GLN F 376 33.34 -13.98 21.74
CA GLN F 376 32.73 -13.93 23.06
C GLN F 376 31.22 -14.06 22.99
N VAL F 377 30.59 -13.43 21.99
CA VAL F 377 29.15 -13.52 21.84
C VAL F 377 28.72 -14.95 21.55
N LEU F 378 29.50 -15.66 20.74
CA LEU F 378 29.18 -17.06 20.43
C LEU F 378 29.28 -17.93 21.67
N ALA F 379 30.12 -17.56 22.63
CA ALA F 379 30.26 -18.36 23.85
C ALA F 379 29.13 -18.08 24.84
N SER F 380 28.79 -16.80 25.04
CA SER F 380 27.66 -16.46 25.90
C SER F 380 26.35 -16.98 25.36
N ALA F 381 26.25 -17.19 24.04
CA ALA F 381 25.05 -17.75 23.42
C ALA F 381 24.95 -19.26 23.60
N GLY F 382 25.99 -19.91 24.09
CA GLY F 382 25.99 -21.35 24.28
C GLY F 382 26.54 -22.15 23.12
N LEU F 383 27.00 -21.50 22.06
CA LEU F 383 27.52 -22.20 20.89
C LEU F 383 29.00 -22.52 21.01
N VAL F 384 29.72 -21.87 21.92
CA VAL F 384 31.15 -22.10 22.13
C VAL F 384 31.39 -22.30 23.62
N THR F 385 32.32 -23.19 23.95
CA THR F 385 32.58 -23.60 25.33
C THR F 385 33.94 -23.07 25.77
N GLU F 386 33.95 -22.33 26.89
CA GLU F 386 35.19 -21.87 27.51
C GLU F 386 35.66 -22.93 28.49
N LEU F 387 36.86 -23.47 28.26
CA LEU F 387 37.41 -24.51 29.12
C LEU F 387 38.33 -23.98 30.20
N ARG F 388 38.93 -22.80 30.00
CA ARG F 388 39.75 -22.16 31.02
C ARG F 388 39.38 -20.68 31.07
N ALA F 389 39.13 -20.18 32.29
CA ALA F 389 38.57 -18.85 32.46
C ALA F 389 39.49 -17.77 31.89
N GLY F 390 38.88 -16.77 31.26
CA GLY F 390 39.60 -15.65 30.70
C GLY F 390 40.12 -15.84 29.29
N ALA F 391 40.13 -17.09 28.79
CA ALA F 391 40.72 -17.34 27.48
C ALA F 391 39.82 -16.86 26.35
N VAL F 392 38.50 -16.91 26.52
CA VAL F 392 37.58 -16.52 25.45
C VAL F 392 37.63 -15.02 25.23
N GLN F 393 37.61 -14.24 26.31
CA GLN F 393 37.59 -12.78 26.17
C GLN F 393 38.82 -12.27 25.44
N ARG F 394 40.00 -12.78 25.82
CA ARG F 394 41.23 -12.37 25.13
C ARG F 394 41.28 -12.91 23.71
N ALA F 395 40.67 -14.07 23.45
CA ALA F 395 40.64 -14.60 22.09
C ALA F 395 39.68 -13.81 21.21
N ALA F 396 38.53 -13.40 21.77
CA ALA F 396 37.58 -12.61 21.00
C ALA F 396 38.16 -11.25 20.61
N THR F 397 38.97 -10.67 21.49
CA THR F 397 39.59 -9.38 21.17
C THR F 397 40.65 -9.52 20.08
N ALA F 398 41.49 -10.56 20.19
CA ALA F 398 42.54 -10.76 19.19
C ALA F 398 41.95 -11.11 17.83
N PHE F 399 40.94 -11.98 17.80
CA PHE F 399 40.31 -12.34 16.54
C PHE F 399 39.59 -11.15 15.89
N GLY F 400 39.31 -10.09 16.66
CA GLY F 400 38.72 -8.90 16.10
C GLY F 400 39.71 -8.13 15.25
N TRP F 401 39.27 -6.95 14.81
CA TRP F 401 40.10 -6.10 13.97
C TRP F 401 39.50 -4.71 13.94
N PRO F 402 40.31 -3.65 13.97
CA PRO F 402 39.74 -2.30 14.00
C PRO F 402 38.87 -1.97 12.79
N VAL F 403 39.13 -2.59 11.65
CA VAL F 403 38.33 -2.39 10.45
C VAL F 403 37.46 -3.64 10.27
N ALA F 404 36.15 -3.44 10.25
CA ALA F 404 35.24 -4.56 10.07
C ALA F 404 35.37 -5.13 8.66
N PRO F 405 35.22 -6.44 8.50
CA PRO F 405 35.27 -7.02 7.15
C PRO F 405 34.10 -6.55 6.30
N SER F 406 34.31 -6.60 5.00
CA SER F 406 33.34 -6.10 4.04
C SER F 406 33.14 -7.12 2.93
N ALA F 407 32.00 -7.02 2.26
CA ALA F 407 31.70 -7.93 1.16
C ALA F 407 32.50 -7.55 -0.08
N PRO F 408 33.06 -8.54 -0.79
CA PRO F 408 33.75 -8.25 -2.05
C PRO F 408 32.77 -8.10 -3.19
N ASP F 409 33.28 -8.03 -4.42
CA ASP F 409 32.40 -8.00 -5.58
C ASP F 409 31.64 -9.32 -5.69
N ASP F 410 30.51 -9.27 -6.40
CA ASP F 410 29.60 -10.41 -6.44
C ASP F 410 30.16 -11.55 -7.27
N PHE F 411 29.99 -12.77 -6.78
CA PHE F 411 30.34 -13.98 -7.52
C PHE F 411 29.43 -15.13 -7.10
N1A ACO G . 17.18 23.91 -6.44
C2A ACO G . 17.66 24.85 -5.64
N3A ACO G . 18.40 25.93 -5.94
C4A ACO G . 18.66 26.02 -7.26
C5A ACO G . 18.21 25.09 -8.24
C6A ACO G . 17.45 24.01 -7.77
N6A ACO G . 16.97 23.07 -8.63
N7A ACO G . 18.63 25.47 -9.50
C8A ACO G . 19.33 26.59 -9.28
N9A ACO G . 19.39 26.97 -7.98
C1B ACO G . 20.05 28.15 -7.44
C2B ACO G . 21.54 27.86 -7.15
O2B ACO G . 21.77 27.51 -5.79
C3B ACO G . 22.08 29.26 -7.45
O3B ACO G . 21.52 30.17 -6.47
P3B ACO G . 22.55 30.65 -5.36
O7A ACO G . 23.33 31.83 -5.82
O8A ACO G . 21.69 30.96 -4.15
O9A ACO G . 23.31 29.37 -5.10
C4B ACO G . 21.40 29.52 -8.75
O4B ACO G . 20.04 29.13 -8.46
C5B ACO G . 21.88 28.65 -9.88
O5B ACO G . 22.94 29.29 -10.60
P1A ACO G . 23.94 28.41 -11.55
O1A ACO G . 25.13 28.01 -10.79
O2A ACO G . 24.26 29.05 -12.88
O3A ACO G . 23.25 26.93 -11.90
P2A ACO G . 23.91 25.53 -12.26
O4A ACO G . 25.05 25.79 -13.16
O5A ACO G . 24.31 24.71 -11.06
O6A ACO G . 22.82 24.68 -13.05
CBP ACO G . 20.63 23.70 -12.66
CCP ACO G . 21.42 24.96 -12.96
CDP ACO G . 19.30 23.78 -13.37
CEP ACO G . 20.41 23.62 -11.16
CAP ACO G . 21.38 22.43 -13.12
OAP ACO G . 22.35 22.06 -12.15
C9P ACO G . 20.38 21.28 -13.19
O9P ACO G . 19.81 20.84 -12.20
N8P ACO G . 20.17 20.77 -14.40
C7P ACO G . 19.25 19.66 -14.63
C6P ACO G . 17.97 20.19 -15.27
C5P ACO G . 16.88 20.44 -14.26
O5P ACO G . 16.74 19.79 -13.23
N4P ACO G . 16.05 21.44 -14.56
C3P ACO G . 16.15 22.26 -15.77
C2P ACO G . 15.15 21.88 -16.84
S1P ACO G . 13.76 23.07 -16.90
C ACO G . 13.37 22.95 -18.63
O ACO G . 12.23 22.93 -19.04
CH3 ACO G . 14.53 22.85 -19.58
N1A ACO H . -0.90 -26.97 14.45
C2A ACO H . -0.26 -28.14 14.36
N3A ACO H . -0.35 -29.21 15.13
C4A ACO H . -1.23 -29.06 16.15
C5A ACO H . -1.98 -27.87 16.39
C6A ACO H . -1.78 -26.82 15.48
N6A ACO H . -2.45 -25.64 15.61
N7A ACO H . -2.79 -28.03 17.50
C8A ACO H . -2.52 -29.27 17.93
N9A ACO H . -1.59 -29.92 17.17
C1B ACO H . -1.10 -31.29 17.36
C2B ACO H . 0.01 -31.32 18.43
O2B ACO H . 1.31 -31.22 17.84
C3B ACO H . -0.25 -32.73 18.96
O3B ACO H . 0.13 -33.67 17.93
P3B ACO H . 1.35 -34.58 18.36
O7A ACO H . 0.94 -35.56 19.43
O8A ACO H . 1.80 -35.26 17.08
O9A ACO H . 2.36 -33.53 18.74
C4B ACO H . -1.75 -32.73 19.09
O4B ACO H . -2.18 -32.02 17.88
C5B ACO H . -2.32 -32.01 20.28
O5B ACO H . -1.45 -32.19 21.41
P1A ACO H . -1.86 -31.60 22.87
O1A ACO H . -0.65 -31.47 23.72
O2A ACO H . -3.00 -32.31 23.55
O3A ACO H . -2.31 -30.00 22.73
P2A ACO H . -1.78 -28.69 23.45
O4A ACO H . -1.75 -28.93 24.91
O5A ACO H . -0.45 -28.19 22.94
O6A ACO H . -2.86 -27.56 23.14
CBP ACO H . -3.54 -26.27 21.20
CCP ACO H . -3.62 -27.59 21.94
CDP ACO H . -4.91 -25.98 20.62
CEP ACO H . -2.49 -26.39 20.10
CAP ACO H . -3.13 -25.12 22.15
OAP ACO H . -1.71 -25.06 22.24
C9P ACO H . -3.59 -23.79 21.53
O9P ACO H . -3.17 -23.39 20.46
N8P ACO H . -4.48 -23.11 22.25
C7P ACO H . -5.02 -21.84 21.79
C6P ACO H . -6.39 -22.07 21.14
C5P ACO H . -6.31 -22.11 19.63
O5P ACO H . -5.43 -21.56 18.98
N4P ACO H . -7.29 -22.79 19.04
C3P ACO H . -8.36 -23.47 19.75
C2P ACO H . -9.68 -22.73 19.67
S1P ACO H . -10.93 -23.70 18.75
C ACO H . -12.37 -22.90 19.43
O ACO H . -12.70 -23.08 20.59
CH3 ACO H . -13.15 -22.02 18.51
N1A ACO I . -27.91 10.43 -5.87
C2A ACO I . -28.72 10.36 -6.93
N3A ACO I . -29.88 10.96 -7.14
C4A ACO I . -30.27 11.76 -6.11
C5A ACO I . -29.51 11.93 -4.92
C6A ACO I . -28.30 11.23 -4.83
N6A ACO I . -27.50 11.33 -3.73
N7A ACO I . -30.17 12.80 -4.05
C8A ACO I . -31.29 13.13 -4.71
N9A ACO I . -31.40 12.53 -5.93
C1B ACO I . -32.50 12.70 -6.89
C2B ACO I . -33.53 11.57 -6.75
O2B ACO I . -33.13 10.40 -7.47
C3B ACO I . -34.72 12.27 -7.41
O3B ACO I . -34.49 12.27 -8.83
P3B ACO I . -35.83 12.54 -9.65
O7A ACO I . -36.32 13.95 -9.48
O8A ACO I . -35.48 12.23 -11.10
O9A ACO I . -36.69 11.43 -9.11
C4B ACO I . -34.60 13.71 -6.88
O4B ACO I . -33.19 13.88 -6.55
C5B ACO I . -35.49 14.05 -5.69
O5B ACO I . -35.46 12.97 -4.73
P1A ACO I . -36.28 13.06 -3.32
O1A ACO I . -37.15 11.87 -3.17
O2A ACO I . -36.99 14.36 -3.06
O3A ACO I . -35.21 12.83 -2.04
P2A ACO I . -35.14 11.72 -0.91
O4A ACO I . -36.35 11.86 -0.06
O5A ACO I . -34.97 10.32 -1.43
O6A ACO I . -33.85 12.07 -0.03
CBP ACO I . -31.43 12.35 -0.17
CCP ACO I . -32.81 12.91 -0.52
CDP ACO I . -30.49 13.52 0.08
CEP ACO I . -30.94 11.51 -1.34
CAP ACO I . -31.50 11.47 1.09
OAP ACO I . -31.92 10.15 0.73
C9P ACO I . -30.08 11.33 1.68
O9P ACO I . -29.16 10.83 1.05
N8P ACO I . -29.94 11.78 2.92
C7P ACO I . -28.65 11.72 3.61
C6P ACO I . -27.94 13.06 3.47
C5P ACO I . -27.18 13.17 2.17
O5P ACO I . -26.73 12.20 1.56
N4P ACO I . -27.01 14.42 1.72
C3P ACO I . -27.54 15.60 2.41
C2P ACO I . -26.49 16.34 3.21
S1P ACO I . -26.12 17.96 2.48
C ACO I . -26.25 18.92 3.96
O ACO I . -27.33 19.30 4.37
CH3 ACO I . -24.98 19.24 4.67
N1A ACO J . -23.15 -4.07 -19.48
C2A ACO J . -24.47 -3.95 -19.34
N3A ACO J . -25.42 -4.08 -20.26
C4A ACO J . -24.94 -4.38 -21.49
C5A ACO J . -23.55 -4.54 -21.77
C6A ACO J . -22.66 -4.37 -20.71
N6A ACO J . -21.31 -4.51 -20.88
N7A ACO J . -23.36 -4.86 -23.11
C8A ACO J . -24.61 -4.87 -23.61
N9A ACO J . -25.58 -4.59 -22.70
C1B ACO J . -27.03 -4.54 -22.93
C2B ACO J . -27.43 -3.17 -23.51
O2B ACO J . -27.97 -2.31 -22.50
C3B ACO J . -28.51 -3.61 -24.50
O3B ACO J . -29.72 -3.95 -23.80
P3B ACO J . -30.76 -2.75 -23.77
O7A ACO J . -32.18 -3.26 -23.77
O8A ACO J . -30.43 -1.98 -22.50
O9A ACO J . -30.32 -1.95 -24.97
C4B ACO J . -27.90 -4.86 -25.07
O4B ACO J . -27.33 -5.51 -23.92
C5B ACO J . -26.82 -4.61 -26.09
O5B ACO J . -27.37 -3.98 -27.25
P1A ACO J . -26.57 -4.10 -28.66
O1A ACO J . -26.45 -2.76 -29.31
O2A ACO J . -27.06 -5.18 -29.59
O3A ACO J . -24.98 -4.46 -28.32
P2A ACO J . -23.63 -3.62 -28.46
O4A ACO J . -23.23 -3.61 -29.89
O5A ACO J . -23.72 -2.23 -27.89
O6A ACO J . -22.55 -4.41 -27.61
CBP ACO J . -20.41 -4.72 -26.48
CCP ACO J . -21.25 -3.83 -27.38
CDP ACO J . -20.58 -6.16 -26.96
CEP ACO J . -20.92 -4.53 -25.05
CAP ACO J . -18.92 -4.24 -26.61
OAP ACO J . -18.84 -2.87 -26.21
C9P ACO J . -17.88 -5.01 -25.74
O9P ACO J . -16.71 -4.65 -25.75
N8P ACO J . -18.28 -6.04 -24.99
C7P ACO J . -17.37 -6.81 -24.16
C6P ACO J . -16.58 -7.79 -25.03
N1A ACO K . 17.76 20.10 13.78
C2A ACO K . 18.77 20.82 13.29
N3A ACO K . 19.53 21.73 13.90
C4A ACO K . 19.18 21.91 15.20
C5A ACO K . 18.13 21.21 15.85
C6A ACO K . 17.42 20.29 15.09
N6A ACO K . 16.38 19.58 15.63
N7A ACO K . 18.03 21.61 17.17
C8A ACO K . 18.99 22.53 17.32
N9A ACO K . 19.70 22.74 16.19
C1B ACO K . 20.80 23.67 16.07
C2B ACO K . 20.27 25.03 15.61
O2B ACO K . 20.41 25.19 14.21
C3B ACO K . 21.27 25.91 16.36
O3B ACO K . 22.55 25.78 15.74
P3B ACO K . 22.99 27.08 14.95
O7A ACO K . 23.68 28.05 15.87
O8A ACO K . 23.89 26.60 13.85
O9A ACO K . 21.67 27.53 14.36
C4B ACO K . 21.32 25.25 17.69
O4B ACO K . 21.31 23.85 17.37
C5B ACO K . 20.16 25.61 18.58
O5B ACO K . 20.25 27.01 18.92
P1A ACO K . 19.55 27.51 20.27
O1A ACO K . 18.63 28.63 20.00
O2A ACO K . 20.46 27.69 21.44
O3A ACO K . 18.45 26.37 20.69
P2A ACO K . 16.93 26.22 20.38
O4A ACO K . 16.19 27.08 21.32
O5A ACO K . 16.60 26.54 18.96
O6A ACO K . 16.57 24.70 20.60
CBP ACO K . 15.45 22.79 19.70
CCP ACO K . 16.59 23.74 19.52
CDP ACO K . 15.45 22.39 21.17
CEP ACO K . 15.65 21.57 18.79
CAP ACO K . 14.13 23.51 19.27
OAP ACO K . 14.31 24.08 17.98
C9P ACO K . 13.00 22.49 19.08
O9P ACO K . 12.22 22.58 18.13
N8P ACO K . 12.91 21.55 20.01
C7P ACO K . 11.95 20.47 20.06
C6P ACO K . 12.41 19.47 21.15
C5P ACO K . 13.27 18.34 20.61
O5P ACO K . 13.30 18.03 19.43
N4P ACO K . 14.00 17.69 21.50
N1A ACO L . 16.65 -25.23 3.45
C2A ACO L . 16.76 -26.04 4.52
N3A ACO L . 17.55 -27.08 4.71
C4A ACO L . 18.35 -27.33 3.64
C5A ACO L . 18.35 -26.57 2.44
C6A ACO L . 17.46 -25.49 2.39
N6A ACO L . 17.38 -24.69 1.28
N7A ACO L . 19.28 -27.07 1.53
C8A ACO L . 19.82 -28.12 2.19
N9A ACO L . 19.31 -28.32 3.44
C1B ACO L . 19.69 -29.38 4.40
C2B ACO L . 18.77 -30.61 4.17
O2B ACO L . 17.86 -30.79 5.25
C3B ACO L . 19.78 -31.77 4.10
O3B ACO L . 19.96 -32.38 5.40
P3B ACO L . 19.07 -33.70 5.55
O7A ACO L . 19.92 -34.86 6.01
O8A ACO L . 17.99 -33.34 6.55
O9A ACO L . 18.46 -33.80 4.17
C4B ACO L . 21.09 -31.11 3.64
O4B ACO L . 21.02 -29.74 4.13
C5B ACO L . 21.32 -31.12 2.16
O5B ACO L . 21.18 -32.46 1.66
P1A ACO L . 21.34 -32.78 0.07
O1A ACO L . 20.22 -33.66 -0.38
O2A ACO L . 22.70 -33.27 -0.35
O3A ACO L . 21.05 -31.38 -0.79
P2A ACO L . 20.20 -31.08 -2.10
O4A ACO L . 20.67 -31.97 -3.19
O5A ACO L . 18.70 -31.18 -1.91
O6A ACO L . 20.53 -29.57 -2.48
CBP ACO L . 20.10 -27.16 -2.51
CCP ACO L . 20.01 -28.47 -1.72
CDP ACO L . 21.55 -27.00 -2.96
CEP ACO L . 19.69 -26.02 -1.58
CAP ACO L . 19.17 -27.26 -3.74
OAP ACO L . 17.91 -27.80 -3.35
C9P ACO L . 18.81 -25.90 -4.39
O9P ACO L . 17.68 -25.73 -4.82
N8P ACO L . 19.76 -24.96 -4.48
C7P ACO L . 19.51 -23.64 -5.07
C6P ACO L . 20.68 -22.69 -4.74
C5P ACO L . 20.92 -22.54 -3.26
O5P ACO L . 20.19 -23.04 -2.41
N4P ACO L . 21.98 -21.81 -2.92
#